data_1BF8
#
_entry.id   1BF8
#
_cell.length_a   1.000
_cell.length_b   1.000
_cell.length_c   1.000
_cell.angle_alpha   90.00
_cell.angle_beta   90.00
_cell.angle_gamma   90.00
#
_symmetry.space_group_name_H-M   'P 1'
#
_entity_poly.entity_id   1
_entity_poly.type   'polypeptide(L)'
_entity_poly.pdbx_seq_one_letter_code
;GVALGATRVIYPAGQKQEQLAVTNNDENSTYLIQSWVENADGVKDGRFIVTPPLFAMKGKKENTLRILDATNNQLPQDRE
SLFWMNVKAIPSMDKSKLTENTLQLAIISRIKLYYRPAKLALPPDQAAEKLRFRRSANSLTLINPTPYYLTVTELNAGTR
VLENALVPPMGESTVKLPSDAGSNITYRTINDYGALTPKMTGVME
;
_entity_poly.pdbx_strand_id   A
#
# COMPACT_ATOMS: atom_id res chain seq x y z
N GLY A 1 8.23 -5.31 -9.33
CA GLY A 1 8.03 -5.79 -10.70
C GLY A 1 6.55 -5.82 -11.07
N VAL A 2 6.27 -5.77 -12.37
CA VAL A 2 5.02 -5.34 -13.00
C VAL A 2 4.77 -3.86 -12.70
N ALA A 3 4.19 -3.17 -13.67
CA ALA A 3 3.95 -1.74 -13.64
C ALA A 3 2.44 -1.54 -13.50
N LEU A 4 1.93 -1.72 -12.27
CA LEU A 4 0.50 -1.52 -12.02
C LEU A 4 0.23 -0.02 -12.02
N GLY A 5 -1.05 0.36 -12.08
CA GLY A 5 -1.50 1.73 -12.26
C GLY A 5 -0.90 2.68 -11.23
N ALA A 6 -0.56 2.16 -10.06
CA ALA A 6 0.11 2.88 -9.00
C ALA A 6 0.92 1.86 -8.20
N THR A 7 1.83 2.34 -7.34
CA THR A 7 2.48 1.55 -6.31
C THR A 7 1.66 1.55 -5.00
N ARG A 8 0.59 2.33 -4.90
CA ARG A 8 -0.31 2.34 -3.75
C ARG A 8 -1.70 2.78 -4.20
N VAL A 9 -2.75 2.24 -3.60
CA VAL A 9 -4.12 2.32 -4.08
C VAL A 9 -5.04 2.54 -2.87
N ILE A 10 -6.14 3.28 -3.04
CA ILE A 10 -6.99 3.77 -1.96
C ILE A 10 -8.44 3.48 -2.39
N TYR A 11 -9.31 3.14 -1.44
CA TYR A 11 -10.73 2.93 -1.65
C TYR A 11 -11.47 3.97 -0.78
N PRO A 12 -11.50 5.26 -1.18
CA PRO A 12 -12.18 6.31 -0.44
C PRO A 12 -13.69 6.09 -0.61
N ALA A 13 -14.32 5.52 0.43
CA ALA A 13 -15.70 5.06 0.48
C ALA A 13 -16.13 4.52 -0.89
N GLY A 14 -15.48 3.44 -1.34
CA GLY A 14 -15.52 3.04 -2.75
C GLY A 14 -16.94 2.68 -3.17
N GLN A 15 -17.72 2.09 -2.26
CA GLN A 15 -19.19 2.04 -2.27
C GLN A 15 -19.78 1.72 -3.65
N LYS A 16 -19.18 0.74 -4.33
CA LYS A 16 -19.42 0.21 -5.68
C LYS A 16 -18.15 -0.56 -6.00
N GLN A 17 -17.26 -0.03 -6.84
CA GLN A 17 -15.96 -0.61 -7.14
C GLN A 17 -15.01 0.48 -7.62
N GLU A 18 -13.72 0.29 -7.38
CA GLU A 18 -12.60 1.11 -7.86
C GLU A 18 -11.82 0.32 -8.90
N GLN A 19 -10.69 0.86 -9.35
CA GLN A 19 -9.89 0.31 -10.42
C GLN A 19 -8.40 0.33 -10.04
N LEU A 20 -7.61 -0.50 -10.70
CA LEU A 20 -6.15 -0.47 -10.68
C LEU A 20 -5.67 -0.97 -12.02
N ALA A 21 -4.98 -0.14 -12.80
CA ALA A 21 -4.41 -0.58 -14.07
C ALA A 21 -3.33 -1.65 -13.86
N VAL A 22 -2.98 -2.38 -14.92
CA VAL A 22 -1.82 -3.26 -15.00
C VAL A 22 -1.17 -2.95 -16.32
N THR A 23 0.14 -2.73 -16.34
CA THR A 23 0.99 -2.71 -17.52
C THR A 23 2.28 -3.45 -17.16
N ASN A 24 3.17 -3.63 -18.14
CA ASN A 24 4.51 -4.21 -17.96
C ASN A 24 5.56 -3.21 -18.44
N ASN A 25 6.83 -3.46 -18.10
CA ASN A 25 7.96 -2.75 -18.64
C ASN A 25 8.37 -3.37 -19.98
N ASP A 26 8.74 -4.66 -19.97
CA ASP A 26 9.08 -5.41 -21.19
C ASP A 26 7.84 -5.61 -22.06
N GLU A 27 8.02 -5.89 -23.35
CA GLU A 27 6.96 -6.08 -24.31
C GLU A 27 7.01 -7.42 -25.04
N ASN A 28 7.93 -8.31 -24.66
CA ASN A 28 7.95 -9.67 -25.19
C ASN A 28 7.11 -10.58 -24.31
N SER A 29 7.54 -10.72 -23.06
CA SER A 29 6.92 -11.59 -22.06
C SER A 29 5.43 -11.26 -21.91
N THR A 30 4.64 -12.32 -21.83
CA THR A 30 3.23 -12.30 -21.48
C THR A 30 3.18 -12.47 -19.96
N TYR A 31 2.12 -12.00 -19.29
CA TYR A 31 1.96 -12.09 -17.85
C TYR A 31 0.59 -12.63 -17.51
N LEU A 32 0.51 -13.24 -16.34
CA LEU A 32 -0.63 -13.86 -15.70
C LEU A 32 -0.78 -13.08 -14.41
N ILE A 33 -1.66 -12.07 -14.36
CA ILE A 33 -1.97 -11.37 -13.13
C ILE A 33 -2.99 -12.23 -12.38
N GLN A 34 -2.74 -12.43 -11.10
CA GLN A 34 -3.52 -13.26 -10.21
C GLN A 34 -3.60 -12.47 -8.91
N SER A 35 -4.62 -11.62 -8.80
CA SER A 35 -4.87 -10.81 -7.62
C SER A 35 -5.56 -11.63 -6.56
N TRP A 36 -5.23 -11.33 -5.31
CA TRP A 36 -6.01 -11.68 -4.15
C TRP A 36 -5.83 -10.59 -3.11
N VAL A 37 -6.80 -10.43 -2.21
CA VAL A 37 -6.73 -9.40 -1.17
C VAL A 37 -6.69 -10.11 0.18
N GLU A 38 -6.04 -9.47 1.14
CA GLU A 38 -5.61 -10.08 2.39
C GLU A 38 -5.95 -9.18 3.56
N ASN A 39 -6.30 -9.78 4.69
CA ASN A 39 -6.91 -9.08 5.83
C ASN A 39 -5.83 -8.47 6.72
N ALA A 40 -4.93 -7.68 6.13
CA ALA A 40 -3.68 -7.14 6.66
C ALA A 40 -2.71 -8.20 7.21
N ASP A 41 -3.13 -9.46 7.27
CA ASP A 41 -2.44 -10.59 7.87
C ASP A 41 -1.67 -11.42 6.84
N GLY A 42 -1.78 -11.02 5.57
CA GLY A 42 -1.36 -11.86 4.46
C GLY A 42 -2.21 -13.13 4.33
N VAL A 43 -3.26 -13.34 5.14
CA VAL A 43 -4.24 -14.40 4.89
C VAL A 43 -5.10 -13.87 3.76
N LYS A 44 -5.42 -14.70 2.76
CA LYS A 44 -6.28 -14.30 1.66
C LYS A 44 -7.69 -14.49 2.18
N ASP A 45 -8.36 -13.40 2.53
CA ASP A 45 -9.77 -13.42 2.90
C ASP A 45 -10.55 -12.57 1.90
N GLY A 46 -11.57 -13.15 1.28
CA GLY A 46 -12.50 -12.55 0.34
C GLY A 46 -13.39 -11.46 0.93
N ARG A 47 -12.93 -10.74 1.96
CA ARG A 47 -13.46 -9.44 2.36
C ARG A 47 -13.33 -8.44 1.21
N PHE A 48 -12.40 -8.63 0.28
CA PHE A 48 -12.42 -7.96 -1.00
C PHE A 48 -12.31 -9.03 -2.07
N ILE A 49 -12.94 -8.73 -3.20
CA ILE A 49 -12.86 -9.50 -4.42
C ILE A 49 -12.38 -8.50 -5.47
N VAL A 50 -11.87 -9.02 -6.58
CA VAL A 50 -11.32 -8.27 -7.68
C VAL A 50 -11.96 -8.89 -8.93
N THR A 51 -12.06 -8.12 -10.01
CA THR A 51 -12.84 -8.45 -11.18
C THR A 51 -12.25 -7.68 -12.36
N PRO A 52 -11.62 -8.34 -13.35
CA PRO A 52 -11.22 -9.74 -13.34
C PRO A 52 -10.13 -9.95 -12.27
N PRO A 53 -10.24 -10.90 -11.33
CA PRO A 53 -9.16 -11.16 -10.37
C PRO A 53 -7.98 -11.87 -11.04
N LEU A 54 -8.23 -12.55 -12.16
CA LEU A 54 -7.37 -13.53 -12.77
C LEU A 54 -7.42 -13.30 -14.27
N PHE A 55 -6.28 -13.03 -14.89
CA PHE A 55 -6.20 -12.96 -16.34
C PHE A 55 -4.77 -13.17 -16.81
N ALA A 56 -4.63 -13.54 -18.09
CA ALA A 56 -3.40 -13.36 -18.81
C ALA A 56 -3.56 -12.06 -19.61
N MET A 57 -2.46 -11.38 -19.89
CA MET A 57 -2.38 -10.39 -20.95
C MET A 57 -0.97 -10.43 -21.51
N LYS A 58 -0.79 -9.84 -22.69
CA LYS A 58 0.54 -9.59 -23.24
C LYS A 58 1.10 -8.43 -22.43
N GLY A 59 2.37 -8.51 -22.02
CA GLY A 59 2.96 -7.63 -21.03
C GLY A 59 2.76 -6.16 -21.36
N LYS A 60 3.25 -5.71 -22.51
CA LYS A 60 3.01 -4.34 -22.94
C LYS A 60 1.60 -4.28 -23.50
N LYS A 61 0.66 -4.13 -22.60
CA LYS A 61 -0.71 -3.71 -22.85
C LYS A 61 -1.16 -3.04 -21.57
N GLU A 62 -2.43 -2.66 -21.50
CA GLU A 62 -3.08 -2.39 -20.24
C GLU A 62 -4.19 -3.43 -20.05
N ASN A 63 -4.42 -3.86 -18.81
CA ASN A 63 -5.60 -4.62 -18.44
C ASN A 63 -6.00 -4.24 -17.03
N THR A 64 -7.01 -3.38 -16.89
CA THR A 64 -7.35 -2.85 -15.58
C THR A 64 -8.03 -3.96 -14.76
N LEU A 65 -7.74 -3.99 -13.46
CA LEU A 65 -8.45 -4.71 -12.42
C LEU A 65 -9.52 -3.76 -11.92
N ARG A 66 -10.71 -4.25 -11.55
CA ARG A 66 -11.63 -3.51 -10.71
C ARG A 66 -11.74 -4.24 -9.39
N ILE A 67 -11.87 -3.52 -8.30
CA ILE A 67 -11.77 -4.01 -6.94
C ILE A 67 -13.02 -3.49 -6.26
N LEU A 68 -13.85 -4.39 -5.70
CA LEU A 68 -15.23 -4.09 -5.30
C LEU A 68 -15.55 -4.61 -3.92
N ASP A 69 -16.63 -4.08 -3.33
CA ASP A 69 -16.93 -4.31 -1.93
C ASP A 69 -17.46 -5.74 -1.74
N ALA A 70 -16.76 -6.50 -0.91
CA ALA A 70 -17.16 -7.82 -0.44
C ALA A 70 -17.04 -7.88 1.09
N THR A 71 -16.97 -6.74 1.77
CA THR A 71 -16.67 -6.67 3.19
C THR A 71 -17.91 -7.14 3.97
N ASN A 72 -18.86 -6.22 4.19
CA ASN A 72 -20.18 -6.44 4.81
C ASN A 72 -20.09 -7.13 6.19
N ASN A 73 -18.91 -7.18 6.79
CA ASN A 73 -18.47 -8.09 7.83
C ASN A 73 -18.41 -7.43 9.21
N GLN A 74 -19.14 -6.34 9.42
CA GLN A 74 -18.98 -5.41 10.54
C GLN A 74 -17.50 -4.96 10.69
N LEU A 75 -16.92 -4.36 9.66
CA LEU A 75 -15.69 -3.58 9.78
C LEU A 75 -15.87 -2.53 10.89
N PRO A 76 -14.80 -2.11 11.59
CA PRO A 76 -14.91 -1.09 12.62
C PRO A 76 -15.32 0.27 12.04
N GLN A 77 -15.77 1.16 12.93
CA GLN A 77 -15.91 2.60 12.70
C GLN A 77 -15.18 3.40 13.78
N ASP A 78 -14.75 2.78 14.88
CA ASP A 78 -13.93 3.47 15.88
C ASP A 78 -12.45 3.47 15.47
N ARG A 79 -12.11 2.68 14.46
CA ARG A 79 -10.92 2.80 13.63
C ARG A 79 -11.23 2.36 12.22
N GLU A 80 -10.30 2.59 11.32
CA GLU A 80 -10.44 2.28 9.91
C GLU A 80 -9.93 0.85 9.64
N SER A 81 -9.72 0.47 8.37
CA SER A 81 -9.20 -0.85 8.00
C SER A 81 -8.19 -0.72 6.85
N LEU A 82 -7.26 -1.66 6.79
CA LEU A 82 -6.14 -1.73 5.87
C LEU A 82 -6.17 -3.13 5.27
N PHE A 83 -5.83 -3.25 3.99
CA PHE A 83 -5.80 -4.49 3.25
C PHE A 83 -4.45 -4.55 2.55
N TRP A 84 -4.02 -5.77 2.21
CA TRP A 84 -2.91 -5.98 1.30
C TRP A 84 -3.57 -6.53 0.03
N MET A 85 -3.18 -5.99 -1.11
CA MET A 85 -3.76 -6.22 -2.43
C MET A 85 -2.59 -6.83 -3.18
N ASN A 86 -2.43 -8.13 -2.96
CA ASN A 86 -1.32 -8.88 -3.47
C ASN A 86 -1.66 -9.28 -4.89
N VAL A 87 -0.65 -9.30 -5.76
CA VAL A 87 -0.81 -9.73 -7.12
C VAL A 87 0.39 -10.63 -7.37
N LYS A 88 0.18 -11.94 -7.48
CA LYS A 88 1.18 -12.77 -8.12
C LYS A 88 1.06 -12.44 -9.60
N ALA A 89 2.13 -11.97 -10.22
CA ALA A 89 2.15 -11.69 -11.64
C ALA A 89 3.22 -12.61 -12.23
N ILE A 90 2.84 -13.73 -12.82
CA ILE A 90 3.79 -14.66 -13.37
C ILE A 90 4.04 -14.20 -14.80
N PRO A 91 5.30 -14.02 -15.25
CA PRO A 91 5.60 -13.88 -16.66
C PRO A 91 5.36 -15.22 -17.35
N SER A 92 4.11 -15.47 -17.70
CA SER A 92 3.51 -16.63 -18.33
C SER A 92 3.65 -17.90 -17.48
N MET A 93 2.60 -18.27 -16.74
CA MET A 93 2.60 -19.42 -15.84
C MET A 93 2.42 -20.74 -16.60
N ASP A 94 3.38 -21.05 -17.46
CA ASP A 94 3.65 -22.40 -17.93
C ASP A 94 4.43 -23.13 -16.83
N LYS A 95 4.52 -24.46 -16.93
CA LYS A 95 5.06 -25.36 -15.89
C LYS A 95 4.36 -25.15 -14.53
N SER A 96 3.02 -25.14 -14.53
CA SER A 96 2.21 -25.38 -13.34
C SER A 96 0.93 -26.11 -13.72
N LYS A 97 1.08 -27.35 -14.19
CA LYS A 97 0.03 -28.34 -14.25
C LYS A 97 0.67 -29.66 -13.82
N LEU A 98 0.52 -29.99 -12.54
CA LEU A 98 1.15 -31.10 -11.81
C LEU A 98 2.57 -31.38 -12.31
N THR A 99 3.45 -30.42 -12.10
CA THR A 99 4.88 -30.58 -12.31
C THR A 99 5.55 -29.91 -11.12
N GLU A 100 5.68 -30.68 -10.03
CA GLU A 100 6.13 -30.24 -8.72
C GLU A 100 5.32 -29.03 -8.24
N ASN A 101 5.79 -28.29 -7.22
CA ASN A 101 5.09 -27.11 -6.69
C ASN A 101 6.06 -25.93 -6.50
N THR A 102 7.16 -25.93 -7.24
CA THR A 102 8.36 -25.12 -7.01
C THR A 102 8.67 -24.30 -8.29
N LEU A 103 7.62 -23.87 -9.00
CA LEU A 103 7.72 -22.84 -10.02
C LEU A 103 8.08 -21.52 -9.34
N GLN A 104 9.33 -21.08 -9.48
CA GLN A 104 9.81 -19.81 -8.95
C GLN A 104 9.15 -18.63 -9.66
N LEU A 105 8.80 -18.77 -10.94
CA LEU A 105 8.29 -17.69 -11.76
C LEU A 105 7.02 -17.13 -11.12
N ALA A 106 7.13 -15.93 -10.54
CA ALA A 106 6.09 -15.25 -9.78
C ALA A 106 6.68 -13.91 -9.37
N ILE A 107 6.42 -12.83 -10.13
CA ILE A 107 6.75 -11.48 -9.75
C ILE A 107 5.58 -11.05 -8.87
N ILE A 108 5.64 -11.40 -7.59
CA ILE A 108 4.62 -11.04 -6.63
C ILE A 108 4.83 -9.55 -6.35
N SER A 109 3.90 -8.72 -6.81
CA SER A 109 4.09 -7.28 -6.82
C SER A 109 3.76 -6.67 -5.45
N ARG A 110 2.96 -7.39 -4.64
CA ARG A 110 2.56 -7.09 -3.26
C ARG A 110 2.23 -5.61 -3.06
N ILE A 111 0.99 -5.20 -3.31
CA ILE A 111 0.59 -3.82 -3.14
C ILE A 111 -0.20 -3.70 -1.83
N LYS A 112 -0.40 -2.47 -1.38
CA LYS A 112 -1.15 -2.14 -0.18
C LYS A 112 -2.40 -1.43 -0.63
N LEU A 113 -3.52 -1.63 0.06
CA LEU A 113 -4.77 -0.96 -0.26
C LEU A 113 -5.37 -0.43 1.03
N TYR A 114 -5.69 0.85 1.05
CA TYR A 114 -6.46 1.45 2.12
C TYR A 114 -7.94 1.21 1.86
N TYR A 115 -8.69 1.02 2.94
CA TYR A 115 -10.13 1.22 2.96
C TYR A 115 -10.33 2.46 3.79
N ARG A 116 -11.32 3.30 3.46
CA ARG A 116 -11.85 4.25 4.42
C ARG A 116 -13.21 4.72 3.96
N PRO A 117 -14.32 4.34 4.62
CA PRO A 117 -15.58 5.05 4.45
C PRO A 117 -15.52 6.50 5.00
N ALA A 118 -14.42 6.89 5.64
CA ALA A 118 -14.15 8.20 6.24
C ALA A 118 -15.35 8.77 6.99
N LYS A 119 -15.88 7.99 7.94
CA LYS A 119 -16.94 8.38 8.87
C LYS A 119 -16.45 8.48 10.31
N LEU A 120 -15.15 8.28 10.53
CA LEU A 120 -14.44 8.71 11.72
C LEU A 120 -14.59 10.22 11.91
N ALA A 121 -14.49 10.69 13.15
CA ALA A 121 -14.44 12.11 13.46
C ALA A 121 -13.02 12.69 13.37
N LEU A 122 -12.02 11.88 13.02
CA LEU A 122 -10.65 12.34 12.94
C LEU A 122 -10.54 13.19 11.66
N PRO A 123 -10.01 14.43 11.74
CA PRO A 123 -9.82 15.32 10.61
C PRO A 123 -8.68 14.80 9.71
N PRO A 124 -8.96 14.33 8.48
CA PRO A 124 -8.05 13.48 7.72
C PRO A 124 -6.80 14.22 7.22
N ASP A 125 -6.85 15.53 7.05
CA ASP A 125 -5.69 16.35 6.71
C ASP A 125 -4.68 16.36 7.85
N GLN A 126 -5.18 16.38 9.08
CA GLN A 126 -4.36 16.41 10.26
C GLN A 126 -3.93 15.01 10.66
N ALA A 127 -4.37 13.96 9.97
CA ALA A 127 -4.00 12.58 10.28
C ALA A 127 -2.47 12.45 10.34
N ALA A 128 -1.79 13.01 9.33
CA ALA A 128 -0.32 12.98 9.27
C ALA A 128 0.36 13.89 10.30
N GLU A 129 -0.39 14.82 10.87
CA GLU A 129 0.05 15.80 11.83
C GLU A 129 -0.30 15.36 13.26
N LYS A 130 -0.86 14.16 13.43
CA LYS A 130 -0.99 13.49 14.73
C LYS A 130 -0.46 12.07 14.71
N LEU A 131 0.17 11.66 13.60
CA LEU A 131 1.08 10.52 13.57
C LEU A 131 2.31 11.00 14.34
N ARG A 132 2.55 10.44 15.52
CA ARG A 132 3.65 10.86 16.39
C ARG A 132 4.93 10.16 15.95
N PHE A 133 6.07 10.61 16.43
CA PHE A 133 7.35 9.97 16.13
C PHE A 133 8.15 9.89 17.42
N ARG A 134 8.91 8.82 17.63
CA ARG A 134 9.77 8.66 18.79
C ARG A 134 11.14 8.21 18.34
N ARG A 135 12.14 9.07 18.52
CA ARG A 135 13.50 8.90 18.00
C ARG A 135 14.41 8.34 19.09
N SER A 136 15.30 7.43 18.69
CA SER A 136 16.26 6.73 19.52
C SER A 136 17.62 6.69 18.84
N ALA A 137 18.65 6.23 19.53
CA ALA A 137 20.01 6.09 18.99
C ALA A 137 20.16 4.80 18.17
N ASN A 138 19.13 4.44 17.40
CA ASN A 138 19.10 3.22 16.59
C ASN A 138 17.88 3.18 15.67
N SER A 139 16.78 3.84 16.06
CA SER A 139 15.48 3.62 15.48
C SER A 139 14.69 4.92 15.52
N LEU A 140 13.71 5.03 14.63
CA LEU A 140 12.68 6.05 14.64
C LEU A 140 11.36 5.29 14.58
N THR A 141 10.62 5.28 15.68
CA THR A 141 9.34 4.59 15.71
C THR A 141 8.30 5.59 15.18
N LEU A 142 7.49 5.12 14.24
CA LEU A 142 6.29 5.75 13.70
C LEU A 142 5.19 5.37 14.66
N ILE A 143 4.33 6.31 15.03
CA ILE A 143 3.32 6.11 16.04
C ILE A 143 1.98 6.48 15.41
N ASN A 144 1.23 5.47 14.96
CA ASN A 144 -0.10 5.62 14.39
C ASN A 144 -1.16 4.87 15.23
N PRO A 145 -1.29 5.13 16.54
CA PRO A 145 -2.37 4.63 17.38
C PRO A 145 -3.63 5.46 17.16
N THR A 146 -3.71 6.17 16.05
CA THR A 146 -4.84 6.92 15.57
C THR A 146 -5.72 5.96 14.74
N PRO A 147 -7.00 6.30 14.55
CA PRO A 147 -7.93 5.42 13.87
C PRO A 147 -7.74 5.42 12.35
N TYR A 148 -7.24 6.53 11.80
CA TYR A 148 -7.05 6.76 10.38
C TYR A 148 -5.66 6.29 10.00
N TYR A 149 -5.46 5.86 8.76
CA TYR A 149 -4.19 5.32 8.31
C TYR A 149 -3.71 6.15 7.11
N LEU A 150 -2.54 6.76 7.23
CA LEU A 150 -1.89 7.56 6.17
C LEU A 150 -0.48 7.05 5.92
N THR A 151 0.03 7.14 4.69
CA THR A 151 1.36 6.66 4.36
C THR A 151 2.37 7.76 4.68
N VAL A 152 3.59 7.40 5.07
CA VAL A 152 4.71 8.30 5.28
C VAL A 152 5.84 7.89 4.32
N THR A 153 6.20 8.81 3.44
CA THR A 153 7.12 8.58 2.33
C THR A 153 8.28 9.56 2.49
N GLU A 154 9.50 9.03 2.52
CA GLU A 154 10.73 9.80 2.52
C GLU A 154 10.80 10.65 3.78
N LEU A 155 10.88 9.95 4.91
CA LEU A 155 10.89 10.55 6.24
C LEU A 155 12.28 11.19 6.42
N ASN A 156 12.35 12.48 6.72
CA ASN A 156 13.58 13.18 7.06
C ASN A 156 13.54 13.39 8.55
N ALA A 157 14.59 12.96 9.24
CA ALA A 157 14.68 13.05 10.68
C ALA A 157 16.04 13.63 11.03
N GLY A 158 16.01 14.89 11.43
CA GLY A 158 17.17 15.68 11.75
C GLY A 158 18.11 15.73 10.57
N THR A 159 19.25 15.11 10.78
CA THR A 159 20.44 15.08 9.96
C THR A 159 20.44 13.88 9.03
N ARG A 160 19.29 13.20 8.86
CA ARG A 160 19.20 11.97 8.08
C ARG A 160 17.93 11.92 7.24
N VAL A 161 17.97 11.12 6.18
CA VAL A 161 16.91 10.89 5.22
C VAL A 161 16.64 9.39 5.22
N LEU A 162 15.37 8.97 5.33
CA LEU A 162 14.97 7.62 5.65
C LEU A 162 13.97 7.09 4.62
N GLU A 163 13.75 5.78 4.68
CA GLU A 163 12.87 5.03 3.80
C GLU A 163 11.39 5.44 3.85
N ASN A 164 10.66 4.97 2.84
CA ASN A 164 9.22 4.83 2.87
C ASN A 164 8.86 3.81 3.95
N ALA A 165 7.65 3.94 4.51
CA ALA A 165 7.09 3.02 5.48
C ALA A 165 5.60 2.91 5.21
N LEU A 166 4.92 1.93 5.79
CA LEU A 166 3.46 1.84 5.80
C LEU A 166 2.99 1.74 7.25
N VAL A 167 1.77 2.22 7.49
CA VAL A 167 1.14 2.38 8.77
C VAL A 167 0.50 1.06 9.20
N PRO A 168 0.85 0.49 10.35
CA PRO A 168 0.08 -0.60 10.96
C PRO A 168 -1.19 -0.03 11.60
N PRO A 169 -2.28 -0.81 11.67
CA PRO A 169 -3.55 -0.31 12.18
C PRO A 169 -3.47 -0.09 13.69
N MET A 170 -3.67 1.17 14.11
CA MET A 170 -3.76 1.58 15.50
C MET A 170 -2.51 1.11 16.27
N GLY A 171 -1.32 1.34 15.71
CA GLY A 171 -0.10 0.75 16.21
C GLY A 171 1.12 1.53 15.75
N GLU A 172 2.29 0.99 16.07
CA GLU A 172 3.57 1.66 15.89
C GLU A 172 4.42 0.83 14.93
N SER A 173 5.14 1.46 14.02
CA SER A 173 6.11 0.83 13.14
C SER A 173 7.47 1.43 13.46
N THR A 174 8.55 0.94 12.85
CA THR A 174 9.87 1.50 13.10
C THR A 174 10.65 1.54 11.80
N VAL A 175 11.45 2.58 11.63
CA VAL A 175 12.47 2.67 10.59
C VAL A 175 13.83 2.90 11.25
N LYS A 176 14.90 2.67 10.49
CA LYS A 176 16.27 2.81 10.97
C LYS A 176 16.58 4.27 11.25
N LEU A 177 17.31 4.58 12.32
CA LEU A 177 17.78 5.94 12.62
C LEU A 177 19.22 5.89 13.13
N PRO A 178 20.08 6.89 12.84
CA PRO A 178 21.43 6.90 13.39
C PRO A 178 21.41 7.44 14.83
N SER A 179 22.51 7.26 15.52
CA SER A 179 22.79 7.79 16.85
C SER A 179 23.15 9.27 16.79
N ASP A 180 22.52 10.02 15.87
CA ASP A 180 22.67 11.47 15.78
C ASP A 180 21.28 12.11 15.74
N ALA A 181 20.60 12.05 14.60
CA ALA A 181 19.20 12.45 14.36
C ALA A 181 18.70 13.64 15.18
N GLY A 182 18.79 14.85 14.64
CA GLY A 182 18.27 16.05 15.27
C GLY A 182 16.75 16.03 15.48
N SER A 183 16.23 17.07 16.11
CA SER A 183 14.89 17.16 16.69
C SER A 183 13.87 17.80 15.73
N ASN A 184 14.24 17.92 14.46
CA ASN A 184 13.34 18.27 13.38
C ASN A 184 12.88 16.97 12.71
N ILE A 185 11.59 16.75 12.48
CA ILE A 185 11.13 15.72 11.58
C ILE A 185 10.21 16.36 10.56
N THR A 186 10.26 15.83 9.35
CA THR A 186 9.47 16.26 8.22
C THR A 186 9.30 15.02 7.33
N TYR A 187 8.36 15.05 6.40
CA TYR A 187 8.04 13.90 5.58
C TYR A 187 7.15 14.33 4.42
N ARG A 188 6.98 13.47 3.43
CA ARG A 188 5.85 13.55 2.52
C ARG A 188 4.89 12.43 2.91
N THR A 189 3.64 12.51 2.50
CA THR A 189 2.63 11.52 2.81
C THR A 189 1.81 11.25 1.55
N ILE A 190 1.01 10.18 1.54
CA ILE A 190 0.04 9.92 0.49
C ILE A 190 -1.32 10.27 1.09
N ASN A 191 -2.00 11.26 0.50
CA ASN A 191 -3.40 11.57 0.80
C ASN A 191 -4.33 10.68 -0.02
N ASP A 192 -5.64 10.76 0.23
CA ASP A 192 -6.63 9.76 -0.21
C ASP A 192 -6.89 9.67 -1.71
N TYR A 193 -6.44 10.70 -2.41
CA TYR A 193 -6.52 10.73 -3.87
C TYR A 193 -5.34 9.99 -4.51
N GLY A 194 -4.37 9.58 -3.70
CA GLY A 194 -3.05 9.17 -4.15
C GLY A 194 -2.15 10.39 -4.33
N ALA A 195 -2.49 11.53 -3.72
CA ALA A 195 -1.74 12.75 -3.89
C ALA A 195 -0.59 12.65 -2.89
N LEU A 196 0.61 12.34 -3.42
CA LEU A 196 1.84 12.48 -2.66
C LEU A 196 2.01 13.97 -2.39
N THR A 197 2.10 14.36 -1.12
CA THR A 197 2.04 15.75 -0.69
C THR A 197 3.29 16.53 -1.11
N PRO A 198 3.30 17.86 -0.92
CA PRO A 198 4.55 18.61 -0.82
C PRO A 198 5.29 18.17 0.45
N LYS A 199 6.53 18.62 0.58
CA LYS A 199 7.33 18.55 1.81
C LYS A 199 6.54 19.20 2.95
N MET A 200 6.12 18.43 3.95
CA MET A 200 5.42 18.93 5.13
C MET A 200 6.26 18.62 6.38
N THR A 201 6.14 19.46 7.41
CA THR A 201 6.78 19.19 8.68
C THR A 201 6.06 18.06 9.40
N GLY A 202 6.74 17.49 10.39
CA GLY A 202 6.32 16.28 11.07
C GLY A 202 6.44 16.43 12.58
N VAL A 203 5.87 15.47 13.31
CA VAL A 203 5.50 15.67 14.71
C VAL A 203 6.13 14.55 15.55
N MET A 204 7.32 14.79 16.10
CA MET A 204 7.85 13.91 17.14
C MET A 204 7.21 14.25 18.48
N GLU A 205 7.34 13.35 19.45
CA GLU A 205 7.20 13.68 20.85
C GLU A 205 8.11 12.74 21.63
N GLY A 1 8.89 -8.10 -13.93
CA GLY A 1 8.37 -6.81 -13.47
C GLY A 1 6.87 -6.81 -13.34
N VAL A 2 6.18 -6.13 -14.26
CA VAL A 2 4.90 -5.44 -14.13
C VAL A 2 5.13 -4.17 -13.31
N ALA A 3 4.73 -3.02 -13.86
CA ALA A 3 4.85 -1.72 -13.22
C ALA A 3 3.58 -1.32 -12.47
N LEU A 4 2.46 -1.99 -12.76
CA LEU A 4 1.10 -1.70 -12.29
C LEU A 4 0.66 -0.26 -12.58
N GLY A 5 -0.63 0.01 -12.45
CA GLY A 5 -1.17 1.36 -12.60
C GLY A 5 -0.51 2.30 -11.60
N ALA A 6 -0.45 1.87 -10.34
CA ALA A 6 0.17 2.59 -9.24
C ALA A 6 0.77 1.56 -8.30
N THR A 7 1.62 2.01 -7.38
CA THR A 7 2.17 1.17 -6.33
C THR A 7 1.18 1.11 -5.14
N ARG A 8 0.06 1.83 -5.19
CA ARG A 8 -0.92 1.93 -4.11
C ARG A 8 -2.32 2.04 -4.67
N VAL A 9 -3.32 1.70 -3.85
CA VAL A 9 -4.71 1.68 -4.23
C VAL A 9 -5.45 2.09 -2.96
N ILE A 10 -6.40 3.01 -3.07
CA ILE A 10 -7.15 3.55 -1.94
C ILE A 10 -8.61 3.41 -2.34
N TYR A 11 -9.46 3.03 -1.40
CA TYR A 11 -10.87 2.75 -1.66
C TYR A 11 -11.70 3.65 -0.74
N PRO A 12 -11.89 4.94 -1.12
CA PRO A 12 -12.61 5.92 -0.34
C PRO A 12 -14.13 5.70 -0.47
N ALA A 13 -14.64 4.77 0.33
CA ALA A 13 -16.01 4.27 0.32
C ALA A 13 -16.38 3.55 -0.98
N GLY A 14 -17.52 2.85 -0.95
CA GLY A 14 -18.10 2.02 -2.00
C GLY A 14 -17.78 2.46 -3.43
N GLN A 15 -17.88 3.76 -3.70
CA GLN A 15 -17.58 4.47 -4.95
C GLN A 15 -17.98 3.67 -6.21
N LYS A 16 -19.16 3.04 -6.19
CA LYS A 16 -19.72 2.28 -7.30
C LYS A 16 -18.79 1.21 -7.87
N GLN A 17 -17.87 0.67 -7.06
CA GLN A 17 -16.73 -0.18 -7.40
C GLN A 17 -15.59 0.67 -7.98
N GLU A 18 -14.34 0.28 -7.72
CA GLU A 18 -13.13 1.05 -8.03
C GLU A 18 -12.29 0.22 -9.01
N GLN A 19 -11.21 0.77 -9.58
CA GLN A 19 -10.40 0.11 -10.59
C GLN A 19 -8.91 0.35 -10.34
N LEU A 20 -8.05 -0.40 -11.01
CA LEU A 20 -6.60 -0.23 -10.94
C LEU A 20 -6.04 -0.74 -12.26
N ALA A 21 -5.28 0.07 -12.98
CA ALA A 21 -4.61 -0.40 -14.19
C ALA A 21 -3.52 -1.41 -13.85
N VAL A 22 -3.10 -2.17 -14.85
CA VAL A 22 -1.88 -2.98 -14.84
C VAL A 22 -1.14 -2.57 -16.10
N THR A 23 0.15 -2.34 -16.02
CA THR A 23 1.02 -1.98 -17.13
C THR A 23 2.35 -2.71 -16.92
N ASN A 24 3.16 -2.84 -17.97
CA ASN A 24 4.49 -3.47 -17.85
C ASN A 24 5.57 -2.61 -18.49
N ASN A 25 6.81 -2.81 -18.06
CA ASN A 25 7.98 -2.13 -18.57
C ASN A 25 8.47 -2.84 -19.83
N ASP A 26 8.72 -4.15 -19.73
CA ASP A 26 8.99 -4.98 -20.89
C ASP A 26 7.75 -5.02 -21.77
N GLU A 27 7.95 -5.09 -23.08
CA GLU A 27 6.90 -5.25 -24.04
C GLU A 27 6.71 -6.70 -24.48
N ASN A 28 7.72 -7.55 -24.28
CA ASN A 28 7.80 -8.85 -24.92
C ASN A 28 6.86 -9.84 -24.26
N SER A 29 7.16 -10.21 -23.03
CA SER A 29 6.59 -11.43 -22.49
C SER A 29 5.18 -11.24 -21.94
N THR A 30 4.46 -12.36 -21.98
CA THR A 30 3.07 -12.47 -21.59
C THR A 30 3.06 -12.66 -20.08
N TYR A 31 2.45 -11.72 -19.36
CA TYR A 31 2.30 -11.83 -17.93
C TYR A 31 0.94 -12.41 -17.60
N LEU A 32 0.83 -12.92 -16.39
CA LEU A 32 -0.35 -13.51 -15.81
C LEU A 32 -0.50 -12.79 -14.48
N ILE A 33 -1.48 -11.90 -14.33
CA ILE A 33 -1.79 -11.37 -13.01
C ILE A 33 -2.73 -12.39 -12.39
N GLN A 34 -2.31 -12.92 -11.24
CA GLN A 34 -3.16 -13.56 -10.26
C GLN A 34 -3.22 -12.52 -9.13
N SER A 35 -4.24 -11.67 -9.09
CA SER A 35 -4.53 -10.83 -7.93
C SER A 35 -5.12 -11.72 -6.84
N TRP A 36 -5.02 -11.25 -5.60
CA TRP A 36 -5.67 -11.80 -4.43
C TRP A 36 -5.78 -10.70 -3.36
N VAL A 37 -6.58 -10.93 -2.34
CA VAL A 37 -6.67 -10.07 -1.17
C VAL A 37 -6.34 -10.87 0.08
N GLU A 38 -5.40 -10.36 0.86
CA GLU A 38 -5.29 -10.72 2.26
C GLU A 38 -5.66 -9.47 3.07
N ASN A 39 -6.10 -9.68 4.29
CA ASN A 39 -6.29 -8.68 5.34
C ASN A 39 -4.93 -8.33 5.91
N ALA A 40 -4.79 -7.19 6.60
CA ALA A 40 -3.50 -6.74 7.13
C ALA A 40 -2.83 -7.74 8.08
N ASP A 41 -3.59 -8.71 8.57
CA ASP A 41 -3.19 -9.78 9.48
C ASP A 41 -2.54 -10.95 8.74
N GLY A 42 -2.40 -10.82 7.41
CA GLY A 42 -2.08 -11.93 6.53
C GLY A 42 -3.25 -12.90 6.39
N VAL A 43 -4.43 -12.54 6.91
CA VAL A 43 -5.59 -13.42 6.87
C VAL A 43 -6.08 -13.41 5.43
N LYS A 44 -6.37 -14.58 4.86
CA LYS A 44 -6.98 -14.68 3.54
C LYS A 44 -8.47 -14.52 3.80
N ASP A 45 -9.06 -13.50 3.17
CA ASP A 45 -10.44 -13.12 3.45
C ASP A 45 -11.19 -12.75 2.18
N GLY A 46 -12.52 -12.69 2.27
CA GLY A 46 -13.43 -12.25 1.22
C GLY A 46 -13.83 -10.79 1.35
N ARG A 47 -13.21 -10.02 2.24
CA ARG A 47 -13.61 -8.66 2.59
C ARG A 47 -13.58 -7.77 1.37
N PHE A 48 -12.68 -8.03 0.44
CA PHE A 48 -12.62 -7.42 -0.85
C PHE A 48 -12.52 -8.54 -1.85
N ILE A 49 -13.11 -8.32 -3.03
CA ILE A 49 -13.08 -9.25 -4.15
C ILE A 49 -12.70 -8.38 -5.37
N VAL A 50 -12.25 -9.03 -6.44
CA VAL A 50 -11.65 -8.40 -7.60
C VAL A 50 -12.17 -9.15 -8.82
N THR A 51 -12.26 -8.47 -9.95
CA THR A 51 -12.84 -8.99 -11.18
C THR A 51 -12.21 -8.25 -12.39
N PRO A 52 -11.47 -8.93 -13.28
CA PRO A 52 -10.96 -10.29 -13.12
C PRO A 52 -9.92 -10.33 -12.00
N PRO A 53 -9.92 -11.35 -11.12
CA PRO A 53 -8.80 -11.60 -10.22
C PRO A 53 -7.66 -12.34 -10.93
N LEU A 54 -7.94 -12.94 -12.09
CA LEU A 54 -7.10 -13.89 -12.81
C LEU A 54 -7.21 -13.49 -14.26
N PHE A 55 -6.10 -13.05 -14.87
CA PHE A 55 -6.06 -12.70 -16.29
C PHE A 55 -4.62 -12.75 -16.81
N ALA A 56 -4.47 -12.99 -18.12
CA ALA A 56 -3.22 -12.78 -18.82
C ALA A 56 -3.20 -11.37 -19.41
N MET A 57 -2.04 -10.72 -19.41
CA MET A 57 -1.78 -9.44 -20.05
C MET A 57 -0.56 -9.62 -20.94
N LYS A 58 -0.36 -8.68 -21.86
CA LYS A 58 0.83 -8.58 -22.69
C LYS A 58 1.66 -7.41 -22.18
N GLY A 59 2.97 -7.45 -22.39
CA GLY A 59 3.91 -6.47 -21.87
C GLY A 59 3.47 -5.04 -22.18
N LYS A 60 3.61 -4.59 -23.42
CA LYS A 60 3.17 -3.26 -23.80
C LYS A 60 1.67 -3.32 -24.05
N LYS A 61 0.92 -3.43 -22.96
CA LYS A 61 -0.52 -3.54 -22.96
C LYS A 61 -0.99 -3.14 -21.57
N GLU A 62 -2.28 -3.28 -21.34
CA GLU A 62 -2.94 -2.91 -20.10
C GLU A 62 -4.06 -3.91 -19.86
N ASN A 63 -4.33 -4.24 -18.61
CA ASN A 63 -5.51 -5.01 -18.21
C ASN A 63 -5.90 -4.54 -16.83
N THR A 64 -6.77 -3.55 -16.77
CA THR A 64 -7.19 -2.92 -15.54
C THR A 64 -8.13 -3.89 -14.82
N LEU A 65 -8.05 -3.92 -13.49
CA LEU A 65 -8.92 -4.71 -12.63
C LEU A 65 -10.12 -3.86 -12.26
N ARG A 66 -11.20 -4.50 -11.79
CA ARG A 66 -12.23 -3.84 -11.00
C ARG A 66 -12.11 -4.48 -9.64
N ILE A 67 -12.10 -3.69 -8.59
CA ILE A 67 -11.87 -4.05 -7.21
C ILE A 67 -13.10 -3.51 -6.49
N LEU A 68 -13.74 -4.30 -5.63
CA LEU A 68 -15.01 -3.91 -5.02
C LEU A 68 -15.10 -4.28 -3.55
N ASP A 69 -15.83 -3.42 -2.84
CA ASP A 69 -16.27 -3.62 -1.47
C ASP A 69 -17.09 -4.89 -1.41
N ALA A 70 -16.68 -5.80 -0.54
CA ALA A 70 -17.30 -7.08 -0.32
C ALA A 70 -17.39 -7.38 1.17
N THR A 71 -17.27 -6.35 2.00
CA THR A 71 -16.94 -6.45 3.42
C THR A 71 -18.12 -7.09 4.16
N ASN A 72 -19.18 -6.31 4.46
CA ASN A 72 -20.47 -6.72 5.01
C ASN A 72 -20.41 -7.48 6.37
N ASN A 73 -19.22 -7.75 6.87
CA ASN A 73 -18.85 -8.60 8.00
C ASN A 73 -19.06 -7.91 9.35
N GLN A 74 -20.01 -6.95 9.41
CA GLN A 74 -20.15 -5.94 10.45
C GLN A 74 -18.79 -5.33 10.80
N LEU A 75 -18.27 -4.52 9.88
CA LEU A 75 -16.99 -3.82 10.06
C LEU A 75 -17.02 -2.92 11.31
N PRO A 76 -15.85 -2.50 11.81
CA PRO A 76 -15.77 -1.50 12.87
C PRO A 76 -16.35 -0.16 12.43
N GLN A 77 -16.64 0.69 13.43
CA GLN A 77 -17.00 2.08 13.23
C GLN A 77 -16.11 3.01 14.07
N ASP A 78 -15.36 2.51 15.06
CA ASP A 78 -14.40 3.33 15.79
C ASP A 78 -13.08 3.45 15.07
N ARG A 79 -12.82 2.55 14.12
CA ARG A 79 -11.50 2.27 13.57
C ARG A 79 -11.63 1.80 12.13
N GLU A 80 -10.54 1.88 11.39
CA GLU A 80 -10.55 1.56 9.97
C GLU A 80 -10.23 0.07 9.73
N SER A 81 -9.93 -0.31 8.48
CA SER A 81 -9.40 -1.60 8.10
C SER A 81 -8.32 -1.41 7.03
N LEU A 82 -7.52 -2.43 6.76
CA LEU A 82 -6.44 -2.38 5.78
C LEU A 82 -6.36 -3.75 5.12
N PHE A 83 -6.28 -3.78 3.79
CA PHE A 83 -6.12 -4.99 3.02
C PHE A 83 -4.81 -4.92 2.24
N TRP A 84 -4.37 -6.06 1.71
CA TRP A 84 -3.08 -6.30 1.09
C TRP A 84 -3.41 -7.02 -0.23
N MET A 85 -3.50 -6.28 -1.34
CA MET A 85 -3.72 -6.85 -2.66
C MET A 85 -2.42 -7.51 -3.12
N ASN A 86 -2.36 -8.84 -3.05
CA ASN A 86 -1.20 -9.59 -3.50
C ASN A 86 -1.35 -9.76 -5.00
N VAL A 87 -0.63 -8.96 -5.78
CA VAL A 87 -0.64 -9.07 -7.22
C VAL A 87 0.57 -9.92 -7.57
N LYS A 88 0.33 -11.19 -7.85
CA LYS A 88 1.34 -12.17 -8.26
C LYS A 88 1.39 -12.14 -9.78
N ALA A 89 2.45 -11.59 -10.36
CA ALA A 89 2.65 -11.52 -11.79
C ALA A 89 3.58 -12.66 -12.23
N ILE A 90 3.08 -13.62 -12.99
CA ILE A 90 3.89 -14.70 -13.54
C ILE A 90 4.22 -14.36 -14.99
N PRO A 91 5.49 -14.20 -15.40
CA PRO A 91 5.87 -14.13 -16.80
C PRO A 91 5.84 -15.53 -17.41
N SER A 92 4.67 -15.93 -17.89
CA SER A 92 4.38 -17.12 -18.68
C SER A 92 5.12 -18.37 -18.17
N MET A 93 4.55 -19.00 -17.14
CA MET A 93 4.98 -20.29 -16.62
C MET A 93 4.53 -21.39 -17.59
N ASP A 94 5.27 -21.52 -18.68
CA ASP A 94 5.37 -22.66 -19.53
C ASP A 94 6.87 -22.99 -19.59
N LYS A 95 7.20 -24.21 -20.03
CA LYS A 95 8.48 -24.87 -19.80
C LYS A 95 8.72 -24.99 -18.28
N SER A 96 8.29 -26.09 -17.67
CA SER A 96 8.64 -26.46 -16.30
C SER A 96 8.76 -28.00 -16.25
N LYS A 97 9.58 -28.59 -17.11
CA LYS A 97 9.91 -30.01 -17.12
C LYS A 97 11.37 -30.18 -17.59
N LEU A 98 11.72 -31.39 -18.06
CA LEU A 98 13.01 -31.81 -18.64
C LEU A 98 14.06 -31.93 -17.52
N THR A 99 13.97 -33.06 -16.81
CA THR A 99 14.62 -33.36 -15.53
C THR A 99 14.74 -32.08 -14.68
N GLU A 100 13.57 -31.55 -14.34
CA GLU A 100 13.36 -30.36 -13.52
C GLU A 100 11.87 -30.41 -13.16
N ASN A 101 11.51 -29.90 -11.98
CA ASN A 101 10.12 -29.81 -11.56
C ASN A 101 9.88 -28.76 -10.47
N THR A 102 10.76 -27.77 -10.36
CA THR A 102 10.77 -26.83 -9.22
C THR A 102 10.95 -25.37 -9.70
N LEU A 103 10.40 -25.05 -10.88
CA LEU A 103 10.29 -23.69 -11.39
C LEU A 103 8.83 -23.36 -11.54
N GLN A 104 8.30 -22.51 -10.66
CA GLN A 104 6.95 -22.01 -10.71
C GLN A 104 6.93 -20.61 -11.33
N LEU A 105 7.95 -19.79 -11.04
CA LEU A 105 8.05 -18.35 -11.29
C LEU A 105 6.91 -17.57 -10.62
N ALA A 106 7.25 -16.54 -9.85
CA ALA A 106 6.30 -15.52 -9.40
C ALA A 106 7.06 -14.22 -9.13
N ILE A 107 6.58 -13.12 -9.71
CA ILE A 107 7.05 -11.76 -9.48
C ILE A 107 5.88 -11.10 -8.75
N ILE A 108 5.84 -11.24 -7.42
CA ILE A 108 4.78 -10.62 -6.63
C ILE A 108 5.14 -9.13 -6.51
N SER A 109 4.18 -8.25 -6.81
CA SER A 109 4.31 -6.82 -6.65
C SER A 109 3.98 -6.50 -5.20
N ARG A 110 2.81 -6.98 -4.75
CA ARG A 110 2.17 -6.75 -3.45
C ARG A 110 1.87 -5.27 -3.22
N ILE A 111 0.63 -4.98 -2.88
CA ILE A 111 0.12 -3.63 -2.72
C ILE A 111 -0.47 -3.52 -1.32
N LYS A 112 -0.69 -2.29 -0.85
CA LYS A 112 -1.29 -2.00 0.43
C LYS A 112 -2.57 -1.26 0.02
N LEU A 113 -3.74 -1.84 0.24
CA LEU A 113 -5.03 -1.28 -0.19
C LEU A 113 -5.70 -0.69 1.04
N TYR A 114 -5.69 0.64 1.13
CA TYR A 114 -6.30 1.36 2.23
C TYR A 114 -7.78 1.50 1.90
N TYR A 115 -8.59 0.60 2.43
CA TYR A 115 -10.03 0.79 2.44
C TYR A 115 -10.33 1.83 3.50
N ARG A 116 -11.25 2.76 3.21
CA ARG A 116 -11.78 3.66 4.21
C ARG A 116 -13.14 4.14 3.78
N PRO A 117 -14.24 3.92 4.52
CA PRO A 117 -15.55 4.47 4.19
C PRO A 117 -15.64 6.00 4.35
N ALA A 118 -14.51 6.68 4.63
CA ALA A 118 -14.43 8.11 4.96
C ALA A 118 -15.44 8.47 6.04
N LYS A 119 -15.59 7.59 7.04
CA LYS A 119 -16.68 7.65 8.03
C LYS A 119 -16.17 7.71 9.46
N LEU A 120 -14.86 7.78 9.66
CA LEU A 120 -14.24 8.13 10.92
C LEU A 120 -14.23 9.65 11.03
N ALA A 121 -14.44 10.14 12.25
CA ALA A 121 -14.49 11.56 12.55
C ALA A 121 -13.12 12.24 12.41
N LEU A 122 -12.03 11.47 12.44
CA LEU A 122 -10.68 11.99 12.49
C LEU A 122 -10.37 12.57 11.10
N PRO A 123 -10.03 13.87 11.01
CA PRO A 123 -9.91 14.58 9.74
C PRO A 123 -8.53 14.32 9.09
N PRO A 124 -8.44 14.19 7.75
CA PRO A 124 -7.22 13.75 7.07
C PRO A 124 -6.08 14.76 7.18
N ASP A 125 -6.38 16.04 7.43
CA ASP A 125 -5.37 17.09 7.54
C ASP A 125 -4.49 16.84 8.76
N GLN A 126 -5.14 16.52 9.88
CA GLN A 126 -4.47 16.39 11.15
C GLN A 126 -3.87 15.00 11.28
N ALA A 127 -4.22 14.05 10.40
CA ALA A 127 -3.70 12.69 10.45
C ALA A 127 -2.17 12.70 10.46
N ALA A 128 -1.55 13.56 9.65
CA ALA A 128 -0.10 13.59 9.55
C ALA A 128 0.58 14.33 10.70
N GLU A 129 -0.09 15.30 11.30
CA GLU A 129 0.40 16.02 12.48
C GLU A 129 -0.01 15.34 13.80
N LYS A 130 -0.65 14.19 13.75
CA LYS A 130 -0.94 13.37 14.93
C LYS A 130 -0.29 12.01 14.82
N LEU A 131 0.34 11.71 13.70
CA LEU A 131 1.34 10.66 13.62
C LEU A 131 2.57 11.26 14.31
N ARG A 132 2.69 11.02 15.62
CA ARG A 132 3.82 11.50 16.40
C ARG A 132 4.94 10.49 16.19
N PHE A 133 6.15 10.98 15.98
CA PHE A 133 7.29 10.13 15.70
C PHE A 133 8.00 9.94 17.03
N ARG A 134 8.38 8.71 17.38
CA ARG A 134 9.16 8.45 18.60
C ARG A 134 10.59 8.21 18.15
N ARG A 135 11.53 9.07 18.52
CA ARG A 135 12.94 8.74 18.31
C ARG A 135 13.42 7.87 19.46
N SER A 136 14.35 6.97 19.16
CA SER A 136 15.24 6.35 20.11
C SER A 136 16.64 6.33 19.50
N ALA A 137 17.62 5.93 20.32
CA ALA A 137 19.03 6.10 19.97
C ALA A 137 19.54 5.07 18.94
N ASN A 138 18.69 4.15 18.50
CA ASN A 138 18.94 3.04 17.61
C ASN A 138 17.96 3.04 16.44
N SER A 139 16.69 3.36 16.69
CA SER A 139 15.59 3.26 15.76
C SER A 139 14.64 4.43 16.02
N LEU A 140 13.79 4.74 15.05
CA LEU A 140 12.77 5.78 15.14
C LEU A 140 11.46 5.21 14.63
N THR A 141 10.35 5.59 15.25
CA THR A 141 9.11 4.86 15.13
C THR A 141 8.02 5.83 14.66
N LEU A 142 7.12 5.33 13.82
CA LEU A 142 5.85 5.95 13.49
C LEU A 142 4.89 5.46 14.56
N ILE A 143 4.27 6.34 15.33
CA ILE A 143 3.24 5.93 16.27
C ILE A 143 1.92 6.06 15.50
N ASN A 144 1.12 5.01 15.51
CA ASN A 144 -0.21 5.02 14.91
C ASN A 144 -1.15 4.13 15.72
N PRO A 145 -1.49 4.48 16.97
CA PRO A 145 -2.52 3.76 17.72
C PRO A 145 -3.92 4.32 17.47
N THR A 146 -3.99 5.29 16.58
CA THR A 146 -5.17 6.03 16.20
C THR A 146 -6.03 5.11 15.33
N PRO A 147 -7.32 5.41 15.16
CA PRO A 147 -8.21 4.58 14.37
C PRO A 147 -7.94 4.66 12.87
N TYR A 148 -7.04 5.54 12.45
CA TYR A 148 -6.83 6.00 11.08
C TYR A 148 -5.32 6.04 10.85
N TYR A 149 -4.93 5.88 9.59
CA TYR A 149 -3.54 5.82 9.18
C TYR A 149 -3.37 6.54 7.85
N LEU A 150 -2.16 7.06 7.64
CA LEU A 150 -1.67 7.77 6.48
C LEU A 150 -0.22 7.31 6.30
N THR A 151 0.20 7.04 5.08
CA THR A 151 1.55 6.51 4.85
C THR A 151 2.55 7.66 4.89
N VAL A 152 3.83 7.35 5.11
CA VAL A 152 4.92 8.30 5.26
C VAL A 152 5.97 7.91 4.22
N THR A 153 6.41 8.87 3.40
CA THR A 153 7.19 8.58 2.22
C THR A 153 8.35 9.56 2.15
N GLU A 154 9.57 9.04 2.07
CA GLU A 154 10.82 9.80 2.01
C GLU A 154 10.92 10.61 3.29
N LEU A 155 11.03 9.90 4.42
CA LEU A 155 11.06 10.50 5.74
C LEU A 155 12.50 11.01 5.89
N ASN A 156 12.69 12.30 6.17
CA ASN A 156 14.00 12.87 6.43
C ASN A 156 13.98 13.27 7.88
N ALA A 157 14.95 12.79 8.65
CA ALA A 157 14.99 12.98 10.07
C ALA A 157 16.25 13.74 10.41
N GLY A 158 16.05 14.96 10.89
CA GLY A 158 17.10 15.96 11.01
C GLY A 158 17.75 16.23 9.67
N THR A 159 19.02 15.84 9.59
CA THR A 159 19.88 16.06 8.43
C THR A 159 20.19 14.73 7.73
N ARG A 160 19.45 13.66 8.06
CA ARG A 160 19.60 12.32 7.51
C ARG A 160 18.30 11.88 6.83
N VAL A 161 18.36 10.82 6.03
CA VAL A 161 17.20 10.19 5.41
C VAL A 161 16.86 8.87 6.08
N LEU A 162 15.59 8.49 5.99
CA LEU A 162 14.94 7.30 6.50
C LEU A 162 14.04 6.77 5.38
N GLU A 163 13.58 5.54 5.55
CA GLU A 163 12.82 4.81 4.54
C GLU A 163 11.39 5.28 4.37
N ASN A 164 10.79 4.85 3.25
CA ASN A 164 9.36 4.78 3.08
C ASN A 164 8.83 3.84 4.14
N ALA A 165 7.73 4.22 4.75
CA ALA A 165 7.22 3.58 5.94
C ALA A 165 5.70 3.48 5.85
N LEU A 166 5.20 2.25 5.95
CA LEU A 166 3.78 2.00 6.03
C LEU A 166 3.42 1.92 7.50
N VAL A 167 2.19 2.27 7.79
CA VAL A 167 1.53 2.39 9.07
C VAL A 167 0.73 1.11 9.33
N PRO A 168 1.30 0.08 10.00
CA PRO A 168 0.52 -1.08 10.42
C PRO A 168 -0.62 -0.62 11.36
N PRO A 169 -1.82 -1.22 11.25
CA PRO A 169 -3.03 -0.70 11.86
C PRO A 169 -2.96 -0.85 13.38
N MET A 170 -3.21 0.24 14.13
CA MET A 170 -3.07 0.34 15.57
C MET A 170 -1.78 -0.34 16.05
N GLY A 171 -0.64 0.21 15.62
CA GLY A 171 0.66 -0.32 15.90
C GLY A 171 1.72 0.76 15.73
N GLU A 172 2.97 0.40 16.00
CA GLU A 172 4.13 1.25 15.81
C GLU A 172 4.86 0.70 14.58
N SER A 173 5.04 1.51 13.54
CA SER A 173 6.04 1.19 12.52
C SER A 173 7.40 1.55 13.12
N THR A 174 8.48 0.92 12.67
CA THR A 174 9.82 1.25 13.12
C THR A 174 10.77 1.23 11.92
N VAL A 175 11.55 2.29 11.77
CA VAL A 175 12.67 2.40 10.85
C VAL A 175 13.94 2.57 11.70
N LYS A 176 15.11 2.37 11.11
CA LYS A 176 16.37 2.61 11.80
C LYS A 176 16.54 4.11 12.05
N LEU A 177 17.44 4.45 12.95
CA LEU A 177 17.96 5.80 13.08
C LEU A 177 19.49 5.73 12.99
N PRO A 178 20.17 6.72 12.38
CA PRO A 178 21.64 6.80 12.36
C PRO A 178 22.15 7.53 13.62
N SER A 179 21.42 7.40 14.73
CA SER A 179 21.68 7.97 16.05
C SER A 179 22.02 9.47 16.05
N ASP A 180 21.60 10.24 15.04
CA ASP A 180 21.92 11.65 14.92
C ASP A 180 20.64 12.45 14.85
N ALA A 181 19.99 12.45 13.68
CA ALA A 181 18.61 12.89 13.42
C ALA A 181 18.16 14.06 14.30
N GLY A 182 18.55 15.28 13.93
CA GLY A 182 18.21 16.50 14.63
C GLY A 182 16.70 16.76 14.61
N SER A 183 16.25 17.88 15.14
CA SER A 183 14.87 18.05 15.57
C SER A 183 13.99 18.67 14.49
N ASN A 184 14.49 18.69 13.25
CA ASN A 184 13.69 18.94 12.06
C ASN A 184 13.40 17.63 11.36
N ILE A 185 12.36 16.92 11.79
CA ILE A 185 11.88 15.76 11.07
C ILE A 185 10.91 16.32 10.03
N THR A 186 10.94 15.79 8.82
CA THR A 186 10.07 16.19 7.73
C THR A 186 9.76 14.93 6.91
N TYR A 187 8.69 14.93 6.13
CA TYR A 187 8.27 13.76 5.37
C TYR A 187 7.20 14.19 4.36
N ARG A 188 6.91 13.30 3.40
CA ARG A 188 5.71 13.42 2.58
C ARG A 188 4.78 12.29 3.00
N THR A 189 3.57 12.32 2.49
CA THR A 189 2.48 11.45 2.88
C THR A 189 1.69 11.06 1.64
N ILE A 190 0.83 10.03 1.76
CA ILE A 190 -0.07 9.61 0.70
C ILE A 190 -1.47 10.05 1.13
N ASN A 191 -2.07 10.98 0.39
CA ASN A 191 -3.47 11.38 0.60
C ASN A 191 -4.38 10.27 0.08
N ASP A 192 -5.68 10.35 0.33
CA ASP A 192 -6.66 9.36 -0.13
C ASP A 192 -6.90 9.34 -1.63
N TYR A 193 -6.40 10.34 -2.31
CA TYR A 193 -6.37 10.41 -3.76
C TYR A 193 -5.03 9.90 -4.33
N GLY A 194 -4.12 9.45 -3.46
CA GLY A 194 -2.80 8.97 -3.82
C GLY A 194 -1.83 10.08 -4.18
N ALA A 195 -2.23 11.35 -3.98
CA ALA A 195 -1.57 12.50 -4.59
C ALA A 195 -0.34 12.95 -3.78
N LEU A 196 0.65 12.06 -3.68
CA LEU A 196 1.88 12.11 -2.89
C LEU A 196 2.30 13.55 -2.59
N THR A 197 2.18 13.97 -1.34
CA THR A 197 2.18 15.38 -0.95
C THR A 197 3.55 16.07 -1.19
N PRO A 198 3.59 17.42 -1.20
CA PRO A 198 4.82 18.17 -1.01
C PRO A 198 5.31 18.02 0.43
N LYS A 199 6.62 18.15 0.66
CA LYS A 199 7.28 17.93 1.96
C LYS A 199 6.55 18.71 3.05
N MET A 200 5.93 18.02 4.01
CA MET A 200 5.46 18.61 5.24
C MET A 200 6.63 18.52 6.23
N THR A 201 6.65 19.40 7.22
CA THR A 201 7.42 19.19 8.42
C THR A 201 6.86 17.99 9.19
N GLY A 202 7.44 17.68 10.34
CA GLY A 202 7.03 16.54 11.13
C GLY A 202 7.02 16.81 12.62
N VAL A 203 6.41 15.90 13.37
CA VAL A 203 6.08 16.04 14.77
C VAL A 203 6.73 14.89 15.53
N MET A 204 7.77 15.14 16.33
CA MET A 204 8.52 14.11 17.02
C MET A 204 8.60 14.38 18.51
N GLU A 205 8.57 13.30 19.29
CA GLU A 205 8.68 13.24 20.71
C GLU A 205 9.46 11.96 20.99
N GLY A 1 7.89 -4.23 -11.43
CA GLY A 1 7.34 -5.50 -10.92
C GLY A 1 5.90 -5.65 -11.37
N VAL A 2 5.66 -5.64 -12.69
CA VAL A 2 4.47 -5.07 -13.34
C VAL A 2 4.27 -3.60 -12.92
N ALA A 3 3.56 -2.83 -13.74
CA ALA A 3 3.21 -1.45 -13.46
C ALA A 3 1.70 -1.40 -13.25
N LEU A 4 1.24 -1.69 -12.03
CA LEU A 4 -0.17 -1.52 -11.71
C LEU A 4 -0.41 -0.01 -11.60
N GLY A 5 -1.68 0.39 -11.76
CA GLY A 5 -2.08 1.78 -11.93
C GLY A 5 -1.67 2.68 -10.78
N ALA A 6 -1.26 2.10 -9.64
CA ALA A 6 -0.50 2.71 -8.59
C ALA A 6 0.06 1.58 -7.73
N THR A 7 1.02 1.88 -6.86
CA THR A 7 1.52 0.94 -5.85
C THR A 7 0.60 0.95 -4.61
N ARG A 8 -0.47 1.75 -4.64
CA ARG A 8 -1.44 1.85 -3.56
C ARG A 8 -2.74 2.35 -4.16
N VAL A 9 -3.88 1.86 -3.67
CA VAL A 9 -5.19 2.10 -4.25
C VAL A 9 -6.14 2.36 -3.08
N ILE A 10 -6.84 3.48 -3.07
CA ILE A 10 -7.86 3.77 -2.08
C ILE A 10 -9.18 3.30 -2.68
N TYR A 11 -9.99 2.59 -1.89
CA TYR A 11 -11.33 2.16 -2.25
C TYR A 11 -12.33 2.97 -1.41
N PRO A 12 -12.97 4.02 -1.94
CA PRO A 12 -14.07 4.70 -1.25
C PRO A 12 -15.25 3.74 -1.03
N ALA A 13 -16.00 3.95 0.06
CA ALA A 13 -17.15 3.15 0.50
C ALA A 13 -18.10 2.70 -0.63
N GLY A 14 -17.90 1.49 -1.16
CA GLY A 14 -18.75 0.83 -2.13
C GLY A 14 -18.55 1.42 -3.52
N GLN A 15 -18.98 2.68 -3.69
CA GLN A 15 -18.80 3.59 -4.81
C GLN A 15 -18.80 2.91 -6.18
N LYS A 16 -19.87 2.16 -6.45
CA LYS A 16 -20.18 1.42 -7.68
C LYS A 16 -19.11 0.39 -8.09
N GLN A 17 -18.24 -0.02 -7.16
CA GLN A 17 -17.07 -0.88 -7.34
C GLN A 17 -16.00 -0.04 -8.06
N GLU A 18 -14.76 -0.13 -7.57
CA GLU A 18 -13.68 0.78 -7.94
C GLU A 18 -12.65 -0.04 -8.72
N GLN A 19 -11.73 0.63 -9.42
CA GLN A 19 -10.86 0.00 -10.39
C GLN A 19 -9.40 0.06 -10.01
N LEU A 20 -8.60 -0.74 -10.72
CA LEU A 20 -7.15 -0.69 -10.72
C LEU A 20 -6.69 -1.05 -12.12
N ALA A 21 -6.03 -0.13 -12.82
CA ALA A 21 -5.36 -0.46 -14.07
C ALA A 21 -4.18 -1.42 -13.81
N VAL A 22 -3.78 -2.15 -14.84
CA VAL A 22 -2.50 -2.86 -14.92
C VAL A 22 -1.92 -2.44 -16.25
N THR A 23 -0.63 -2.15 -16.27
CA THR A 23 0.21 -1.92 -17.44
C THR A 23 1.54 -2.63 -17.17
N ASN A 24 2.46 -2.65 -18.13
CA ASN A 24 3.77 -3.26 -17.90
C ASN A 24 4.91 -2.36 -18.37
N ASN A 25 6.14 -2.66 -17.92
CA ASN A 25 7.34 -1.99 -18.36
C ASN A 25 7.81 -2.64 -19.66
N ASP A 26 7.87 -3.98 -19.70
CA ASP A 26 8.22 -4.69 -20.91
C ASP A 26 7.02 -4.74 -21.87
N GLU A 27 7.33 -4.63 -23.16
CA GLU A 27 6.36 -4.61 -24.22
C GLU A 27 6.18 -5.98 -24.88
N ASN A 28 7.00 -6.97 -24.53
CA ASN A 28 7.16 -8.22 -25.27
C ASN A 28 6.30 -9.35 -24.70
N SER A 29 6.72 -9.92 -23.58
CA SER A 29 6.12 -11.12 -23.00
C SER A 29 4.71 -10.88 -22.49
N THR A 30 3.96 -11.96 -22.31
CA THR A 30 2.66 -11.95 -21.68
C THR A 30 2.88 -12.17 -20.19
N TYR A 31 2.10 -11.46 -19.37
CA TYR A 31 2.09 -11.60 -17.93
C TYR A 31 0.72 -12.08 -17.52
N LEU A 32 0.67 -12.77 -16.38
CA LEU A 32 -0.50 -13.38 -15.78
C LEU A 32 -0.68 -12.65 -14.45
N ILE A 33 -1.56 -11.65 -14.35
CA ILE A 33 -1.90 -11.02 -13.08
C ILE A 33 -2.83 -11.98 -12.34
N GLN A 34 -2.64 -12.14 -11.03
CA GLN A 34 -3.37 -13.07 -10.20
C GLN A 34 -3.52 -12.41 -8.83
N SER A 35 -4.61 -11.68 -8.62
CA SER A 35 -4.86 -10.87 -7.42
C SER A 35 -5.40 -11.74 -6.28
N TRP A 36 -5.10 -11.31 -5.07
CA TRP A 36 -5.81 -11.66 -3.85
C TRP A 36 -5.73 -10.48 -2.85
N VAL A 37 -6.64 -10.44 -1.88
CA VAL A 37 -6.77 -9.41 -0.86
C VAL A 37 -6.23 -9.98 0.46
N GLU A 38 -5.18 -9.38 1.01
CA GLU A 38 -4.67 -9.80 2.32
C GLU A 38 -4.72 -8.62 3.26
N ASN A 39 -5.05 -8.89 4.52
CA ASN A 39 -5.13 -7.92 5.59
C ASN A 39 -3.76 -7.27 5.78
N ALA A 40 -3.72 -6.12 6.46
CA ALA A 40 -2.48 -5.57 7.01
C ALA A 40 -1.73 -6.59 7.85
N ASP A 41 -2.42 -7.55 8.45
CA ASP A 41 -1.87 -8.57 9.32
C ASP A 41 -1.30 -9.74 8.52
N GLY A 42 -1.34 -9.64 7.19
CA GLY A 42 -0.95 -10.71 6.29
C GLY A 42 -2.01 -11.81 6.22
N VAL A 43 -3.19 -11.63 6.84
CA VAL A 43 -4.22 -12.65 6.82
C VAL A 43 -4.84 -12.68 5.42
N LYS A 44 -5.14 -13.87 4.89
CA LYS A 44 -5.91 -14.04 3.67
C LYS A 44 -7.35 -13.95 4.12
N ASP A 45 -8.06 -12.96 3.61
CA ASP A 45 -9.46 -12.73 3.95
C ASP A 45 -10.26 -12.50 2.67
N GLY A 46 -11.50 -12.95 2.65
CA GLY A 46 -12.40 -12.74 1.51
C GLY A 46 -13.27 -11.50 1.70
N ARG A 47 -12.88 -10.57 2.59
CA ARG A 47 -13.64 -9.37 2.92
C ARG A 47 -13.84 -8.48 1.71
N PHE A 48 -13.01 -8.61 0.69
CA PHE A 48 -13.16 -7.95 -0.58
C PHE A 48 -12.90 -9.01 -1.63
N ILE A 49 -13.42 -8.81 -2.84
CA ILE A 49 -13.18 -9.67 -3.98
C ILE A 49 -12.71 -8.72 -5.11
N VAL A 50 -12.11 -9.30 -6.14
CA VAL A 50 -11.52 -8.59 -7.26
C VAL A 50 -11.88 -9.39 -8.50
N THR A 51 -12.15 -8.73 -9.62
CA THR A 51 -12.45 -9.36 -10.90
C THR A 51 -11.81 -8.56 -12.03
N PRO A 52 -11.36 -9.18 -13.14
CA PRO A 52 -11.09 -10.60 -13.25
C PRO A 52 -9.99 -10.97 -12.24
N PRO A 53 -10.19 -12.00 -11.40
CA PRO A 53 -9.32 -12.25 -10.25
C PRO A 53 -7.92 -12.65 -10.71
N LEU A 54 -7.83 -13.37 -11.82
CA LEU A 54 -6.64 -13.63 -12.56
C LEU A 54 -6.95 -13.38 -14.03
N PHE A 55 -5.93 -13.07 -14.82
CA PHE A 55 -5.99 -13.01 -16.28
C PHE A 55 -4.56 -12.99 -16.83
N ALA A 56 -4.41 -13.27 -18.13
CA ALA A 56 -3.15 -13.06 -18.85
C ALA A 56 -3.35 -11.97 -19.90
N MET A 57 -2.40 -11.05 -20.06
CA MET A 57 -2.31 -10.23 -21.27
C MET A 57 -0.86 -9.90 -21.63
N LYS A 58 -0.67 -9.47 -22.87
CA LYS A 58 0.61 -9.17 -23.50
C LYS A 58 1.16 -7.85 -22.95
N GLY A 59 2.48 -7.71 -22.84
CA GLY A 59 3.23 -6.66 -22.17
C GLY A 59 2.61 -5.28 -22.26
N LYS A 60 2.80 -4.59 -23.39
CA LYS A 60 2.34 -3.20 -23.52
C LYS A 60 0.84 -3.18 -23.82
N LYS A 61 0.02 -3.39 -22.80
CA LYS A 61 -1.42 -3.26 -22.86
C LYS A 61 -1.88 -2.62 -21.56
N GLU A 62 -3.18 -2.45 -21.39
CA GLU A 62 -3.76 -2.03 -20.13
C GLU A 62 -4.91 -2.97 -19.83
N ASN A 63 -5.02 -3.44 -18.59
CA ASN A 63 -5.98 -4.46 -18.18
C ASN A 63 -6.48 -4.12 -16.81
N THR A 64 -7.60 -3.45 -16.78
CA THR A 64 -8.19 -2.95 -15.56
C THR A 64 -8.82 -4.13 -14.80
N LEU A 65 -8.73 -4.11 -13.48
CA LEU A 65 -9.51 -4.94 -12.56
C LEU A 65 -10.57 -4.02 -11.93
N ARG A 66 -11.60 -4.61 -11.35
CA ARG A 66 -12.48 -3.95 -10.40
C ARG A 66 -12.34 -4.68 -9.08
N ILE A 67 -12.02 -3.93 -8.04
CA ILE A 67 -12.05 -4.28 -6.66
C ILE A 67 -13.51 -4.04 -6.24
N LEU A 68 -14.10 -4.90 -5.40
CA LEU A 68 -15.44 -4.69 -4.88
C LEU A 68 -15.58 -5.19 -3.44
N ASP A 69 -16.38 -4.47 -2.67
CA ASP A 69 -16.63 -4.70 -1.24
C ASP A 69 -17.44 -5.99 -1.06
N ALA A 70 -16.96 -6.89 -0.21
CA ALA A 70 -17.61 -8.12 0.20
C ALA A 70 -17.62 -8.28 1.73
N THR A 71 -17.46 -7.17 2.46
CA THR A 71 -17.25 -7.16 3.91
C THR A 71 -18.50 -7.68 4.64
N ASN A 72 -19.67 -7.49 4.01
CA ASN A 72 -21.02 -7.73 4.51
C ASN A 72 -21.39 -6.89 5.73
N ASN A 73 -20.47 -6.07 6.25
CA ASN A 73 -20.61 -5.33 7.49
C ASN A 73 -20.42 -3.83 7.29
N GLN A 74 -20.34 -3.37 6.03
CA GLN A 74 -20.12 -1.99 5.59
C GLN A 74 -18.98 -1.26 6.34
N LEU A 75 -18.02 -2.02 6.90
CA LEU A 75 -16.91 -1.61 7.75
C LEU A 75 -17.37 -0.90 9.03
N PRO A 76 -16.53 -0.85 10.08
CA PRO A 76 -16.84 -0.05 11.27
C PRO A 76 -16.99 1.42 10.89
N GLN A 77 -17.70 2.18 11.72
CA GLN A 77 -17.61 3.63 11.69
C GLN A 77 -16.33 4.09 12.38
N ASP A 78 -15.93 3.38 13.43
CA ASP A 78 -15.04 3.92 14.44
C ASP A 78 -13.56 3.84 14.08
N ARG A 79 -13.20 3.00 13.10
CA ARG A 79 -11.83 2.87 12.59
C ARG A 79 -11.86 2.27 11.19
N GLU A 80 -10.80 2.48 10.41
CA GLU A 80 -10.67 1.96 9.07
C GLU A 80 -10.21 0.48 9.10
N SER A 81 -9.76 -0.07 7.96
CA SER A 81 -9.21 -1.41 7.82
C SER A 81 -8.23 -1.39 6.64
N LEU A 82 -6.92 -1.43 6.93
CA LEU A 82 -5.90 -1.52 5.89
C LEU A 82 -5.83 -2.96 5.40
N PHE A 83 -5.74 -3.13 4.08
CA PHE A 83 -5.40 -4.35 3.42
C PHE A 83 -4.22 -4.08 2.46
N TRP A 84 -3.74 -5.14 1.82
CA TRP A 84 -2.86 -5.14 0.70
C TRP A 84 -3.56 -5.96 -0.38
N MET A 85 -3.12 -5.80 -1.62
CA MET A 85 -3.59 -6.59 -2.74
C MET A 85 -2.33 -7.22 -3.32
N ASN A 86 -2.10 -8.50 -3.01
CA ASN A 86 -0.90 -9.17 -3.52
C ASN A 86 -1.28 -9.63 -4.92
N VAL A 87 -0.36 -9.43 -5.86
CA VAL A 87 -0.60 -9.74 -7.25
C VAL A 87 0.63 -10.47 -7.75
N LYS A 88 0.55 -11.79 -7.80
CA LYS A 88 1.59 -12.63 -8.37
C LYS A 88 1.50 -12.46 -9.88
N ALA A 89 2.36 -11.63 -10.47
CA ALA A 89 2.40 -11.37 -11.89
C ALA A 89 3.43 -12.32 -12.51
N ILE A 90 3.01 -13.40 -13.18
CA ILE A 90 3.93 -14.36 -13.78
C ILE A 90 4.21 -13.95 -15.23
N PRO A 91 5.45 -13.60 -15.63
CA PRO A 91 5.83 -13.53 -17.04
C PRO A 91 5.80 -14.94 -17.63
N SER A 92 4.75 -15.25 -18.41
CA SER A 92 4.56 -16.52 -19.11
C SER A 92 3.44 -16.34 -20.13
N MET A 93 3.79 -16.21 -21.42
CA MET A 93 2.84 -16.49 -22.49
C MET A 93 2.69 -18.01 -22.56
N ASP A 94 1.48 -18.49 -22.84
CA ASP A 94 1.20 -19.90 -23.01
C ASP A 94 1.91 -20.44 -24.25
N LYS A 95 2.15 -21.76 -24.27
CA LYS A 95 2.79 -22.51 -25.35
C LYS A 95 4.06 -21.84 -25.88
N SER A 96 4.82 -21.17 -25.01
CA SER A 96 5.90 -20.29 -25.33
C SER A 96 7.02 -20.38 -24.30
N LYS A 97 7.53 -21.59 -24.02
CA LYS A 97 8.67 -21.77 -23.13
C LYS A 97 9.83 -22.52 -23.79
N LEU A 98 9.60 -23.20 -24.91
CA LEU A 98 10.57 -23.63 -25.95
C LEU A 98 11.96 -23.94 -25.37
N THR A 99 12.03 -24.96 -24.52
CA THR A 99 13.22 -25.39 -23.78
C THR A 99 14.12 -24.20 -23.42
N GLU A 100 13.59 -23.29 -22.61
CA GLU A 100 14.31 -22.16 -22.08
C GLU A 100 14.96 -22.56 -20.76
N ASN A 101 15.94 -21.77 -20.36
CA ASN A 101 16.59 -21.83 -19.06
C ASN A 101 16.49 -20.45 -18.42
N THR A 102 15.43 -19.69 -18.73
CA THR A 102 15.21 -18.31 -18.33
C THR A 102 13.84 -18.28 -17.62
N LEU A 103 13.62 -19.25 -16.73
CA LEU A 103 12.50 -19.22 -15.80
C LEU A 103 12.72 -18.00 -14.89
N GLN A 104 12.06 -16.88 -15.20
CA GLN A 104 12.22 -15.60 -14.51
C GLN A 104 11.71 -15.65 -13.06
N LEU A 105 10.81 -16.59 -12.76
CA LEU A 105 9.94 -16.74 -11.59
C LEU A 105 8.78 -15.75 -11.69
N ALA A 106 7.70 -15.98 -10.95
CA ALA A 106 6.65 -14.98 -10.79
C ALA A 106 7.22 -13.75 -10.07
N ILE A 107 6.63 -12.59 -10.34
CA ILE A 107 7.06 -11.29 -9.86
C ILE A 107 5.87 -10.78 -9.06
N ILE A 108 5.89 -11.04 -7.76
CA ILE A 108 4.81 -10.69 -6.86
C ILE A 108 4.90 -9.17 -6.65
N SER A 109 3.90 -8.46 -7.13
CA SER A 109 3.62 -7.13 -6.65
C SER A 109 2.77 -7.26 -5.38
N ARG A 110 2.54 -6.12 -4.73
CA ARG A 110 1.94 -6.06 -3.39
C ARG A 110 1.57 -4.61 -3.11
N ILE A 111 0.48 -4.13 -3.70
CA ILE A 111 0.00 -2.80 -3.40
C ILE A 111 -0.53 -2.73 -1.97
N LYS A 112 -0.44 -1.55 -1.39
CA LYS A 112 -1.04 -1.18 -0.13
C LYS A 112 -2.42 -0.59 -0.43
N LEU A 113 -3.50 -1.32 -0.17
CA LEU A 113 -4.85 -0.93 -0.61
C LEU A 113 -5.71 -0.73 0.64
N TYR A 114 -6.32 0.44 0.81
CA TYR A 114 -7.13 0.75 1.98
C TYR A 114 -8.52 1.15 1.54
N TYR A 115 -9.52 0.41 2.02
CA TYR A 115 -10.90 0.78 1.87
C TYR A 115 -11.18 1.88 2.89
N ARG A 116 -11.43 3.11 2.45
CA ARG A 116 -11.82 4.19 3.35
C ARG A 116 -13.34 4.24 3.34
N PRO A 117 -14.01 4.00 4.46
CA PRO A 117 -15.46 4.13 4.50
C PRO A 117 -15.88 5.60 4.49
N ALA A 118 -14.93 6.55 4.61
CA ALA A 118 -15.12 7.98 4.85
C ALA A 118 -15.98 8.30 6.08
N LYS A 119 -16.33 7.31 6.91
CA LYS A 119 -17.25 7.47 8.03
C LYS A 119 -16.53 8.01 9.27
N LEU A 120 -15.25 8.33 9.13
CA LEU A 120 -14.41 8.94 10.14
C LEU A 120 -14.50 10.46 10.05
N ALA A 121 -14.43 11.13 11.20
CA ALA A 121 -14.43 12.57 11.33
C ALA A 121 -13.02 13.13 11.55
N LEU A 122 -12.00 12.27 11.66
CA LEU A 122 -10.63 12.68 11.89
C LEU A 122 -10.20 13.43 10.63
N PRO A 123 -9.74 14.69 10.75
CA PRO A 123 -9.51 15.56 9.61
C PRO A 123 -8.29 15.06 8.82
N PRO A 124 -8.47 14.60 7.56
CA PRO A 124 -7.44 13.84 6.85
C PRO A 124 -6.17 14.64 6.53
N ASP A 125 -6.26 15.96 6.43
CA ASP A 125 -5.10 16.83 6.23
C ASP A 125 -4.18 16.77 7.45
N GLN A 126 -4.77 16.71 8.64
CA GLN A 126 -4.07 16.66 9.91
C GLN A 126 -3.63 15.24 10.24
N ALA A 127 -4.06 14.23 9.47
CA ALA A 127 -3.68 12.84 9.70
C ALA A 127 -2.17 12.69 9.75
N ALA A 128 -1.44 13.33 8.83
CA ALA A 128 0.03 13.25 8.83
C ALA A 128 0.63 13.98 10.01
N GLU A 129 0.03 15.11 10.40
CA GLU A 129 0.52 15.93 11.49
C GLU A 129 0.14 15.36 12.86
N LYS A 130 -0.50 14.19 12.89
CA LYS A 130 -0.79 13.45 14.10
C LYS A 130 -0.31 12.01 14.00
N LEU A 131 0.44 11.65 12.95
CA LEU A 131 1.30 10.48 13.00
C LEU A 131 2.41 10.92 13.94
N ARG A 132 2.34 10.53 15.21
CA ARG A 132 3.29 11.01 16.20
C ARG A 132 4.54 10.13 16.12
N PHE A 133 5.70 10.70 16.41
CA PHE A 133 6.99 10.03 16.19
C PHE A 133 7.67 9.95 17.55
N ARG A 134 8.23 8.79 17.88
CA ARG A 134 8.93 8.54 19.14
C ARG A 134 10.34 8.15 18.76
N ARG A 135 11.31 9.04 18.96
CA ARG A 135 12.71 8.71 18.71
C ARG A 135 13.27 8.00 19.93
N SER A 136 14.25 7.14 19.70
CA SER A 136 15.08 6.54 20.72
C SER A 136 16.51 6.59 20.22
N ALA A 137 17.47 6.43 21.12
CA ALA A 137 18.88 6.31 20.75
C ALA A 137 19.10 5.13 19.80
N ASN A 138 18.33 4.05 19.96
CA ASN A 138 18.46 2.86 19.14
C ASN A 138 17.79 3.02 17.77
N SER A 139 16.57 3.55 17.70
CA SER A 139 15.68 3.50 16.54
C SER A 139 14.64 4.62 16.65
N LEU A 140 14.04 5.02 15.53
CA LEU A 140 12.86 5.89 15.48
C LEU A 140 11.64 5.01 15.31
N THR A 141 10.51 5.35 15.95
CA THR A 141 9.28 4.60 15.82
C THR A 141 8.23 5.60 15.32
N LEU A 142 7.46 5.17 14.32
CA LEU A 142 6.21 5.76 13.86
C LEU A 142 5.12 5.21 14.77
N ILE A 143 4.11 6.01 15.12
CA ILE A 143 3.00 5.54 15.95
C ILE A 143 1.70 5.91 15.25
N ASN A 144 0.78 4.95 15.15
CA ASN A 144 -0.58 5.17 14.69
C ASN A 144 -1.54 4.24 15.42
N PRO A 145 -1.86 4.48 16.71
CA PRO A 145 -2.90 3.71 17.41
C PRO A 145 -4.32 4.09 16.95
N THR A 146 -4.40 5.09 16.10
CA THR A 146 -5.50 5.90 15.61
C THR A 146 -6.38 5.16 14.59
N PRO A 147 -7.52 5.76 14.19
CA PRO A 147 -8.46 5.12 13.28
C PRO A 147 -8.10 5.33 11.79
N TYR A 148 -7.10 6.15 11.49
CA TYR A 148 -6.81 6.74 10.19
C TYR A 148 -5.28 6.84 10.06
N TYR A 149 -4.73 6.61 8.86
CA TYR A 149 -3.30 6.47 8.63
C TYR A 149 -2.91 7.00 7.24
N LEU A 150 -1.61 7.18 6.99
CA LEU A 150 -1.02 7.79 5.81
C LEU A 150 0.41 7.26 5.65
N THR A 151 0.85 6.97 4.44
CA THR A 151 2.20 6.45 4.21
C THR A 151 3.20 7.61 4.39
N VAL A 152 4.44 7.29 4.77
CA VAL A 152 5.52 8.25 5.00
C VAL A 152 6.65 7.84 4.07
N THR A 153 7.14 8.77 3.25
CA THR A 153 8.07 8.48 2.18
C THR A 153 9.19 9.51 2.22
N GLU A 154 10.43 9.06 2.06
CA GLU A 154 11.62 9.90 1.95
C GLU A 154 11.74 10.64 3.28
N LEU A 155 11.94 9.89 4.36
CA LEU A 155 11.73 10.36 5.72
C LEU A 155 13.03 11.04 6.15
N ASN A 156 12.98 12.20 6.80
CA ASN A 156 14.17 12.92 7.19
C ASN A 156 14.02 13.23 8.68
N ALA A 157 15.00 12.80 9.46
CA ALA A 157 14.97 12.83 10.91
C ALA A 157 16.24 13.52 11.38
N GLY A 158 16.06 14.72 11.94
CA GLY A 158 17.15 15.65 12.09
C GLY A 158 17.78 15.89 10.74
N THR A 159 19.10 15.78 10.69
CA THR A 159 19.86 16.11 9.51
C THR A 159 20.12 14.88 8.65
N ARG A 160 19.42 13.77 8.91
CA ARG A 160 19.71 12.47 8.29
C ARG A 160 18.49 11.96 7.54
N VAL A 161 18.72 11.38 6.36
CA VAL A 161 17.69 10.70 5.59
C VAL A 161 17.50 9.30 6.18
N LEU A 162 16.26 8.86 6.29
CA LEU A 162 15.79 7.53 6.67
C LEU A 162 14.89 7.02 5.54
N GLU A 163 14.58 5.73 5.57
CA GLU A 163 13.75 5.05 4.58
C GLU A 163 12.30 5.52 4.51
N ASN A 164 11.65 5.19 3.39
CA ASN A 164 10.21 5.12 3.27
C ASN A 164 9.74 4.09 4.30
N ALA A 165 8.56 4.32 4.86
CA ALA A 165 7.92 3.41 5.79
C ALA A 165 6.46 3.24 5.40
N LEU A 166 5.82 2.22 5.94
CA LEU A 166 4.36 2.12 5.95
C LEU A 166 3.92 2.21 7.40
N VAL A 167 2.64 2.37 7.62
CA VAL A 167 2.02 2.43 8.94
C VAL A 167 0.95 1.34 8.96
N PRO A 168 1.08 0.30 9.80
CA PRO A 168 0.01 -0.65 9.99
C PRO A 168 -1.14 0.04 10.74
N PRO A 169 -2.37 -0.50 10.65
CA PRO A 169 -3.50 0.05 11.38
C PRO A 169 -3.30 -0.22 12.88
N MET A 170 -3.66 0.75 13.72
CA MET A 170 -3.60 0.67 15.17
C MET A 170 -2.28 0.06 15.66
N GLY A 171 -1.15 0.57 15.16
CA GLY A 171 0.15 -0.07 15.31
C GLY A 171 1.30 0.87 15.00
N GLU A 172 2.49 0.31 14.92
CA GLU A 172 3.75 1.03 14.85
C GLU A 172 4.57 0.53 13.65
N SER A 173 5.55 1.32 13.24
CA SER A 173 6.67 0.86 12.43
C SER A 173 7.92 1.41 13.11
N THR A 174 9.05 0.74 12.98
CA THR A 174 10.29 1.13 13.62
C THR A 174 11.35 1.12 12.54
N VAL A 175 12.18 2.16 12.46
CA VAL A 175 13.26 2.30 11.50
C VAL A 175 14.53 2.66 12.27
N LYS A 176 15.69 2.33 11.70
CA LYS A 176 16.97 2.60 12.33
C LYS A 176 17.16 4.11 12.50
N LEU A 177 17.91 4.50 13.53
CA LEU A 177 18.27 5.90 13.80
C LEU A 177 19.76 5.96 14.11
N PRO A 178 20.50 7.02 13.77
CA PRO A 178 21.94 7.09 14.01
C PRO A 178 22.28 7.56 15.44
N SER A 179 21.34 7.41 16.39
CA SER A 179 21.37 7.93 17.77
C SER A 179 21.52 9.46 17.87
N ASP A 180 21.53 10.17 16.75
CA ASP A 180 22.02 11.54 16.64
C ASP A 180 20.82 12.44 16.37
N ALA A 181 20.23 12.31 15.18
CA ALA A 181 18.88 12.69 14.78
C ALA A 181 18.36 13.94 15.50
N GLY A 182 18.64 15.12 14.93
CA GLY A 182 18.11 16.40 15.43
C GLY A 182 16.60 16.39 15.62
N SER A 183 16.08 17.42 16.28
CA SER A 183 14.73 17.47 16.82
C SER A 183 13.72 18.11 15.88
N ASN A 184 14.08 18.30 14.61
CA ASN A 184 13.14 18.54 13.52
C ASN A 184 13.00 17.24 12.72
N ILE A 185 11.79 16.92 12.28
CA ILE A 185 11.50 15.80 11.40
C ILE A 185 10.73 16.39 10.21
N THR A 186 10.91 15.85 9.01
CA THR A 186 10.19 16.23 7.80
C THR A 186 10.03 14.96 6.95
N TYR A 187 9.05 14.91 6.05
CA TYR A 187 8.82 13.74 5.21
C TYR A 187 7.90 14.10 4.04
N ARG A 188 7.85 13.26 3.03
CA ARG A 188 6.75 13.25 2.07
C ARG A 188 5.74 12.22 2.57
N THR A 189 4.56 12.24 1.99
CA THR A 189 3.41 11.44 2.36
C THR A 189 2.75 10.98 1.07
N ILE A 190 1.84 10.00 1.14
CA ILE A 190 1.06 9.59 -0.02
C ILE A 190 -0.42 9.86 0.28
N ASN A 191 -1.06 10.60 -0.63
CA ASN A 191 -2.41 11.11 -0.53
C ASN A 191 -3.42 9.96 -0.71
N ASP A 192 -4.69 10.27 -0.49
CA ASP A 192 -5.88 9.41 -0.71
C ASP A 192 -6.12 9.00 -2.17
N TYR A 193 -5.27 9.48 -3.05
CA TYR A 193 -5.27 9.15 -4.48
C TYR A 193 -3.91 8.65 -4.96
N GLY A 194 -3.00 8.37 -4.02
CA GLY A 194 -1.73 7.72 -4.31
C GLY A 194 -0.66 8.68 -4.81
N ALA A 195 -0.98 9.96 -4.93
CA ALA A 195 -0.18 10.91 -5.70
C ALA A 195 0.78 11.72 -4.81
N LEU A 196 1.72 10.99 -4.18
CA LEU A 196 2.97 11.38 -3.50
C LEU A 196 3.22 12.89 -3.38
N THR A 197 3.18 13.42 -2.16
CA THR A 197 3.23 14.86 -1.86
C THR A 197 4.67 15.44 -1.96
N PRO A 198 4.81 16.78 -1.91
CA PRO A 198 6.08 17.44 -1.60
C PRO A 198 6.52 17.15 -0.16
N LYS A 199 7.77 17.48 0.15
CA LYS A 199 8.36 17.30 1.49
C LYS A 199 7.68 18.28 2.44
N MET A 200 6.72 17.81 3.22
CA MET A 200 6.13 18.61 4.27
C MET A 200 7.04 18.49 5.48
N THR A 201 6.84 19.37 6.45
CA THR A 201 7.40 19.18 7.76
C THR A 201 6.78 17.93 8.42
N GLY A 202 7.30 17.59 9.58
CA GLY A 202 6.76 16.52 10.38
C GLY A 202 6.57 16.98 11.82
N VAL A 203 6.06 16.06 12.63
CA VAL A 203 5.70 16.29 14.02
C VAL A 203 6.28 15.15 14.84
N MET A 204 6.84 15.45 16.02
CA MET A 204 7.52 14.48 16.85
C MET A 204 7.26 14.77 18.33
N GLU A 205 7.40 13.71 19.12
CA GLU A 205 7.16 13.68 20.56
C GLU A 205 5.81 14.29 20.93
N GLY A 1 6.83 -6.33 -8.57
CA GLY A 1 7.13 -6.21 -10.00
C GLY A 1 5.84 -6.17 -10.81
N VAL A 2 5.93 -5.98 -12.13
CA VAL A 2 4.85 -5.50 -13.01
C VAL A 2 4.51 -4.05 -12.65
N ALA A 3 4.03 -3.31 -13.65
CA ALA A 3 3.69 -1.92 -13.52
C ALA A 3 2.20 -1.87 -13.20
N LEU A 4 1.87 -2.08 -11.93
CA LEU A 4 0.49 -1.82 -11.49
C LEU A 4 0.40 -0.30 -11.47
N GLY A 5 -0.79 0.20 -11.76
CA GLY A 5 -1.05 1.58 -12.18
C GLY A 5 -0.39 2.63 -11.31
N ALA A 6 -0.21 2.32 -10.03
CA ALA A 6 0.40 3.11 -9.00
C ALA A 6 0.89 2.14 -7.95
N THR A 7 1.73 2.59 -7.01
CA THR A 7 2.25 1.75 -5.94
C THR A 7 1.24 1.70 -4.79
N ARG A 8 0.07 2.30 -4.96
CA ARG A 8 -1.04 2.26 -4.03
C ARG A 8 -2.35 2.51 -4.79
N VAL A 9 -3.48 2.10 -4.21
CA VAL A 9 -4.81 2.32 -4.77
C VAL A 9 -5.70 2.77 -3.62
N ILE A 10 -6.47 3.84 -3.83
CA ILE A 10 -7.46 4.32 -2.90
C ILE A 10 -8.81 4.01 -3.50
N TYR A 11 -9.52 3.12 -2.82
CA TYR A 11 -10.93 2.83 -2.96
C TYR A 11 -11.65 3.77 -1.98
N PRO A 12 -12.18 4.93 -2.39
CA PRO A 12 -13.09 5.68 -1.53
C PRO A 12 -14.39 4.88 -1.41
N ALA A 13 -15.08 4.92 -0.26
CA ALA A 13 -16.37 4.27 -0.09
C ALA A 13 -17.43 4.95 -0.95
N GLY A 14 -17.45 4.63 -2.24
CA GLY A 14 -18.42 5.11 -3.21
C GLY A 14 -19.59 4.15 -3.34
N GLN A 15 -19.53 2.96 -2.73
CA GLN A 15 -20.36 1.81 -3.11
C GLN A 15 -20.41 1.71 -4.65
N LYS A 16 -19.24 1.88 -5.30
CA LYS A 16 -19.12 2.14 -6.74
C LYS A 16 -18.10 1.22 -7.43
N GLN A 17 -17.12 0.72 -6.66
CA GLN A 17 -16.07 -0.22 -7.04
C GLN A 17 -14.91 0.53 -7.73
N GLU A 18 -13.69 0.21 -7.32
CA GLU A 18 -12.46 0.91 -7.71
C GLU A 18 -11.71 0.04 -8.73
N GLN A 19 -10.73 0.61 -9.42
CA GLN A 19 -9.95 -0.10 -10.41
C GLN A 19 -8.46 0.08 -10.16
N LEU A 20 -7.68 -0.80 -10.79
CA LEU A 20 -6.23 -0.77 -10.77
C LEU A 20 -5.72 -1.21 -12.13
N ALA A 21 -5.07 -0.32 -12.86
CA ALA A 21 -4.38 -0.68 -14.09
C ALA A 21 -3.31 -1.73 -13.80
N VAL A 22 -3.07 -2.61 -14.77
CA VAL A 22 -1.87 -3.43 -14.86
C VAL A 22 -1.32 -3.10 -16.23
N THR A 23 -0.10 -2.61 -16.29
CA THR A 23 0.73 -2.59 -17.48
C THR A 23 2.04 -3.29 -17.10
N ASN A 24 2.95 -3.47 -18.05
CA ASN A 24 4.20 -4.18 -17.80
C ASN A 24 5.35 -3.52 -18.52
N ASN A 25 6.58 -3.70 -18.02
CA ASN A 25 7.76 -3.13 -18.65
C ASN A 25 8.26 -4.03 -19.78
N ASP A 26 8.31 -5.34 -19.54
CA ASP A 26 8.50 -6.29 -20.62
C ASP A 26 7.27 -6.28 -21.53
N GLU A 27 7.53 -6.46 -22.82
CA GLU A 27 6.58 -6.37 -23.90
C GLU A 27 6.39 -7.73 -24.60
N ASN A 28 7.10 -8.75 -24.16
CA ASN A 28 7.37 -9.95 -24.93
C ASN A 28 6.52 -11.11 -24.47
N SER A 29 6.73 -11.52 -23.23
CA SER A 29 6.06 -12.67 -22.65
C SER A 29 4.56 -12.46 -22.47
N THR A 30 3.86 -13.57 -22.23
CA THR A 30 2.56 -13.55 -21.60
C THR A 30 2.87 -13.48 -20.11
N TYR A 31 2.05 -12.76 -19.36
CA TYR A 31 2.05 -12.73 -17.92
C TYR A 31 0.70 -13.21 -17.44
N LEU A 32 0.67 -13.75 -16.24
CA LEU A 32 -0.47 -14.20 -15.47
C LEU A 32 -0.50 -13.25 -14.29
N ILE A 33 -1.51 -12.38 -14.18
CA ILE A 33 -1.76 -11.63 -12.95
C ILE A 33 -2.73 -12.47 -12.13
N GLN A 34 -2.40 -12.67 -10.85
CA GLN A 34 -3.30 -13.23 -9.87
C GLN A 34 -3.31 -12.25 -8.70
N SER A 35 -4.34 -11.40 -8.68
CA SER A 35 -4.60 -10.46 -7.61
C SER A 35 -4.92 -11.24 -6.33
N TRP A 36 -4.81 -10.59 -5.17
CA TRP A 36 -5.40 -11.03 -3.92
C TRP A 36 -5.36 -9.85 -2.96
N VAL A 37 -6.28 -9.83 -2.00
CA VAL A 37 -6.47 -8.75 -1.03
C VAL A 37 -6.25 -9.32 0.38
N GLU A 38 -5.48 -8.59 1.18
CA GLU A 38 -4.96 -9.04 2.46
C GLU A 38 -5.25 -7.98 3.52
N ASN A 39 -5.49 -8.35 4.78
CA ASN A 39 -5.88 -7.41 5.84
C ASN A 39 -4.69 -6.69 6.47
N ALA A 40 -3.86 -6.08 5.63
CA ALA A 40 -2.57 -5.55 6.02
C ALA A 40 -1.67 -6.50 6.84
N ASP A 41 -1.99 -7.80 6.92
CA ASP A 41 -1.16 -8.82 7.56
C ASP A 41 -0.83 -10.00 6.65
N GLY A 42 -1.29 -9.98 5.40
CA GLY A 42 -1.21 -11.16 4.55
C GLY A 42 -2.22 -12.23 4.94
N VAL A 43 -3.07 -12.04 5.96
CA VAL A 43 -4.23 -12.92 6.14
C VAL A 43 -5.21 -12.51 5.04
N LYS A 44 -5.85 -13.48 4.39
CA LYS A 44 -6.93 -13.15 3.48
C LYS A 44 -8.17 -13.03 4.35
N ASP A 45 -8.56 -11.79 4.60
CA ASP A 45 -9.84 -11.43 5.18
C ASP A 45 -10.71 -11.06 4.00
N GLY A 46 -11.65 -11.92 3.61
CA GLY A 46 -12.32 -11.94 2.30
C GLY A 46 -13.31 -10.80 2.04
N ARG A 47 -13.11 -9.64 2.68
CA ARG A 47 -13.92 -8.45 2.59
C ARG A 47 -13.74 -7.70 1.27
N PHE A 48 -12.90 -8.15 0.35
CA PHE A 48 -12.92 -7.70 -1.01
C PHE A 48 -12.84 -8.93 -1.91
N ILE A 49 -13.27 -8.77 -3.15
CA ILE A 49 -12.89 -9.61 -4.27
C ILE A 49 -12.36 -8.64 -5.33
N VAL A 50 -11.62 -9.16 -6.29
CA VAL A 50 -11.13 -8.44 -7.43
C VAL A 50 -11.56 -9.23 -8.66
N THR A 51 -11.79 -8.55 -9.78
CA THR A 51 -12.29 -9.15 -11.00
C THR A 51 -11.57 -8.50 -12.19
N PRO A 52 -11.00 -9.28 -13.13
CA PRO A 52 -10.64 -10.67 -12.94
C PRO A 52 -9.68 -10.77 -11.74
N PRO A 53 -9.88 -11.71 -10.79
CA PRO A 53 -8.87 -12.00 -9.77
C PRO A 53 -7.65 -12.67 -10.39
N LEU A 54 -7.83 -13.24 -11.58
CA LEU A 54 -6.94 -14.08 -12.33
C LEU A 54 -7.12 -13.69 -13.78
N PHE A 55 -6.07 -13.29 -14.48
CA PHE A 55 -6.08 -13.16 -15.93
C PHE A 55 -4.71 -13.49 -16.48
N ALA A 56 -4.63 -13.80 -17.78
CA ALA A 56 -3.39 -14.02 -18.48
C ALA A 56 -3.37 -13.16 -19.74
N MET A 57 -2.48 -12.19 -19.80
CA MET A 57 -2.42 -11.16 -20.84
C MET A 57 -0.97 -11.00 -21.32
N LYS A 58 -0.76 -10.35 -22.48
CA LYS A 58 0.57 -10.07 -23.03
C LYS A 58 1.19 -8.90 -22.27
N GLY A 59 2.52 -8.83 -22.20
CA GLY A 59 3.23 -7.76 -21.50
C GLY A 59 2.91 -6.38 -22.07
N LYS A 60 2.94 -6.23 -23.40
CA LYS A 60 2.72 -4.95 -24.07
C LYS A 60 1.23 -4.59 -24.08
N LYS A 61 0.66 -4.33 -22.91
CA LYS A 61 -0.77 -4.14 -22.76
C LYS A 61 -1.08 -3.34 -21.50
N GLU A 62 -2.37 -3.03 -21.34
CA GLU A 62 -3.02 -2.70 -20.09
C GLU A 62 -4.10 -3.76 -19.91
N ASN A 63 -4.34 -4.25 -18.69
CA ASN A 63 -5.47 -5.08 -18.34
C ASN A 63 -5.98 -4.62 -16.97
N THR A 64 -6.94 -3.71 -16.93
CA THR A 64 -7.31 -3.05 -15.69
C THR A 64 -8.10 -4.09 -14.83
N LEU A 65 -7.91 -4.07 -13.52
CA LEU A 65 -8.62 -4.86 -12.50
C LEU A 65 -9.81 -4.03 -12.01
N ARG A 66 -10.88 -4.67 -11.53
CA ARG A 66 -12.02 -4.08 -10.83
C ARG A 66 -12.08 -4.69 -9.45
N ILE A 67 -11.76 -3.91 -8.42
CA ILE A 67 -11.79 -4.27 -7.03
C ILE A 67 -13.21 -3.92 -6.57
N LEU A 68 -13.96 -4.87 -6.00
CA LEU A 68 -15.34 -4.65 -5.58
C LEU A 68 -15.51 -4.86 -4.08
N ASP A 69 -16.53 -4.21 -3.50
CA ASP A 69 -16.81 -4.31 -2.07
C ASP A 69 -17.39 -5.67 -1.76
N ALA A 70 -16.85 -6.35 -0.78
CA ALA A 70 -17.36 -7.61 -0.27
C ALA A 70 -17.32 -7.61 1.27
N THR A 71 -17.26 -6.43 1.90
CA THR A 71 -17.10 -6.31 3.35
C THR A 71 -18.23 -7.00 4.08
N ASN A 72 -19.45 -6.90 3.55
CA ASN A 72 -20.68 -7.47 4.08
C ASN A 72 -20.96 -7.10 5.55
N ASN A 73 -20.31 -6.04 6.06
CA ASN A 73 -20.43 -5.53 7.42
C ASN A 73 -20.50 -3.99 7.47
N GLN A 74 -20.67 -3.35 6.31
CA GLN A 74 -20.63 -1.90 6.10
C GLN A 74 -19.33 -1.22 6.56
N LEU A 75 -18.22 -1.96 6.67
CA LEU A 75 -16.95 -1.61 7.33
C LEU A 75 -17.13 -1.27 8.82
N PRO A 76 -16.05 -1.29 9.63
CA PRO A 76 -16.09 -0.73 10.97
C PRO A 76 -16.27 0.81 10.89
N GLN A 77 -16.51 1.43 12.04
CA GLN A 77 -16.61 2.87 12.22
C GLN A 77 -15.65 3.37 13.33
N ASP A 78 -15.13 2.45 14.15
CA ASP A 78 -14.21 2.75 15.24
C ASP A 78 -12.76 2.87 14.77
N ARG A 79 -12.49 2.50 13.51
CA ARG A 79 -11.22 2.69 12.82
C ARG A 79 -11.45 2.51 11.33
N GLU A 80 -10.43 2.76 10.53
CA GLU A 80 -10.46 2.51 9.10
C GLU A 80 -10.28 1.01 8.84
N SER A 81 -10.01 0.61 7.60
CA SER A 81 -9.62 -0.75 7.27
C SER A 81 -8.54 -0.66 6.20
N LEU A 82 -7.29 -0.84 6.60
CA LEU A 82 -6.18 -0.91 5.68
C LEU A 82 -6.17 -2.31 5.07
N PHE A 83 -6.00 -2.40 3.76
CA PHE A 83 -5.72 -3.64 3.09
C PHE A 83 -4.42 -3.48 2.31
N TRP A 84 -3.90 -4.57 1.80
CA TRP A 84 -2.82 -4.60 0.83
C TRP A 84 -3.29 -5.51 -0.32
N MET A 85 -2.58 -5.44 -1.44
CA MET A 85 -2.92 -6.14 -2.66
C MET A 85 -1.63 -6.71 -3.26
N ASN A 86 -1.27 -7.93 -2.86
CA ASN A 86 -0.09 -8.61 -3.37
C ASN A 86 -0.51 -9.40 -4.60
N VAL A 87 -0.32 -8.79 -5.77
CA VAL A 87 -0.62 -9.43 -7.04
C VAL A 87 0.59 -10.29 -7.37
N LYS A 88 0.47 -11.62 -7.35
CA LYS A 88 1.51 -12.46 -7.91
C LYS A 88 1.41 -12.32 -9.41
N ALA A 89 2.53 -12.02 -10.08
CA ALA A 89 2.56 -11.87 -11.52
C ALA A 89 3.63 -12.81 -12.08
N ILE A 90 3.23 -13.84 -12.80
CA ILE A 90 4.14 -14.85 -13.31
C ILE A 90 4.31 -14.57 -14.80
N PRO A 91 5.54 -14.57 -15.37
CA PRO A 91 5.72 -14.49 -16.81
C PRO A 91 5.47 -15.86 -17.45
N SER A 92 4.19 -16.16 -17.66
CA SER A 92 3.71 -17.50 -17.94
C SER A 92 3.63 -17.75 -19.45
N MET A 93 4.75 -17.51 -20.10
CA MET A 93 5.07 -18.04 -21.40
C MET A 93 6.41 -18.73 -21.16
N ASP A 94 6.37 -19.89 -20.49
CA ASP A 94 7.48 -20.79 -20.57
C ASP A 94 7.54 -21.33 -21.98
N LYS A 95 8.77 -21.39 -22.49
CA LYS A 95 9.06 -21.86 -23.85
C LYS A 95 8.22 -21.10 -24.89
N SER A 96 8.13 -21.65 -26.09
CA SER A 96 7.12 -21.30 -27.07
C SER A 96 6.77 -22.61 -27.79
N LYS A 97 6.17 -23.54 -27.04
CA LYS A 97 6.17 -24.97 -27.39
C LYS A 97 4.79 -25.62 -27.20
N LEU A 98 3.76 -24.89 -26.76
CA LEU A 98 2.55 -25.41 -26.13
C LEU A 98 2.95 -26.09 -24.82
N THR A 99 2.65 -25.39 -23.73
CA THR A 99 3.16 -25.44 -22.38
C THR A 99 2.96 -23.99 -21.94
N GLU A 100 2.13 -23.79 -20.93
CA GLU A 100 1.96 -22.54 -20.22
C GLU A 100 1.94 -22.88 -18.74
N ASN A 101 1.80 -21.84 -17.92
CA ASN A 101 1.56 -21.94 -16.48
C ASN A 101 2.60 -22.79 -15.75
N THR A 102 3.79 -22.94 -16.31
CA THR A 102 4.76 -23.94 -15.87
C THR A 102 6.13 -23.27 -15.68
N LEU A 103 6.11 -22.01 -15.25
CA LEU A 103 7.25 -21.20 -14.87
C LEU A 103 7.22 -21.08 -13.34
N GLN A 104 8.13 -21.77 -12.65
CA GLN A 104 8.10 -21.96 -11.19
C GLN A 104 8.46 -20.70 -10.39
N LEU A 105 9.20 -19.78 -11.01
CA LEU A 105 9.47 -18.45 -10.46
C LEU A 105 8.20 -17.62 -10.58
N ALA A 106 8.13 -16.48 -9.88
CA ALA A 106 7.14 -15.44 -10.09
C ALA A 106 7.78 -14.10 -9.81
N ILE A 107 7.12 -13.02 -10.22
CA ILE A 107 7.48 -11.65 -9.99
C ILE A 107 6.35 -11.14 -9.11
N ILE A 108 6.51 -11.24 -7.80
CA ILE A 108 5.42 -10.86 -6.90
C ILE A 108 5.38 -9.33 -6.92
N SER A 109 4.16 -8.78 -6.89
CA SER A 109 3.90 -7.38 -6.71
C SER A 109 3.20 -7.18 -5.39
N ARG A 110 3.01 -5.91 -5.04
CA ARG A 110 2.51 -5.50 -3.74
C ARG A 110 2.03 -4.07 -3.84
N ILE A 111 0.96 -3.76 -3.14
CA ILE A 111 0.34 -2.44 -3.16
C ILE A 111 -0.28 -2.24 -1.78
N LYS A 112 -0.20 -1.01 -1.28
CA LYS A 112 -1.04 -0.48 -0.21
C LYS A 112 -2.41 -0.21 -0.82
N LEU A 113 -3.48 -0.85 -0.35
CA LEU A 113 -4.83 -0.43 -0.71
C LEU A 113 -5.42 0.35 0.46
N TYR A 114 -5.77 1.60 0.20
CA TYR A 114 -6.59 2.39 1.09
C TYR A 114 -8.03 2.03 0.76
N TYR A 115 -8.77 1.51 1.74
CA TYR A 115 -10.22 1.56 1.69
C TYR A 115 -10.55 2.76 2.56
N ARG A 116 -10.95 3.87 1.95
CA ARG A 116 -11.20 5.14 2.64
C ARG A 116 -12.72 5.27 2.82
N PRO A 117 -13.31 4.80 3.93
CA PRO A 117 -14.72 4.99 4.20
C PRO A 117 -15.08 6.43 4.54
N ALA A 118 -14.10 7.30 4.79
CA ALA A 118 -14.25 8.68 5.26
C ALA A 118 -15.26 8.81 6.40
N LYS A 119 -15.28 7.83 7.32
CA LYS A 119 -16.30 7.68 8.36
C LYS A 119 -15.73 7.88 9.77
N LEU A 120 -14.46 8.23 9.87
CA LEU A 120 -13.82 8.69 11.10
C LEU A 120 -14.10 10.17 11.19
N ALA A 121 -14.35 10.66 12.40
CA ALA A 121 -14.54 12.09 12.61
C ALA A 121 -13.23 12.83 12.32
N LEU A 122 -12.10 12.24 12.73
CA LEU A 122 -10.77 12.82 12.60
C LEU A 122 -10.45 12.98 11.11
N PRO A 123 -9.91 14.14 10.70
CA PRO A 123 -9.52 14.42 9.32
C PRO A 123 -8.09 13.91 9.03
N PRO A 124 -7.75 13.64 7.76
CA PRO A 124 -6.40 13.23 7.37
C PRO A 124 -5.34 14.31 7.62
N ASP A 125 -5.75 15.58 7.80
CA ASP A 125 -4.85 16.70 7.99
C ASP A 125 -4.10 16.47 9.30
N GLN A 126 -4.87 16.29 10.36
CA GLN A 126 -4.34 16.11 11.69
C GLN A 126 -3.94 14.66 11.93
N ALA A 127 -4.36 13.71 11.09
CA ALA A 127 -3.90 12.32 11.19
C ALA A 127 -2.37 12.29 11.18
N ALA A 128 -1.75 13.05 10.27
CA ALA A 128 -0.31 13.05 10.12
C ALA A 128 0.39 13.83 11.23
N GLU A 129 -0.29 14.79 11.84
CA GLU A 129 0.23 15.56 12.96
C GLU A 129 -0.08 14.93 14.32
N LYS A 130 -0.67 13.72 14.31
CA LYS A 130 -0.87 12.91 15.50
C LYS A 130 -0.38 11.48 15.30
N LEU A 131 0.29 11.20 14.19
CA LEU A 131 1.16 10.04 14.12
C LEU A 131 2.30 10.39 15.07
N ARG A 132 2.36 9.78 16.25
CA ARG A 132 3.43 10.04 17.19
C ARG A 132 4.60 9.16 16.78
N PHE A 133 5.82 9.59 17.05
CA PHE A 133 7.00 8.91 16.54
C PHE A 133 7.91 8.76 17.75
N ARG A 134 8.60 7.63 17.86
CA ARG A 134 9.52 7.33 18.94
C ARG A 134 10.86 7.10 18.29
N ARG A 135 11.93 7.74 18.77
CA ARG A 135 13.26 7.58 18.21
C ARG A 135 14.26 7.28 19.32
N SER A 136 15.23 6.43 19.01
CA SER A 136 16.39 6.16 19.83
C SER A 136 17.60 6.16 18.89
N ALA A 137 18.80 6.04 19.42
CA ALA A 137 20.05 6.14 18.67
C ALA A 137 20.37 4.87 17.85
N ASN A 138 19.34 4.20 17.34
CA ASN A 138 19.37 2.95 16.62
C ASN A 138 18.25 2.94 15.57
N SER A 139 17.03 3.30 15.95
CA SER A 139 15.88 3.28 15.06
C SER A 139 14.89 4.39 15.37
N LEU A 140 14.09 4.73 14.36
CA LEU A 140 12.96 5.64 14.44
C LEU A 140 11.73 4.77 14.17
N THR A 141 10.69 4.89 14.99
CA THR A 141 9.50 4.07 14.91
C THR A 141 8.31 5.02 14.68
N LEU A 142 7.40 4.59 13.80
CA LEU A 142 6.07 5.16 13.61
C LEU A 142 5.17 4.50 14.64
N ILE A 143 4.33 5.27 15.32
CA ILE A 143 3.31 4.77 16.22
C ILE A 143 1.97 5.12 15.58
N ASN A 144 1.09 4.12 15.39
CA ASN A 144 -0.28 4.34 14.96
C ASN A 144 -1.21 3.30 15.61
N PRO A 145 -1.44 3.38 16.93
CA PRO A 145 -2.54 2.66 17.57
C PRO A 145 -3.88 3.37 17.35
N THR A 146 -3.85 4.47 16.61
CA THR A 146 -4.92 5.41 16.33
C THR A 146 -5.90 4.82 15.32
N PRO A 147 -7.11 5.39 15.15
CA PRO A 147 -8.12 4.80 14.27
C PRO A 147 -7.83 5.04 12.78
N TYR A 148 -6.92 5.98 12.47
CA TYR A 148 -6.77 6.55 11.15
C TYR A 148 -5.35 6.30 10.67
N TYR A 149 -5.23 5.91 9.41
CA TYR A 149 -4.01 5.43 8.80
C TYR A 149 -3.59 6.44 7.77
N LEU A 150 -2.40 7.01 7.91
CA LEU A 150 -1.79 7.95 6.97
C LEU A 150 -0.42 7.37 6.59
N THR A 151 -0.08 7.47 5.32
CA THR A 151 1.08 6.80 4.73
C THR A 151 2.21 7.82 4.73
N VAL A 152 3.32 7.57 5.44
CA VAL A 152 4.43 8.49 5.57
C VAL A 152 5.47 8.11 4.53
N THR A 153 5.91 9.08 3.75
CA THR A 153 6.76 8.83 2.60
C THR A 153 7.90 9.83 2.65
N GLU A 154 9.13 9.35 2.59
CA GLU A 154 10.33 10.17 2.58
C GLU A 154 10.41 10.96 3.90
N LEU A 155 10.60 10.22 4.99
CA LEU A 155 10.70 10.79 6.32
C LEU A 155 12.05 11.50 6.41
N ASN A 156 12.18 12.52 7.24
CA ASN A 156 13.39 13.31 7.36
C ASN A 156 13.45 13.68 8.83
N ALA A 157 14.55 13.34 9.49
CA ALA A 157 14.67 13.42 10.92
C ALA A 157 16.04 13.97 11.28
N GLY A 158 16.05 15.19 11.81
CA GLY A 158 17.21 16.05 11.89
C GLY A 158 17.88 16.13 10.54
N THR A 159 19.06 15.56 10.49
CA THR A 159 20.00 15.74 9.41
C THR A 159 19.98 14.56 8.43
N ARG A 160 18.99 13.68 8.51
CA ARG A 160 18.95 12.44 7.72
C ARG A 160 17.59 12.13 7.10
N VAL A 161 17.58 11.83 5.80
CA VAL A 161 16.41 11.28 5.11
C VAL A 161 16.27 9.83 5.54
N LEU A 162 15.04 9.40 5.79
CA LEU A 162 14.64 8.08 6.22
C LEU A 162 13.55 7.55 5.27
N GLU A 163 13.33 6.25 5.38
CA GLU A 163 12.71 5.41 4.37
C GLU A 163 11.21 5.71 4.23
N ASN A 164 10.58 5.26 3.13
CA ASN A 164 9.13 5.08 3.08
C ASN A 164 8.71 4.20 4.24
N ALA A 165 7.65 4.61 4.93
CA ALA A 165 7.29 4.07 6.22
C ALA A 165 5.78 4.00 6.31
N LEU A 166 5.23 2.79 6.17
CA LEU A 166 3.80 2.63 6.10
C LEU A 166 3.28 2.33 7.51
N VAL A 167 1.97 2.46 7.67
CA VAL A 167 1.24 2.26 8.89
C VAL A 167 0.58 0.88 8.80
N PRO A 168 0.88 -0.09 9.68
CA PRO A 168 -0.02 -1.21 9.90
C PRO A 168 -1.21 -0.76 10.77
N PRO A 169 -2.38 -1.41 10.66
CA PRO A 169 -3.61 -0.92 11.26
C PRO A 169 -3.62 -1.21 12.76
N MET A 170 -3.64 -0.16 13.57
CA MET A 170 -3.41 -0.24 15.01
C MET A 170 -2.08 -0.96 15.27
N GLY A 171 -0.96 -0.33 14.88
CA GLY A 171 0.34 -0.91 15.04
C GLY A 171 1.45 0.12 14.99
N GLU A 172 2.68 -0.37 14.87
CA GLU A 172 3.89 0.44 14.80
C GLU A 172 4.71 -0.08 13.62
N SER A 173 5.57 0.75 13.05
CA SER A 173 6.58 0.36 12.09
C SER A 173 7.90 1.05 12.45
N THR A 174 8.97 0.72 11.72
CA THR A 174 10.33 1.04 12.14
C THR A 174 11.20 1.32 10.91
N VAL A 175 12.20 2.18 11.08
CA VAL A 175 13.32 2.37 10.17
C VAL A 175 14.60 2.45 11.01
N LYS A 176 15.76 2.13 10.43
CA LYS A 176 17.03 2.48 11.07
C LYS A 176 17.13 4.00 11.19
N LEU A 177 17.84 4.45 12.22
CA LEU A 177 18.18 5.84 12.51
C LEU A 177 19.71 5.90 12.60
N PRO A 178 20.39 6.96 12.14
CA PRO A 178 21.84 6.97 11.97
C PRO A 178 22.58 7.26 13.29
N SER A 179 22.01 6.84 14.42
CA SER A 179 22.45 7.18 15.77
C SER A 179 22.61 8.68 16.03
N ASP A 180 21.97 9.56 15.24
CA ASP A 180 22.06 11.01 15.46
C ASP A 180 20.67 11.65 15.46
N ALA A 181 20.06 11.81 14.27
CA ALA A 181 18.70 12.29 14.00
C ALA A 181 18.16 13.32 15.00
N GLY A 182 18.31 14.60 14.67
CA GLY A 182 17.80 15.70 15.49
C GLY A 182 16.28 15.69 15.64
N SER A 183 15.78 16.54 16.55
CA SER A 183 14.40 16.57 17.00
C SER A 183 13.54 17.56 16.21
N ASN A 184 14.06 18.05 15.08
CA ASN A 184 13.25 18.63 14.01
C ASN A 184 13.00 17.52 13.01
N ILE A 185 11.75 17.22 12.74
CA ILE A 185 11.32 16.13 11.87
C ILE A 185 10.40 16.76 10.83
N THR A 186 10.44 16.29 9.60
CA THR A 186 9.53 16.68 8.53
C THR A 186 9.25 15.43 7.70
N TYR A 187 8.13 15.38 6.98
CA TYR A 187 7.81 14.24 6.13
C TYR A 187 6.90 14.66 4.99
N ARG A 188 6.76 13.80 3.99
CA ARG A 188 5.66 13.86 3.06
C ARG A 188 4.73 12.69 3.37
N THR A 189 3.54 12.71 2.82
CA THR A 189 2.50 11.70 3.00
C THR A 189 1.77 11.52 1.67
N ILE A 190 0.98 10.46 1.50
CA ILE A 190 0.16 10.26 0.31
C ILE A 190 -1.32 10.38 0.69
N ASN A 191 -2.00 11.39 0.17
CA ASN A 191 -3.44 11.62 0.33
C ASN A 191 -4.27 10.66 -0.53
N ASP A 192 -5.59 10.77 -0.42
CA ASP A 192 -6.60 9.87 -0.98
C ASP A 192 -6.82 9.97 -2.48
N TYR A 193 -6.25 10.98 -3.12
CA TYR A 193 -6.16 11.01 -4.58
C TYR A 193 -4.84 10.39 -5.07
N GLY A 194 -4.07 9.79 -4.16
CA GLY A 194 -2.73 9.28 -4.45
C GLY A 194 -1.71 10.41 -4.52
N ALA A 195 -2.10 11.59 -4.06
CA ALA A 195 -1.35 12.83 -4.16
C ALA A 195 -0.35 12.84 -3.02
N LEU A 196 0.93 12.72 -3.36
CA LEU A 196 2.01 13.02 -2.44
C LEU A 196 1.86 14.48 -1.99
N THR A 197 1.84 14.73 -0.68
CA THR A 197 1.83 16.08 -0.12
C THR A 197 3.20 16.72 -0.35
N PRO A 198 3.31 18.06 -0.26
CA PRO A 198 4.59 18.70 -0.07
C PRO A 198 5.14 18.36 1.32
N LYS A 199 6.37 18.82 1.58
CA LYS A 199 7.06 18.70 2.85
C LYS A 199 6.23 19.39 3.94
N MET A 200 5.48 18.62 4.71
CA MET A 200 4.89 19.11 5.95
C MET A 200 5.96 18.96 7.04
N THR A 201 6.01 19.88 8.00
CA THR A 201 6.73 19.62 9.20
C THR A 201 6.06 18.48 9.95
N GLY A 202 6.81 17.83 10.82
CA GLY A 202 6.45 16.55 11.36
C GLY A 202 6.57 16.52 12.87
N VAL A 203 5.97 15.49 13.45
CA VAL A 203 5.72 15.38 14.86
C VAL A 203 6.49 14.18 15.40
N MET A 204 6.86 14.24 16.69
CA MET A 204 7.48 13.20 17.46
C MET A 204 7.00 13.32 18.91
N GLU A 205 7.24 12.26 19.70
CA GLU A 205 7.23 12.21 21.15
C GLU A 205 6.09 13.03 21.76
N GLY A 1 8.36 -2.32 -13.33
CA GLY A 1 8.10 -3.17 -14.49
C GLY A 1 6.67 -2.98 -14.99
N VAL A 2 5.73 -3.77 -14.46
CA VAL A 2 4.33 -3.81 -14.86
C VAL A 2 3.72 -2.42 -14.73
N ALA A 3 2.85 -2.05 -15.68
CA ALA A 3 2.13 -0.80 -15.70
C ALA A 3 0.75 -1.07 -15.12
N LEU A 4 0.64 -1.07 -13.79
CA LEU A 4 -0.67 -1.20 -13.13
C LEU A 4 -1.36 0.15 -13.34
N GLY A 5 -2.70 0.14 -13.28
CA GLY A 5 -3.54 1.29 -13.60
C GLY A 5 -3.09 2.55 -12.88
N ALA A 6 -2.66 2.39 -11.62
CA ALA A 6 -1.97 3.40 -10.84
C ALA A 6 -1.09 2.63 -9.84
N THR A 7 -0.14 3.30 -9.21
CA THR A 7 0.76 2.70 -8.22
C THR A 7 0.11 2.68 -6.82
N ARG A 8 -1.10 3.24 -6.68
CA ARG A 8 -1.94 3.19 -5.49
C ARG A 8 -3.39 3.31 -5.96
N VAL A 9 -4.35 2.78 -5.22
CA VAL A 9 -5.76 2.75 -5.62
C VAL A 9 -6.60 3.07 -4.37
N ILE A 10 -7.80 3.62 -4.53
CA ILE A 10 -8.69 4.03 -3.48
C ILE A 10 -10.05 3.41 -3.74
N TYR A 11 -10.66 2.90 -2.68
CA TYR A 11 -11.90 2.17 -2.69
C TYR A 11 -12.89 2.92 -1.79
N PRO A 12 -13.67 3.88 -2.32
CA PRO A 12 -14.79 4.44 -1.58
C PRO A 12 -15.77 3.30 -1.24
N ALA A 13 -16.44 3.39 -0.10
CA ALA A 13 -17.44 2.40 0.27
C ALA A 13 -18.55 2.34 -0.78
N GLY A 14 -18.96 1.10 -1.10
CA GLY A 14 -20.04 0.79 -2.03
C GLY A 14 -19.85 1.30 -3.46
N GLN A 15 -18.62 1.61 -3.88
CA GLN A 15 -18.31 2.20 -5.18
C GLN A 15 -18.47 1.19 -6.33
N LYS A 16 -19.71 0.78 -6.62
CA LYS A 16 -20.14 0.03 -7.82
C LYS A 16 -19.35 -1.24 -8.15
N GLN A 17 -18.54 -1.73 -7.21
CA GLN A 17 -17.39 -2.62 -7.41
C GLN A 17 -16.36 -1.81 -8.21
N GLU A 18 -15.10 -1.83 -7.80
CA GLU A 18 -14.08 -0.93 -8.32
C GLU A 18 -13.08 -1.75 -9.14
N GLN A 19 -12.19 -1.07 -9.86
CA GLN A 19 -11.37 -1.63 -10.90
C GLN A 19 -9.93 -1.12 -10.80
N LEU A 20 -9.00 -1.99 -11.20
CA LEU A 20 -7.59 -1.71 -11.32
C LEU A 20 -7.13 -2.33 -12.63
N ALA A 21 -6.75 -1.49 -13.59
CA ALA A 21 -6.17 -1.95 -14.84
C ALA A 21 -4.81 -2.63 -14.56
N VAL A 22 -4.39 -3.52 -15.45
CA VAL A 22 -3.01 -3.97 -15.60
C VAL A 22 -2.71 -3.78 -17.07
N THR A 23 -1.53 -3.26 -17.38
CA THR A 23 -0.88 -3.27 -18.68
C THR A 23 0.61 -3.53 -18.42
N ASN A 24 1.43 -3.70 -19.45
CA ASN A 24 2.88 -3.94 -19.29
C ASN A 24 3.68 -2.85 -19.98
N ASN A 25 4.98 -2.78 -19.69
CA ASN A 25 5.90 -1.80 -20.25
C ASN A 25 6.41 -2.29 -21.61
N ASP A 26 6.90 -3.53 -21.69
CA ASP A 26 7.31 -4.23 -22.92
C ASP A 26 6.07 -4.81 -23.62
N GLU A 27 6.13 -5.04 -24.93
CA GLU A 27 5.09 -5.69 -25.71
C GLU A 27 5.25 -7.22 -25.79
N ASN A 28 6.49 -7.70 -25.69
CA ASN A 28 6.94 -9.03 -26.07
C ASN A 28 6.44 -10.09 -25.09
N SER A 29 6.91 -9.97 -23.85
CA SER A 29 6.74 -10.88 -22.72
C SER A 29 5.28 -11.26 -22.44
N THR A 30 5.08 -12.29 -21.61
CA THR A 30 3.81 -12.59 -20.97
C THR A 30 4.09 -12.66 -19.46
N TYR A 31 3.12 -12.26 -18.64
CA TYR A 31 3.19 -12.36 -17.19
C TYR A 31 1.88 -12.95 -16.68
N LEU A 32 1.94 -13.61 -15.52
CA LEU A 32 0.82 -14.07 -14.73
C LEU A 32 0.66 -13.00 -13.65
N ILE A 33 -0.33 -12.12 -13.74
CA ILE A 33 -0.67 -11.28 -12.60
C ILE A 33 -1.39 -12.19 -11.62
N GLN A 34 -0.93 -12.21 -10.37
CA GLN A 34 -1.55 -12.90 -9.28
C GLN A 34 -1.80 -11.83 -8.22
N SER A 35 -2.99 -11.24 -8.22
CA SER A 35 -3.39 -10.35 -7.15
C SER A 35 -3.79 -11.21 -5.94
N TRP A 36 -3.61 -10.65 -4.76
CA TRP A 36 -4.26 -11.05 -3.54
C TRP A 36 -4.46 -9.77 -2.71
N VAL A 37 -5.28 -9.84 -1.68
CA VAL A 37 -5.43 -8.73 -0.75
C VAL A 37 -4.94 -9.20 0.61
N GLU A 38 -4.27 -8.31 1.33
CA GLU A 38 -3.86 -8.45 2.71
C GLU A 38 -4.23 -7.16 3.43
N ASN A 39 -4.37 -7.28 4.74
CA ASN A 39 -4.59 -6.19 5.68
C ASN A 39 -3.36 -5.29 5.68
N ALA A 40 -3.45 -4.12 6.30
CA ALA A 40 -2.29 -3.31 6.63
C ALA A 40 -1.27 -4.07 7.49
N ASP A 41 -1.71 -5.10 8.21
CA ASP A 41 -0.88 -5.92 9.07
C ASP A 41 -0.17 -7.05 8.32
N GLY A 42 -0.49 -7.22 7.03
CA GLY A 42 -0.09 -8.38 6.24
C GLY A 42 -1.01 -9.57 6.45
N VAL A 43 -2.08 -9.44 7.25
CA VAL A 43 -3.01 -10.53 7.52
C VAL A 43 -3.88 -10.75 6.29
N LYS A 44 -3.89 -11.95 5.72
CA LYS A 44 -4.70 -12.28 4.54
C LYS A 44 -6.06 -12.74 5.04
N ASP A 45 -7.07 -11.89 4.91
CA ASP A 45 -8.46 -12.17 5.27
C ASP A 45 -9.29 -12.27 3.98
N GLY A 46 -10.57 -12.61 4.08
CA GLY A 46 -11.51 -12.68 2.97
C GLY A 46 -12.26 -11.37 2.73
N ARG A 47 -11.91 -10.28 3.42
CA ARG A 47 -12.71 -9.06 3.43
C ARG A 47 -12.67 -8.32 2.09
N PHE A 48 -11.82 -8.72 1.16
CA PHE A 48 -11.83 -8.25 -0.21
C PHE A 48 -11.76 -9.48 -1.09
N ILE A 49 -12.54 -9.49 -2.17
CA ILE A 49 -12.32 -10.40 -3.28
C ILE A 49 -11.84 -9.57 -4.47
N VAL A 50 -11.12 -10.24 -5.36
CA VAL A 50 -10.72 -9.73 -6.64
C VAL A 50 -11.13 -10.79 -7.64
N THR A 51 -11.50 -10.35 -8.84
CA THR A 51 -12.04 -11.21 -9.88
C THR A 51 -11.69 -10.59 -11.25
N PRO A 52 -11.10 -11.36 -12.19
CA PRO A 52 -10.39 -12.60 -11.93
C PRO A 52 -9.22 -12.30 -10.97
N PRO A 53 -9.00 -13.10 -9.90
CA PRO A 53 -7.98 -12.78 -8.90
C PRO A 53 -6.57 -12.90 -9.48
N LEU A 54 -6.38 -13.74 -10.49
CA LEU A 54 -5.15 -13.96 -11.18
C LEU A 54 -5.48 -14.27 -12.63
N PHE A 55 -4.55 -14.02 -13.54
CA PHE A 55 -4.69 -14.28 -14.97
C PHE A 55 -3.33 -14.14 -15.63
N ALA A 56 -3.14 -14.77 -16.78
CA ALA A 56 -2.02 -14.42 -17.66
C ALA A 56 -2.45 -13.22 -18.48
N MET A 57 -1.55 -12.27 -18.71
CA MET A 57 -1.71 -11.23 -19.70
C MET A 57 -0.43 -11.15 -20.51
N LYS A 58 -0.51 -10.52 -21.67
CA LYS A 58 0.62 -10.32 -22.59
C LYS A 58 1.21 -8.93 -22.33
N GLY A 59 2.40 -8.67 -22.85
CA GLY A 59 3.03 -7.37 -22.76
C GLY A 59 2.08 -6.31 -23.27
N LYS A 60 1.83 -6.29 -24.58
CA LYS A 60 0.85 -5.37 -25.15
C LYS A 60 -0.54 -5.97 -24.99
N LYS A 61 -1.08 -5.93 -23.77
CA LYS A 61 -2.50 -6.13 -23.54
C LYS A 61 -2.89 -5.36 -22.27
N GLU A 62 -4.19 -5.35 -22.00
CA GLU A 62 -4.79 -4.91 -20.74
C GLU A 62 -5.59 -6.08 -20.18
N ASN A 63 -5.55 -6.31 -18.87
CA ASN A 63 -6.48 -7.17 -18.18
C ASN A 63 -6.76 -6.52 -16.84
N THR A 64 -7.93 -5.88 -16.72
CA THR A 64 -8.38 -5.23 -15.50
C THR A 64 -8.79 -6.28 -14.49
N LEU A 65 -8.52 -5.99 -13.23
CA LEU A 65 -9.01 -6.67 -12.06
C LEU A 65 -10.24 -5.89 -11.60
N ARG A 66 -11.33 -6.59 -11.26
CA ARG A 66 -12.41 -6.02 -10.49
C ARG A 66 -12.21 -6.43 -9.05
N ILE A 67 -12.52 -5.53 -8.13
CA ILE A 67 -12.27 -5.65 -6.71
C ILE A 67 -13.63 -5.37 -6.06
N LEU A 68 -14.15 -6.32 -5.26
CA LEU A 68 -15.45 -6.17 -4.62
C LEU A 68 -15.33 -6.23 -3.10
N ASP A 69 -16.26 -5.55 -2.43
CA ASP A 69 -16.34 -5.51 -0.98
C ASP A 69 -16.84 -6.86 -0.45
N ALA A 70 -16.06 -7.47 0.43
CA ALA A 70 -16.43 -8.68 1.15
C ALA A 70 -16.21 -8.54 2.66
N THR A 71 -16.05 -7.31 3.18
CA THR A 71 -16.07 -7.05 4.61
C THR A 71 -17.38 -7.61 5.18
N ASN A 72 -18.47 -7.43 4.42
CA ASN A 72 -19.86 -7.66 4.79
C ASN A 72 -20.24 -6.95 6.08
N ASN A 73 -19.45 -5.96 6.53
CA ASN A 73 -19.51 -5.39 7.86
C ASN A 73 -19.53 -3.87 7.85
N GLN A 74 -19.89 -3.24 6.73
CA GLN A 74 -20.04 -1.79 6.55
C GLN A 74 -18.85 -0.95 7.03
N LEU A 75 -17.67 -1.56 7.13
CA LEU A 75 -16.44 -1.07 7.76
C LEU A 75 -16.68 -0.68 9.23
N PRO A 76 -15.62 -0.40 10.01
CA PRO A 76 -15.79 0.38 11.23
C PRO A 76 -16.35 1.77 10.91
N GLN A 77 -16.90 2.43 11.93
CA GLN A 77 -17.20 3.85 11.99
C GLN A 77 -16.23 4.53 12.96
N ASP A 78 -15.64 3.77 13.89
CA ASP A 78 -14.76 4.23 14.97
C ASP A 78 -13.31 4.36 14.49
N ARG A 79 -12.98 3.88 13.28
CA ARG A 79 -11.72 4.11 12.58
C ARG A 79 -11.95 3.88 11.09
N GLU A 80 -10.95 4.18 10.25
CA GLU A 80 -10.97 3.82 8.84
C GLU A 80 -10.26 2.46 8.68
N SER A 81 -9.89 2.04 7.46
CA SER A 81 -9.11 0.83 7.25
C SER A 81 -8.27 0.94 5.98
N LEU A 82 -7.25 0.09 5.89
CA LEU A 82 -6.21 0.07 4.87
C LEU A 82 -5.95 -1.38 4.49
N PHE A 83 -5.70 -1.63 3.20
CA PHE A 83 -5.31 -2.92 2.69
C PHE A 83 -4.13 -2.74 1.75
N TRP A 84 -3.44 -3.84 1.46
CA TRP A 84 -2.51 -3.97 0.35
C TRP A 84 -3.26 -4.82 -0.66
N MET A 85 -3.49 -4.30 -1.87
CA MET A 85 -3.85 -5.18 -2.98
C MET A 85 -2.51 -5.55 -3.59
N ASN A 86 -1.98 -6.69 -3.17
CA ASN A 86 -0.64 -7.12 -3.49
C ASN A 86 -0.69 -7.79 -4.86
N VAL A 87 0.34 -7.65 -5.70
CA VAL A 87 0.38 -8.26 -7.01
C VAL A 87 1.79 -8.77 -7.22
N LYS A 88 1.93 -10.10 -7.36
CA LYS A 88 3.10 -10.71 -7.96
C LYS A 88 2.79 -10.91 -9.44
N ALA A 89 3.68 -10.45 -10.32
CA ALA A 89 3.64 -10.69 -11.75
C ALA A 89 4.74 -11.70 -12.07
N ILE A 90 4.38 -12.96 -12.33
CA ILE A 90 5.33 -14.02 -12.63
C ILE A 90 5.57 -13.99 -14.15
N PRO A 91 6.80 -13.87 -14.66
CA PRO A 91 7.06 -13.97 -16.09
C PRO A 91 6.79 -15.40 -16.55
N SER A 92 5.96 -15.57 -17.57
CA SER A 92 5.63 -16.88 -18.13
C SER A 92 5.70 -16.78 -19.66
N MET A 93 6.92 -16.66 -20.19
CA MET A 93 7.24 -16.66 -21.59
C MET A 93 8.36 -17.67 -21.79
N ASP A 94 8.02 -18.84 -22.36
CA ASP A 94 9.02 -19.84 -22.72
C ASP A 94 10.03 -19.20 -23.65
N LYS A 95 11.28 -19.65 -23.54
CA LYS A 95 12.44 -18.99 -24.09
C LYS A 95 13.59 -19.99 -24.03
N SER A 96 14.62 -19.78 -24.83
CA SER A 96 15.72 -20.69 -25.03
C SER A 96 17.00 -19.87 -25.18
N LYS A 97 17.22 -18.99 -24.21
CA LYS A 97 18.42 -18.17 -24.05
C LYS A 97 18.82 -18.37 -22.61
N LEU A 98 19.58 -19.44 -22.34
CA LEU A 98 20.24 -19.78 -21.08
C LEU A 98 19.45 -19.32 -19.84
N THR A 99 18.34 -20.02 -19.56
CA THR A 99 17.48 -19.79 -18.40
C THR A 99 17.03 -18.33 -18.31
N GLU A 100 16.27 -17.87 -19.31
CA GLU A 100 15.90 -16.49 -19.56
C GLU A 100 17.05 -15.49 -19.42
N ASN A 101 16.73 -14.19 -19.36
CA ASN A 101 17.67 -13.23 -18.78
C ASN A 101 16.96 -12.13 -17.98
N THR A 102 15.82 -12.45 -17.38
CA THR A 102 15.07 -11.57 -16.50
C THR A 102 14.67 -12.43 -15.27
N LEU A 103 15.60 -13.20 -14.70
CA LEU A 103 15.37 -13.99 -13.49
C LEU A 103 15.30 -13.05 -12.28
N GLN A 104 14.20 -12.32 -12.18
CA GLN A 104 13.76 -11.58 -11.00
C GLN A 104 13.31 -12.55 -9.89
N LEU A 105 12.92 -13.78 -10.26
CA LEU A 105 12.07 -14.70 -9.50
C LEU A 105 10.76 -13.97 -9.18
N ALA A 106 10.05 -13.68 -10.28
CA ALA A 106 8.86 -12.86 -10.41
C ALA A 106 9.06 -11.39 -10.00
N ILE A 107 8.16 -10.54 -10.48
CA ILE A 107 8.15 -9.09 -10.33
C ILE A 107 6.98 -8.80 -9.41
N ILE A 108 7.24 -8.68 -8.11
CA ILE A 108 6.24 -8.12 -7.21
C ILE A 108 6.20 -6.63 -7.46
N SER A 109 4.99 -6.09 -7.67
CA SER A 109 4.76 -4.67 -7.84
C SER A 109 4.27 -4.07 -6.52
N ARG A 110 3.47 -4.82 -5.73
CA ARG A 110 2.63 -4.42 -4.60
C ARG A 110 1.77 -3.18 -4.86
N ILE A 111 0.64 -3.00 -4.16
CA ILE A 111 -0.12 -1.77 -4.24
C ILE A 111 -0.69 -1.47 -2.87
N LYS A 112 -0.70 -0.18 -2.52
CA LYS A 112 -1.45 0.34 -1.40
C LYS A 112 -2.88 0.59 -1.85
N LEU A 113 -3.86 0.11 -1.09
CA LEU A 113 -5.27 0.32 -1.36
C LEU A 113 -5.92 0.98 -0.15
N TYR A 114 -6.43 2.19 -0.32
CA TYR A 114 -7.17 2.89 0.72
C TYR A 114 -8.60 2.35 0.65
N TYR A 115 -9.27 2.19 1.79
CA TYR A 115 -10.68 1.83 1.86
C TYR A 115 -11.39 2.92 2.65
N ARG A 116 -12.17 3.77 1.97
CA ARG A 116 -12.74 4.99 2.54
C ARG A 116 -14.26 4.85 2.69
N PRO A 117 -14.75 4.41 3.85
CA PRO A 117 -16.16 4.53 4.25
C PRO A 117 -16.53 5.95 4.71
N ALA A 118 -15.60 6.91 4.61
CA ALA A 118 -15.73 8.35 4.76
C ALA A 118 -16.32 8.88 6.07
N LYS A 119 -16.62 8.04 7.07
CA LYS A 119 -17.45 8.45 8.20
C LYS A 119 -16.62 9.02 9.35
N LEU A 120 -15.31 9.15 9.18
CA LEU A 120 -14.50 9.92 10.12
C LEU A 120 -14.72 11.41 9.87
N ALA A 121 -14.38 12.22 10.87
CA ALA A 121 -14.45 13.68 10.82
C ALA A 121 -13.13 14.33 11.24
N LEU A 122 -12.10 13.53 11.57
CA LEU A 122 -10.84 14.03 12.08
C LEU A 122 -10.16 14.71 10.90
N PRO A 123 -9.71 15.97 11.05
CA PRO A 123 -9.15 16.75 9.97
C PRO A 123 -7.83 16.11 9.53
N PRO A 124 -7.75 15.48 8.34
CA PRO A 124 -6.72 14.49 8.05
C PRO A 124 -5.36 15.14 7.82
N ASP A 125 -5.30 16.46 7.67
CA ASP A 125 -4.06 17.22 7.66
C ASP A 125 -3.38 17.18 9.02
N GLN A 126 -4.17 17.22 10.11
CA GLN A 126 -3.64 17.14 11.45
C GLN A 126 -3.40 15.68 11.83
N ALA A 127 -3.97 14.69 11.13
CA ALA A 127 -3.61 13.29 11.32
C ALA A 127 -2.10 13.13 11.15
N ALA A 128 -1.51 13.85 10.19
CA ALA A 128 -0.08 13.79 9.93
C ALA A 128 0.72 14.47 11.02
N GLU A 129 0.20 15.58 11.56
CA GLU A 129 0.85 16.36 12.60
C GLU A 129 0.65 15.76 14.00
N LYS A 130 0.01 14.58 14.06
CA LYS A 130 -0.18 13.81 15.29
C LYS A 130 0.16 12.34 15.07
N LEU A 131 0.83 12.01 13.96
CA LEU A 131 1.59 10.77 13.88
C LEU A 131 2.76 10.98 14.84
N ARG A 132 2.79 10.28 15.97
CA ARG A 132 3.84 10.41 16.98
C ARG A 132 5.01 9.53 16.56
N PHE A 133 6.16 9.72 17.20
CA PHE A 133 7.36 8.99 16.85
C PHE A 133 8.06 8.65 18.16
N ARG A 134 8.71 7.49 18.21
CA ARG A 134 9.49 7.09 19.38
C ARG A 134 10.85 6.67 18.89
N ARG A 135 11.87 7.49 19.18
CA ARG A 135 13.23 7.19 18.81
C ARG A 135 13.83 6.28 19.89
N SER A 136 14.82 5.49 19.46
CA SER A 136 15.62 4.59 20.26
C SER A 136 17.07 4.79 19.80
N ALA A 137 17.99 3.91 20.19
CA ALA A 137 19.25 3.72 19.48
C ALA A 137 19.10 2.66 18.40
N ASN A 138 18.19 1.69 18.59
CA ASN A 138 18.08 0.49 17.77
C ASN A 138 16.99 0.52 16.70
N SER A 139 15.98 1.39 16.80
CA SER A 139 14.93 1.56 15.80
C SER A 139 14.28 2.93 15.99
N LEU A 140 13.69 3.46 14.93
CA LEU A 140 12.74 4.57 14.99
C LEU A 140 11.35 3.95 14.80
N THR A 141 10.41 4.17 15.71
CA THR A 141 9.07 3.61 15.59
C THR A 141 8.13 4.77 15.20
N LEU A 142 7.25 4.49 14.23
CA LEU A 142 6.25 5.37 13.64
C LEU A 142 4.95 5.05 14.36
N ILE A 143 4.24 6.03 14.90
CA ILE A 143 3.12 5.81 15.80
C ILE A 143 1.90 6.53 15.23
N ASN A 144 0.99 5.78 14.60
CA ASN A 144 -0.30 6.29 14.15
C ASN A 144 -1.36 5.83 15.16
N PRO A 145 -1.77 6.65 16.14
CA PRO A 145 -2.79 6.25 17.09
C PRO A 145 -4.22 6.58 16.67
N THR A 146 -4.33 7.42 15.65
CA THR A 146 -5.57 8.05 15.23
C THR A 146 -6.45 7.06 14.46
N PRO A 147 -7.76 7.34 14.36
CA PRO A 147 -8.67 6.56 13.53
C PRO A 147 -8.37 6.75 12.03
N TYR A 148 -7.77 7.90 11.67
CA TYR A 148 -7.32 8.24 10.33
C TYR A 148 -5.81 7.98 10.23
N TYR A 149 -5.30 7.78 9.02
CA TYR A 149 -3.90 7.48 8.75
C TYR A 149 -3.39 8.24 7.53
N LEU A 150 -2.06 8.22 7.34
CA LEU A 150 -1.35 8.93 6.29
C LEU A 150 -0.06 8.17 5.93
N THR A 151 0.25 8.12 4.64
CA THR A 151 1.35 7.38 4.05
C THR A 151 2.62 8.18 4.26
N VAL A 152 3.57 7.76 5.08
CA VAL A 152 4.79 8.52 5.27
C VAL A 152 5.77 8.16 4.15
N THR A 153 6.33 9.18 3.50
CA THR A 153 7.18 9.01 2.33
C THR A 153 8.37 9.95 2.50
N GLU A 154 9.57 9.44 2.32
CA GLU A 154 10.79 10.23 2.22
C GLU A 154 10.97 10.96 3.55
N LEU A 155 11.17 10.16 4.60
CA LEU A 155 11.28 10.66 5.96
C LEU A 155 12.70 11.18 6.19
N ASN A 156 12.86 12.06 7.17
CA ASN A 156 14.10 12.47 7.82
C ASN A 156 13.90 12.26 9.29
N ALA A 157 14.78 11.48 9.88
CA ALA A 157 14.86 11.32 11.31
C ALA A 157 16.18 11.94 11.72
N GLY A 158 16.08 13.18 12.19
CA GLY A 158 17.18 14.09 12.23
C GLY A 158 17.82 14.24 10.85
N THR A 159 19.14 14.16 10.86
CA THR A 159 20.02 14.52 9.77
C THR A 159 20.31 13.29 8.91
N ARG A 160 19.55 12.21 9.09
CA ARG A 160 19.49 11.08 8.17
C ARG A 160 18.10 10.97 7.56
N VAL A 161 18.05 10.59 6.29
CA VAL A 161 16.83 10.18 5.60
C VAL A 161 16.46 8.79 6.13
N LEU A 162 15.17 8.47 6.16
CA LEU A 162 14.63 7.14 6.42
C LEU A 162 13.60 6.82 5.34
N GLU A 163 13.26 5.54 5.20
CA GLU A 163 12.57 5.05 4.01
C GLU A 163 11.07 5.42 4.05
N ASN A 164 10.40 5.30 2.90
CA ASN A 164 8.96 5.28 2.80
C ASN A 164 8.42 4.07 3.58
N ALA A 165 7.31 4.29 4.26
CA ALA A 165 6.60 3.33 5.11
C ALA A 165 5.12 3.33 4.72
N LEU A 166 4.39 2.32 5.19
CA LEU A 166 2.94 2.37 5.20
C LEU A 166 2.49 2.29 6.66
N VAL A 167 1.28 2.73 6.93
CA VAL A 167 0.76 3.02 8.25
C VAL A 167 -0.35 2.02 8.61
N PRO A 168 -0.11 0.99 9.43
CA PRO A 168 -1.24 0.24 9.99
C PRO A 168 -2.07 1.16 10.90
N PRO A 169 -3.41 1.09 10.82
CA PRO A 169 -4.31 2.04 11.46
C PRO A 169 -4.36 1.76 12.96
N MET A 170 -4.16 2.77 13.81
CA MET A 170 -4.04 2.59 15.25
C MET A 170 -3.00 1.49 15.53
N GLY A 171 -1.76 1.73 15.10
CA GLY A 171 -0.68 0.77 15.15
C GLY A 171 0.66 1.47 15.05
N GLU A 172 1.73 0.69 15.19
CA GLU A 172 3.08 1.19 15.32
C GLU A 172 3.96 0.45 14.31
N SER A 173 4.42 1.14 13.27
CA SER A 173 5.42 0.60 12.35
C SER A 173 6.80 0.88 12.93
N THR A 174 7.84 0.23 12.42
CA THR A 174 9.20 0.39 12.90
C THR A 174 10.14 0.40 11.71
N VAL A 175 11.16 1.25 11.74
CA VAL A 175 12.22 1.34 10.75
C VAL A 175 13.56 1.45 11.49
N LYS A 176 14.67 1.27 10.77
CA LYS A 176 16.01 1.40 11.33
C LYS A 176 16.23 2.79 11.92
N LEU A 177 17.18 2.87 12.84
CA LEU A 177 17.65 4.09 13.48
C LEU A 177 19.08 4.32 13.00
N PRO A 178 19.45 5.51 12.51
CA PRO A 178 20.79 5.82 12.03
C PRO A 178 21.81 6.01 13.18
N SER A 179 21.63 5.35 14.34
CA SER A 179 22.28 5.57 15.64
C SER A 179 22.24 7.02 16.16
N ASP A 180 21.58 7.94 15.44
CA ASP A 180 21.66 9.37 15.65
C ASP A 180 20.26 9.90 15.88
N ALA A 181 19.48 10.02 14.81
CA ALA A 181 18.13 10.59 14.74
C ALA A 181 17.92 11.75 15.70
N GLY A 182 18.31 12.96 15.27
CA GLY A 182 18.07 14.18 16.03
C GLY A 182 16.57 14.48 16.16
N SER A 183 16.23 15.54 16.90
CA SER A 183 14.89 15.77 17.43
C SER A 183 14.05 16.62 16.48
N ASN A 184 14.51 16.79 15.24
CA ASN A 184 13.65 17.16 14.13
C ASN A 184 13.40 15.87 13.38
N ILE A 185 12.22 15.28 13.57
CA ILE A 185 11.71 14.30 12.63
C ILE A 185 10.83 15.11 11.69
N THR A 186 11.04 14.95 10.40
CA THR A 186 10.33 15.71 9.37
C THR A 186 10.18 14.79 8.17
N TYR A 187 9.12 14.89 7.40
CA TYR A 187 8.81 13.90 6.36
C TYR A 187 7.85 14.48 5.33
N ARG A 188 7.69 13.82 4.19
CA ARG A 188 6.57 14.06 3.29
C ARG A 188 5.55 12.94 3.49
N THR A 189 4.42 13.04 2.81
CA THR A 189 3.44 11.98 2.70
C THR A 189 3.00 11.94 1.22
N ILE A 190 2.40 10.84 0.75
CA ILE A 190 1.72 10.77 -0.57
C ILE A 190 0.27 10.42 -0.27
N ASN A 191 -0.61 11.40 -0.45
CA ASN A 191 -2.04 11.25 -0.15
C ASN A 191 -2.77 10.38 -1.18
N ASP A 192 -4.08 10.19 -0.96
CA ASP A 192 -5.02 9.42 -1.76
C ASP A 192 -4.96 9.76 -3.24
N TYR A 193 -4.99 11.03 -3.61
CA TYR A 193 -5.10 11.46 -4.99
C TYR A 193 -3.69 11.45 -5.61
N GLY A 194 -2.69 11.03 -4.84
CA GLY A 194 -1.29 10.95 -5.20
C GLY A 194 -0.59 12.28 -4.93
N ALA A 195 -1.17 13.12 -4.05
CA ALA A 195 -0.68 14.45 -3.79
C ALA A 195 0.44 14.31 -2.78
N LEU A 196 1.65 14.62 -3.24
CA LEU A 196 2.85 14.71 -2.44
C LEU A 196 2.73 15.99 -1.61
N THR A 197 2.67 15.86 -0.29
CA THR A 197 2.55 16.98 0.62
C THR A 197 3.91 17.67 0.77
N PRO A 198 4.00 18.86 1.40
CA PRO A 198 5.30 19.43 1.75
C PRO A 198 6.10 18.53 2.68
N LYS A 199 7.41 18.81 2.80
CA LYS A 199 8.27 18.40 3.90
C LYS A 199 7.73 19.06 5.17
N MET A 200 6.82 18.38 5.84
CA MET A 200 6.23 18.80 7.08
C MET A 200 7.16 18.38 8.21
N THR A 201 7.08 19.08 9.34
CA THR A 201 7.74 18.65 10.55
C THR A 201 6.96 17.49 11.18
N GLY A 202 7.48 16.96 12.28
CA GLY A 202 6.93 15.82 12.99
C GLY A 202 7.07 15.96 14.49
N VAL A 203 6.41 15.06 15.23
CA VAL A 203 6.31 15.04 16.69
C VAL A 203 6.85 13.70 17.20
N MET A 204 7.97 13.72 17.90
CA MET A 204 8.49 12.57 18.65
C MET A 204 8.39 12.89 20.13
N GLU A 205 8.28 11.85 20.96
CA GLU A 205 8.13 11.94 22.39
C GLU A 205 8.91 10.78 22.98
N GLY A 1 8.90 -3.34 -14.24
CA GLY A 1 8.12 -4.52 -14.63
C GLY A 1 6.66 -4.17 -14.78
N VAL A 2 5.78 -4.94 -14.14
CA VAL A 2 4.34 -4.64 -14.14
C VAL A 2 4.15 -3.38 -13.30
N ALA A 3 3.56 -2.34 -13.88
CA ALA A 3 3.45 -1.05 -13.22
C ALA A 3 2.10 -0.94 -12.49
N LEU A 4 1.16 -1.85 -12.79
CA LEU A 4 -0.19 -1.91 -12.26
C LEU A 4 -0.97 -0.61 -12.54
N GLY A 5 -2.28 -0.65 -12.35
CA GLY A 5 -3.18 0.42 -12.75
C GLY A 5 -2.99 1.74 -12.01
N ALA A 6 -2.15 1.75 -10.98
CA ALA A 6 -1.65 2.86 -10.18
C ALA A 6 -0.63 2.23 -9.22
N THR A 7 0.19 3.03 -8.55
CA THR A 7 1.22 2.51 -7.63
C THR A 7 0.59 2.21 -6.26
N ARG A 8 -0.59 2.75 -6.01
CA ARG A 8 -1.42 2.59 -4.82
C ARG A 8 -2.86 2.68 -5.27
N VAL A 9 -3.81 2.23 -4.46
CA VAL A 9 -5.21 2.18 -4.88
C VAL A 9 -6.08 2.66 -3.71
N ILE A 10 -7.23 3.23 -4.03
CA ILE A 10 -8.16 3.83 -3.08
C ILE A 10 -9.52 3.31 -3.54
N TYR A 11 -10.17 2.55 -2.66
CA TYR A 11 -11.56 2.12 -2.79
C TYR A 11 -12.35 3.09 -1.88
N PRO A 12 -12.94 4.18 -2.40
CA PRO A 12 -13.64 5.17 -1.58
C PRO A 12 -15.09 4.76 -1.32
N ALA A 13 -15.36 4.18 -0.15
CA ALA A 13 -16.66 3.69 0.31
C ALA A 13 -17.48 2.90 -0.73
N GLY A 14 -17.30 1.58 -0.73
CA GLY A 14 -17.58 0.63 -1.81
C GLY A 14 -18.88 0.90 -2.55
N GLN A 15 -19.98 0.61 -1.87
CA GLN A 15 -21.35 0.96 -2.18
C GLN A 15 -21.67 0.88 -3.69
N LYS A 16 -21.22 -0.21 -4.34
CA LYS A 16 -21.26 -0.59 -5.75
C LYS A 16 -20.16 -1.64 -5.94
N GLN A 17 -18.99 -1.24 -6.44
CA GLN A 17 -17.90 -2.05 -6.99
C GLN A 17 -16.78 -1.08 -7.38
N GLU A 18 -15.58 -1.60 -7.64
CA GLU A 18 -14.49 -0.84 -8.23
C GLU A 18 -13.70 -1.74 -9.19
N GLN A 19 -12.66 -1.20 -9.82
CA GLN A 19 -11.79 -1.90 -10.75
C GLN A 19 -10.36 -1.36 -10.56
N LEU A 20 -9.37 -2.05 -11.12
CA LEU A 20 -7.99 -1.57 -11.17
C LEU A 20 -7.33 -2.12 -12.43
N ALA A 21 -6.68 -1.27 -13.21
CA ALA A 21 -5.95 -1.74 -14.40
C ALA A 21 -4.75 -2.60 -13.99
N VAL A 22 -4.18 -3.31 -14.95
CA VAL A 22 -2.82 -3.84 -14.90
C VAL A 22 -2.20 -3.33 -16.19
N THR A 23 -0.92 -2.95 -16.16
CA THR A 23 -0.15 -2.51 -17.31
C THR A 23 1.30 -2.96 -17.08
N ASN A 24 2.11 -3.07 -18.14
CA ASN A 24 3.49 -3.59 -18.05
C ASN A 24 4.48 -2.64 -18.70
N ASN A 25 5.75 -2.71 -18.29
CA ASN A 25 6.84 -1.96 -18.88
C ASN A 25 7.38 -2.68 -20.10
N ASP A 26 7.59 -3.99 -19.98
CA ASP A 26 7.91 -4.81 -21.15
C ASP A 26 6.70 -4.91 -22.06
N GLU A 27 6.94 -5.22 -23.33
CA GLU A 27 5.96 -5.37 -24.37
C GLU A 27 5.99 -6.75 -25.00
N ASN A 28 7.08 -7.50 -24.81
CA ASN A 28 7.32 -8.70 -25.60
C ASN A 28 6.43 -9.84 -25.12
N SER A 29 6.68 -10.33 -23.90
CA SER A 29 6.01 -11.53 -23.43
C SER A 29 4.70 -11.21 -22.73
N THR A 30 3.88 -12.26 -22.61
CA THR A 30 2.64 -12.28 -21.86
C THR A 30 3.04 -12.58 -20.41
N TYR A 31 2.40 -11.96 -19.43
CA TYR A 31 2.65 -12.18 -18.01
C TYR A 31 1.37 -12.73 -17.43
N LEU A 32 1.52 -13.49 -16.36
CA LEU A 32 0.46 -14.18 -15.66
C LEU A 32 0.28 -13.41 -14.36
N ILE A 33 -0.75 -12.57 -14.25
CA ILE A 33 -1.11 -11.96 -12.98
C ILE A 33 -1.76 -13.04 -12.11
N GLN A 34 -1.48 -12.97 -10.81
CA GLN A 34 -2.22 -13.65 -9.77
C GLN A 34 -2.50 -12.54 -8.74
N SER A 35 -3.68 -11.92 -8.79
CA SER A 35 -4.08 -10.92 -7.80
C SER A 35 -4.44 -11.64 -6.50
N TRP A 36 -4.05 -11.06 -5.38
CA TRP A 36 -4.59 -11.40 -4.08
C TRP A 36 -4.64 -10.15 -3.20
N VAL A 37 -5.37 -10.23 -2.09
CA VAL A 37 -5.52 -9.16 -1.13
C VAL A 37 -5.28 -9.71 0.27
N GLU A 38 -4.62 -8.90 1.08
CA GLU A 38 -4.37 -9.14 2.49
C GLU A 38 -4.81 -7.89 3.26
N ASN A 39 -5.12 -8.05 4.54
CA ASN A 39 -5.26 -6.99 5.53
C ASN A 39 -3.90 -6.27 5.63
N ALA A 40 -3.89 -5.04 6.14
CA ALA A 40 -2.68 -4.26 6.35
C ALA A 40 -1.60 -5.00 7.14
N ASP A 41 -1.98 -6.02 7.90
CA ASP A 41 -1.06 -6.78 8.73
C ASP A 41 -0.36 -7.86 7.92
N GLY A 42 -0.67 -7.96 6.62
CA GLY A 42 -0.21 -9.00 5.72
C GLY A 42 -1.05 -10.28 5.83
N VAL A 43 -2.12 -10.27 6.63
CA VAL A 43 -2.97 -11.44 6.80
C VAL A 43 -3.82 -11.61 5.55
N LYS A 44 -3.94 -12.83 5.02
CA LYS A 44 -4.91 -13.14 3.97
C LYS A 44 -6.18 -13.39 4.77
N ASP A 45 -7.19 -12.56 4.55
CA ASP A 45 -8.53 -12.75 5.07
C ASP A 45 -9.46 -12.30 3.96
N GLY A 46 -10.49 -13.08 3.64
CA GLY A 46 -11.26 -12.96 2.40
C GLY A 46 -12.23 -11.78 2.37
N ARG A 47 -11.93 -10.70 3.11
CA ARG A 47 -12.72 -9.48 3.23
C ARG A 47 -12.65 -8.58 2.00
N PHE A 48 -11.77 -8.87 1.04
CA PHE A 48 -11.89 -8.40 -0.33
C PHE A 48 -11.98 -9.66 -1.17
N ILE A 49 -12.62 -9.55 -2.32
CA ILE A 49 -12.50 -10.51 -3.40
C ILE A 49 -12.17 -9.70 -4.65
N VAL A 50 -11.43 -10.30 -5.58
CA VAL A 50 -11.06 -9.73 -6.86
C VAL A 50 -11.35 -10.79 -7.91
N THR A 51 -11.67 -10.38 -9.13
CA THR A 51 -11.89 -11.29 -10.23
C THR A 51 -11.44 -10.65 -11.57
N PRO A 52 -10.87 -11.43 -12.52
CA PRO A 52 -10.34 -12.77 -12.29
C PRO A 52 -9.16 -12.64 -11.31
N PRO A 53 -9.02 -13.55 -10.32
CA PRO A 53 -7.88 -13.54 -9.42
C PRO A 53 -6.61 -14.04 -10.13
N LEU A 54 -6.70 -14.61 -11.33
CA LEU A 54 -5.59 -15.08 -12.14
C LEU A 54 -5.91 -14.81 -13.60
N PHE A 55 -4.99 -14.21 -14.35
CA PHE A 55 -5.15 -14.02 -15.79
C PHE A 55 -3.82 -13.78 -16.50
N ALA A 56 -3.76 -14.08 -17.81
CA ALA A 56 -2.63 -13.76 -18.65
C ALA A 56 -2.90 -12.46 -19.38
N MET A 57 -2.08 -11.43 -19.18
CA MET A 57 -2.13 -10.18 -19.93
C MET A 57 -0.91 -10.13 -20.85
N LYS A 58 -0.96 -9.24 -21.85
CA LYS A 58 0.11 -9.00 -22.80
C LYS A 58 0.82 -7.72 -22.42
N GLY A 59 2.12 -7.59 -22.73
CA GLY A 59 2.96 -6.56 -22.14
C GLY A 59 2.45 -5.16 -22.44
N LYS A 60 2.42 -4.80 -23.72
CA LYS A 60 1.89 -3.51 -24.13
C LYS A 60 0.38 -3.64 -24.21
N LYS A 61 -0.28 -3.85 -23.07
CA LYS A 61 -1.73 -4.01 -23.01
C LYS A 61 -2.18 -3.74 -21.59
N GLU A 62 -3.49 -3.84 -21.38
CA GLU A 62 -4.15 -3.60 -20.12
C GLU A 62 -5.16 -4.73 -19.91
N ASN A 63 -5.27 -5.26 -18.69
CA ASN A 63 -6.22 -6.27 -18.27
C ASN A 63 -6.73 -5.85 -16.91
N THR A 64 -7.88 -5.19 -16.89
CA THR A 64 -8.42 -4.62 -15.67
C THR A 64 -8.97 -5.76 -14.79
N LEU A 65 -8.80 -5.58 -13.49
CA LEU A 65 -9.27 -6.39 -12.37
C LEU A 65 -10.59 -5.80 -11.93
N ARG A 66 -11.54 -6.63 -11.47
CA ARG A 66 -12.77 -6.19 -10.84
C ARG A 66 -12.63 -6.50 -9.37
N ILE A 67 -12.54 -5.47 -8.54
CA ILE A 67 -12.34 -5.55 -7.12
C ILE A 67 -13.68 -5.21 -6.47
N LEU A 68 -14.10 -5.98 -5.47
CA LEU A 68 -15.39 -5.76 -4.83
C LEU A 68 -15.34 -6.05 -3.33
N ASP A 69 -16.35 -5.56 -2.63
CA ASP A 69 -16.46 -5.69 -1.18
C ASP A 69 -16.76 -7.12 -0.80
N ALA A 70 -16.15 -7.62 0.26
CA ALA A 70 -16.53 -8.86 0.92
C ALA A 70 -16.34 -8.73 2.45
N THR A 71 -16.22 -7.51 2.99
CA THR A 71 -15.78 -7.28 4.35
C THR A 71 -16.71 -7.87 5.40
N ASN A 72 -18.02 -7.88 5.13
CA ASN A 72 -19.07 -8.35 6.02
C ASN A 72 -19.08 -7.66 7.39
N ASN A 73 -18.36 -6.54 7.54
CA ASN A 73 -18.24 -5.75 8.76
C ASN A 73 -18.74 -4.31 8.56
N GLN A 74 -19.52 -4.09 7.49
CA GLN A 74 -20.09 -2.83 6.99
C GLN A 74 -19.10 -1.66 6.83
N LEU A 75 -17.80 -1.91 6.98
CA LEU A 75 -16.72 -0.96 7.24
C LEU A 75 -16.98 -0.17 8.53
N PRO A 76 -15.93 0.20 9.28
CA PRO A 76 -16.09 0.99 10.49
C PRO A 76 -16.60 2.39 10.16
N GLN A 77 -17.41 2.93 11.07
CA GLN A 77 -17.96 4.28 11.00
C GLN A 77 -16.91 5.30 11.45
N ASP A 78 -16.23 5.00 12.55
CA ASP A 78 -15.48 5.95 13.37
C ASP A 78 -13.98 5.96 13.00
N ARG A 79 -13.56 5.13 12.04
CA ARG A 79 -12.16 4.93 11.63
C ARG A 79 -12.10 4.34 10.23
N GLU A 80 -10.89 4.20 9.68
CA GLU A 80 -10.64 3.80 8.30
C GLU A 80 -10.32 2.28 8.23
N SER A 81 -9.81 1.79 7.10
CA SER A 81 -9.32 0.44 6.88
C SER A 81 -8.27 0.47 5.75
N LEU A 82 -7.26 -0.39 5.82
CA LEU A 82 -6.14 -0.47 4.88
C LEU A 82 -5.89 -1.94 4.56
N PHE A 83 -5.54 -2.23 3.32
CA PHE A 83 -5.29 -3.56 2.81
C PHE A 83 -4.01 -3.51 1.94
N TRP A 84 -3.43 -4.65 1.63
CA TRP A 84 -2.37 -4.81 0.65
C TRP A 84 -3.02 -5.60 -0.49
N MET A 85 -2.88 -5.15 -1.73
CA MET A 85 -3.21 -5.94 -2.91
C MET A 85 -1.87 -6.38 -3.47
N ASN A 86 -1.45 -7.59 -3.11
CA ASN A 86 -0.22 -8.19 -3.59
C ASN A 86 -0.54 -8.85 -4.92
N VAL A 87 0.12 -8.41 -5.99
CA VAL A 87 -0.09 -8.94 -7.33
C VAL A 87 1.20 -9.62 -7.74
N LYS A 88 1.19 -10.95 -7.77
CA LYS A 88 2.25 -11.74 -8.37
C LYS A 88 2.07 -11.60 -9.88
N ALA A 89 3.15 -11.39 -10.63
CA ALA A 89 3.11 -11.32 -12.08
C ALA A 89 4.27 -12.15 -12.61
N ILE A 90 4.02 -13.33 -13.15
CA ILE A 90 5.06 -14.20 -13.64
C ILE A 90 5.21 -13.90 -15.14
N PRO A 91 6.38 -13.47 -15.64
CA PRO A 91 6.61 -13.32 -17.06
C PRO A 91 6.59 -14.71 -17.72
N SER A 92 5.48 -15.05 -18.36
CA SER A 92 5.16 -16.39 -18.79
C SER A 92 4.19 -16.31 -19.95
N MET A 93 4.71 -16.22 -21.17
CA MET A 93 3.91 -16.60 -22.32
C MET A 93 3.85 -18.13 -22.30
N ASP A 94 2.72 -18.71 -22.70
CA ASP A 94 2.69 -20.14 -22.95
C ASP A 94 3.54 -20.33 -24.20
N LYS A 95 4.43 -21.33 -24.11
CA LYS A 95 5.65 -21.50 -24.91
C LYS A 95 6.66 -20.49 -24.36
N SER A 96 7.76 -20.96 -23.78
CA SER A 96 8.88 -20.14 -23.33
C SER A 96 10.08 -21.08 -23.28
N LYS A 97 10.68 -21.35 -24.43
CA LYS A 97 12.01 -21.91 -24.55
C LYS A 97 12.68 -21.32 -25.79
N LEU A 98 14.02 -21.31 -25.79
CA LEU A 98 14.92 -20.58 -26.68
C LEU A 98 14.74 -19.06 -26.55
N THR A 99 15.85 -18.32 -26.59
CA THR A 99 15.98 -16.91 -26.25
C THR A 99 15.22 -16.66 -24.94
N GLU A 100 15.69 -17.31 -23.88
CA GLU A 100 14.93 -17.55 -22.66
C GLU A 100 15.93 -17.92 -21.55
N ASN A 101 15.45 -18.36 -20.38
CA ASN A 101 16.20 -18.81 -19.22
C ASN A 101 17.15 -17.73 -18.69
N THR A 102 16.81 -16.47 -19.00
CA THR A 102 17.63 -15.30 -18.79
C THR A 102 16.65 -14.24 -18.22
N LEU A 103 15.82 -14.64 -17.27
CA LEU A 103 14.83 -13.82 -16.60
C LEU A 103 14.88 -14.17 -15.11
N GLN A 104 14.71 -13.21 -14.19
CA GLN A 104 14.57 -13.51 -12.77
C GLN A 104 13.31 -14.33 -12.46
N LEU A 105 12.27 -14.19 -13.29
CA LEU A 105 10.93 -14.72 -13.07
C LEU A 105 10.25 -14.00 -11.89
N ALA A 106 8.93 -14.19 -11.76
CA ALA A 106 8.00 -13.63 -10.77
C ALA A 106 8.37 -12.21 -10.34
N ILE A 107 7.75 -11.22 -10.98
CA ILE A 107 7.70 -9.86 -10.48
C ILE A 107 6.53 -9.91 -9.51
N ILE A 108 6.81 -10.24 -8.25
CA ILE A 108 5.83 -10.04 -7.20
C ILE A 108 5.84 -8.54 -6.96
N SER A 109 4.75 -7.88 -7.31
CA SER A 109 4.54 -6.48 -7.03
C SER A 109 4.00 -6.38 -5.60
N ARG A 110 3.67 -5.17 -5.17
CA ARG A 110 2.96 -4.88 -3.94
C ARG A 110 2.17 -3.62 -4.24
N ILE A 111 0.95 -3.52 -3.73
CA ILE A 111 0.19 -2.30 -3.79
C ILE A 111 -0.39 -2.17 -2.39
N LYS A 112 -0.48 -0.95 -1.89
CA LYS A 112 -1.26 -0.65 -0.71
C LYS A 112 -2.58 -0.07 -1.18
N LEU A 113 -3.68 -0.57 -0.61
CA LEU A 113 -5.03 -0.23 -1.02
C LEU A 113 -5.75 0.33 0.20
N TYR A 114 -6.14 1.60 0.15
CA TYR A 114 -6.92 2.21 1.20
C TYR A 114 -8.37 1.85 0.95
N TYR A 115 -9.13 1.54 1.99
CA TYR A 115 -10.56 1.30 1.94
C TYR A 115 -11.16 2.27 2.96
N ARG A 116 -11.29 3.55 2.57
CA ARG A 116 -11.70 4.61 3.47
C ARG A 116 -13.15 4.94 3.18
N PRO A 117 -14.00 5.06 4.20
CA PRO A 117 -15.42 5.22 4.00
C PRO A 117 -15.81 6.68 3.68
N ALA A 118 -14.85 7.61 3.53
CA ALA A 118 -15.08 9.05 3.39
C ALA A 118 -15.87 9.66 4.56
N LYS A 119 -16.09 8.93 5.64
CA LYS A 119 -16.95 9.32 6.75
C LYS A 119 -16.21 10.11 7.83
N LEU A 120 -14.92 10.39 7.62
CA LEU A 120 -14.02 10.96 8.61
C LEU A 120 -13.79 12.42 8.27
N ALA A 121 -14.31 13.34 9.09
CA ALA A 121 -14.09 14.78 8.96
C ALA A 121 -12.79 15.24 9.64
N LEU A 122 -11.91 14.31 10.07
CA LEU A 122 -10.64 14.65 10.65
C LEU A 122 -9.75 15.12 9.48
N PRO A 123 -9.11 16.29 9.58
CA PRO A 123 -8.32 16.84 8.48
C PRO A 123 -7.04 16.02 8.22
N PRO A 124 -6.68 15.76 6.95
CA PRO A 124 -5.50 14.95 6.62
C PRO A 124 -4.19 15.62 7.03
N ASP A 125 -4.16 16.95 7.14
CA ASP A 125 -2.95 17.69 7.47
C ASP A 125 -2.56 17.36 8.90
N GLN A 126 -3.54 17.44 9.80
CA GLN A 126 -3.29 17.20 11.20
C GLN A 126 -3.36 15.70 11.50
N ALA A 127 -3.85 14.86 10.56
CA ALA A 127 -3.58 13.44 10.60
C ALA A 127 -2.08 13.18 10.59
N ALA A 128 -1.32 13.92 9.77
CA ALA A 128 0.13 13.81 9.78
C ALA A 128 0.71 14.45 11.03
N GLU A 129 0.13 15.56 11.51
CA GLU A 129 0.65 16.23 12.70
C GLU A 129 0.28 15.52 13.99
N LYS A 130 -0.39 14.38 13.92
CA LYS A 130 -0.67 13.49 15.04
C LYS A 130 -0.12 12.09 14.78
N LEU A 131 0.55 11.88 13.63
CA LEU A 131 1.48 10.79 13.46
C LEU A 131 2.68 11.22 14.31
N ARG A 132 2.73 10.80 15.56
CA ARG A 132 3.85 11.12 16.44
C ARG A 132 4.93 10.05 16.25
N PHE A 133 6.16 10.36 16.61
CA PHE A 133 7.30 9.53 16.24
C PHE A 133 8.02 9.34 17.58
N ARG A 134 8.43 8.12 17.94
CA ARG A 134 9.00 7.81 19.24
C ARG A 134 10.40 7.32 19.02
N ARG A 135 11.42 8.15 19.27
CA ARG A 135 12.78 7.76 18.95
C ARG A 135 13.41 7.01 20.10
N SER A 136 14.24 6.04 19.78
CA SER A 136 15.26 5.48 20.61
C SER A 136 16.49 5.31 19.75
N ALA A 137 17.66 5.22 20.37
CA ALA A 137 18.90 4.96 19.63
C ALA A 137 18.87 3.57 18.98
N ASN A 138 18.10 2.63 19.54
CA ASN A 138 17.94 1.28 19.01
C ASN A 138 17.03 1.26 17.78
N SER A 139 15.98 2.08 17.73
CA SER A 139 15.00 2.14 16.66
C SER A 139 14.07 3.31 16.98
N LEU A 140 13.42 3.86 15.96
CA LEU A 140 12.38 4.85 16.09
C LEU A 140 11.09 4.18 15.68
N THR A 141 9.95 4.61 16.23
CA THR A 141 8.69 3.96 15.93
C THR A 141 7.75 5.09 15.49
N LEU A 142 7.07 4.89 14.37
CA LEU A 142 6.00 5.74 13.86
C LEU A 142 4.73 5.28 14.57
N ILE A 143 3.80 6.19 14.84
CA ILE A 143 2.59 5.83 15.57
C ILE A 143 1.37 6.34 14.79
N ASN A 144 0.35 5.50 14.66
CA ASN A 144 -0.97 5.89 14.18
C ASN A 144 -2.01 5.07 14.94
N PRO A 145 -2.32 5.41 16.20
CA PRO A 145 -3.45 4.81 16.95
C PRO A 145 -4.80 5.41 16.50
N THR A 146 -4.78 6.22 15.46
CA THR A 146 -5.80 7.19 15.09
C THR A 146 -6.79 6.60 14.08
N PRO A 147 -7.90 7.31 13.79
CA PRO A 147 -8.93 6.77 12.92
C PRO A 147 -8.60 6.88 11.43
N TYR A 148 -7.54 7.60 11.05
CA TYR A 148 -7.34 8.10 9.70
C TYR A 148 -5.88 7.90 9.32
N TYR A 149 -5.64 7.60 8.04
CA TYR A 149 -4.36 7.13 7.56
C TYR A 149 -3.77 8.12 6.55
N LEU A 150 -2.46 8.32 6.60
CA LEU A 150 -1.68 9.15 5.69
C LEU A 150 -0.35 8.45 5.40
N THR A 151 0.02 8.32 4.13
CA THR A 151 1.32 7.76 3.75
C THR A 151 2.37 8.83 4.04
N VAL A 152 3.51 8.44 4.60
CA VAL A 152 4.66 9.33 4.76
C VAL A 152 5.56 9.04 3.56
N THR A 153 6.16 10.07 2.96
CA THR A 153 6.99 9.95 1.77
C THR A 153 8.25 10.78 2.00
N GLU A 154 9.42 10.20 1.75
CA GLU A 154 10.73 10.83 1.95
C GLU A 154 10.92 11.12 3.44
N LEU A 155 10.96 10.06 4.25
CA LEU A 155 10.99 10.14 5.69
C LEU A 155 12.45 10.41 6.07
N ASN A 156 12.71 11.61 6.58
CA ASN A 156 14.03 12.04 7.02
C ASN A 156 13.99 12.15 8.54
N ALA A 157 15.05 11.75 9.23
CA ALA A 157 15.16 11.78 10.67
C ALA A 157 16.51 12.32 11.07
N GLY A 158 16.51 13.52 11.66
CA GLY A 158 17.68 14.26 12.00
C GLY A 158 18.31 14.90 10.80
N THR A 159 19.24 14.15 10.23
CA THR A 159 19.83 14.37 8.92
C THR A 159 20.08 13.01 8.22
N ARG A 160 19.52 11.91 8.73
CA ARG A 160 19.59 10.59 8.11
C ARG A 160 18.31 10.36 7.30
N VAL A 161 18.43 9.91 6.06
CA VAL A 161 17.30 9.39 5.30
C VAL A 161 16.97 8.00 5.86
N LEU A 162 15.68 7.66 6.01
CA LEU A 162 15.23 6.35 6.48
C LEU A 162 14.13 5.81 5.58
N GLU A 163 13.83 4.51 5.74
CA GLU A 163 12.87 3.76 4.93
C GLU A 163 11.52 4.48 4.85
N ASN A 164 10.78 4.15 3.79
CA ASN A 164 9.40 4.52 3.63
C ASN A 164 8.49 3.65 4.51
N ALA A 165 7.33 4.16 4.93
CA ALA A 165 6.36 3.45 5.76
C ALA A 165 4.96 3.98 5.45
N LEU A 166 3.93 3.16 5.62
CA LEU A 166 2.58 3.43 5.13
C LEU A 166 1.52 3.13 6.19
N VAL A 167 1.61 3.80 7.33
CA VAL A 167 0.50 4.01 8.25
C VAL A 167 -0.26 2.74 8.67
N PRO A 168 0.26 1.96 9.62
CA PRO A 168 -0.43 0.76 10.06
C PRO A 168 -1.74 1.14 10.77
N PRO A 169 -2.85 0.48 10.45
CA PRO A 169 -4.16 0.83 10.98
C PRO A 169 -4.19 0.59 12.48
N MET A 170 -4.28 1.68 13.26
CA MET A 170 -4.24 1.64 14.71
C MET A 170 -3.01 0.88 15.20
N GLY A 171 -1.82 1.25 14.72
CA GLY A 171 -0.61 0.47 14.89
C GLY A 171 0.65 1.33 14.92
N GLU A 172 1.80 0.66 14.78
CA GLU A 172 3.12 1.24 14.87
C GLU A 172 3.99 0.69 13.74
N SER A 173 4.94 1.48 13.21
CA SER A 173 5.94 1.03 12.25
C SER A 173 7.31 1.40 12.78
N THR A 174 8.12 0.40 13.09
CA THR A 174 9.47 0.65 13.56
C THR A 174 10.41 0.85 12.36
N VAL A 175 11.32 1.82 12.48
CA VAL A 175 12.38 2.11 11.52
C VAL A 175 13.71 2.14 12.27
N LYS A 176 14.80 1.85 11.56
CA LYS A 176 16.10 1.62 12.16
C LYS A 176 16.80 2.95 12.34
N LEU A 177 16.87 3.45 13.58
CA LEU A 177 17.44 4.77 13.84
C LEU A 177 18.96 4.60 13.91
N PRO A 178 19.78 5.48 13.33
CA PRO A 178 21.18 5.19 13.01
C PRO A 178 22.11 5.38 14.22
N SER A 179 21.64 5.12 15.44
CA SER A 179 22.27 5.48 16.71
C SER A 179 22.56 6.98 16.88
N ASP A 180 21.99 7.87 16.05
CA ASP A 180 22.21 9.31 16.20
C ASP A 180 20.89 10.05 16.08
N ALA A 181 20.38 10.20 14.84
CA ALA A 181 19.23 11.00 14.44
C ALA A 181 19.04 12.29 15.25
N GLY A 182 19.46 13.42 14.66
CA GLY A 182 19.18 14.76 15.16
C GLY A 182 17.70 15.01 15.43
N SER A 183 17.38 16.18 15.97
CA SER A 183 16.14 16.43 16.68
C SER A 183 15.05 16.98 15.75
N ASN A 184 15.28 16.88 14.45
CA ASN A 184 14.36 17.30 13.39
C ASN A 184 13.99 16.12 12.51
N ILE A 185 12.83 15.49 12.74
CA ILE A 185 12.23 14.58 11.80
C ILE A 185 11.41 15.42 10.84
N THR A 186 11.39 15.09 9.56
CA THR A 186 10.62 15.82 8.55
C THR A 186 10.26 14.85 7.41
N TYR A 187 9.27 15.20 6.60
CA TYR A 187 8.76 14.33 5.56
C TYR A 187 7.80 15.09 4.65
N ARG A 188 7.49 14.50 3.50
CA ARG A 188 6.28 14.83 2.75
C ARG A 188 5.23 13.78 3.10
N THR A 189 3.99 13.98 2.66
CA THR A 189 3.01 12.92 2.55
C THR A 189 2.54 12.90 1.10
N ILE A 190 1.93 11.81 0.64
CA ILE A 190 1.14 11.81 -0.57
C ILE A 190 -0.28 11.58 -0.07
N ASN A 191 -1.13 12.59 -0.26
CA ASN A 191 -2.54 12.42 0.06
C ASN A 191 -3.15 11.53 -1.03
N ASP A 192 -4.37 11.05 -0.79
CA ASP A 192 -5.05 10.05 -1.62
C ASP A 192 -5.17 10.48 -3.09
N TYR A 193 -5.15 11.77 -3.36
CA TYR A 193 -5.36 12.27 -4.71
C TYR A 193 -4.05 12.22 -5.52
N GLY A 194 -2.97 11.71 -4.92
CA GLY A 194 -1.62 11.73 -5.46
C GLY A 194 -0.93 13.06 -5.14
N ALA A 195 -1.52 13.84 -4.24
CA ALA A 195 -1.12 15.20 -3.95
C ALA A 195 0.02 15.10 -2.96
N LEU A 196 1.23 15.20 -3.48
CA LEU A 196 2.45 15.28 -2.70
C LEU A 196 2.42 16.59 -1.94
N THR A 197 2.28 16.54 -0.62
CA THR A 197 2.31 17.71 0.23
C THR A 197 3.77 18.18 0.36
N PRO A 198 4.03 19.47 0.70
CA PRO A 198 5.39 19.94 0.86
C PRO A 198 6.02 19.41 2.15
N LYS A 199 7.33 19.62 2.32
CA LYS A 199 8.10 19.25 3.51
C LYS A 199 7.40 19.77 4.76
N MET A 200 6.70 18.90 5.47
CA MET A 200 6.25 19.18 6.81
C MET A 200 7.39 18.79 7.74
N THR A 201 7.60 19.56 8.79
CA THR A 201 8.35 19.12 9.92
C THR A 201 7.56 18.06 10.69
N GLY A 202 8.20 17.42 11.64
CA GLY A 202 7.64 16.33 12.41
C GLY A 202 7.80 16.54 13.90
N VAL A 203 7.23 15.61 14.68
CA VAL A 203 7.27 15.64 16.13
C VAL A 203 7.81 14.30 16.60
N MET A 204 9.13 14.22 16.82
CA MET A 204 9.70 13.12 17.58
C MET A 204 9.42 13.36 19.07
N GLU A 205 9.32 12.28 19.81
CA GLU A 205 9.48 12.11 21.23
C GLU A 205 10.87 11.53 21.44
N GLY A 1 7.00 -2.42 -9.86
CA GLY A 1 7.05 -3.55 -10.79
C GLY A 1 6.25 -3.27 -12.04
N VAL A 2 5.32 -4.16 -12.42
CA VAL A 2 4.30 -3.91 -13.43
C VAL A 2 3.65 -2.54 -13.15
N ALA A 3 3.27 -1.83 -14.21
CA ALA A 3 2.80 -0.46 -14.13
C ALA A 3 1.28 -0.56 -14.03
N LEU A 4 0.80 -0.72 -12.81
CA LEU A 4 -0.63 -0.86 -12.54
C LEU A 4 -1.28 0.49 -12.70
N GLY A 5 -2.60 0.48 -12.89
CA GLY A 5 -3.40 1.61 -13.35
C GLY A 5 -3.30 2.85 -12.47
N ALA A 6 -2.76 2.70 -11.26
CA ALA A 6 -2.27 3.76 -10.44
C ALA A 6 -1.21 3.17 -9.53
N THR A 7 -0.38 4.03 -8.93
CA THR A 7 0.66 3.61 -7.99
C THR A 7 0.07 3.45 -6.57
N ARG A 8 -1.21 3.84 -6.36
CA ARG A 8 -2.01 3.50 -5.18
C ARG A 8 -3.46 3.32 -5.60
N VAL A 9 -4.27 2.60 -4.82
CA VAL A 9 -5.69 2.38 -5.13
C VAL A 9 -6.49 2.66 -3.85
N ILE A 10 -7.73 3.13 -4.00
CA ILE A 10 -8.50 3.76 -2.93
C ILE A 10 -9.95 3.36 -3.15
N TYR A 11 -10.63 2.95 -2.09
CA TYR A 11 -12.01 2.50 -2.10
C TYR A 11 -12.70 3.24 -0.95
N PRO A 12 -13.03 4.53 -1.11
CA PRO A 12 -13.83 5.26 -0.14
C PRO A 12 -15.31 4.88 -0.34
N ALA A 13 -15.81 4.02 0.56
CA ALA A 13 -17.20 3.59 0.73
C ALA A 13 -17.99 3.50 -0.58
N GLY A 14 -17.57 2.60 -1.47
CA GLY A 14 -18.01 2.59 -2.86
C GLY A 14 -19.38 1.97 -3.08
N GLN A 15 -19.87 1.20 -2.10
CA GLN A 15 -21.14 0.48 -2.11
C GLN A 15 -21.44 -0.17 -3.48
N LYS A 16 -20.43 -0.78 -4.10
CA LYS A 16 -20.45 -1.32 -5.46
C LYS A 16 -19.09 -1.97 -5.72
N GLN A 17 -18.20 -1.34 -6.49
CA GLN A 17 -16.86 -1.83 -6.79
C GLN A 17 -15.95 -0.68 -7.18
N GLU A 18 -14.65 -0.93 -7.21
CA GLU A 18 -13.59 -0.15 -7.84
C GLU A 18 -12.87 -1.06 -8.83
N GLN A 19 -11.80 -0.56 -9.43
CA GLN A 19 -11.01 -1.25 -10.42
C GLN A 19 -9.53 -0.94 -10.22
N LEU A 20 -8.66 -1.71 -10.88
CA LEU A 20 -7.26 -1.39 -11.05
C LEU A 20 -6.85 -1.84 -12.43
N ALA A 21 -6.42 -0.93 -13.31
CA ALA A 21 -5.86 -1.31 -14.60
C ALA A 21 -4.52 -2.02 -14.41
N VAL A 22 -4.03 -2.67 -15.46
CA VAL A 22 -2.71 -3.28 -15.52
C VAL A 22 -2.11 -2.84 -16.83
N THR A 23 -0.82 -2.50 -16.85
CA THR A 23 -0.02 -2.48 -18.06
C THR A 23 1.35 -3.02 -17.65
N ASN A 24 1.97 -3.87 -18.47
CA ASN A 24 3.35 -4.30 -18.22
C ASN A 24 4.31 -3.27 -18.78
N ASN A 25 5.57 -3.28 -18.34
CA ASN A 25 6.55 -2.31 -18.79
C ASN A 25 7.17 -2.76 -20.13
N ASP A 26 7.60 -4.02 -20.20
CA ASP A 26 8.09 -4.66 -21.42
C ASP A 26 6.90 -5.10 -22.30
N GLU A 27 7.16 -5.35 -23.58
CA GLU A 27 6.24 -5.84 -24.58
C GLU A 27 6.65 -7.20 -25.17
N ASN A 28 7.82 -7.71 -24.83
CA ASN A 28 8.28 -9.04 -25.23
C ASN A 28 7.59 -10.12 -24.41
N SER A 29 7.85 -10.08 -23.10
CA SER A 29 7.46 -11.07 -22.11
C SER A 29 5.94 -11.30 -22.08
N THR A 30 5.54 -12.38 -21.43
CA THR A 30 4.16 -12.70 -21.07
C THR A 30 4.16 -12.90 -19.55
N TYR A 31 3.11 -12.43 -18.87
CA TYR A 31 3.04 -12.41 -17.41
C TYR A 31 1.66 -12.88 -16.98
N LEU A 32 1.59 -13.43 -15.77
CA LEU A 32 0.35 -13.78 -15.11
C LEU A 32 0.19 -12.83 -13.95
N ILE A 33 -0.77 -11.91 -14.04
CA ILE A 33 -1.18 -11.14 -12.86
C ILE A 33 -2.01 -12.08 -11.99
N GLN A 34 -1.43 -12.51 -10.87
CA GLN A 34 -2.23 -13.01 -9.77
C GLN A 34 -2.60 -11.77 -8.94
N SER A 35 -3.74 -11.76 -8.26
CA SER A 35 -4.14 -10.80 -7.24
C SER A 35 -4.58 -11.59 -6.00
N TRP A 36 -4.35 -11.01 -4.82
CA TRP A 36 -5.02 -11.34 -3.58
C TRP A 36 -5.00 -10.10 -2.69
N VAL A 37 -5.80 -10.10 -1.62
CA VAL A 37 -5.89 -8.99 -0.70
C VAL A 37 -5.15 -9.38 0.59
N GLU A 38 -4.56 -8.41 1.28
CA GLU A 38 -3.97 -8.58 2.59
C GLU A 38 -4.41 -7.41 3.47
N ASN A 39 -4.24 -7.56 4.78
CA ASN A 39 -4.34 -6.55 5.81
C ASN A 39 -3.09 -5.64 5.74
N ALA A 40 -3.11 -4.53 6.47
CA ALA A 40 -2.02 -3.60 6.69
C ALA A 40 -0.71 -4.23 7.18
N ASP A 41 -0.73 -5.48 7.62
CA ASP A 41 0.47 -6.20 8.06
C ASP A 41 1.07 -7.04 6.92
N GLY A 42 0.42 -7.06 5.74
CA GLY A 42 0.68 -8.05 4.71
C GLY A 42 0.16 -9.44 5.10
N VAL A 43 -0.59 -9.55 6.20
CA VAL A 43 -1.24 -10.76 6.64
C VAL A 43 -2.43 -10.97 5.71
N LYS A 44 -2.72 -12.21 5.26
CA LYS A 44 -3.86 -12.37 4.36
C LYS A 44 -5.09 -12.45 5.25
N ASP A 45 -5.84 -11.37 5.32
CA ASP A 45 -7.21 -11.29 5.78
C ASP A 45 -7.83 -10.21 4.92
N GLY A 46 -8.88 -10.54 4.19
CA GLY A 46 -9.36 -9.72 3.11
C GLY A 46 -10.59 -10.35 2.51
N ARG A 47 -11.77 -9.97 3.00
CA ARG A 47 -13.04 -10.31 2.40
C ARG A 47 -13.21 -9.77 1.00
N PHE A 48 -12.49 -8.72 0.61
CA PHE A 48 -12.56 -8.18 -0.73
C PHE A 48 -12.32 -9.29 -1.74
N ILE A 49 -13.13 -9.35 -2.78
CA ILE A 49 -12.97 -10.27 -3.90
C ILE A 49 -12.60 -9.40 -5.10
N VAL A 50 -11.92 -10.02 -6.06
CA VAL A 50 -11.34 -9.37 -7.22
C VAL A 50 -11.61 -10.30 -8.39
N THR A 51 -11.77 -9.74 -9.59
CA THR A 51 -11.89 -10.52 -10.80
C THR A 51 -11.28 -9.75 -11.97
N PRO A 52 -10.62 -10.40 -12.93
CA PRO A 52 -10.06 -11.74 -12.79
C PRO A 52 -8.95 -11.73 -11.72
N PRO A 53 -8.94 -12.65 -10.74
CA PRO A 53 -7.91 -12.68 -9.70
C PRO A 53 -6.65 -13.42 -10.16
N LEU A 54 -6.71 -14.08 -11.30
CA LEU A 54 -5.64 -14.79 -11.98
C LEU A 54 -5.94 -14.61 -13.46
N PHE A 55 -4.93 -14.28 -14.26
CA PHE A 55 -5.09 -14.03 -15.69
C PHE A 55 -3.73 -13.87 -16.36
N ALA A 56 -3.40 -14.81 -17.22
CA ALA A 56 -2.14 -14.77 -17.92
C ALA A 56 -2.35 -14.02 -19.23
N MET A 57 -1.57 -12.98 -19.47
CA MET A 57 -1.73 -12.08 -20.60
C MET A 57 -0.36 -11.67 -21.11
N LYS A 58 -0.33 -11.05 -22.27
CA LYS A 58 0.89 -10.49 -22.83
C LYS A 58 1.21 -9.24 -22.03
N GLY A 59 2.49 -8.92 -21.94
CA GLY A 59 2.95 -7.69 -21.35
C GLY A 59 2.31 -6.51 -22.07
N LYS A 60 2.38 -6.49 -23.41
CA LYS A 60 1.79 -5.43 -24.20
C LYS A 60 0.28 -5.58 -24.33
N LYS A 61 -0.41 -5.50 -23.20
CA LYS A 61 -1.86 -5.42 -23.10
C LYS A 61 -2.22 -4.54 -21.93
N GLU A 62 -3.52 -4.34 -21.77
CA GLU A 62 -4.12 -3.82 -20.56
C GLU A 62 -5.22 -4.80 -20.18
N ASN A 63 -5.36 -5.14 -18.91
CA ASN A 63 -6.43 -5.97 -18.40
C ASN A 63 -6.77 -5.54 -16.99
N THR A 64 -7.82 -4.74 -16.83
CA THR A 64 -8.21 -4.20 -15.54
C THR A 64 -8.83 -5.31 -14.69
N LEU A 65 -8.55 -5.25 -13.39
CA LEU A 65 -9.21 -6.03 -12.35
C LEU A 65 -10.37 -5.19 -11.87
N ARG A 66 -11.53 -5.79 -11.61
CA ARG A 66 -12.59 -5.21 -10.81
C ARG A 66 -12.35 -5.73 -9.39
N ILE A 67 -12.52 -4.88 -8.40
CA ILE A 67 -12.25 -5.13 -6.98
C ILE A 67 -13.54 -4.72 -6.28
N LEU A 68 -14.18 -5.60 -5.52
CA LEU A 68 -15.50 -5.31 -4.95
C LEU A 68 -15.60 -5.61 -3.46
N ASP A 69 -16.52 -4.91 -2.80
CA ASP A 69 -16.79 -5.03 -1.38
C ASP A 69 -17.64 -6.26 -1.12
N ALA A 70 -16.94 -7.38 -1.12
CA ALA A 70 -17.38 -8.69 -0.68
C ALA A 70 -17.31 -8.82 0.86
N THR A 71 -17.00 -7.77 1.60
CA THR A 71 -17.15 -7.79 3.04
C THR A 71 -18.65 -7.70 3.35
N ASN A 72 -19.36 -6.80 2.65
CA ASN A 72 -20.70 -6.33 2.97
C ASN A 72 -20.85 -5.88 4.44
N ASN A 73 -19.75 -5.73 5.20
CA ASN A 73 -19.79 -5.32 6.61
C ASN A 73 -19.73 -3.81 6.77
N GLN A 74 -19.77 -3.07 5.65
CA GLN A 74 -19.96 -1.62 5.60
C GLN A 74 -18.88 -0.78 6.29
N LEU A 75 -17.78 -1.42 6.71
CA LEU A 75 -16.69 -0.95 7.55
C LEU A 75 -17.10 -0.34 8.90
N PRO A 76 -16.15 -0.19 9.84
CA PRO A 76 -16.42 0.37 11.14
C PRO A 76 -17.04 1.77 11.10
N GLN A 77 -17.56 2.20 12.24
CA GLN A 77 -18.17 3.50 12.43
C GLN A 77 -17.28 4.42 13.26
N ASP A 78 -16.12 3.92 13.72
CA ASP A 78 -15.27 4.53 14.74
C ASP A 78 -13.79 4.50 14.36
N ARG A 79 -13.43 3.83 13.27
CA ARG A 79 -12.07 3.78 12.75
C ARG A 79 -12.10 3.53 11.25
N GLU A 80 -10.98 3.77 10.59
CA GLU A 80 -10.83 3.49 9.17
C GLU A 80 -10.36 2.03 9.00
N SER A 81 -9.89 1.62 7.81
CA SER A 81 -9.29 0.32 7.55
C SER A 81 -8.20 0.50 6.50
N LEU A 82 -7.33 -0.50 6.33
CA LEU A 82 -6.30 -0.54 5.29
C LEU A 82 -6.19 -1.96 4.75
N PHE A 83 -6.36 -2.14 3.45
CA PHE A 83 -5.94 -3.35 2.77
C PHE A 83 -4.68 -3.06 1.97
N TRP A 84 -4.01 -4.13 1.57
CA TRP A 84 -3.06 -4.17 0.48
C TRP A 84 -3.78 -4.95 -0.63
N MET A 85 -3.81 -4.42 -1.85
CA MET A 85 -4.16 -5.21 -3.02
C MET A 85 -2.81 -5.71 -3.52
N ASN A 86 -2.42 -6.92 -3.11
CA ASN A 86 -1.18 -7.47 -3.57
C ASN A 86 -1.40 -8.08 -4.93
N VAL A 87 -0.37 -7.97 -5.76
CA VAL A 87 -0.40 -8.41 -7.12
C VAL A 87 0.96 -9.07 -7.29
N LYS A 88 0.99 -10.24 -7.93
CA LYS A 88 2.20 -10.95 -8.25
C LYS A 88 2.17 -11.25 -9.73
N ALA A 89 2.99 -10.54 -10.50
CA ALA A 89 3.12 -10.72 -11.93
C ALA A 89 4.17 -11.80 -12.12
N ILE A 90 3.71 -13.00 -12.39
CA ILE A 90 4.51 -14.20 -12.54
C ILE A 90 5.00 -14.18 -13.99
N PRO A 91 6.31 -14.28 -14.28
CA PRO A 91 6.73 -14.48 -15.65
C PRO A 91 6.16 -15.82 -16.14
N SER A 92 5.38 -15.79 -17.21
CA SER A 92 4.71 -16.95 -17.75
C SER A 92 4.88 -16.86 -19.27
N MET A 93 6.12 -17.01 -19.70
CA MET A 93 6.58 -16.67 -21.03
C MET A 93 6.06 -17.69 -22.02
N ASP A 94 6.16 -17.37 -23.32
CA ASP A 94 6.02 -18.38 -24.35
C ASP A 94 7.12 -19.44 -24.14
N LYS A 95 6.84 -20.69 -24.52
CA LYS A 95 7.58 -21.86 -24.07
C LYS A 95 7.79 -21.82 -22.54
N SER A 96 6.70 -21.74 -21.79
CA SER A 96 6.70 -21.93 -20.34
C SER A 96 5.37 -22.56 -19.89
N LYS A 97 5.01 -23.70 -20.48
CA LYS A 97 3.96 -24.57 -19.94
C LYS A 97 4.56 -25.34 -18.75
N LEU A 98 4.20 -26.61 -18.57
CA LEU A 98 4.35 -27.41 -17.35
C LEU A 98 3.51 -26.79 -16.22
N THR A 99 3.32 -27.54 -15.14
CA THR A 99 2.65 -27.11 -13.94
C THR A 99 3.49 -27.68 -12.79
N GLU A 100 4.52 -26.92 -12.44
CA GLU A 100 5.46 -27.12 -11.35
C GLU A 100 5.50 -25.78 -10.58
N ASN A 101 6.13 -25.73 -9.41
CA ASN A 101 6.07 -24.59 -8.48
C ASN A 101 7.49 -24.22 -8.09
N THR A 102 8.30 -23.95 -9.10
CA THR A 102 9.71 -23.62 -9.03
C THR A 102 9.91 -22.28 -9.77
N LEU A 103 9.01 -21.34 -9.44
CA LEU A 103 9.12 -19.92 -9.76
C LEU A 103 10.45 -19.42 -9.23
N GLN A 104 11.37 -19.04 -10.12
CA GLN A 104 12.62 -18.41 -9.72
C GLN A 104 12.37 -17.04 -9.09
N LEU A 105 11.38 -16.30 -9.59
CA LEU A 105 10.91 -15.02 -9.06
C LEU A 105 9.65 -14.55 -9.80
N ALA A 106 8.97 -13.58 -9.23
CA ALA A 106 7.88 -12.83 -9.84
C ALA A 106 8.01 -11.36 -9.44
N ILE A 107 7.29 -10.49 -10.13
CA ILE A 107 7.33 -9.04 -10.00
C ILE A 107 6.11 -8.68 -9.17
N ILE A 108 6.28 -8.73 -7.85
CA ILE A 108 5.24 -8.43 -6.87
C ILE A 108 5.08 -6.90 -6.83
N SER A 109 4.01 -6.37 -7.43
CA SER A 109 3.84 -4.95 -7.61
C SER A 109 3.21 -4.26 -6.39
N ARG A 110 2.64 -5.02 -5.46
CA ARG A 110 2.38 -4.62 -4.07
C ARG A 110 1.70 -3.25 -3.94
N ILE A 111 0.37 -3.17 -3.94
CA ILE A 111 -0.32 -1.87 -3.96
C ILE A 111 -1.06 -1.67 -2.64
N LYS A 112 -1.02 -0.44 -2.14
CA LYS A 112 -1.78 0.05 -1.01
C LYS A 112 -3.22 0.23 -1.47
N LEU A 113 -4.19 -0.29 -0.73
CA LEU A 113 -5.60 -0.10 -1.02
C LEU A 113 -6.25 0.61 0.17
N TYR A 114 -6.63 1.87 -0.02
CA TYR A 114 -7.18 2.74 1.03
C TYR A 114 -8.66 2.38 1.08
N TYR A 115 -9.00 1.25 1.71
CA TYR A 115 -10.36 0.79 1.89
C TYR A 115 -10.88 1.53 3.10
N ARG A 116 -11.72 2.54 2.91
CA ARG A 116 -12.21 3.31 4.03
C ARG A 116 -13.71 3.54 3.92
N PRO A 117 -14.43 3.66 5.04
CA PRO A 117 -15.74 4.28 4.99
C PRO A 117 -15.62 5.79 4.71
N ALA A 118 -14.46 6.40 5.02
CA ALA A 118 -14.15 7.83 5.01
C ALA A 118 -15.13 8.67 5.86
N LYS A 119 -15.93 8.03 6.69
CA LYS A 119 -17.08 8.57 7.42
C LYS A 119 -16.71 9.13 8.80
N LEU A 120 -15.42 9.14 9.12
CA LEU A 120 -14.89 9.67 10.37
C LEU A 120 -15.10 11.18 10.45
N ALA A 121 -14.89 11.75 11.64
CA ALA A 121 -14.86 13.18 11.89
C ALA A 121 -13.43 13.71 12.06
N LEU A 122 -12.43 12.85 11.89
CA LEU A 122 -11.03 13.22 11.82
C LEU A 122 -10.78 13.84 10.45
N PRO A 123 -10.33 15.10 10.35
CA PRO A 123 -9.92 15.71 9.09
C PRO A 123 -8.71 15.00 8.50
N PRO A 124 -8.59 14.85 7.17
CA PRO A 124 -7.45 14.21 6.52
C PRO A 124 -6.16 15.02 6.70
N ASP A 125 -6.26 16.29 7.08
CA ASP A 125 -5.14 17.14 7.46
C ASP A 125 -4.61 16.72 8.84
N GLN A 126 -5.50 16.63 9.83
CA GLN A 126 -5.15 16.47 11.22
C GLN A 126 -4.87 15.00 11.54
N ALA A 127 -4.99 14.12 10.55
CA ALA A 127 -4.38 12.81 10.55
C ALA A 127 -2.88 12.94 10.80
N ALA A 128 -2.21 13.88 10.10
CA ALA A 128 -0.77 14.08 10.21
C ALA A 128 -0.38 14.83 11.47
N GLU A 129 -1.30 15.59 12.05
CA GLU A 129 -1.04 16.42 13.22
C GLU A 129 -1.34 15.67 14.52
N LYS A 130 -1.60 14.35 14.44
CA LYS A 130 -1.62 13.45 15.57
C LYS A 130 -0.81 12.18 15.30
N LEU A 131 -0.17 12.08 14.14
CA LEU A 131 0.91 11.15 13.88
C LEU A 131 2.02 11.51 14.87
N ARG A 132 2.61 10.52 15.52
CA ARG A 132 3.68 10.67 16.51
C ARG A 132 4.67 9.54 16.24
N PHE A 133 5.89 9.62 16.77
CA PHE A 133 6.93 8.63 16.52
C PHE A 133 7.74 8.46 17.79
N ARG A 134 8.54 7.38 17.90
CA ARG A 134 9.39 7.11 19.05
C ARG A 134 10.78 6.82 18.49
N ARG A 135 11.75 7.69 18.75
CA ARG A 135 13.11 7.47 18.31
C ARG A 135 13.82 6.57 19.31
N SER A 136 14.65 5.67 18.82
CA SER A 136 15.43 4.75 19.60
C SER A 136 16.85 4.69 19.02
N ALA A 137 17.81 4.22 19.81
CA ALA A 137 19.20 4.06 19.38
C ALA A 137 19.39 2.81 18.50
N ASN A 138 18.46 2.58 17.57
CA ASN A 138 18.36 1.40 16.70
C ASN A 138 17.29 1.58 15.63
N SER A 139 16.21 2.27 15.97
CA SER A 139 14.97 2.22 15.20
C SER A 139 14.13 3.45 15.44
N LEU A 140 13.36 3.85 14.44
CA LEU A 140 12.28 4.81 14.53
C LEU A 140 11.01 3.96 14.62
N THR A 141 10.38 3.92 15.78
CA THR A 141 9.12 3.20 15.93
C THR A 141 8.06 4.21 15.48
N LEU A 142 7.18 3.76 14.58
CA LEU A 142 6.04 4.52 14.11
C LEU A 142 4.90 4.33 15.10
N ILE A 143 4.12 5.38 15.35
CA ILE A 143 3.02 5.35 16.30
C ILE A 143 1.81 5.92 15.55
N ASN A 144 0.77 5.13 15.33
CA ASN A 144 -0.49 5.63 14.76
C ASN A 144 -1.69 5.14 15.60
N PRO A 145 -1.87 5.65 16.83
CA PRO A 145 -2.93 5.25 17.74
C PRO A 145 -4.20 6.05 17.44
N THR A 146 -4.70 5.93 16.21
CA THR A 146 -5.74 6.80 15.70
C THR A 146 -6.73 5.95 14.90
N PRO A 147 -7.86 6.52 14.46
CA PRO A 147 -8.70 5.84 13.49
C PRO A 147 -8.08 5.82 12.09
N TYR A 148 -7.17 6.74 11.75
CA TYR A 148 -6.82 7.10 10.39
C TYR A 148 -5.33 7.37 10.26
N TYR A 149 -4.73 6.59 9.41
CA TYR A 149 -3.30 6.50 9.13
C TYR A 149 -2.98 7.28 7.86
N LEU A 150 -1.70 7.57 7.64
CA LEU A 150 -1.22 8.36 6.52
C LEU A 150 0.05 7.70 6.03
N THR A 151 0.15 7.36 4.75
CA THR A 151 1.35 6.66 4.30
C THR A 151 2.47 7.70 4.26
N VAL A 152 3.50 7.48 5.06
CA VAL A 152 4.61 8.41 5.26
C VAL A 152 5.66 8.05 4.24
N THR A 153 6.17 9.01 3.48
CA THR A 153 6.95 8.74 2.29
C THR A 153 8.12 9.70 2.26
N GLU A 154 9.35 9.21 2.18
CA GLU A 154 10.56 10.03 2.18
C GLU A 154 10.61 10.75 3.52
N LEU A 155 10.73 9.97 4.58
CA LEU A 155 10.85 10.52 5.93
C LEU A 155 12.26 11.08 6.05
N ASN A 156 12.47 12.01 6.97
CA ASN A 156 13.78 12.51 7.33
C ASN A 156 13.76 12.63 8.83
N ALA A 157 14.84 12.23 9.46
CA ALA A 157 14.95 12.16 10.90
C ALA A 157 16.35 12.55 11.27
N GLY A 158 16.46 13.70 11.92
CA GLY A 158 17.70 14.41 12.05
C GLY A 158 18.31 14.70 10.69
N THR A 159 19.57 14.30 10.53
CA THR A 159 20.32 14.53 9.31
C THR A 159 20.24 13.29 8.39
N ARG A 160 19.31 12.38 8.70
CA ARG A 160 19.10 11.12 7.97
C ARG A 160 17.83 11.23 7.14
N VAL A 161 17.75 10.48 6.07
CA VAL A 161 16.48 10.10 5.43
C VAL A 161 15.99 8.87 6.19
N LEU A 162 14.73 8.50 6.02
CA LEU A 162 14.26 7.15 6.29
C LEU A 162 13.28 6.78 5.17
N GLU A 163 12.98 5.49 5.08
CA GLU A 163 12.24 4.96 3.95
C GLU A 163 10.76 5.33 4.04
N ASN A 164 10.05 5.14 2.93
CA ASN A 164 8.60 5.06 2.91
C ASN A 164 8.16 3.99 3.89
N ALA A 165 7.16 4.34 4.67
CA ALA A 165 6.58 3.55 5.73
C ALA A 165 5.07 3.62 5.58
N LEU A 166 4.47 2.48 5.25
CA LEU A 166 3.05 2.37 5.00
C LEU A 166 2.44 1.94 6.33
N VAL A 167 2.05 2.93 7.12
CA VAL A 167 1.72 2.77 8.54
C VAL A 167 0.27 2.27 8.67
N PRO A 168 -0.03 1.38 9.63
CA PRO A 168 -1.37 0.83 9.80
C PRO A 168 -2.32 1.78 10.55
N PRO A 169 -3.64 1.53 10.51
CA PRO A 169 -4.59 2.08 11.48
C PRO A 169 -4.32 1.46 12.85
N MET A 170 -4.47 2.26 13.92
CA MET A 170 -4.45 1.86 15.34
C MET A 170 -3.37 0.83 15.67
N GLY A 171 -2.14 1.13 15.28
CA GLY A 171 -1.00 0.25 15.49
C GLY A 171 0.31 1.02 15.58
N GLU A 172 1.38 0.27 15.84
CA GLU A 172 2.75 0.73 15.70
C GLU A 172 3.35 0.08 14.45
N SER A 173 4.49 0.59 14.00
CA SER A 173 5.40 -0.01 13.02
C SER A 173 6.82 0.31 13.48
N THR A 174 7.84 -0.21 12.79
CA THR A 174 9.21 0.17 13.09
C THR A 174 10.03 0.20 11.80
N VAL A 175 10.82 1.25 11.60
CA VAL A 175 11.92 1.31 10.63
C VAL A 175 13.23 1.42 11.43
N LYS A 176 14.37 1.19 10.78
CA LYS A 176 15.68 1.35 11.40
C LYS A 176 15.96 2.82 11.66
N LEU A 177 16.97 3.12 12.47
CA LEU A 177 17.49 4.46 12.71
C LEU A 177 18.96 4.35 13.15
N PRO A 178 19.84 5.31 12.80
CA PRO A 178 21.15 5.38 13.42
C PRO A 178 21.01 5.94 14.84
N SER A 179 22.05 5.89 15.65
CA SER A 179 22.02 6.45 17.00
C SER A 179 22.08 7.99 17.02
N ASP A 180 22.07 8.64 15.86
CA ASP A 180 22.33 10.07 15.77
C ASP A 180 20.99 10.79 15.66
N ALA A 181 20.37 10.74 14.48
CA ALA A 181 18.99 11.10 14.18
C ALA A 181 18.46 12.25 15.06
N GLY A 182 18.91 13.48 14.78
CA GLY A 182 18.56 14.68 15.54
C GLY A 182 17.04 14.90 15.67
N SER A 183 16.64 15.88 16.47
CA SER A 183 15.31 15.97 17.05
C SER A 183 14.37 16.81 16.18
N ASN A 184 14.78 17.09 14.94
CA ASN A 184 13.88 17.51 13.88
C ASN A 184 13.59 16.31 12.98
N ILE A 185 12.32 15.92 12.86
CA ILE A 185 11.85 15.02 11.81
C ILE A 185 11.07 15.86 10.81
N THR A 186 11.10 15.46 9.55
CA THR A 186 10.19 15.94 8.52
C THR A 186 9.74 14.73 7.72
N TYR A 187 8.68 14.85 6.92
CA TYR A 187 8.29 13.80 6.00
C TYR A 187 7.42 14.37 4.90
N ARG A 188 7.33 13.63 3.78
CA ARG A 188 6.23 13.77 2.84
C ARG A 188 5.23 12.66 3.17
N THR A 189 4.07 12.71 2.56
CA THR A 189 3.02 11.72 2.68
C THR A 189 2.46 11.48 1.28
N ILE A 190 1.78 10.35 1.04
CA ILE A 190 1.02 10.15 -0.19
C ILE A 190 -0.45 10.19 0.21
N ASN A 191 -1.10 11.29 -0.18
CA ASN A 191 -2.53 11.52 -0.04
C ASN A 191 -3.24 10.65 -1.09
N ASP A 192 -4.54 10.83 -1.25
CA ASP A 192 -5.34 10.09 -2.22
C ASP A 192 -4.73 10.16 -3.62
N TYR A 193 -4.39 11.35 -4.14
CA TYR A 193 -4.24 11.52 -5.57
C TYR A 193 -2.86 11.10 -6.05
N GLY A 194 -2.02 10.64 -5.12
CA GLY A 194 -0.64 10.29 -5.42
C GLY A 194 0.21 11.56 -5.52
N ALA A 195 -0.31 12.70 -5.05
CA ALA A 195 0.33 13.99 -5.08
C ALA A 195 1.20 14.11 -3.84
N LEU A 196 2.24 13.27 -3.78
CA LEU A 196 3.21 13.14 -2.71
C LEU A 196 3.53 14.53 -2.17
N THR A 197 3.14 14.81 -0.93
CA THR A 197 3.03 16.17 -0.42
C THR A 197 4.42 16.84 -0.42
N PRO A 198 4.51 18.18 -0.33
CA PRO A 198 5.79 18.81 -0.04
C PRO A 198 6.28 18.33 1.33
N LYS A 199 7.58 18.50 1.61
CA LYS A 199 8.12 18.29 2.94
C LYS A 199 7.28 19.14 3.91
N MET A 200 6.93 18.55 5.04
CA MET A 200 6.31 19.23 6.17
C MET A 200 7.11 18.75 7.38
N THR A 201 7.31 19.62 8.37
CA THR A 201 7.94 19.19 9.59
C THR A 201 7.05 18.20 10.33
N GLY A 202 7.68 17.42 11.18
CA GLY A 202 7.16 16.15 11.64
C GLY A 202 7.45 15.89 13.11
N VAL A 203 6.79 14.87 13.65
CA VAL A 203 6.57 14.72 15.09
C VAL A 203 7.20 13.44 15.62
N MET A 204 7.92 13.52 16.74
CA MET A 204 8.42 12.39 17.51
C MET A 204 8.31 12.75 19.00
N GLU A 205 8.44 11.75 19.86
CA GLU A 205 8.71 11.76 21.29
C GLU A 205 7.41 11.51 22.02
N GLY A 1 8.13 -8.77 -17.14
CA GLY A 1 7.38 -8.85 -15.89
C GLY A 1 6.39 -7.71 -15.75
N VAL A 2 5.40 -7.92 -14.87
CA VAL A 2 4.37 -6.94 -14.57
C VAL A 2 4.94 -5.95 -13.55
N ALA A 3 4.48 -4.69 -13.62
CA ALA A 3 4.53 -3.75 -12.53
C ALA A 3 3.17 -3.10 -12.58
N LEU A 4 2.40 -3.31 -11.52
CA LEU A 4 1.06 -2.78 -11.40
C LEU A 4 1.20 -1.30 -11.09
N GLY A 5 0.11 -0.55 -11.21
CA GLY A 5 0.11 0.90 -11.16
C GLY A 5 0.68 1.51 -9.87
N ALA A 6 0.93 0.69 -8.86
CA ALA A 6 1.71 0.99 -7.67
C ALA A 6 2.14 -0.33 -7.04
N THR A 7 3.09 -0.30 -6.11
CA THR A 7 3.43 -1.46 -5.26
C THR A 7 2.66 -1.40 -3.92
N ARG A 8 1.84 -0.36 -3.68
CA ARG A 8 0.78 -0.36 -2.67
C ARG A 8 -0.30 0.63 -3.12
N VAL A 9 -1.56 0.40 -2.74
CA VAL A 9 -2.73 1.08 -3.24
C VAL A 9 -3.65 1.37 -2.05
N ILE A 10 -4.52 2.36 -2.16
CA ILE A 10 -5.50 2.71 -1.14
C ILE A 10 -6.84 2.23 -1.70
N TYR A 11 -7.70 1.68 -0.85
CA TYR A 11 -9.11 1.60 -1.13
C TYR A 11 -9.79 2.60 -0.20
N PRO A 12 -9.81 3.89 -0.57
CA PRO A 12 -10.61 4.84 0.16
C PRO A 12 -12.07 4.60 -0.17
N ALA A 13 -12.97 5.25 0.56
CA ALA A 13 -14.31 5.48 0.08
C ALA A 13 -14.15 6.46 -1.08
N GLY A 14 -13.90 5.93 -2.28
CA GLY A 14 -13.58 6.69 -3.49
C GLY A 14 -14.89 7.00 -4.19
N GLN A 15 -15.08 6.41 -5.37
CA GLN A 15 -16.32 6.47 -6.12
C GLN A 15 -17.24 5.34 -5.65
N LYS A 16 -17.34 5.15 -4.32
CA LYS A 16 -17.76 3.93 -3.63
C LYS A 16 -16.88 2.72 -3.97
N GLN A 17 -16.21 2.69 -5.11
CA GLN A 17 -15.16 1.80 -5.52
C GLN A 17 -13.95 2.62 -5.96
N GLU A 18 -12.80 1.97 -6.03
CA GLU A 18 -11.56 2.54 -6.54
C GLU A 18 -10.98 1.56 -7.57
N GLN A 19 -9.87 1.92 -8.20
CA GLN A 19 -9.31 1.20 -9.33
C GLN A 19 -7.81 1.08 -9.20
N LEU A 20 -7.22 0.17 -9.97
CA LEU A 20 -5.79 -0.05 -10.07
C LEU A 20 -5.48 -0.40 -11.52
N ALA A 21 -4.56 0.31 -12.14
CA ALA A 21 -4.03 -0.09 -13.45
C ALA A 21 -3.08 -1.28 -13.30
N VAL A 22 -2.98 -2.10 -14.35
CA VAL A 22 -1.88 -3.01 -14.58
C VAL A 22 -1.26 -2.58 -15.88
N THR A 23 0.06 -2.55 -15.95
CA THR A 23 0.79 -2.58 -17.20
C THR A 23 1.80 -3.72 -17.07
N ASN A 24 2.44 -4.05 -18.16
CA ASN A 24 3.58 -4.95 -18.20
C ASN A 24 4.67 -4.23 -18.94
N ASN A 25 5.89 -4.34 -18.45
CA ASN A 25 7.00 -3.54 -18.94
C ASN A 25 7.59 -4.21 -20.18
N ASP A 26 7.61 -5.54 -20.18
CA ASP A 26 7.92 -6.31 -21.37
C ASP A 26 6.71 -6.25 -22.29
N GLU A 27 6.91 -6.47 -23.58
CA GLU A 27 5.88 -6.37 -24.59
C GLU A 27 5.62 -7.65 -25.36
N ASN A 28 6.47 -8.66 -25.22
CA ASN A 28 6.45 -9.86 -26.03
C ASN A 28 5.31 -10.78 -25.65
N SER A 29 5.38 -11.26 -24.42
CA SER A 29 4.49 -12.23 -23.80
C SER A 29 3.07 -11.70 -23.63
N THR A 30 2.14 -12.61 -23.34
CA THR A 30 0.87 -12.32 -22.73
C THR A 30 0.94 -12.85 -21.30
N TYR A 31 0.32 -12.14 -20.36
CA TYR A 31 0.24 -12.57 -18.97
C TYR A 31 -1.23 -12.79 -18.62
N LEU A 32 -1.47 -13.67 -17.65
CA LEU A 32 -2.74 -13.93 -17.00
C LEU A 32 -2.62 -13.27 -15.63
N ILE A 33 -3.19 -12.09 -15.41
CA ILE A 33 -3.29 -11.53 -14.06
C ILE A 33 -4.36 -12.37 -13.39
N GLN A 34 -4.10 -12.80 -12.15
CA GLN A 34 -5.08 -13.37 -11.27
C GLN A 34 -4.90 -12.67 -9.92
N SER A 35 -5.60 -11.55 -9.74
CA SER A 35 -5.65 -10.84 -8.47
C SER A 35 -6.36 -11.70 -7.45
N TRP A 36 -6.02 -11.45 -6.20
CA TRP A 36 -6.66 -11.96 -5.02
C TRP A 36 -6.34 -11.02 -3.84
N VAL A 37 -7.07 -11.15 -2.73
CA VAL A 37 -6.94 -10.33 -1.53
C VAL A 37 -6.49 -11.19 -0.37
N GLU A 38 -5.43 -10.79 0.29
CA GLU A 38 -4.92 -11.43 1.49
C GLU A 38 -4.98 -10.40 2.63
N ASN A 39 -4.94 -10.84 3.87
CA ASN A 39 -4.98 -10.03 5.08
C ASN A 39 -3.61 -9.37 5.29
N ALA A 40 -3.48 -8.52 6.31
CA ALA A 40 -2.22 -7.84 6.62
C ALA A 40 -1.05 -8.79 6.90
N ASP A 41 -1.32 -10.08 7.03
CA ASP A 41 -0.39 -11.15 7.36
C ASP A 41 -0.10 -12.03 6.15
N GLY A 42 -0.77 -11.79 5.01
CA GLY A 42 -0.67 -12.60 3.81
C GLY A 42 -1.53 -13.87 3.82
N VAL A 43 -2.42 -14.05 4.80
CA VAL A 43 -3.44 -15.09 4.82
C VAL A 43 -4.57 -14.72 3.85
N LYS A 44 -5.37 -15.67 3.35
CA LYS A 44 -6.58 -15.30 2.60
C LYS A 44 -7.62 -15.04 3.69
N ASP A 45 -7.90 -13.77 3.93
CA ASP A 45 -9.08 -13.27 4.61
C ASP A 45 -9.48 -12.11 3.72
N GLY A 46 -10.50 -12.30 2.89
CA GLY A 46 -10.73 -11.44 1.75
C GLY A 46 -12.12 -11.61 1.18
N ARG A 47 -13.10 -11.05 1.88
CA ARG A 47 -14.42 -10.73 1.35
C ARG A 47 -14.43 -9.58 0.37
N PHE A 48 -13.38 -8.77 0.26
CA PHE A 48 -13.25 -7.77 -0.80
C PHE A 48 -13.45 -8.45 -2.16
N ILE A 49 -13.92 -7.72 -3.17
CA ILE A 49 -14.03 -8.24 -4.52
C ILE A 49 -13.32 -7.29 -5.47
N VAL A 50 -12.89 -7.83 -6.60
CA VAL A 50 -12.14 -7.19 -7.66
C VAL A 50 -12.79 -7.68 -8.95
N THR A 51 -12.84 -6.80 -9.95
CA THR A 51 -13.56 -7.04 -11.18
C THR A 51 -12.82 -6.30 -12.31
N PRO A 52 -12.38 -6.97 -13.38
CA PRO A 52 -12.19 -8.42 -13.46
C PRO A 52 -11.15 -8.86 -12.41
N PRO A 53 -11.35 -9.96 -11.67
CA PRO A 53 -10.33 -10.45 -10.74
C PRO A 53 -9.16 -11.05 -11.50
N LEU A 54 -9.44 -11.71 -12.63
CA LEU A 54 -8.46 -12.38 -13.45
C LEU A 54 -8.79 -12.11 -14.90
N PHE A 55 -7.76 -12.06 -15.73
CA PHE A 55 -7.84 -11.79 -17.17
C PHE A 55 -6.48 -12.08 -17.79
N ALA A 56 -6.44 -12.34 -19.11
CA ALA A 56 -5.20 -12.32 -19.87
C ALA A 56 -5.03 -10.93 -20.49
N MET A 57 -3.80 -10.44 -20.63
CA MET A 57 -3.46 -9.21 -21.30
C MET A 57 -2.17 -9.38 -22.10
N LYS A 58 -1.93 -8.45 -23.03
CA LYS A 58 -0.65 -8.37 -23.74
C LYS A 58 0.38 -7.70 -22.82
N GLY A 59 1.65 -7.93 -23.11
CA GLY A 59 2.75 -7.17 -22.55
C GLY A 59 2.54 -5.67 -22.79
N LYS A 60 2.57 -5.23 -24.05
CA LYS A 60 2.16 -3.87 -24.39
C LYS A 60 0.64 -3.77 -24.30
N LYS A 61 0.09 -3.72 -23.08
CA LYS A 61 -1.26 -3.21 -22.86
C LYS A 61 -1.38 -2.69 -21.44
N GLU A 62 -2.55 -2.13 -21.13
CA GLU A 62 -2.99 -1.76 -19.81
C GLU A 62 -4.36 -2.40 -19.59
N ASN A 63 -4.65 -2.85 -18.36
CA ASN A 63 -5.96 -3.37 -17.98
C ASN A 63 -6.22 -2.94 -16.55
N THR A 64 -7.05 -1.92 -16.37
CA THR A 64 -7.43 -1.48 -15.04
C THR A 64 -8.41 -2.50 -14.43
N LEU A 65 -8.30 -2.74 -13.13
CA LEU A 65 -9.25 -3.49 -12.31
C LEU A 65 -10.03 -2.45 -11.51
N ARG A 66 -11.29 -2.73 -11.17
CA ARG A 66 -11.98 -2.04 -10.10
C ARG A 66 -11.94 -2.97 -8.91
N ILE A 67 -11.69 -2.40 -7.75
CA ILE A 67 -11.55 -3.08 -6.49
C ILE A 67 -12.61 -2.42 -5.62
N LEU A 68 -13.46 -3.24 -5.00
CA LEU A 68 -14.67 -2.74 -4.35
C LEU A 68 -14.97 -3.51 -3.07
N ASP A 69 -15.70 -2.84 -2.18
CA ASP A 69 -16.17 -3.42 -0.95
C ASP A 69 -17.08 -4.58 -1.28
N ALA A 70 -16.89 -5.66 -0.55
CA ALA A 70 -17.80 -6.77 -0.46
C ALA A 70 -17.70 -7.37 0.95
N THR A 71 -17.05 -6.71 1.89
CA THR A 71 -16.96 -7.20 3.25
C THR A 71 -18.30 -6.88 3.90
N ASN A 72 -18.57 -5.59 4.16
CA ASN A 72 -19.64 -5.04 4.99
C ASN A 72 -19.93 -5.91 6.22
N ASN A 73 -18.87 -6.54 6.72
CA ASN A 73 -18.76 -7.54 7.77
C ASN A 73 -18.69 -6.86 9.14
N GLN A 74 -19.38 -5.73 9.28
CA GLN A 74 -19.33 -4.82 10.41
C GLN A 74 -17.88 -4.57 10.87
N LEU A 75 -17.01 -4.18 9.94
CA LEU A 75 -15.72 -3.56 10.28
C LEU A 75 -15.99 -2.37 11.20
N PRO A 76 -15.10 -2.05 12.15
CA PRO A 76 -15.34 -0.98 13.09
C PRO A 76 -15.53 0.37 12.40
N GLN A 77 -16.51 1.12 12.88
CA GLN A 77 -16.69 2.53 12.55
C GLN A 77 -15.63 3.37 13.28
N ASP A 78 -14.71 2.72 14.00
CA ASP A 78 -13.66 3.31 14.82
C ASP A 78 -12.23 3.03 14.34
N ARG A 79 -12.02 2.10 13.40
CA ARG A 79 -10.73 1.71 12.81
C ARG A 79 -11.00 0.72 11.69
N GLU A 80 -10.17 0.70 10.64
CA GLU A 80 -10.33 -0.28 9.56
C GLU A 80 -9.25 -1.36 9.73
N SER A 81 -9.00 -2.20 8.73
CA SER A 81 -7.90 -3.17 8.74
C SER A 81 -7.18 -3.14 7.39
N LEU A 82 -5.88 -3.48 7.41
CA LEU A 82 -5.03 -3.52 6.24
C LEU A 82 -5.20 -4.87 5.54
N PHE A 83 -5.08 -4.88 4.21
CA PHE A 83 -5.03 -6.06 3.39
C PHE A 83 -3.76 -6.00 2.52
N TRP A 84 -3.45 -7.08 1.82
CA TRP A 84 -2.53 -7.12 0.70
C TRP A 84 -3.35 -7.52 -0.52
N MET A 85 -2.84 -7.23 -1.72
CA MET A 85 -3.43 -7.67 -2.98
C MET A 85 -2.34 -8.43 -3.70
N ASN A 86 -2.36 -9.75 -3.59
CA ASN A 86 -1.40 -10.61 -4.28
C ASN A 86 -1.94 -10.82 -5.68
N VAL A 87 -1.10 -10.58 -6.68
CA VAL A 87 -1.51 -10.66 -8.08
C VAL A 87 -0.55 -11.60 -8.78
N LYS A 88 -1.00 -12.83 -8.99
CA LYS A 88 -0.29 -13.85 -9.74
C LYS A 88 -0.41 -13.51 -11.21
N ALA A 89 0.63 -12.94 -11.81
CA ALA A 89 0.71 -12.68 -13.24
C ALA A 89 1.44 -13.86 -13.86
N ILE A 90 0.73 -14.76 -14.54
CA ILE A 90 1.28 -15.96 -15.17
C ILE A 90 1.64 -15.60 -16.62
N PRO A 91 2.92 -15.49 -17.03
CA PRO A 91 3.28 -15.40 -18.44
C PRO A 91 3.08 -16.77 -19.12
N SER A 92 1.86 -17.04 -19.53
CA SER A 92 1.37 -18.32 -20.05
C SER A 92 0.01 -18.05 -20.71
N MET A 93 -0.01 -17.80 -22.03
CA MET A 93 -1.24 -17.64 -22.78
C MET A 93 -1.80 -19.02 -23.14
N ASP A 94 -2.48 -19.69 -22.22
CA ASP A 94 -3.09 -21.00 -22.41
C ASP A 94 -4.60 -20.88 -22.26
N LYS A 95 -5.36 -21.78 -22.89
CA LYS A 95 -6.77 -21.92 -22.68
C LYS A 95 -7.05 -22.67 -21.36
N SER A 96 -8.32 -22.71 -20.94
CA SER A 96 -8.74 -23.09 -19.62
C SER A 96 -10.11 -23.78 -19.70
N LYS A 97 -10.15 -24.89 -20.43
CA LYS A 97 -11.34 -25.73 -20.58
C LYS A 97 -11.51 -26.70 -19.39
N LEU A 98 -11.07 -26.34 -18.18
CA LEU A 98 -10.96 -27.18 -16.99
C LEU A 98 -9.86 -28.24 -17.17
N THR A 99 -9.22 -28.62 -16.06
CA THR A 99 -7.92 -29.27 -16.00
C THR A 99 -6.86 -28.37 -16.64
N GLU A 100 -6.65 -27.22 -16.04
CA GLU A 100 -5.48 -26.38 -16.26
C GLU A 100 -4.32 -27.04 -15.52
N ASN A 101 -3.15 -27.18 -16.16
CA ASN A 101 -1.98 -27.75 -15.49
C ASN A 101 -0.68 -27.07 -15.95
N THR A 102 -0.76 -25.82 -16.37
CA THR A 102 0.27 -25.22 -17.22
C THR A 102 0.76 -23.95 -16.47
N LEU A 103 0.77 -24.04 -15.14
CA LEU A 103 1.49 -23.14 -14.26
C LEU A 103 2.85 -23.79 -14.08
N GLN A 104 3.84 -23.35 -14.86
CA GLN A 104 5.21 -23.69 -14.62
C GLN A 104 5.80 -22.75 -13.56
N LEU A 105 5.37 -21.48 -13.58
CA LEU A 105 5.75 -20.41 -12.68
C LEU A 105 4.83 -19.21 -12.95
N ALA A 106 4.82 -18.25 -12.04
CA ALA A 106 4.20 -16.95 -12.26
C ALA A 106 4.95 -15.88 -11.46
N ILE A 107 4.73 -14.64 -11.81
CA ILE A 107 5.19 -13.46 -11.11
C ILE A 107 4.03 -13.13 -10.18
N ILE A 108 4.06 -13.67 -8.96
CA ILE A 108 3.18 -13.17 -7.91
C ILE A 108 3.79 -11.83 -7.51
N SER A 109 3.14 -10.75 -7.92
CA SER A 109 3.37 -9.44 -7.35
C SER A 109 2.51 -9.36 -6.10
N ARG A 110 2.69 -8.27 -5.37
CA ARG A 110 2.11 -8.10 -4.04
C ARG A 110 1.96 -6.62 -3.77
N ILE A 111 0.74 -6.20 -3.47
CA ILE A 111 0.42 -4.84 -3.13
C ILE A 111 0.05 -4.84 -1.64
N LYS A 112 0.11 -3.67 -1.00
CA LYS A 112 -0.42 -3.40 0.33
C LYS A 112 -1.67 -2.57 0.04
N LEU A 113 -2.86 -2.96 0.53
CA LEU A 113 -4.13 -2.30 0.21
C LEU A 113 -4.69 -1.71 1.50
N TYR A 114 -4.64 -0.38 1.60
CA TYR A 114 -5.10 0.37 2.76
C TYR A 114 -6.62 0.62 2.65
N TYR A 115 -7.45 -0.13 3.36
CA TYR A 115 -8.90 0.10 3.38
C TYR A 115 -9.17 1.37 4.21
N ARG A 116 -9.84 2.40 3.70
CA ARG A 116 -10.37 3.47 4.55
C ARG A 116 -11.70 4.00 4.00
N PRO A 117 -12.85 3.43 4.40
CA PRO A 117 -14.14 3.96 4.02
C PRO A 117 -14.44 5.29 4.71
N ALA A 118 -13.63 5.67 5.71
CA ALA A 118 -13.73 6.91 6.46
C ALA A 118 -15.14 7.14 7.01
N LYS A 119 -15.71 6.11 7.66
CA LYS A 119 -16.82 6.31 8.58
C LYS A 119 -16.28 6.73 9.97
N LEU A 120 -14.96 6.89 10.05
CA LEU A 120 -14.13 7.39 11.13
C LEU A 120 -14.42 8.88 11.33
N ALA A 121 -14.06 9.41 12.49
CA ALA A 121 -14.19 10.82 12.84
C ALA A 121 -12.81 11.50 12.93
N LEU A 122 -11.71 10.79 12.67
CA LEU A 122 -10.37 11.34 12.72
C LEU A 122 -10.26 12.33 11.55
N PRO A 123 -9.86 13.59 11.81
CA PRO A 123 -9.77 14.64 10.79
C PRO A 123 -8.61 14.33 9.84
N PRO A 124 -8.86 13.94 8.58
CA PRO A 124 -7.87 13.24 7.78
C PRO A 124 -6.74 14.16 7.29
N ASP A 125 -6.97 15.47 7.17
CA ASP A 125 -5.95 16.45 6.84
C ASP A 125 -4.93 16.55 7.98
N GLN A 126 -5.44 16.70 9.20
CA GLN A 126 -4.63 16.82 10.40
C GLN A 126 -4.18 15.46 10.95
N ALA A 127 -4.49 14.38 10.24
CA ALA A 127 -3.96 13.05 10.51
C ALA A 127 -2.44 13.12 10.57
N ALA A 128 -1.81 13.75 9.56
CA ALA A 128 -0.37 13.81 9.49
C ALA A 128 0.21 14.63 10.63
N GLU A 129 -0.50 15.68 11.04
CA GLU A 129 -0.15 16.54 12.15
C GLU A 129 -0.54 15.96 13.50
N LYS A 130 -0.96 14.69 13.55
CA LYS A 130 -1.08 13.96 14.80
C LYS A 130 -0.41 12.59 14.75
N LEU A 131 0.37 12.27 13.70
CA LEU A 131 1.26 11.12 13.77
C LEU A 131 2.27 11.45 14.86
N ARG A 132 2.28 10.70 15.96
CA ARG A 132 3.14 10.98 17.09
C ARG A 132 4.48 10.34 16.74
N PHE A 133 5.45 11.17 16.40
CA PHE A 133 6.76 10.65 16.09
C PHE A 133 7.39 10.52 17.48
N ARG A 134 8.04 9.38 17.79
CA ARG A 134 8.53 9.11 19.13
C ARG A 134 10.02 8.78 19.05
N ARG A 135 10.89 9.61 19.63
CA ARG A 135 12.32 9.38 19.53
C ARG A 135 12.78 8.39 20.59
N SER A 136 13.88 7.70 20.31
CA SER A 136 14.77 7.04 21.22
C SER A 136 16.18 7.39 20.75
N ALA A 137 17.21 7.08 21.53
CA ALA A 137 18.58 7.45 21.17
C ALA A 137 19.08 6.73 19.91
N ASN A 138 18.60 5.53 19.57
CA ASN A 138 19.13 4.75 18.44
C ASN A 138 18.12 4.47 17.33
N SER A 139 16.83 4.62 17.61
CA SER A 139 15.76 4.50 16.62
C SER A 139 14.64 5.45 17.01
N LEU A 140 13.82 5.83 16.04
CA LEU A 140 12.61 6.64 16.21
C LEU A 140 11.44 5.80 15.70
N THR A 141 10.24 6.04 16.21
CA THR A 141 9.08 5.22 15.93
C THR A 141 8.01 6.13 15.34
N LEU A 142 7.18 5.57 14.47
CA LEU A 142 6.03 6.20 13.86
C LEU A 142 4.82 5.47 14.41
N ILE A 143 4.03 6.16 15.23
CA ILE A 143 2.88 5.57 15.89
C ILE A 143 1.76 5.38 14.85
N ASN A 144 0.86 4.40 15.02
CA ASN A 144 -0.43 4.42 14.33
C ASN A 144 -1.58 3.82 15.17
N PRO A 145 -1.85 4.30 16.40
CA PRO A 145 -3.04 3.92 17.15
C PRO A 145 -4.30 4.56 16.55
N THR A 146 -4.07 5.50 15.65
CA THR A 146 -4.99 6.28 14.86
C THR A 146 -5.57 5.40 13.75
N PRO A 147 -6.87 5.50 13.45
CA PRO A 147 -7.54 4.63 12.49
C PRO A 147 -7.24 4.91 11.01
N TYR A 148 -6.21 5.71 10.67
CA TYR A 148 -5.97 6.16 9.30
C TYR A 148 -4.59 5.73 8.82
N TYR A 149 -4.54 5.19 7.60
CA TYR A 149 -3.33 4.68 6.96
C TYR A 149 -2.53 5.84 6.40
N LEU A 150 -1.55 6.24 7.19
CA LEU A 150 -0.74 7.43 7.07
C LEU A 150 0.69 6.94 6.75
N THR A 151 0.97 6.63 5.47
CA THR A 151 2.28 6.15 5.05
C THR A 151 3.20 7.36 5.05
N VAL A 152 4.48 7.20 5.41
CA VAL A 152 5.42 8.29 5.52
C VAL A 152 6.63 7.93 4.67
N THR A 153 6.99 8.80 3.73
CA THR A 153 7.88 8.46 2.63
C THR A 153 8.91 9.58 2.51
N GLU A 154 10.20 9.23 2.56
CA GLU A 154 11.31 10.19 2.51
C GLU A 154 11.26 11.08 3.75
N LEU A 155 11.42 10.45 4.92
CA LEU A 155 11.39 11.16 6.19
C LEU A 155 12.70 11.93 6.37
N ASN A 156 12.61 13.12 6.96
CA ASN A 156 13.73 13.93 7.42
C ASN A 156 13.41 14.24 8.87
N ALA A 157 14.33 13.93 9.78
CA ALA A 157 14.14 14.13 11.20
C ALA A 157 15.30 14.96 11.73
N GLY A 158 14.98 16.21 12.07
CA GLY A 158 15.92 17.27 12.27
C GLY A 158 16.63 17.57 10.97
N THR A 159 17.83 17.02 10.89
CA THR A 159 18.71 17.12 9.75
C THR A 159 19.29 15.75 9.37
N ARG A 160 18.74 14.66 9.91
CA ARG A 160 19.03 13.33 9.39
C ARG A 160 17.96 12.94 8.38
N VAL A 161 18.34 12.44 7.20
CA VAL A 161 17.39 11.75 6.34
C VAL A 161 17.14 10.38 6.97
N LEU A 162 15.91 9.89 6.88
CA LEU A 162 15.39 8.66 7.43
C LEU A 162 14.68 7.91 6.31
N GLU A 163 14.40 6.64 6.55
CA GLU A 163 13.80 5.73 5.58
C GLU A 163 12.31 6.08 5.41
N ASN A 164 11.72 5.52 4.35
CA ASN A 164 10.29 5.32 4.20
C ASN A 164 9.80 4.39 5.30
N ALA A 165 8.53 4.52 5.68
CA ALA A 165 7.82 3.60 6.56
C ALA A 165 6.40 3.37 6.02
N LEU A 166 5.90 2.15 6.22
CA LEU A 166 4.49 1.81 6.11
C LEU A 166 3.85 1.92 7.49
N VAL A 167 2.53 1.83 7.50
CA VAL A 167 1.66 2.18 8.58
C VAL A 167 0.76 0.98 8.94
N PRO A 168 1.19 0.10 9.85
CA PRO A 168 0.36 -1.01 10.32
C PRO A 168 -0.72 -0.49 11.28
N PRO A 169 -1.98 -0.96 11.16
CA PRO A 169 -3.08 -0.43 11.97
C PRO A 169 -2.90 -0.81 13.42
N MET A 170 -2.93 0.19 14.31
CA MET A 170 -2.70 0.06 15.74
C MET A 170 -1.38 -0.67 16.02
N GLY A 171 -0.39 -0.47 15.16
CA GLY A 171 0.99 -0.85 15.35
C GLY A 171 1.83 0.42 15.35
N GLU A 172 3.15 0.25 15.35
CA GLU A 172 4.12 1.32 15.46
C GLU A 172 5.33 0.90 14.64
N SER A 173 5.59 1.57 13.52
CA SER A 173 6.76 1.27 12.70
C SER A 173 8.00 1.93 13.32
N THR A 174 9.20 1.53 12.92
CA THR A 174 10.44 2.09 13.45
C THR A 174 11.39 2.40 12.30
N VAL A 175 12.23 3.41 12.51
CA VAL A 175 13.17 4.04 11.59
C VAL A 175 14.41 4.45 12.40
N LYS A 176 15.50 4.79 11.73
CA LYS A 176 16.78 5.12 12.36
C LYS A 176 16.68 6.43 13.15
N LEU A 177 17.51 6.61 14.20
CA LEU A 177 17.77 7.94 14.75
C LEU A 177 19.20 8.05 15.27
N PRO A 178 19.94 9.15 15.02
CA PRO A 178 21.35 9.29 15.38
C PRO A 178 21.51 9.99 16.74
N SER A 179 20.64 9.71 17.71
CA SER A 179 20.52 10.32 19.03
C SER A 179 20.38 11.85 19.09
N ASP A 180 20.31 12.53 17.96
CA ASP A 180 20.49 13.96 17.87
C ASP A 180 19.16 14.54 17.41
N ALA A 181 18.88 14.38 16.12
CA ALA A 181 17.63 14.66 15.41
C ALA A 181 16.87 15.88 15.93
N GLY A 182 17.13 17.05 15.33
CA GLY A 182 16.46 18.30 15.69
C GLY A 182 14.95 18.27 15.50
N SER A 183 14.29 19.37 15.87
CA SER A 183 12.85 19.46 16.09
C SER A 183 12.07 19.92 14.86
N ASN A 184 12.73 19.94 13.71
CA ASN A 184 12.08 20.04 12.40
C ASN A 184 11.98 18.64 11.85
N ILE A 185 10.80 18.02 11.86
CA ILE A 185 10.55 16.76 11.20
C ILE A 185 9.72 17.13 9.98
N THR A 186 10.05 16.58 8.80
CA THR A 186 9.32 16.80 7.57
C THR A 186 9.37 15.49 6.78
N TYR A 187 8.44 15.27 5.85
CA TYR A 187 8.30 14.00 5.15
C TYR A 187 7.29 14.17 4.03
N ARG A 188 7.24 13.21 3.12
CA ARG A 188 6.06 13.06 2.25
C ARG A 188 5.16 11.99 2.83
N THR A 189 3.95 11.90 2.30
CA THR A 189 2.99 10.87 2.57
C THR A 189 2.45 10.39 1.21
N ILE A 190 1.75 9.25 1.19
CA ILE A 190 1.03 8.78 0.01
C ILE A 190 -0.45 9.13 0.22
N ASN A 191 -1.00 9.99 -0.63
CA ASN A 191 -2.41 10.36 -0.65
C ASN A 191 -3.27 9.24 -1.26
N ASP A 192 -4.59 9.41 -1.24
CA ASP A 192 -5.58 8.36 -1.50
C ASP A 192 -5.77 7.92 -2.94
N TYR A 193 -5.12 8.63 -3.85
CA TYR A 193 -4.94 8.19 -5.23
C TYR A 193 -3.48 7.83 -5.51
N GLY A 194 -2.76 7.39 -4.49
CA GLY A 194 -1.38 6.91 -4.60
C GLY A 194 -0.41 8.02 -4.96
N ALA A 195 -0.84 9.28 -4.85
CA ALA A 195 -0.08 10.45 -5.22
C ALA A 195 0.82 10.81 -4.05
N LEU A 196 2.14 10.80 -4.29
CA LEU A 196 3.10 11.30 -3.32
C LEU A 196 2.88 12.80 -3.16
N THR A 197 2.82 13.27 -1.91
CA THR A 197 2.76 14.70 -1.59
C THR A 197 4.09 15.40 -1.94
N PRO A 198 4.17 16.74 -1.81
CA PRO A 198 5.47 17.41 -1.66
C PRO A 198 6.06 17.07 -0.29
N LYS A 199 7.26 17.59 -0.02
CA LYS A 199 7.82 17.70 1.32
C LYS A 199 6.83 18.48 2.19
N MET A 200 6.06 17.78 3.01
CA MET A 200 5.18 18.34 3.99
C MET A 200 5.96 18.43 5.30
N THR A 201 5.61 19.39 6.16
CA THR A 201 6.16 19.46 7.49
C THR A 201 5.65 18.31 8.36
N GLY A 202 6.09 18.25 9.61
CA GLY A 202 5.70 17.22 10.54
C GLY A 202 5.63 17.68 11.98
N VAL A 203 5.18 16.79 12.87
CA VAL A 203 4.74 17.12 14.23
C VAL A 203 5.20 16.02 15.18
N MET A 204 6.35 16.21 15.85
CA MET A 204 6.73 15.34 16.96
C MET A 204 5.93 15.77 18.20
N GLU A 205 5.79 14.87 19.17
CA GLU A 205 4.92 15.02 20.35
C GLU A 205 3.46 15.28 19.97
N GLY A 1 8.31 -4.01 -9.73
CA GLY A 1 7.96 -5.34 -10.20
C GLY A 1 7.25 -5.24 -11.53
N VAL A 2 5.99 -5.64 -11.58
CA VAL A 2 4.99 -5.11 -12.51
C VAL A 2 4.80 -3.62 -12.17
N ALA A 3 4.19 -2.86 -13.09
CA ALA A 3 3.76 -1.50 -12.89
C ALA A 3 2.25 -1.55 -12.80
N LEU A 4 1.72 -1.60 -11.58
CA LEU A 4 0.28 -1.45 -11.38
C LEU A 4 -0.06 0.03 -11.58
N GLY A 5 -1.34 0.34 -11.76
CA GLY A 5 -1.80 1.67 -12.17
C GLY A 5 -1.44 2.78 -11.19
N ALA A 6 -1.14 2.42 -9.95
CA ALA A 6 -0.73 3.27 -8.85
C ALA A 6 0.06 2.40 -7.88
N THR A 7 0.77 3.02 -6.93
CA THR A 7 1.43 2.27 -5.86
C THR A 7 0.53 2.24 -4.60
N ARG A 8 -0.58 3.00 -4.57
CA ARG A 8 -1.71 2.79 -3.67
C ARG A 8 -3.01 3.05 -4.41
N VAL A 9 -4.11 2.46 -3.97
CA VAL A 9 -5.44 2.63 -4.56
C VAL A 9 -6.38 2.92 -3.39
N ILE A 10 -7.45 3.68 -3.62
CA ILE A 10 -8.42 4.06 -2.61
C ILE A 10 -9.80 3.63 -3.09
N TYR A 11 -10.47 2.83 -2.28
CA TYR A 11 -11.88 2.48 -2.43
C TYR A 11 -12.66 3.33 -1.41
N PRO A 12 -13.10 4.54 -1.77
CA PRO A 12 -14.04 5.28 -0.96
C PRO A 12 -15.35 4.46 -0.89
N ALA A 13 -15.94 4.40 0.30
CA ALA A 13 -16.99 3.46 0.66
C ALA A 13 -18.17 3.53 -0.31
N GLY A 14 -18.36 2.47 -1.11
CA GLY A 14 -19.53 2.27 -1.95
C GLY A 14 -19.61 3.16 -3.17
N GLN A 15 -18.49 3.39 -3.87
CA GLN A 15 -18.57 3.81 -5.27
C GLN A 15 -19.09 2.61 -6.07
N LYS A 16 -19.35 2.76 -7.36
CA LYS A 16 -19.85 1.70 -8.25
C LYS A 16 -18.72 0.74 -8.59
N GLN A 17 -18.15 0.10 -7.56
CA GLN A 17 -16.93 -0.71 -7.64
C GLN A 17 -15.75 0.18 -8.04
N GLU A 18 -14.53 -0.33 -7.90
CA GLU A 18 -13.31 0.40 -8.22
C GLU A 18 -12.47 -0.43 -9.20
N GLN A 19 -11.37 0.14 -9.67
CA GLN A 19 -10.50 -0.42 -10.68
C GLN A 19 -9.04 -0.27 -10.27
N LEU A 20 -8.18 -1.04 -10.93
CA LEU A 20 -6.73 -0.89 -10.86
C LEU A 20 -6.18 -1.35 -12.20
N ALA A 21 -5.61 -0.42 -12.97
CA ALA A 21 -4.88 -0.79 -14.18
C ALA A 21 -3.69 -1.69 -13.81
N VAL A 22 -3.24 -2.50 -14.76
CA VAL A 22 -1.98 -3.22 -14.71
C VAL A 22 -1.27 -2.84 -16.01
N THR A 23 0.03 -2.59 -15.97
CA THR A 23 0.92 -2.36 -17.11
C THR A 23 2.24 -3.08 -16.80
N ASN A 24 3.21 -3.12 -17.72
CA ASN A 24 4.50 -3.78 -17.45
C ASN A 24 5.67 -2.92 -17.92
N ASN A 25 6.90 -3.26 -17.49
CA ASN A 25 8.14 -2.71 -18.00
C ASN A 25 8.59 -3.53 -19.20
N ASP A 26 8.74 -4.85 -19.01
CA ASP A 26 9.06 -5.78 -20.09
C ASP A 26 7.89 -5.84 -21.07
N GLU A 27 8.18 -6.20 -22.32
CA GLU A 27 7.22 -6.30 -23.41
C GLU A 27 7.54 -7.46 -24.35
N ASN A 28 8.22 -8.46 -23.81
CA ASN A 28 8.78 -9.59 -24.52
C ASN A 28 8.09 -10.84 -23.99
N SER A 29 8.28 -11.11 -22.70
CA SER A 29 7.54 -12.09 -21.92
C SER A 29 6.04 -11.75 -21.83
N THR A 30 5.26 -12.73 -21.39
CA THR A 30 3.90 -12.56 -20.90
C THR A 30 3.96 -12.88 -19.40
N TYR A 31 3.00 -12.36 -18.64
CA TYR A 31 2.83 -12.62 -17.21
C TYR A 31 1.38 -13.01 -16.96
N LEU A 32 1.18 -13.65 -15.81
CA LEU A 32 -0.06 -14.08 -15.22
C LEU A 32 -0.26 -13.16 -14.01
N ILE A 33 -1.10 -12.12 -14.06
CA ILE A 33 -1.46 -11.39 -12.84
C ILE A 33 -2.41 -12.29 -12.09
N GLN A 34 -2.21 -12.37 -10.79
CA GLN A 34 -3.00 -13.12 -9.86
C GLN A 34 -3.18 -12.15 -8.70
N SER A 35 -4.29 -11.40 -8.72
CA SER A 35 -4.59 -10.50 -7.62
C SER A 35 -4.84 -11.36 -6.39
N TRP A 36 -4.50 -10.81 -5.23
CA TRP A 36 -5.07 -11.28 -3.99
C TRP A 36 -5.13 -10.12 -3.00
N VAL A 37 -6.01 -10.23 -1.99
CA VAL A 37 -6.19 -9.24 -0.94
C VAL A 37 -5.78 -9.88 0.37
N GLU A 38 -4.84 -9.23 1.06
CA GLU A 38 -4.56 -9.50 2.46
C GLU A 38 -5.06 -8.31 3.28
N ASN A 39 -5.39 -8.60 4.54
CA ASN A 39 -5.64 -7.68 5.63
C ASN A 39 -4.35 -6.94 5.94
N ALA A 40 -4.44 -5.85 6.72
CA ALA A 40 -3.29 -5.09 7.17
C ALA A 40 -2.25 -5.94 7.92
N ASP A 41 -2.64 -7.10 8.43
CA ASP A 41 -1.75 -8.02 9.15
C ASP A 41 -0.99 -8.99 8.23
N GLY A 42 -1.30 -8.96 6.94
CA GLY A 42 -0.96 -10.03 6.02
C GLY A 42 -1.83 -11.28 6.20
N VAL A 43 -2.95 -11.20 6.93
CA VAL A 43 -3.93 -12.29 6.98
C VAL A 43 -4.68 -12.31 5.64
N LYS A 44 -4.98 -13.50 5.09
CA LYS A 44 -5.81 -13.62 3.89
C LYS A 44 -7.27 -13.57 4.31
N ASP A 45 -7.90 -12.42 4.09
CA ASP A 45 -9.30 -12.16 4.43
C ASP A 45 -10.21 -12.47 3.23
N GLY A 46 -11.53 -12.35 3.38
CA GLY A 46 -12.52 -12.44 2.31
C GLY A 46 -13.35 -11.18 2.19
N ARG A 47 -12.87 -10.06 2.74
CA ARG A 47 -13.60 -8.80 2.82
C ARG A 47 -13.76 -8.14 1.46
N PHE A 48 -12.82 -8.30 0.54
CA PHE A 48 -12.86 -7.71 -0.79
C PHE A 48 -12.70 -8.86 -1.77
N ILE A 49 -13.20 -8.67 -2.99
CA ILE A 49 -12.94 -9.58 -4.10
C ILE A 49 -12.39 -8.69 -5.22
N VAL A 50 -11.61 -9.31 -6.10
CA VAL A 50 -11.08 -8.68 -7.29
C VAL A 50 -11.32 -9.66 -8.44
N THR A 51 -11.54 -9.14 -9.64
CA THR A 51 -11.86 -9.92 -10.81
C THR A 51 -11.17 -9.29 -12.05
N PRO A 52 -10.78 -10.07 -13.07
CA PRO A 52 -10.58 -11.52 -13.00
C PRO A 52 -9.56 -11.82 -11.90
N PRO A 53 -9.78 -12.84 -11.05
CA PRO A 53 -8.91 -13.09 -9.90
C PRO A 53 -7.50 -13.48 -10.35
N LEU A 54 -7.38 -14.09 -11.54
CA LEU A 54 -6.16 -14.15 -12.29
C LEU A 54 -6.48 -14.00 -13.78
N PHE A 55 -5.55 -13.41 -14.52
CA PHE A 55 -5.57 -13.33 -15.98
C PHE A 55 -4.14 -13.36 -16.49
N ALA A 56 -3.96 -13.66 -17.78
CA ALA A 56 -2.68 -13.49 -18.44
C ALA A 56 -2.69 -12.15 -19.17
N MET A 57 -1.50 -11.63 -19.46
CA MET A 57 -1.33 -10.33 -20.11
C MET A 57 -0.26 -10.44 -21.18
N LYS A 58 0.01 -9.30 -21.83
CA LYS A 58 1.25 -9.06 -22.55
C LYS A 58 1.86 -7.86 -21.86
N GLY A 59 3.16 -7.66 -22.02
CA GLY A 59 3.89 -6.64 -21.32
C GLY A 59 3.45 -5.25 -21.77
N LYS A 60 3.52 -4.96 -23.08
CA LYS A 60 3.04 -3.70 -23.63
C LYS A 60 1.53 -3.75 -23.75
N LYS A 61 0.84 -3.85 -22.63
CA LYS A 61 -0.60 -3.98 -22.58
C LYS A 61 -1.13 -3.20 -21.39
N GLU A 62 -2.43 -3.22 -21.23
CA GLU A 62 -3.12 -2.94 -19.99
C GLU A 62 -4.13 -4.06 -19.83
N ASN A 63 -4.42 -4.44 -18.59
CA ASN A 63 -5.55 -5.28 -18.23
C ASN A 63 -5.98 -4.80 -16.85
N THR A 64 -7.09 -4.08 -16.80
CA THR A 64 -7.58 -3.56 -15.55
C THR A 64 -8.18 -4.70 -14.73
N LEU A 65 -7.99 -4.60 -13.42
CA LEU A 65 -8.61 -5.38 -12.38
C LEU A 65 -9.84 -4.58 -11.95
N ARG A 66 -10.97 -5.24 -11.73
CA ARG A 66 -12.16 -4.62 -11.15
C ARG A 66 -12.26 -5.16 -9.74
N ILE A 67 -12.40 -4.27 -8.77
CA ILE A 67 -12.23 -4.51 -7.35
C ILE A 67 -13.57 -4.13 -6.74
N LEU A 68 -14.12 -4.94 -5.84
CA LEU A 68 -15.38 -4.64 -5.17
C LEU A 68 -15.31 -4.91 -3.68
N ASP A 69 -16.15 -4.16 -2.96
CA ASP A 69 -16.43 -4.29 -1.55
C ASP A 69 -17.36 -5.48 -1.36
N ALA A 70 -16.82 -6.56 -0.80
CA ALA A 70 -17.53 -7.80 -0.53
C ALA A 70 -17.76 -7.99 0.98
N THR A 71 -17.57 -6.95 1.79
CA THR A 71 -17.54 -7.10 3.23
C THR A 71 -18.93 -7.48 3.77
N ASN A 72 -19.97 -6.91 3.12
CA ASN A 72 -21.31 -6.73 3.65
C ASN A 72 -21.28 -6.28 5.12
N ASN A 73 -20.30 -5.43 5.50
CA ASN A 73 -20.07 -4.95 6.84
C ASN A 73 -20.19 -3.44 7.01
N GLN A 74 -20.63 -2.72 5.97
CA GLN A 74 -20.92 -1.28 5.97
C GLN A 74 -19.75 -0.37 6.36
N LEU A 75 -18.52 -0.91 6.35
CA LEU A 75 -17.32 -0.42 7.04
C LEU A 75 -17.55 -0.21 8.54
N PRO A 76 -16.48 -0.20 9.38
CA PRO A 76 -16.57 0.36 10.71
C PRO A 76 -17.01 1.82 10.68
N GLN A 77 -17.36 2.35 11.84
CA GLN A 77 -17.53 3.75 12.12
C GLN A 77 -16.42 4.20 13.09
N ASP A 78 -15.83 3.27 13.86
CA ASP A 78 -14.84 3.55 14.92
C ASP A 78 -13.42 3.70 14.37
N ARG A 79 -13.19 3.24 13.13
CA ARG A 79 -11.87 3.19 12.51
C ARG A 79 -12.00 3.12 10.99
N GLU A 80 -10.87 3.19 10.32
CA GLU A 80 -10.68 2.96 8.90
C GLU A 80 -10.56 1.44 8.64
N SER A 81 -10.09 1.02 7.46
CA SER A 81 -9.79 -0.35 7.09
C SER A 81 -8.72 -0.32 5.99
N LEU A 82 -7.66 -1.12 6.18
CA LEU A 82 -6.49 -1.15 5.30
C LEU A 82 -6.32 -2.57 4.76
N PHE A 83 -6.18 -2.68 3.45
CA PHE A 83 -5.88 -3.91 2.76
C PHE A 83 -4.55 -3.78 2.02
N TRP A 84 -4.02 -4.92 1.62
CA TRP A 84 -2.80 -5.10 0.87
C TRP A 84 -3.21 -5.92 -0.34
N MET A 85 -3.31 -5.29 -1.52
CA MET A 85 -3.50 -6.06 -2.73
C MET A 85 -2.10 -6.57 -3.09
N ASN A 86 -1.76 -7.76 -2.61
CA ASN A 86 -0.50 -8.39 -2.92
C ASN A 86 -0.73 -9.08 -4.25
N VAL A 87 -0.59 -8.31 -5.33
CA VAL A 87 -0.86 -8.80 -6.65
C VAL A 87 0.43 -9.50 -7.02
N LYS A 88 0.31 -10.78 -7.30
CA LYS A 88 1.37 -11.59 -7.84
C LYS A 88 1.33 -11.43 -9.35
N ALA A 89 2.49 -11.46 -10.00
CA ALA A 89 2.62 -11.57 -11.43
C ALA A 89 3.62 -12.67 -11.68
N ILE A 90 3.17 -13.83 -12.14
CA ILE A 90 4.10 -14.91 -12.44
C ILE A 90 4.59 -14.62 -13.86
N PRO A 91 5.90 -14.48 -14.11
CA PRO A 91 6.41 -14.42 -15.47
C PRO A 91 6.10 -15.75 -16.13
N SER A 92 5.35 -15.74 -17.22
CA SER A 92 4.83 -16.92 -17.87
C SER A 92 5.00 -16.78 -19.39
N MET A 93 6.23 -16.51 -19.83
CA MET A 93 6.56 -16.68 -21.24
C MET A 93 6.66 -18.18 -21.50
N ASP A 94 6.40 -18.58 -22.74
CA ASP A 94 6.70 -19.86 -23.29
C ASP A 94 7.50 -19.65 -24.56
N LYS A 95 8.68 -20.27 -24.60
CA LYS A 95 9.60 -20.38 -25.72
C LYS A 95 10.69 -21.35 -25.30
N SER A 96 10.58 -22.62 -25.69
CA SER A 96 11.55 -23.65 -25.34
C SER A 96 11.55 -23.84 -23.82
N LYS A 97 10.37 -24.18 -23.29
CA LYS A 97 10.20 -24.53 -21.89
C LYS A 97 10.50 -26.03 -21.72
N LEU A 98 10.55 -26.48 -20.46
CA LEU A 98 11.16 -27.72 -19.99
C LEU A 98 12.67 -27.71 -20.27
N THR A 99 13.38 -28.63 -19.61
CA THR A 99 14.83 -28.74 -19.56
C THR A 99 15.47 -27.34 -19.39
N GLU A 100 15.16 -26.71 -18.26
CA GLU A 100 15.65 -25.39 -17.90
C GLU A 100 15.78 -25.35 -16.37
N ASN A 101 16.52 -24.36 -15.87
CA ASN A 101 16.68 -24.01 -14.48
C ASN A 101 17.02 -22.52 -14.47
N THR A 102 16.03 -21.65 -14.69
CA THR A 102 16.20 -20.22 -14.91
C THR A 102 15.11 -19.51 -14.06
N LEU A 103 14.93 -19.92 -12.80
CA LEU A 103 13.82 -19.43 -11.99
C LEU A 103 13.89 -17.91 -11.83
N GLN A 104 12.73 -17.26 -11.98
CA GLN A 104 12.53 -15.83 -11.89
C GLN A 104 11.83 -15.43 -10.57
N LEU A 105 11.10 -16.40 -9.99
CA LEU A 105 10.04 -16.29 -8.99
C LEU A 105 8.87 -15.48 -9.52
N ALA A 106 7.70 -15.61 -8.89
CA ALA A 106 6.58 -14.73 -9.15
C ALA A 106 6.89 -13.36 -8.55
N ILE A 107 6.71 -12.31 -9.35
CA ILE A 107 7.03 -10.93 -9.07
C ILE A 107 5.77 -10.34 -8.43
N ILE A 108 5.66 -10.48 -7.11
CA ILE A 108 4.60 -9.88 -6.32
C ILE A 108 4.92 -8.39 -6.24
N SER A 109 4.00 -7.53 -6.66
CA SER A 109 4.29 -6.13 -6.87
C SER A 109 4.06 -5.35 -5.58
N ARG A 110 3.14 -5.85 -4.72
CA ARG A 110 2.68 -5.28 -3.46
C ARG A 110 2.11 -3.88 -3.65
N ILE A 111 0.79 -3.72 -3.53
CA ILE A 111 0.11 -2.43 -3.54
C ILE A 111 -0.53 -2.25 -2.16
N LYS A 112 -0.97 -1.03 -1.85
CA LYS A 112 -1.63 -0.72 -0.59
C LYS A 112 -3.02 -0.18 -0.94
N LEU A 113 -4.09 -0.80 -0.44
CA LEU A 113 -5.46 -0.43 -0.80
C LEU A 113 -6.16 0.07 0.46
N TYR A 114 -6.52 1.35 0.45
CA TYR A 114 -7.22 2.03 1.54
C TYR A 114 -8.70 1.91 1.23
N TYR A 115 -9.53 1.56 2.21
CA TYR A 115 -10.95 1.28 2.01
C TYR A 115 -11.70 1.97 3.15
N ARG A 116 -12.39 3.08 2.88
CA ARG A 116 -12.88 3.94 3.96
C ARG A 116 -14.04 4.84 3.57
N PRO A 117 -14.92 5.21 4.51
CA PRO A 117 -16.02 6.14 4.24
C PRO A 117 -15.57 7.62 4.25
N ALA A 118 -14.28 7.87 4.51
CA ALA A 118 -13.67 9.20 4.72
C ALA A 118 -14.52 10.06 5.66
N LYS A 119 -15.00 9.47 6.75
CA LYS A 119 -16.01 10.08 7.62
C LYS A 119 -15.58 10.11 9.09
N LEU A 120 -14.35 9.68 9.41
CA LEU A 120 -13.89 9.53 10.78
C LEU A 120 -13.69 10.92 11.37
N ALA A 121 -14.06 11.10 12.64
CA ALA A 121 -13.93 12.37 13.34
C ALA A 121 -12.48 12.83 13.52
N LEU A 122 -11.48 11.98 13.22
CA LEU A 122 -10.09 12.32 13.32
C LEU A 122 -9.82 13.31 12.18
N PRO A 123 -9.37 14.54 12.46
CA PRO A 123 -9.20 15.57 11.45
C PRO A 123 -8.00 15.20 10.56
N PRO A 124 -8.20 14.93 9.26
CA PRO A 124 -7.20 14.27 8.42
C PRO A 124 -5.97 15.13 8.13
N ASP A 125 -6.03 16.46 8.26
CA ASP A 125 -4.85 17.32 8.12
C ASP A 125 -3.89 17.10 9.27
N GLN A 126 -4.44 16.90 10.47
CA GLN A 126 -3.66 16.67 11.66
C GLN A 126 -3.28 15.19 11.76
N ALA A 127 -3.76 14.31 10.87
CA ALA A 127 -3.47 12.87 10.91
C ALA A 127 -1.97 12.64 10.94
N ALA A 128 -1.24 13.23 9.99
CA ALA A 128 0.20 13.06 9.92
C ALA A 128 0.92 13.82 11.05
N GLU A 129 0.23 14.73 11.75
CA GLU A 129 0.72 15.43 12.93
C GLU A 129 0.32 14.74 14.24
N LYS A 130 -0.33 13.58 14.17
CA LYS A 130 -0.55 12.70 15.32
C LYS A 130 -0.09 11.28 15.03
N LEU A 131 0.49 11.06 13.85
CA LEU A 131 1.36 9.92 13.65
C LEU A 131 2.60 10.35 14.42
N ARG A 132 2.74 9.89 15.66
CA ARG A 132 3.86 10.27 16.52
C ARG A 132 5.03 9.36 16.18
N PHE A 133 6.23 9.69 16.63
CA PHE A 133 7.44 8.99 16.23
C PHE A 133 8.31 8.75 17.46
N ARG A 134 9.19 7.75 17.37
CA ARG A 134 10.31 7.57 18.28
C ARG A 134 11.54 7.38 17.43
N ARG A 135 12.52 8.26 17.54
CA ARG A 135 13.87 7.98 17.08
C ARG A 135 14.49 7.22 18.25
N SER A 136 15.08 6.06 17.96
CA SER A 136 15.83 5.27 18.93
C SER A 136 17.10 4.80 18.25
N ALA A 137 18.13 4.51 19.04
CA ALA A 137 19.49 4.44 18.52
C ALA A 137 19.67 3.36 17.43
N ASN A 138 18.94 2.24 17.52
CA ASN A 138 18.92 1.23 16.48
C ASN A 138 17.96 1.65 15.38
N SER A 139 16.72 2.02 15.74
CA SER A 139 15.61 2.14 14.82
C SER A 139 14.71 3.31 15.17
N LEU A 140 14.29 4.00 14.11
CA LEU A 140 13.17 4.93 14.13
C LEU A 140 11.92 4.07 14.08
N THR A 141 10.86 4.47 14.78
CA THR A 141 9.59 3.78 14.76
C THR A 141 8.52 4.85 14.47
N LEU A 142 7.58 4.48 13.60
CA LEU A 142 6.32 5.16 13.32
C LEU A 142 5.35 4.69 14.38
N ILE A 143 4.51 5.57 14.90
CA ILE A 143 3.58 5.28 15.98
C ILE A 143 2.24 5.86 15.53
N ASN A 144 1.34 5.00 15.08
CA ASN A 144 0.02 5.41 14.63
C ASN A 144 -1.05 4.70 15.45
N PRO A 145 -1.29 5.08 16.71
CA PRO A 145 -2.32 4.48 17.55
C PRO A 145 -3.70 5.07 17.21
N THR A 146 -3.96 5.42 15.95
CA THR A 146 -5.14 6.18 15.56
C THR A 146 -6.10 5.27 14.75
N PRO A 147 -7.35 5.71 14.51
CA PRO A 147 -8.26 5.03 13.59
C PRO A 147 -7.86 5.13 12.11
N TYR A 148 -6.94 6.03 11.73
CA TYR A 148 -6.82 6.51 10.36
C TYR A 148 -5.42 6.26 9.83
N TYR A 149 -5.29 6.10 8.51
CA TYR A 149 -4.10 5.56 7.88
C TYR A 149 -3.64 6.52 6.77
N LEU A 150 -2.51 7.20 7.01
CA LEU A 150 -1.83 8.08 6.06
C LEU A 150 -0.46 7.50 5.74
N THR A 151 -0.06 7.55 4.47
CA THR A 151 1.24 7.04 4.02
C THR A 151 2.33 8.04 4.46
N VAL A 152 3.58 7.61 4.66
CA VAL A 152 4.71 8.47 4.95
C VAL A 152 5.79 8.13 3.91
N THR A 153 6.26 9.14 3.20
CA THR A 153 7.08 8.97 2.02
C THR A 153 8.18 10.03 2.07
N GLU A 154 9.44 9.62 1.92
CA GLU A 154 10.59 10.50 2.00
C GLU A 154 10.64 11.06 3.43
N LEU A 155 10.82 10.15 4.38
CA LEU A 155 10.80 10.46 5.80
C LEU A 155 12.15 11.09 6.10
N ASN A 156 12.21 12.38 6.39
CA ASN A 156 13.46 13.03 6.74
C ASN A 156 13.53 13.11 8.25
N ALA A 157 14.59 12.59 8.85
CA ALA A 157 14.75 12.49 10.28
C ALA A 157 16.05 13.16 10.67
N GLY A 158 15.90 14.34 11.27
CA GLY A 158 17.01 15.19 11.60
C GLY A 158 17.78 15.56 10.34
N THR A 159 19.04 15.17 10.31
CA THR A 159 19.99 15.57 9.28
C THR A 159 20.05 14.57 8.14
N ARG A 160 19.10 13.64 8.06
CA ARG A 160 19.14 12.54 7.12
C ARG A 160 17.81 12.29 6.46
N VAL A 161 17.85 11.86 5.20
CA VAL A 161 16.74 11.21 4.52
C VAL A 161 16.63 9.78 5.08
N LEU A 162 15.44 9.21 5.03
CA LEU A 162 15.05 7.89 5.52
C LEU A 162 13.97 7.35 4.58
N GLU A 163 13.69 6.05 4.72
CA GLU A 163 12.93 5.24 3.77
C GLU A 163 11.48 5.73 3.61
N ASN A 164 10.84 5.24 2.55
CA ASN A 164 9.41 5.21 2.45
C ASN A 164 8.88 4.24 3.52
N ALA A 165 7.73 4.54 4.10
CA ALA A 165 7.14 3.75 5.17
C ALA A 165 5.65 3.55 4.92
N LEU A 166 5.05 2.62 5.67
CA LEU A 166 3.62 2.42 5.72
C LEU A 166 3.14 2.37 7.17
N VAL A 167 1.87 2.71 7.34
CA VAL A 167 1.14 2.85 8.58
C VAL A 167 0.40 1.55 8.91
N PRO A 168 0.87 0.72 9.86
CA PRO A 168 0.03 -0.33 10.41
C PRO A 168 -1.12 0.28 11.23
N PRO A 169 -2.27 -0.40 11.30
CA PRO A 169 -3.49 0.12 11.90
C PRO A 169 -3.39 0.09 13.43
N MET A 170 -3.57 1.24 14.08
CA MET A 170 -3.48 1.40 15.53
C MET A 170 -2.20 0.74 16.07
N GLY A 171 -1.08 0.94 15.37
CA GLY A 171 0.10 0.10 15.42
C GLY A 171 1.37 0.89 15.18
N GLU A 172 2.48 0.17 15.06
CA GLU A 172 3.83 0.72 15.08
C GLU A 172 4.64 0.12 13.93
N SER A 173 5.18 0.95 13.04
CA SER A 173 6.11 0.56 11.95
C SER A 173 7.53 0.96 12.37
N THR A 174 8.57 0.47 11.70
CA THR A 174 9.96 0.62 12.13
C THR A 174 10.90 0.66 10.92
N VAL A 175 11.98 1.45 11.00
CA VAL A 175 13.06 1.56 10.02
C VAL A 175 14.40 1.76 10.75
N LYS A 176 15.54 1.57 10.08
CA LYS A 176 16.87 1.82 10.67
C LYS A 176 17.05 3.30 10.96
N LEU A 177 17.51 3.64 12.17
CA LEU A 177 17.86 5.02 12.49
C LEU A 177 19.28 5.31 12.02
N PRO A 178 19.57 6.48 11.42
CA PRO A 178 20.93 7.00 11.36
C PRO A 178 21.22 7.40 12.82
N SER A 179 22.22 6.83 13.50
CA SER A 179 22.24 6.81 14.97
C SER A 179 22.55 8.17 15.64
N ASP A 180 22.67 9.26 14.88
CA ASP A 180 22.52 10.62 15.38
C ASP A 180 21.03 10.96 15.39
N ALA A 181 20.45 11.23 14.22
CA ALA A 181 19.10 11.77 13.98
C ALA A 181 18.76 12.96 14.88
N GLY A 182 18.75 14.15 14.30
CA GLY A 182 18.32 15.37 14.98
C GLY A 182 16.83 15.34 15.32
N SER A 183 16.39 16.36 16.05
CA SER A 183 15.12 16.40 16.77
C SER A 183 14.01 17.04 15.95
N ASN A 184 14.22 17.23 14.65
CA ASN A 184 13.17 17.66 13.72
C ASN A 184 12.99 16.52 12.71
N ILE A 185 11.88 15.80 12.81
CA ILE A 185 11.46 14.89 11.76
C ILE A 185 10.57 15.70 10.83
N THR A 186 10.54 15.38 9.55
CA THR A 186 9.64 15.93 8.56
C THR A 186 9.33 14.79 7.58
N TYR A 187 8.29 14.93 6.77
CA TYR A 187 7.94 13.93 5.77
C TYR A 187 7.01 14.53 4.72
N ARG A 188 6.84 13.82 3.60
CA ARG A 188 5.68 13.99 2.73
C ARG A 188 4.78 12.78 2.95
N THR A 189 3.52 12.89 2.56
CA THR A 189 2.51 11.87 2.82
C THR A 189 1.68 11.76 1.54
N ILE A 190 1.26 10.55 1.15
CA ILE A 190 0.36 10.38 0.00
C ILE A 190 -1.06 10.46 0.56
N ASN A 191 -1.84 11.38 0.01
CA ASN A 191 -3.24 11.64 0.34
C ASN A 191 -4.16 10.58 -0.26
N ASP A 192 -5.46 10.68 0.02
CA ASP A 192 -6.48 9.76 -0.51
C ASP A 192 -6.80 9.92 -1.99
N TYR A 193 -6.35 11.00 -2.61
CA TYR A 193 -6.43 11.13 -4.07
C TYR A 193 -5.25 10.44 -4.77
N GLY A 194 -4.26 9.97 -4.02
CA GLY A 194 -2.95 9.67 -4.60
C GLY A 194 -2.20 10.96 -4.94
N ALA A 195 -2.55 12.07 -4.28
CA ALA A 195 -1.79 13.32 -4.32
C ALA A 195 -0.66 13.19 -3.29
N LEU A 196 0.33 14.08 -3.36
CA LEU A 196 1.41 14.16 -2.40
C LEU A 196 1.41 15.53 -1.77
N THR A 197 1.43 15.55 -0.45
CA THR A 197 1.57 16.74 0.38
C THR A 197 2.99 17.32 0.28
N PRO A 198 3.24 18.54 0.78
CA PRO A 198 4.60 19.07 0.90
C PRO A 198 5.37 18.37 2.04
N LYS A 199 6.64 18.75 2.20
CA LYS A 199 7.45 18.56 3.39
C LYS A 199 6.76 19.20 4.59
N MET A 200 5.87 18.47 5.25
CA MET A 200 5.28 18.88 6.50
C MET A 200 6.25 18.46 7.60
N THR A 201 6.33 19.24 8.68
CA THR A 201 7.07 18.86 9.84
C THR A 201 6.40 17.68 10.53
N GLY A 202 7.15 17.04 11.42
CA GLY A 202 6.75 15.81 12.05
C GLY A 202 6.82 15.91 13.56
N VAL A 203 6.36 14.86 14.26
CA VAL A 203 6.02 14.91 15.68
C VAL A 203 6.62 13.68 16.37
N MET A 204 7.64 13.87 17.22
CA MET A 204 8.33 12.77 17.91
C MET A 204 8.36 13.01 19.42
N GLU A 205 8.64 11.93 20.16
CA GLU A 205 8.77 11.87 21.61
C GLU A 205 7.52 12.36 22.31
N GLY A 1 9.84 -3.73 -11.45
CA GLY A 1 8.99 -4.78 -12.01
C GLY A 1 7.70 -4.21 -12.53
N VAL A 2 6.57 -4.88 -12.26
CA VAL A 2 5.28 -4.52 -12.84
C VAL A 2 4.89 -3.11 -12.39
N ALA A 3 4.33 -2.35 -13.34
CA ALA A 3 3.65 -1.11 -13.07
C ALA A 3 2.17 -1.43 -12.94
N LEU A 4 1.49 -0.72 -12.05
CA LEU A 4 0.06 -0.83 -11.79
C LEU A 4 -0.50 0.59 -11.92
N GLY A 5 -1.83 0.73 -12.01
CA GLY A 5 -2.51 2.01 -12.27
C GLY A 5 -2.04 3.12 -11.34
N ALA A 6 -1.64 2.77 -10.13
CA ALA A 6 -0.79 3.53 -9.25
C ALA A 6 -0.16 2.49 -8.32
N THR A 7 0.88 2.86 -7.59
CA THR A 7 1.55 1.95 -6.65
C THR A 7 0.82 1.96 -5.30
N ARG A 8 -0.35 2.61 -5.24
CA ARG A 8 -1.30 2.62 -4.15
C ARG A 8 -2.68 2.73 -4.76
N VAL A 9 -3.73 2.35 -4.03
CA VAL A 9 -5.07 2.24 -4.57
C VAL A 9 -5.99 2.64 -3.41
N ILE A 10 -6.87 3.62 -3.58
CA ILE A 10 -7.74 4.11 -2.52
C ILE A 10 -9.17 3.92 -2.98
N TYR A 11 -9.93 3.24 -2.12
CA TYR A 11 -11.29 2.85 -2.38
C TYR A 11 -12.15 3.70 -1.45
N PRO A 12 -12.67 4.87 -1.90
CA PRO A 12 -13.58 5.71 -1.14
C PRO A 12 -14.92 5.03 -0.93
N ALA A 13 -15.00 4.30 0.19
CA ALA A 13 -16.08 3.53 0.80
C ALA A 13 -16.53 2.34 -0.04
N GLY A 14 -16.96 1.28 0.66
CA GLY A 14 -17.21 -0.04 0.10
C GLY A 14 -18.50 -0.12 -0.73
N GLN A 15 -18.98 1.00 -1.26
CA GLN A 15 -20.28 1.16 -1.88
C GLN A 15 -20.11 1.96 -3.18
N LYS A 16 -19.09 1.62 -3.97
CA LYS A 16 -18.73 2.30 -5.22
C LYS A 16 -17.97 1.43 -6.22
N GLN A 17 -17.37 0.31 -5.80
CA GLN A 17 -16.29 -0.38 -6.52
C GLN A 17 -15.08 0.54 -6.70
N GLU A 18 -13.92 -0.01 -7.07
CA GLU A 18 -12.78 0.75 -7.56
C GLU A 18 -12.17 0.01 -8.76
N GLN A 19 -11.09 0.55 -9.33
CA GLN A 19 -10.36 -0.09 -10.40
C GLN A 19 -8.86 0.13 -10.23
N LEU A 20 -8.07 -0.69 -10.92
CA LEU A 20 -6.62 -0.67 -10.88
C LEU A 20 -6.09 -1.11 -12.22
N ALA A 21 -5.40 -0.23 -12.96
CA ALA A 21 -4.73 -0.65 -14.18
C ALA A 21 -3.55 -1.58 -13.87
N VAL A 22 -3.03 -2.25 -14.90
CA VAL A 22 -1.82 -3.06 -14.89
C VAL A 22 -1.09 -2.67 -16.17
N THR A 23 0.23 -2.60 -16.11
CA THR A 23 1.15 -2.34 -17.21
C THR A 23 2.40 -3.21 -16.95
N ASN A 24 3.39 -3.23 -17.84
CA ASN A 24 4.64 -3.95 -17.56
C ASN A 24 5.88 -3.13 -17.92
N ASN A 25 7.03 -3.53 -17.38
CA ASN A 25 8.33 -2.94 -17.64
C ASN A 25 8.95 -3.52 -18.91
N ASP A 26 9.03 -4.85 -18.99
CA ASP A 26 9.26 -5.59 -20.23
C ASP A 26 8.03 -5.44 -21.13
N GLU A 27 8.18 -5.63 -22.44
CA GLU A 27 7.09 -5.68 -23.39
C GLU A 27 6.83 -7.07 -23.94
N ASN A 28 7.86 -7.92 -23.95
CA ASN A 28 7.90 -9.15 -24.72
C ASN A 28 6.91 -10.18 -24.21
N SER A 29 7.14 -10.61 -22.98
CA SER A 29 6.55 -11.79 -22.38
C SER A 29 5.05 -11.61 -22.15
N THR A 30 4.31 -12.71 -22.01
CA THR A 30 3.00 -12.67 -21.37
C THR A 30 3.29 -12.77 -19.85
N TYR A 31 2.68 -11.93 -19.04
CA TYR A 31 2.70 -12.04 -17.58
C TYR A 31 1.35 -12.57 -17.17
N LEU A 32 1.33 -13.24 -16.02
CA LEU A 32 0.19 -13.76 -15.32
C LEU A 32 0.01 -12.78 -14.17
N ILE A 33 -0.90 -11.81 -14.27
CA ILE A 33 -1.28 -11.05 -13.10
C ILE A 33 -2.17 -11.97 -12.28
N GLN A 34 -1.80 -12.09 -11.01
CA GLN A 34 -2.45 -12.88 -10.02
C GLN A 34 -2.68 -11.92 -8.87
N SER A 35 -3.91 -11.49 -8.67
CA SER A 35 -4.29 -10.57 -7.63
C SER A 35 -5.07 -11.33 -6.57
N TRP A 36 -4.96 -10.84 -5.33
CA TRP A 36 -5.88 -11.07 -4.24
C TRP A 36 -5.60 -9.98 -3.18
N VAL A 37 -6.57 -9.71 -2.30
CA VAL A 37 -6.55 -8.60 -1.35
C VAL A 37 -6.39 -9.14 0.08
N GLU A 38 -5.54 -8.51 0.89
CA GLU A 38 -5.11 -9.07 2.16
C GLU A 38 -5.29 -8.04 3.26
N ASN A 39 -5.67 -8.51 4.45
CA ASN A 39 -6.26 -7.71 5.52
C ASN A 39 -5.23 -6.92 6.35
N ALA A 40 -4.38 -6.15 5.68
CA ALA A 40 -3.19 -5.51 6.26
C ALA A 40 -2.31 -6.45 7.10
N ASP A 41 -2.51 -7.77 7.03
CA ASP A 41 -1.82 -8.77 7.81
C ASP A 41 -1.29 -9.89 6.93
N GLY A 42 -1.51 -9.81 5.61
CA GLY A 42 -1.16 -10.86 4.67
C GLY A 42 -2.12 -12.05 4.73
N VAL A 43 -3.16 -12.04 5.59
CA VAL A 43 -4.20 -13.04 5.54
C VAL A 43 -5.13 -12.69 4.38
N LYS A 44 -5.47 -13.70 3.59
CA LYS A 44 -6.41 -13.63 2.50
C LYS A 44 -7.75 -13.85 3.20
N ASP A 45 -8.53 -12.80 3.41
CA ASP A 45 -9.89 -12.90 3.93
C ASP A 45 -10.86 -12.39 2.88
N GLY A 46 -12.07 -12.94 2.87
CA GLY A 46 -13.07 -12.78 1.83
C GLY A 46 -13.74 -11.41 1.83
N ARG A 47 -13.19 -10.42 2.53
CA ARG A 47 -13.69 -9.04 2.59
C ARG A 47 -13.70 -8.38 1.21
N PHE A 48 -13.04 -8.94 0.21
CA PHE A 48 -12.86 -8.30 -1.08
C PHE A 48 -13.05 -9.34 -2.17
N ILE A 49 -13.41 -8.88 -3.37
CA ILE A 49 -13.43 -9.63 -4.59
C ILE A 49 -12.71 -8.77 -5.64
N VAL A 50 -12.13 -9.40 -6.65
CA VAL A 50 -11.43 -8.74 -7.75
C VAL A 50 -11.89 -9.41 -9.03
N THR A 51 -11.95 -8.65 -10.12
CA THR A 51 -12.57 -9.05 -11.38
C THR A 51 -11.78 -8.45 -12.56
N PRO A 52 -11.13 -9.26 -13.42
CA PRO A 52 -10.71 -10.64 -13.17
C PRO A 52 -9.62 -10.65 -12.07
N PRO A 53 -9.60 -11.64 -11.16
CA PRO A 53 -8.55 -11.74 -10.16
C PRO A 53 -7.27 -12.39 -10.73
N LEU A 54 -7.37 -13.10 -11.85
CA LEU A 54 -6.38 -13.99 -12.40
C LEU A 54 -6.46 -13.80 -13.91
N PHE A 55 -5.41 -13.33 -14.57
CA PHE A 55 -5.36 -13.33 -16.03
C PHE A 55 -3.92 -13.37 -16.52
N ALA A 56 -3.69 -13.99 -17.67
CA ALA A 56 -2.49 -13.77 -18.44
C ALA A 56 -2.77 -12.62 -19.41
N MET A 57 -1.87 -11.65 -19.53
CA MET A 57 -1.89 -10.60 -20.52
C MET A 57 -0.47 -10.31 -20.96
N LYS A 58 -0.33 -9.60 -22.07
CA LYS A 58 0.98 -9.32 -22.64
C LYS A 58 1.68 -8.22 -21.84
N GLY A 59 2.99 -8.08 -22.02
CA GLY A 59 3.81 -7.12 -21.30
C GLY A 59 3.37 -5.70 -21.61
N LYS A 60 3.61 -5.23 -22.83
CA LYS A 60 3.18 -3.89 -23.24
C LYS A 60 1.70 -3.96 -23.56
N LYS A 61 0.87 -3.92 -22.52
CA LYS A 61 -0.58 -3.83 -22.60
C LYS A 61 -1.03 -2.90 -21.49
N GLU A 62 -2.33 -2.71 -21.37
CA GLU A 62 -2.92 -2.24 -20.13
C GLU A 62 -4.09 -3.18 -19.85
N ASN A 63 -4.31 -3.61 -18.60
CA ASN A 63 -5.39 -4.51 -18.29
C ASN A 63 -5.94 -4.26 -16.90
N THR A 64 -7.01 -3.49 -16.83
CA THR A 64 -7.55 -3.03 -15.56
C THR A 64 -8.25 -4.18 -14.86
N LEU A 65 -8.14 -4.23 -13.52
CA LEU A 65 -8.96 -5.02 -12.62
C LEU A 65 -10.02 -4.08 -12.07
N ARG A 66 -11.20 -4.59 -11.73
CA ARG A 66 -12.13 -3.90 -10.86
C ARG A 66 -12.08 -4.67 -9.55
N ILE A 67 -11.66 -3.98 -8.51
CA ILE A 67 -11.58 -4.46 -7.14
C ILE A 67 -12.86 -3.95 -6.51
N LEU A 68 -13.59 -4.82 -5.80
CA LEU A 68 -14.87 -4.44 -5.25
C LEU A 68 -15.17 -5.16 -3.93
N ASP A 69 -16.13 -4.57 -3.22
CA ASP A 69 -16.45 -4.90 -1.84
C ASP A 69 -17.09 -6.27 -1.75
N ALA A 70 -16.62 -7.05 -0.79
CA ALA A 70 -17.33 -8.21 -0.26
C ALA A 70 -17.21 -8.21 1.28
N THR A 71 -17.05 -7.04 1.89
CA THR A 71 -16.83 -6.89 3.33
C THR A 71 -18.06 -7.45 4.04
N ASN A 72 -19.24 -7.12 3.51
CA ASN A 72 -20.57 -7.46 4.01
C ASN A 72 -20.74 -7.18 5.51
N ASN A 73 -19.85 -6.37 6.08
CA ASN A 73 -19.88 -5.88 7.45
C ASN A 73 -19.89 -4.35 7.45
N GLN A 74 -20.31 -3.73 6.33
CA GLN A 74 -20.29 -2.31 5.98
C GLN A 74 -18.94 -1.58 6.14
N LEU A 75 -17.86 -2.29 6.50
CA LEU A 75 -16.63 -1.80 7.12
C LEU A 75 -16.91 -1.12 8.46
N PRO A 76 -15.99 -1.26 9.44
CA PRO A 76 -16.20 -0.74 10.78
C PRO A 76 -16.27 0.79 10.81
N GLN A 77 -16.78 1.30 11.94
CA GLN A 77 -17.13 2.69 12.12
C GLN A 77 -16.44 3.32 13.33
N ASP A 78 -15.94 2.51 14.28
CA ASP A 78 -15.20 3.04 15.42
C ASP A 78 -13.72 3.27 15.07
N ARG A 79 -13.27 2.67 13.96
CA ARG A 79 -11.93 2.68 13.42
C ARG A 79 -12.07 2.36 11.93
N GLU A 80 -11.12 2.80 11.11
CA GLU A 80 -11.20 2.62 9.67
C GLU A 80 -10.67 1.23 9.30
N SER A 81 -10.17 1.06 8.08
CA SER A 81 -9.55 -0.16 7.61
C SER A 81 -8.36 0.17 6.70
N LEU A 82 -7.45 -0.80 6.56
CA LEU A 82 -6.34 -0.79 5.61
C LEU A 82 -6.30 -2.20 5.03
N PHE A 83 -5.93 -2.32 3.76
CA PHE A 83 -5.68 -3.59 3.12
C PHE A 83 -4.36 -3.49 2.36
N TRP A 84 -3.85 -4.63 1.92
CA TRP A 84 -2.82 -4.76 0.92
C TRP A 84 -3.49 -5.44 -0.28
N MET A 85 -2.87 -5.38 -1.44
CA MET A 85 -3.24 -6.22 -2.57
C MET A 85 -1.95 -6.78 -3.09
N ASN A 86 -1.82 -8.11 -3.13
CA ASN A 86 -0.66 -8.67 -3.80
C ASN A 86 -1.06 -8.66 -5.25
N VAL A 87 -0.11 -8.25 -6.08
CA VAL A 87 -0.15 -8.58 -7.48
C VAL A 87 1.11 -9.40 -7.67
N LYS A 88 0.96 -10.72 -7.58
CA LYS A 88 2.05 -11.68 -7.69
C LYS A 88 2.18 -11.95 -9.19
N ALA A 89 2.89 -11.08 -9.91
CA ALA A 89 2.95 -11.16 -11.36
C ALA A 89 4.00 -12.18 -11.75
N ILE A 90 3.68 -13.21 -12.51
CA ILE A 90 4.61 -14.27 -12.86
C ILE A 90 4.73 -14.28 -14.39
N PRO A 91 5.93 -14.31 -15.00
CA PRO A 91 6.04 -14.43 -16.45
C PRO A 91 5.49 -15.79 -16.90
N SER A 92 4.38 -15.76 -17.65
CA SER A 92 3.64 -16.89 -18.20
C SER A 92 3.56 -18.09 -17.24
N MET A 93 2.85 -17.97 -16.11
CA MET A 93 2.56 -19.11 -15.24
C MET A 93 1.39 -19.92 -15.81
N ASP A 94 1.65 -20.49 -16.98
CA ASP A 94 0.97 -21.62 -17.56
C ASP A 94 1.72 -22.88 -17.09
N LYS A 95 1.10 -24.03 -17.29
CA LYS A 95 1.48 -25.30 -16.65
C LYS A 95 2.86 -25.81 -17.09
N SER A 96 3.88 -25.34 -16.38
CA SER A 96 5.25 -25.77 -16.33
C SER A 96 5.68 -25.61 -14.86
N LYS A 97 4.98 -26.33 -13.97
CA LYS A 97 5.15 -26.16 -12.53
C LYS A 97 6.47 -26.78 -12.10
N LEU A 98 6.69 -28.04 -12.49
CA LEU A 98 7.98 -28.73 -12.50
C LEU A 98 8.58 -28.92 -11.10
N THR A 99 9.59 -29.78 -11.02
CA THR A 99 10.38 -30.06 -9.84
C THR A 99 11.77 -29.55 -10.22
N GLU A 100 11.98 -28.26 -10.03
CA GLU A 100 13.25 -27.60 -10.20
C GLU A 100 13.55 -26.81 -8.93
N ASN A 101 14.81 -26.40 -8.79
CA ASN A 101 15.28 -25.56 -7.70
C ASN A 101 15.74 -24.22 -8.25
N THR A 102 14.90 -23.62 -9.09
CA THR A 102 15.21 -22.44 -9.89
C THR A 102 13.99 -21.51 -9.74
N LEU A 103 13.51 -21.33 -8.51
CA LEU A 103 12.43 -20.41 -8.21
C LEU A 103 12.87 -19.00 -8.61
N GLN A 104 12.37 -18.49 -9.73
CA GLN A 104 12.65 -17.13 -10.18
C GLN A 104 12.08 -16.10 -9.18
N LEU A 105 11.05 -16.49 -8.43
CA LEU A 105 10.27 -15.73 -7.47
C LEU A 105 9.43 -14.69 -8.21
N ALA A 106 8.11 -14.82 -8.07
CA ALA A 106 7.14 -13.96 -8.75
C ALA A 106 7.38 -12.50 -8.37
N ILE A 107 6.94 -11.60 -9.23
CA ILE A 107 7.20 -10.18 -9.16
C ILE A 107 6.05 -9.64 -8.31
N ILE A 108 6.17 -9.79 -6.99
CA ILE A 108 5.13 -9.38 -6.06
C ILE A 108 5.20 -7.86 -5.98
N SER A 109 4.22 -7.18 -6.58
CA SER A 109 4.19 -5.72 -6.64
C SER A 109 3.58 -5.15 -5.35
N ARG A 110 2.94 -6.01 -4.53
CA ARG A 110 2.57 -5.84 -3.11
C ARG A 110 2.04 -4.42 -2.82
N ILE A 111 0.91 -4.09 -3.44
CA ILE A 111 0.26 -2.79 -3.35
C ILE A 111 -0.36 -2.58 -1.96
N LYS A 112 -0.74 -1.34 -1.67
CA LYS A 112 -1.26 -0.94 -0.37
C LYS A 112 -2.60 -0.25 -0.71
N LEU A 113 -3.69 -0.78 -0.16
CA LEU A 113 -5.05 -0.45 -0.53
C LEU A 113 -5.65 0.29 0.66
N TYR A 114 -5.77 1.61 0.54
CA TYR A 114 -6.29 2.47 1.59
C TYR A 114 -7.82 2.43 1.45
N TYR A 115 -8.46 1.48 2.13
CA TYR A 115 -9.90 1.34 2.09
C TYR A 115 -10.47 2.45 2.96
N ARG A 116 -10.96 3.54 2.36
CA ARG A 116 -11.48 4.70 3.09
C ARG A 116 -13.00 4.69 3.05
N PRO A 117 -13.71 4.01 3.96
CA PRO A 117 -15.12 4.31 4.23
C PRO A 117 -15.33 5.69 4.85
N ALA A 118 -14.27 6.50 5.01
CA ALA A 118 -14.24 7.86 5.52
C ALA A 118 -15.18 8.03 6.70
N LYS A 119 -15.03 7.12 7.68
CA LYS A 119 -16.09 6.88 8.63
C LYS A 119 -15.93 7.61 9.96
N LEU A 120 -14.89 8.43 10.08
CA LEU A 120 -14.44 8.94 11.37
C LEU A 120 -14.57 10.45 11.37
N ALA A 121 -14.93 11.02 12.52
CA ALA A 121 -15.02 12.46 12.71
C ALA A 121 -13.66 13.14 12.64
N LEU A 122 -12.58 12.40 12.92
CA LEU A 122 -11.23 12.93 13.02
C LEU A 122 -10.85 13.44 11.63
N PRO A 123 -10.42 14.70 11.49
CA PRO A 123 -10.08 15.28 10.20
C PRO A 123 -8.78 14.63 9.70
N PRO A 124 -8.71 14.08 8.47
CA PRO A 124 -7.55 13.34 7.99
C PRO A 124 -6.30 14.20 7.78
N ASP A 125 -6.39 15.52 7.87
CA ASP A 125 -5.22 16.40 8.00
C ASP A 125 -4.52 16.11 9.32
N GLN A 126 -5.28 15.93 10.40
CA GLN A 126 -4.74 15.72 11.71
C GLN A 126 -4.37 14.26 11.86
N ALA A 127 -4.84 13.34 11.01
CA ALA A 127 -4.29 11.99 10.97
C ALA A 127 -2.77 12.07 10.74
N ALA A 128 -2.31 12.93 9.81
CA ALA A 128 -0.90 13.08 9.53
C ALA A 128 -0.20 14.01 10.51
N GLU A 129 -0.89 15.05 10.95
CA GLU A 129 -0.32 16.04 11.87
C GLU A 129 -0.42 15.58 13.33
N LYS A 130 -0.82 14.32 13.55
CA LYS A 130 -0.75 13.66 14.86
C LYS A 130 -0.03 12.33 14.76
N LEU A 131 0.42 11.92 13.57
CA LEU A 131 1.24 10.72 13.41
C LEU A 131 2.56 11.05 14.08
N ARG A 132 2.71 10.62 15.33
CA ARG A 132 3.83 11.01 16.16
C ARG A 132 5.00 10.10 15.84
N PHE A 133 6.22 10.46 16.24
CA PHE A 133 7.40 9.68 15.93
C PHE A 133 8.17 9.46 17.20
N ARG A 134 8.59 8.21 17.43
CA ARG A 134 9.50 7.80 18.47
C ARG A 134 10.87 7.75 17.82
N ARG A 135 11.74 8.73 18.09
CA ARG A 135 13.14 8.62 17.70
C ARG A 135 13.82 7.82 18.79
N SER A 136 14.77 6.97 18.43
CA SER A 136 15.66 6.31 19.33
C SER A 136 17.08 6.34 18.74
N ALA A 137 18.06 5.83 19.46
CA ALA A 137 19.41 5.66 18.93
C ALA A 137 19.44 4.48 17.97
N ASN A 138 18.63 3.46 18.26
CA ASN A 138 18.64 2.19 17.56
C ASN A 138 17.70 2.18 16.34
N SER A 139 16.55 2.84 16.42
CA SER A 139 15.47 2.77 15.43
C SER A 139 14.64 4.05 15.48
N LEU A 140 13.81 4.27 14.47
CA LEU A 140 12.75 5.27 14.44
C LEU A 140 11.44 4.50 14.38
N THR A 141 10.37 5.00 15.01
CA THR A 141 9.10 4.31 14.96
C THR A 141 8.02 5.35 14.70
N LEU A 142 7.03 4.96 13.90
CA LEU A 142 5.80 5.71 13.62
C LEU A 142 4.84 5.39 14.75
N ILE A 143 3.97 6.32 15.13
CA ILE A 143 2.94 6.10 16.14
C ILE A 143 1.60 6.42 15.47
N ASN A 144 0.71 5.43 15.39
CA ASN A 144 -0.68 5.64 15.02
C ASN A 144 -1.58 4.67 15.79
N PRO A 145 -1.79 4.88 17.10
CA PRO A 145 -2.76 4.11 17.86
C PRO A 145 -4.21 4.53 17.57
N THR A 146 -4.36 5.56 16.78
CA THR A 146 -5.59 6.24 16.42
C THR A 146 -6.42 5.42 15.44
N PRO A 147 -7.71 5.77 15.23
CA PRO A 147 -8.58 5.04 14.32
C PRO A 147 -8.28 5.34 12.84
N TYR A 148 -7.45 6.35 12.54
CA TYR A 148 -7.18 6.83 11.20
C TYR A 148 -5.66 6.97 11.04
N TYR A 149 -5.14 6.37 9.98
CA TYR A 149 -3.74 6.24 9.62
C TYR A 149 -3.60 6.57 8.14
N LEU A 150 -2.35 6.82 7.73
CA LEU A 150 -1.92 7.32 6.43
C LEU A 150 -0.47 6.89 6.24
N THR A 151 -0.04 6.56 5.03
CA THR A 151 1.34 6.11 4.81
C THR A 151 2.29 7.31 4.78
N VAL A 152 3.53 7.07 5.19
CA VAL A 152 4.60 8.06 5.26
C VAL A 152 5.63 7.69 4.19
N THR A 153 6.10 8.65 3.40
CA THR A 153 6.95 8.41 2.26
C THR A 153 8.10 9.40 2.26
N GLU A 154 9.33 8.90 2.14
CA GLU A 154 10.55 9.66 1.98
C GLU A 154 10.74 10.54 3.22
N LEU A 155 10.92 9.83 4.34
CA LEU A 155 10.85 10.39 5.68
C LEU A 155 12.24 10.94 5.97
N ASN A 156 12.44 12.24 6.06
CA ASN A 156 13.74 12.79 6.40
C ASN A 156 13.76 12.92 7.90
N ALA A 157 14.74 12.29 8.53
CA ALA A 157 14.86 12.24 9.96
C ALA A 157 16.19 12.83 10.37
N GLY A 158 16.12 14.02 10.95
CA GLY A 158 17.27 14.85 11.18
C GLY A 158 17.97 15.12 9.87
N THR A 159 19.26 14.81 9.86
CA THR A 159 20.18 15.02 8.77
C THR A 159 20.31 13.77 7.89
N ARG A 160 19.39 12.81 8.04
CA ARG A 160 19.34 11.60 7.21
C ARG A 160 18.05 11.55 6.38
N VAL A 161 18.10 10.88 5.23
CA VAL A 161 16.91 10.37 4.57
C VAL A 161 16.62 8.97 5.15
N LEU A 162 15.36 8.68 5.41
CA LEU A 162 14.85 7.41 5.87
C LEU A 162 13.74 6.95 4.93
N GLU A 163 13.39 5.68 5.05
CA GLU A 163 12.54 4.96 4.12
C GLU A 163 11.09 5.41 4.27
N ASN A 164 10.32 5.21 3.21
CA ASN A 164 8.90 5.13 3.22
C ASN A 164 8.47 3.99 4.14
N ALA A 165 7.39 4.23 4.86
CA ALA A 165 6.97 3.45 6.01
C ALA A 165 5.46 3.28 5.96
N LEU A 166 5.02 2.03 6.12
CA LEU A 166 3.61 1.65 6.17
C LEU A 166 3.14 1.60 7.61
N VAL A 167 1.96 2.16 7.81
CA VAL A 167 1.24 2.26 9.05
C VAL A 167 0.47 0.96 9.28
N PRO A 168 0.61 0.29 10.43
CA PRO A 168 -0.41 -0.65 10.87
C PRO A 168 -1.65 0.14 11.30
N PRO A 169 -2.84 -0.48 11.31
CA PRO A 169 -3.96 0.07 12.04
C PRO A 169 -3.67 -0.07 13.53
N MET A 170 -3.94 0.99 14.32
CA MET A 170 -3.74 1.06 15.76
C MET A 170 -2.37 0.48 16.16
N GLY A 171 -1.28 1.03 15.62
CA GLY A 171 0.01 0.44 15.89
C GLY A 171 1.19 1.37 15.71
N GLU A 172 2.37 0.80 15.93
CA GLU A 172 3.64 1.50 15.97
C GLU A 172 4.55 0.84 14.93
N SER A 173 4.66 1.41 13.73
CA SER A 173 5.58 0.89 12.69
C SER A 173 7.03 1.20 13.08
N THR A 174 8.01 0.62 12.41
CA THR A 174 9.43 0.88 12.65
C THR A 174 10.15 1.11 11.31
N VAL A 175 11.24 1.87 11.33
CA VAL A 175 12.31 1.94 10.35
C VAL A 175 13.63 2.11 11.14
N LYS A 176 14.77 1.91 10.49
CA LYS A 176 16.07 2.16 11.13
C LYS A 176 16.20 3.65 11.51
N LEU A 177 17.18 3.97 12.34
CA LEU A 177 17.69 5.34 12.49
C LEU A 177 19.22 5.23 12.65
N PRO A 178 20.04 6.18 12.16
CA PRO A 178 21.48 5.98 12.04
C PRO A 178 22.25 6.25 13.34
N SER A 179 21.58 6.38 14.49
CA SER A 179 22.07 6.72 15.82
C SER A 179 22.36 8.22 16.01
N ASP A 180 22.00 9.05 15.03
CA ASP A 180 22.39 10.45 14.98
C ASP A 180 21.16 11.34 14.79
N ALA A 181 20.60 11.42 13.58
CA ALA A 181 19.29 11.97 13.24
C ALA A 181 18.85 13.16 14.13
N GLY A 182 19.20 14.39 13.76
CA GLY A 182 18.80 15.62 14.46
C GLY A 182 17.29 15.75 14.70
N SER A 183 16.89 16.79 15.43
CA SER A 183 15.62 16.88 16.12
C SER A 183 14.55 17.58 15.27
N ASN A 184 14.79 17.75 13.98
CA ASN A 184 13.76 18.02 12.97
C ASN A 184 13.45 16.73 12.22
N ILE A 185 12.18 16.36 12.08
CA ILE A 185 11.71 15.31 11.21
C ILE A 185 10.78 15.94 10.18
N THR A 186 10.74 15.44 8.96
CA THR A 186 9.77 15.81 7.94
C THR A 186 9.43 14.55 7.13
N TYR A 187 8.35 14.58 6.36
CA TYR A 187 8.01 13.48 5.47
C TYR A 187 7.01 13.95 4.43
N ARG A 188 6.90 13.22 3.33
CA ARG A 188 5.72 13.27 2.47
C ARG A 188 4.78 12.17 2.97
N THR A 189 3.56 12.17 2.48
CA THR A 189 2.57 11.16 2.79
C THR A 189 1.88 10.79 1.48
N ILE A 190 1.14 9.69 1.44
CA ILE A 190 0.32 9.35 0.29
C ILE A 190 -1.11 9.77 0.59
N ASN A 191 -1.66 10.59 -0.30
CA ASN A 191 -3.02 11.09 -0.23
C ASN A 191 -3.97 9.96 -0.60
N ASP A 192 -5.25 10.25 -0.42
CA ASP A 192 -6.37 9.43 -0.86
C ASP A 192 -6.78 9.64 -2.31
N TYR A 193 -6.17 10.64 -2.93
CA TYR A 193 -6.09 10.71 -4.38
C TYR A 193 -4.84 9.94 -4.88
N GLY A 194 -4.01 9.42 -3.97
CA GLY A 194 -2.76 8.73 -4.23
C GLY A 194 -1.63 9.69 -4.58
N ALA A 195 -1.88 11.01 -4.54
CA ALA A 195 -1.08 12.00 -5.24
C ALA A 195 -0.08 12.71 -4.32
N LEU A 196 0.85 11.89 -3.79
CA LEU A 196 2.04 12.18 -2.97
C LEU A 196 2.17 13.64 -2.53
N THR A 197 1.94 13.92 -1.25
CA THR A 197 1.84 15.27 -0.70
C THR A 197 3.14 16.07 -0.88
N PRO A 198 3.13 17.40 -0.59
CA PRO A 198 4.36 18.11 -0.28
C PRO A 198 5.05 17.46 0.93
N LYS A 199 6.33 17.77 1.13
CA LYS A 199 7.02 17.56 2.39
C LYS A 199 6.30 18.39 3.45
N MET A 200 5.52 17.76 4.32
CA MET A 200 5.07 18.39 5.55
C MET A 200 6.20 18.22 6.58
N THR A 201 6.24 19.08 7.60
CA THR A 201 7.07 18.82 8.74
C THR A 201 6.52 17.61 9.50
N GLY A 202 7.26 17.16 10.50
CA GLY A 202 6.90 15.98 11.26
C GLY A 202 6.83 16.25 12.75
N VAL A 203 6.26 15.30 13.48
CA VAL A 203 5.87 15.45 14.87
C VAL A 203 6.60 14.35 15.66
N MET A 204 7.77 14.61 16.24
CA MET A 204 8.40 13.62 17.11
C MET A 204 8.12 14.00 18.55
N GLU A 205 7.92 12.96 19.37
CA GLU A 205 7.74 12.99 20.81
C GLU A 205 7.88 11.54 21.23
N GLY A 1 9.81 -6.01 -14.46
CA GLY A 1 8.60 -6.58 -13.88
C GLY A 1 7.37 -5.75 -14.23
N VAL A 2 6.22 -6.19 -13.74
CA VAL A 2 4.96 -5.45 -13.83
C VAL A 2 5.09 -4.21 -12.94
N ALA A 3 4.41 -3.11 -13.28
CA ALA A 3 4.47 -1.88 -12.50
C ALA A 3 3.11 -1.49 -11.92
N LEU A 4 2.02 -2.06 -12.46
CA LEU A 4 0.64 -1.74 -12.12
C LEU A 4 0.36 -0.25 -12.32
N GLY A 5 -0.92 0.14 -12.30
CA GLY A 5 -1.33 1.52 -12.54
C GLY A 5 -0.59 2.53 -11.67
N ALA A 6 -0.26 2.13 -10.44
CA ALA A 6 0.54 2.87 -9.47
C ALA A 6 1.00 1.88 -8.41
N THR A 7 1.97 2.25 -7.58
CA THR A 7 2.52 1.42 -6.53
C THR A 7 1.67 1.47 -5.24
N ARG A 8 0.56 2.22 -5.25
CA ARG A 8 -0.49 2.07 -4.24
C ARG A 8 -1.85 2.31 -4.86
N VAL A 9 -2.89 1.92 -4.14
CA VAL A 9 -4.28 2.17 -4.49
C VAL A 9 -4.99 2.63 -3.20
N ILE A 10 -6.08 3.39 -3.33
CA ILE A 10 -6.88 3.91 -2.24
C ILE A 10 -8.32 3.78 -2.73
N TYR A 11 -9.17 3.18 -1.91
CA TYR A 11 -10.58 2.96 -2.17
C TYR A 11 -11.36 3.82 -1.17
N PRO A 12 -11.56 5.12 -1.45
CA PRO A 12 -12.63 5.88 -0.83
C PRO A 12 -13.93 5.25 -1.32
N ALA A 13 -14.70 4.71 -0.38
CA ALA A 13 -15.73 3.72 -0.66
C ALA A 13 -16.81 4.32 -1.56
N GLY A 14 -17.44 3.45 -2.33
CA GLY A 14 -18.56 3.76 -3.21
C GLY A 14 -19.53 2.59 -3.24
N GLN A 15 -19.56 1.78 -2.17
CA GLN A 15 -20.37 0.58 -1.93
C GLN A 15 -20.62 -0.23 -3.21
N LYS A 16 -19.59 -0.42 -4.03
CA LYS A 16 -19.71 -0.99 -5.37
C LYS A 16 -18.35 -1.49 -5.81
N GLN A 17 -17.53 -0.68 -6.48
CA GLN A 17 -16.18 -1.08 -6.85
C GLN A 17 -15.25 0.11 -7.04
N GLU A 18 -13.97 -0.23 -7.08
CA GLU A 18 -12.76 0.52 -7.30
C GLU A 18 -11.96 -0.26 -8.35
N GLN A 19 -10.83 0.24 -8.83
CA GLN A 19 -10.15 -0.34 -9.96
C GLN A 19 -8.65 -0.05 -9.99
N LEU A 20 -7.87 -1.03 -10.44
CA LEU A 20 -6.43 -0.94 -10.57
C LEU A 20 -6.04 -1.40 -11.95
N ALA A 21 -5.50 -0.48 -12.76
CA ALA A 21 -4.88 -0.86 -14.02
C ALA A 21 -3.70 -1.80 -13.74
N VAL A 22 -3.43 -2.71 -14.67
CA VAL A 22 -2.18 -3.46 -14.74
C VAL A 22 -1.45 -2.90 -15.95
N THR A 23 -0.20 -2.51 -15.79
CA THR A 23 0.66 -2.17 -16.91
C THR A 23 2.02 -2.78 -16.57
N ASN A 24 2.81 -3.13 -17.59
CA ASN A 24 4.09 -3.83 -17.47
C ASN A 24 5.19 -2.96 -18.05
N ASN A 25 6.46 -3.27 -17.77
CA ASN A 25 7.55 -2.74 -18.54
C ASN A 25 7.80 -3.58 -19.80
N ASP A 26 7.97 -4.89 -19.61
CA ASP A 26 8.31 -5.82 -20.68
C ASP A 26 7.15 -5.97 -21.67
N GLU A 27 7.49 -6.42 -22.87
CA GLU A 27 6.61 -6.66 -24.00
C GLU A 27 6.88 -8.01 -24.65
N ASN A 28 7.99 -8.67 -24.32
CA ASN A 28 8.37 -9.94 -24.88
C ASN A 28 7.42 -11.01 -24.37
N SER A 29 7.43 -11.23 -23.06
CA SER A 29 6.61 -12.21 -22.40
C SER A 29 5.15 -11.75 -22.25
N THR A 30 4.28 -12.73 -22.02
CA THR A 30 2.90 -12.55 -21.62
C THR A 30 2.87 -13.06 -20.16
N TYR A 31 1.98 -12.51 -19.34
CA TYR A 31 1.97 -12.76 -17.91
C TYR A 31 0.57 -13.21 -17.51
N LEU A 32 0.49 -13.99 -16.44
CA LEU A 32 -0.71 -14.35 -15.71
C LEU A 32 -0.70 -13.40 -14.53
N ILE A 33 -1.52 -12.34 -14.56
CA ILE A 33 -1.78 -11.54 -13.37
C ILE A 33 -2.73 -12.34 -12.51
N GLN A 34 -2.45 -12.44 -11.22
CA GLN A 34 -3.31 -13.04 -10.23
C GLN A 34 -3.39 -12.06 -9.07
N SER A 35 -4.53 -11.38 -8.96
CA SER A 35 -4.84 -10.55 -7.82
C SER A 35 -5.40 -11.44 -6.71
N TRP A 36 -5.18 -10.99 -5.48
CA TRP A 36 -5.93 -11.33 -4.29
C TRP A 36 -5.75 -10.15 -3.35
N VAL A 37 -6.56 -10.09 -2.30
CA VAL A 37 -6.42 -9.07 -1.28
C VAL A 37 -6.06 -9.78 0.01
N GLU A 38 -5.19 -9.17 0.80
CA GLU A 38 -4.96 -9.56 2.19
C GLU A 38 -5.33 -8.36 3.06
N ASN A 39 -5.77 -8.63 4.28
CA ASN A 39 -5.77 -7.71 5.41
C ASN A 39 -4.33 -7.24 5.61
N ALA A 40 -4.14 -6.07 6.22
CA ALA A 40 -2.83 -5.52 6.56
C ALA A 40 -1.93 -6.53 7.28
N ASP A 41 -2.49 -7.53 7.97
CA ASP A 41 -1.72 -8.48 8.78
C ASP A 41 -1.17 -9.61 7.89
N GLY A 42 -1.53 -9.62 6.61
CA GLY A 42 -1.22 -10.68 5.67
C GLY A 42 -2.23 -11.81 5.75
N VAL A 43 -3.38 -11.59 6.40
CA VAL A 43 -4.47 -12.55 6.43
C VAL A 43 -5.26 -12.38 5.13
N LYS A 44 -5.33 -13.41 4.30
CA LYS A 44 -6.11 -13.39 3.07
C LYS A 44 -7.54 -13.74 3.46
N ASP A 45 -8.39 -12.72 3.50
CA ASP A 45 -9.78 -12.81 3.95
C ASP A 45 -10.70 -12.63 2.74
N GLY A 46 -11.82 -13.36 2.68
CA GLY A 46 -12.69 -13.49 1.51
C GLY A 46 -13.62 -12.30 1.31
N ARG A 47 -13.12 -11.10 1.55
CA ARG A 47 -13.89 -9.86 1.63
C ARG A 47 -13.75 -8.98 0.39
N PHE A 48 -12.89 -9.35 -0.55
CA PHE A 48 -12.54 -8.53 -1.67
C PHE A 48 -12.32 -9.57 -2.77
N ILE A 49 -13.14 -9.55 -3.81
CA ILE A 49 -13.25 -10.64 -4.78
C ILE A 49 -13.14 -9.99 -6.15
N VAL A 50 -11.91 -9.92 -6.68
CA VAL A 50 -11.54 -9.00 -7.75
C VAL A 50 -11.95 -9.67 -9.06
N THR A 51 -12.27 -8.85 -10.07
CA THR A 51 -12.79 -9.28 -11.35
C THR A 51 -11.87 -8.69 -12.44
N PRO A 52 -11.24 -9.52 -13.28
CA PRO A 52 -11.02 -10.94 -13.04
C PRO A 52 -10.17 -11.14 -11.79
N PRO A 53 -10.24 -12.30 -11.10
CA PRO A 53 -9.34 -12.62 -10.01
C PRO A 53 -7.93 -12.88 -10.58
N LEU A 54 -7.87 -13.53 -11.74
CA LEU A 54 -6.67 -13.69 -12.52
C LEU A 54 -7.02 -13.60 -14.00
N PHE A 55 -6.04 -13.25 -14.81
CA PHE A 55 -6.14 -13.18 -16.26
C PHE A 55 -4.75 -13.33 -16.85
N ALA A 56 -4.66 -13.82 -18.08
CA ALA A 56 -3.47 -13.63 -18.87
C ALA A 56 -3.52 -12.23 -19.46
N MET A 57 -2.38 -11.55 -19.58
CA MET A 57 -2.22 -10.29 -20.29
C MET A 57 -0.99 -10.38 -21.16
N LYS A 58 -0.91 -9.45 -22.12
CA LYS A 58 0.24 -9.19 -22.96
C LYS A 58 1.10 -8.15 -22.25
N GLY A 59 2.41 -8.15 -22.50
CA GLY A 59 3.33 -7.27 -21.80
C GLY A 59 2.95 -5.80 -21.98
N LYS A 60 3.16 -5.24 -23.17
CA LYS A 60 2.84 -3.85 -23.43
C LYS A 60 1.34 -3.78 -23.72
N LYS A 61 0.54 -3.78 -22.68
CA LYS A 61 -0.91 -3.72 -22.72
C LYS A 61 -1.40 -3.15 -21.40
N GLU A 62 -2.70 -3.01 -21.25
CA GLU A 62 -3.33 -2.77 -19.96
C GLU A 62 -4.51 -3.73 -19.85
N ASN A 63 -4.87 -4.09 -18.62
CA ASN A 63 -6.04 -4.85 -18.24
C ASN A 63 -6.35 -4.41 -16.81
N THR A 64 -7.39 -3.62 -16.63
CA THR A 64 -7.77 -3.18 -15.30
C THR A 64 -8.43 -4.33 -14.54
N LEU A 65 -8.21 -4.34 -13.23
CA LEU A 65 -8.84 -5.19 -12.24
C LEU A 65 -9.97 -4.37 -11.63
N ARG A 66 -11.13 -4.98 -11.41
CA ARG A 66 -12.26 -4.36 -10.76
C ARG A 66 -12.26 -4.86 -9.33
N ILE A 67 -11.85 -4.03 -8.38
CA ILE A 67 -11.68 -4.33 -6.99
C ILE A 67 -12.99 -3.92 -6.31
N LEU A 68 -13.88 -4.89 -6.12
CA LEU A 68 -15.24 -4.62 -5.65
C LEU A 68 -15.29 -4.52 -4.13
N ASP A 69 -16.38 -4.00 -3.57
CA ASP A 69 -16.75 -4.25 -2.19
C ASP A 69 -17.48 -5.57 -2.09
N ALA A 70 -16.88 -6.52 -1.37
CA ALA A 70 -17.48 -7.78 -0.99
C ALA A 70 -17.32 -7.99 0.52
N THR A 71 -17.09 -6.91 1.27
CA THR A 71 -16.72 -6.98 2.67
C THR A 71 -17.94 -7.39 3.47
N ASN A 72 -18.98 -6.54 3.48
CA ASN A 72 -20.30 -6.72 4.10
C ASN A 72 -20.26 -7.00 5.62
N ASN A 73 -19.08 -7.16 6.21
CA ASN A 73 -18.81 -7.76 7.53
C ASN A 73 -18.91 -6.77 8.69
N GLN A 74 -19.70 -5.70 8.52
CA GLN A 74 -19.81 -4.61 9.49
C GLN A 74 -18.43 -4.03 9.88
N LEU A 75 -17.70 -3.51 8.88
CA LEU A 75 -16.41 -2.84 9.10
C LEU A 75 -16.63 -1.70 10.12
N PRO A 76 -15.96 -1.70 11.29
CA PRO A 76 -16.19 -0.70 12.33
C PRO A 76 -15.88 0.69 11.79
N GLN A 77 -16.86 1.59 11.77
CA GLN A 77 -16.68 2.95 11.24
C GLN A 77 -15.89 3.82 12.21
N ASP A 78 -15.40 3.25 13.31
CA ASP A 78 -14.72 3.98 14.38
C ASP A 78 -13.25 4.17 14.00
N ARG A 79 -12.79 3.42 13.00
CA ARG A 79 -11.47 3.39 12.44
C ARG A 79 -11.61 3.27 10.93
N GLU A 80 -10.51 3.47 10.22
CA GLU A 80 -10.40 3.31 8.79
C GLU A 80 -10.15 1.82 8.47
N SER A 81 -9.75 1.43 7.26
CA SER A 81 -9.17 0.10 7.04
C SER A 81 -8.06 0.09 5.98
N LEU A 82 -7.15 -0.88 6.10
CA LEU A 82 -5.96 -1.09 5.29
C LEU A 82 -5.90 -2.56 4.92
N PHE A 83 -5.58 -2.79 3.65
CA PHE A 83 -5.43 -4.06 2.98
C PHE A 83 -4.18 -3.98 2.10
N TRP A 84 -3.78 -5.11 1.54
CA TRP A 84 -2.74 -5.24 0.54
C TRP A 84 -3.43 -5.82 -0.67
N MET A 85 -3.46 -5.09 -1.78
CA MET A 85 -3.96 -5.60 -3.04
C MET A 85 -2.75 -6.27 -3.67
N ASN A 86 -2.59 -7.56 -3.41
CA ASN A 86 -1.43 -8.30 -3.88
C ASN A 86 -1.72 -8.72 -5.30
N VAL A 87 -0.73 -8.60 -6.18
CA VAL A 87 -0.83 -9.06 -7.54
C VAL A 87 0.46 -9.81 -7.83
N LYS A 88 0.39 -11.13 -7.96
CA LYS A 88 1.45 -11.93 -8.57
C LYS A 88 1.34 -11.74 -10.07
N ALA A 89 2.47 -11.67 -10.76
CA ALA A 89 2.56 -11.75 -12.20
C ALA A 89 3.50 -12.90 -12.53
N ILE A 90 2.98 -14.06 -12.95
CA ILE A 90 3.82 -15.14 -13.44
C ILE A 90 3.99 -14.89 -14.94
N PRO A 91 5.21 -14.71 -15.47
CA PRO A 91 5.43 -14.79 -16.91
C PRO A 91 5.10 -16.21 -17.38
N SER A 92 4.09 -16.37 -18.23
CA SER A 92 3.50 -17.65 -18.61
C SER A 92 3.13 -17.59 -20.09
N MET A 93 4.12 -17.74 -20.97
CA MET A 93 4.00 -17.66 -22.42
C MET A 93 4.56 -18.94 -23.04
N ASP A 94 4.27 -19.15 -24.33
CA ASP A 94 4.96 -20.10 -25.20
C ASP A 94 6.33 -19.48 -25.54
N LYS A 95 7.23 -20.28 -26.11
CA LYS A 95 8.60 -19.87 -26.48
C LYS A 95 9.38 -19.52 -25.22
N SER A 96 10.50 -18.81 -25.39
CA SER A 96 11.29 -18.26 -24.30
C SER A 96 11.84 -19.38 -23.45
N LYS A 97 12.53 -20.30 -24.12
CA LYS A 97 13.45 -21.24 -23.53
C LYS A 97 14.76 -21.10 -24.30
N LEU A 98 15.81 -21.80 -23.84
CA LEU A 98 17.21 -21.51 -24.12
C LEU A 98 17.58 -20.12 -23.60
N THR A 99 18.88 -19.87 -23.43
CA THR A 99 19.40 -18.81 -22.59
C THR A 99 18.80 -18.91 -21.19
N GLU A 100 19.39 -19.81 -20.40
CA GLU A 100 19.00 -20.20 -19.06
C GLU A 100 17.55 -20.67 -18.97
N ASN A 101 17.10 -20.94 -17.74
CA ASN A 101 15.68 -21.09 -17.42
C ASN A 101 15.46 -20.97 -15.91
N THR A 102 16.07 -19.98 -15.27
CA THR A 102 16.05 -19.76 -13.83
C THR A 102 15.50 -18.34 -13.58
N LEU A 103 14.54 -17.97 -14.43
CA LEU A 103 13.58 -16.93 -14.19
C LEU A 103 12.89 -17.27 -12.87
N GLN A 104 13.01 -16.38 -11.89
CA GLN A 104 12.59 -16.63 -10.52
C GLN A 104 11.08 -16.84 -10.40
N LEU A 105 10.28 -16.33 -11.35
CA LEU A 105 8.83 -16.55 -11.47
C LEU A 105 8.06 -15.91 -10.32
N ALA A 106 6.73 -15.81 -10.45
CA ALA A 106 5.79 -15.22 -9.50
C ALA A 106 6.26 -13.85 -8.99
N ILE A 107 6.31 -12.87 -9.90
CA ILE A 107 6.83 -11.55 -9.68
C ILE A 107 5.67 -10.79 -9.04
N ILE A 108 5.63 -10.83 -7.71
CA ILE A 108 4.63 -10.13 -6.94
C ILE A 108 4.96 -8.64 -6.96
N SER A 109 4.02 -7.83 -7.42
CA SER A 109 4.20 -6.41 -7.56
C SER A 109 3.92 -5.72 -6.20
N ARG A 110 3.07 -6.34 -5.36
CA ARG A 110 2.77 -6.03 -3.95
C ARG A 110 2.29 -4.58 -3.75
N ILE A 111 0.99 -4.35 -3.53
CA ILE A 111 0.46 -2.99 -3.50
C ILE A 111 -0.28 -2.79 -2.18
N LYS A 112 -0.17 -1.59 -1.63
CA LYS A 112 -0.96 -1.10 -0.51
C LYS A 112 -2.36 -0.72 -1.01
N LEU A 113 -3.44 -1.05 -0.28
CA LEU A 113 -4.79 -0.56 -0.54
C LEU A 113 -5.43 -0.06 0.76
N TYR A 114 -5.77 1.23 0.87
CA TYR A 114 -6.65 1.66 1.96
C TYR A 114 -8.08 1.43 1.48
N TYR A 115 -8.99 1.00 2.35
CA TYR A 115 -10.41 0.90 2.08
C TYR A 115 -11.13 1.66 3.18
N ARG A 116 -11.91 2.68 2.84
CA ARG A 116 -12.53 3.51 3.86
C ARG A 116 -13.79 4.18 3.35
N PRO A 117 -14.76 4.52 4.20
CA PRO A 117 -15.78 5.50 3.84
C PRO A 117 -15.21 6.92 3.75
N ALA A 118 -13.92 7.09 4.09
CA ALA A 118 -13.20 8.34 4.23
C ALA A 118 -14.01 9.36 5.05
N LYS A 119 -14.55 8.91 6.18
CA LYS A 119 -15.53 9.67 6.95
C LYS A 119 -15.18 9.83 8.43
N LEU A 120 -13.94 9.55 8.84
CA LEU A 120 -13.50 9.86 10.20
C LEU A 120 -13.52 11.37 10.40
N ALA A 121 -13.90 11.78 11.61
CA ALA A 121 -14.05 13.17 12.01
C ALA A 121 -12.70 13.86 12.28
N LEU A 122 -11.62 13.09 12.41
CA LEU A 122 -10.27 13.64 12.42
C LEU A 122 -10.04 14.19 11.01
N PRO A 123 -9.64 15.46 10.86
CA PRO A 123 -9.28 16.01 9.56
C PRO A 123 -7.90 15.48 9.14
N PRO A 124 -7.74 14.86 7.96
CA PRO A 124 -6.49 14.19 7.57
C PRO A 124 -5.29 15.14 7.43
N ASP A 125 -5.52 16.45 7.39
CA ASP A 125 -4.49 17.48 7.44
C ASP A 125 -3.76 17.38 8.77
N GLN A 126 -4.53 17.34 9.86
CA GLN A 126 -4.01 17.32 11.20
C GLN A 126 -3.65 15.90 11.65
N ALA A 127 -3.86 14.89 10.81
CA ALA A 127 -3.29 13.57 11.04
C ALA A 127 -1.78 13.70 11.21
N ALA A 128 -1.11 14.50 10.37
CA ALA A 128 0.33 14.73 10.47
C ALA A 128 0.68 15.51 11.72
N GLU A 129 -0.15 16.47 12.12
CA GLU A 129 0.02 17.28 13.32
C GLU A 129 -0.40 16.56 14.60
N LYS A 130 -0.77 15.29 14.49
CA LYS A 130 -1.02 14.42 15.65
C LYS A 130 -0.30 13.10 15.49
N LEU A 131 0.54 12.97 14.44
CA LEU A 131 1.51 11.90 14.31
C LEU A 131 2.44 11.98 15.53
N ARG A 132 3.08 10.87 15.89
CA ARG A 132 4.22 10.92 16.78
C ARG A 132 5.23 9.88 16.29
N PHE A 133 6.48 10.07 16.69
CA PHE A 133 7.56 9.16 16.40
C PHE A 133 8.18 8.85 17.75
N ARG A 134 8.90 7.75 17.88
CA ARG A 134 9.76 7.50 19.03
C ARG A 134 11.15 7.32 18.47
N ARG A 135 12.08 8.21 18.75
CA ARG A 135 13.46 8.04 18.31
C ARG A 135 14.16 7.15 19.32
N SER A 136 15.02 6.25 18.86
CA SER A 136 15.84 5.39 19.69
C SER A 136 17.26 5.35 19.10
N ALA A 137 18.23 4.84 19.85
CA ALA A 137 19.63 4.77 19.43
C ALA A 137 19.92 3.54 18.54
N ASN A 138 18.96 3.19 17.68
CA ASN A 138 18.97 2.02 16.78
C ASN A 138 17.97 2.24 15.64
N SER A 139 16.74 2.58 16.03
CA SER A 139 15.56 2.62 15.20
C SER A 139 14.69 3.78 15.65
N LEU A 140 13.78 4.21 14.81
CA LEU A 140 12.69 5.11 15.11
C LEU A 140 11.41 4.36 14.81
N THR A 141 10.38 4.60 15.59
CA THR A 141 9.15 3.87 15.49
C THR A 141 8.10 4.92 15.13
N LEU A 142 7.18 4.59 14.22
CA LEU A 142 6.15 5.48 13.68
C LEU A 142 4.82 5.06 14.25
N ILE A 143 4.09 5.98 14.89
CA ILE A 143 2.99 5.62 15.75
C ILE A 143 1.68 5.71 14.96
N ASN A 144 0.80 4.72 15.07
CA ASN A 144 -0.59 4.78 14.60
C ASN A 144 -1.56 4.00 15.50
N PRO A 145 -1.72 4.34 16.79
CA PRO A 145 -2.83 3.85 17.61
C PRO A 145 -4.12 4.65 17.31
N THR A 146 -4.02 5.59 16.40
CA THR A 146 -5.04 6.46 15.86
C THR A 146 -5.95 5.68 14.91
N PRO A 147 -7.21 6.10 14.73
CA PRO A 147 -8.14 5.41 13.84
C PRO A 147 -7.86 5.62 12.33
N TYR A 148 -6.99 6.57 11.96
CA TYR A 148 -6.84 7.06 10.58
C TYR A 148 -5.42 6.70 10.10
N TYR A 149 -5.29 6.15 8.89
CA TYR A 149 -3.98 5.86 8.32
C TYR A 149 -3.33 7.15 7.84
N LEU A 150 -2.01 7.11 7.75
CA LEU A 150 -1.13 8.23 7.49
C LEU A 150 0.15 7.64 6.88
N THR A 151 0.28 7.57 5.56
CA THR A 151 1.54 7.10 4.97
C THR A 151 2.55 8.22 5.14
N VAL A 152 3.81 7.89 5.45
CA VAL A 152 4.89 8.85 5.56
C VAL A 152 5.96 8.46 4.55
N THR A 153 6.33 9.40 3.68
CA THR A 153 7.10 9.13 2.48
C THR A 153 8.18 10.19 2.33
N GLU A 154 9.43 9.78 2.19
CA GLU A 154 10.60 10.64 2.08
C GLU A 154 10.72 11.42 3.38
N LEU A 155 10.94 10.68 4.47
CA LEU A 155 10.96 11.21 5.82
C LEU A 155 12.39 11.73 5.99
N ASN A 156 12.54 12.93 6.53
CA ASN A 156 13.84 13.58 6.74
C ASN A 156 13.93 13.80 8.24
N ALA A 157 15.03 13.36 8.84
CA ALA A 157 15.14 13.26 10.28
C ALA A 157 16.53 13.70 10.65
N GLY A 158 16.66 14.94 11.14
CA GLY A 158 17.94 15.57 11.23
C GLY A 158 18.56 15.74 9.86
N THR A 159 19.86 15.47 9.82
CA THR A 159 20.67 15.44 8.62
C THR A 159 20.74 14.01 8.07
N ARG A 160 19.85 13.11 8.53
CA ARG A 160 19.65 11.82 7.89
C ARG A 160 18.44 11.89 6.97
N VAL A 161 18.56 11.29 5.80
CA VAL A 161 17.41 10.92 5.01
C VAL A 161 16.96 9.58 5.56
N LEU A 162 15.66 9.45 5.75
CA LEU A 162 15.04 8.31 6.40
C LEU A 162 14.08 7.65 5.41
N GLU A 163 13.66 6.44 5.77
CA GLU A 163 13.00 5.52 4.86
C GLU A 163 11.60 6.01 4.49
N ASN A 164 11.10 5.48 3.38
CA ASN A 164 9.69 5.44 3.08
C ASN A 164 9.05 4.40 3.98
N ALA A 165 7.88 4.72 4.51
CA ALA A 165 7.22 3.93 5.54
C ALA A 165 5.80 3.58 5.09
N LEU A 166 5.23 2.55 5.71
CA LEU A 166 3.79 2.32 5.72
C LEU A 166 3.35 2.14 7.16
N VAL A 167 2.08 2.40 7.38
CA VAL A 167 1.44 2.57 8.66
C VAL A 167 0.57 1.33 8.94
N PRO A 168 1.03 0.40 9.80
CA PRO A 168 0.20 -0.74 10.15
C PRO A 168 -0.89 -0.31 11.14
N PRO A 169 -1.98 -1.08 11.26
CA PRO A 169 -3.22 -0.65 11.87
C PRO A 169 -3.16 -0.71 13.39
N MET A 170 -3.65 0.32 14.09
CA MET A 170 -3.80 0.36 15.54
C MET A 170 -2.55 -0.18 16.22
N GLY A 171 -1.39 0.41 15.88
CA GLY A 171 -0.10 -0.11 16.24
C GLY A 171 1.02 0.82 15.79
N GLU A 172 2.20 0.29 15.50
CA GLU A 172 3.40 1.06 15.27
C GLU A 172 4.22 0.42 14.14
N SER A 173 4.78 1.23 13.23
CA SER A 173 5.79 0.80 12.27
C SER A 173 7.19 1.11 12.83
N THR A 174 8.24 0.66 12.15
CA THR A 174 9.62 0.92 12.55
C THR A 174 10.51 1.14 11.32
N VAL A 175 11.59 1.88 11.52
CA VAL A 175 12.64 2.25 10.57
C VAL A 175 13.95 2.41 11.35
N LYS A 176 15.11 2.45 10.69
CA LYS A 176 16.36 2.79 11.37
C LYS A 176 16.42 4.26 11.79
N LEU A 177 17.27 4.57 12.76
CA LEU A 177 17.58 5.92 13.22
C LEU A 177 19.09 5.96 13.52
N PRO A 178 19.86 6.97 13.10
CA PRO A 178 21.31 7.06 13.35
C PRO A 178 21.69 7.43 14.80
N SER A 179 20.77 7.22 15.77
CA SER A 179 20.96 7.62 17.16
C SER A 179 21.10 9.12 17.36
N ASP A 180 20.81 9.94 16.35
CA ASP A 180 20.95 11.39 16.41
C ASP A 180 19.69 12.00 15.80
N ALA A 181 19.59 11.98 14.48
CA ALA A 181 18.51 12.56 13.69
C ALA A 181 18.10 13.96 14.20
N GLY A 182 19.05 14.90 14.11
CA GLY A 182 18.96 16.30 14.42
C GLY A 182 18.07 16.66 15.60
N SER A 183 17.41 17.80 15.44
CA SER A 183 16.42 18.32 16.36
C SER A 183 15.20 18.86 15.61
N ASN A 184 14.87 18.28 14.45
CA ASN A 184 13.52 18.35 13.87
C ASN A 184 13.36 17.15 12.95
N ILE A 185 12.11 16.78 12.67
CA ILE A 185 11.71 15.72 11.79
C ILE A 185 10.73 16.34 10.79
N THR A 186 10.73 15.92 9.52
CA THR A 186 9.80 16.40 8.50
C THR A 186 9.53 15.22 7.55
N TYR A 187 8.50 15.31 6.71
CA TYR A 187 8.14 14.26 5.77
C TYR A 187 7.10 14.74 4.77
N ARG A 188 6.89 13.98 3.69
CA ARG A 188 5.66 14.08 2.89
C ARG A 188 4.71 12.98 3.39
N THR A 189 3.45 13.07 2.99
CA THR A 189 2.45 12.04 3.22
C THR A 189 1.79 11.71 1.88
N ILE A 190 1.02 10.63 1.79
CA ILE A 190 0.26 10.27 0.59
C ILE A 190 -1.22 10.54 0.89
N ASN A 191 -1.83 11.51 0.21
CA ASN A 191 -3.27 11.79 0.33
C ASN A 191 -4.11 10.73 -0.39
N ASP A 192 -5.43 10.83 -0.27
CA ASP A 192 -6.43 9.89 -0.78
C ASP A 192 -6.40 9.68 -2.29
N TYR A 193 -5.85 10.64 -3.02
CA TYR A 193 -5.75 10.55 -4.46
C TYR A 193 -4.44 9.91 -4.88
N GLY A 194 -3.65 9.41 -3.92
CA GLY A 194 -2.32 8.90 -4.16
C GLY A 194 -1.31 10.04 -4.32
N ALA A 195 -1.70 11.27 -3.98
CA ALA A 195 -0.91 12.45 -4.20
C ALA A 195 0.06 12.54 -3.04
N LEU A 196 1.35 12.29 -3.32
CA LEU A 196 2.41 12.62 -2.40
C LEU A 196 2.39 14.13 -2.21
N THR A 197 2.21 14.58 -0.97
CA THR A 197 2.11 15.98 -0.61
C THR A 197 3.46 16.68 -0.80
N PRO A 198 3.50 18.02 -0.69
CA PRO A 198 4.74 18.70 -0.41
C PRO A 198 5.25 18.28 0.97
N LYS A 199 6.47 18.72 1.29
CA LYS A 199 7.07 18.57 2.60
C LYS A 199 6.17 19.24 3.63
N MET A 200 5.95 18.57 4.75
CA MET A 200 5.31 19.05 5.96
C MET A 200 6.29 18.77 7.11
N THR A 201 6.16 19.49 8.22
CA THR A 201 6.89 19.19 9.43
C THR A 201 6.44 17.83 9.99
N GLY A 202 7.16 17.35 10.98
CA GLY A 202 6.86 16.12 11.67
C GLY A 202 6.81 16.33 13.16
N VAL A 203 6.28 15.34 13.87
CA VAL A 203 6.05 15.40 15.31
C VAL A 203 6.64 14.14 15.93
N MET A 204 7.34 14.30 17.05
CA MET A 204 8.19 13.29 17.64
C MET A 204 8.07 13.32 19.16
N GLU A 205 8.47 12.19 19.74
CA GLU A 205 8.57 11.84 21.14
C GLU A 205 7.25 11.85 21.89
N GLY A 1 8.51 -4.11 -13.79
CA GLY A 1 7.77 -5.27 -14.31
C GLY A 1 6.41 -4.86 -14.84
N VAL A 2 5.33 -5.40 -14.28
CA VAL A 2 3.97 -4.96 -14.56
C VAL A 2 3.75 -3.61 -13.91
N ALA A 3 3.17 -2.68 -14.67
CA ALA A 3 2.64 -1.44 -14.14
C ALA A 3 1.15 -1.67 -13.85
N LEU A 4 0.59 -0.88 -12.96
CA LEU A 4 -0.80 -1.01 -12.52
C LEU A 4 -1.37 0.40 -12.54
N GLY A 5 -2.69 0.52 -12.47
CA GLY A 5 -3.44 1.77 -12.60
C GLY A 5 -2.82 2.95 -11.84
N ALA A 6 -2.25 2.69 -10.67
CA ALA A 6 -1.58 3.65 -9.81
C ALA A 6 -0.69 2.87 -8.85
N THR A 7 0.21 3.56 -8.17
CA THR A 7 1.14 2.92 -7.24
C THR A 7 0.48 2.70 -5.87
N ARG A 8 -0.67 3.31 -5.60
CA ARG A 8 -1.62 2.89 -4.57
C ARG A 8 -3.05 3.16 -5.03
N VAL A 9 -4.02 2.51 -4.39
CA VAL A 9 -5.39 2.40 -4.88
C VAL A 9 -6.32 2.67 -3.70
N ILE A 10 -7.36 3.47 -3.88
CA ILE A 10 -8.22 3.94 -2.81
C ILE A 10 -9.64 3.59 -3.19
N TYR A 11 -10.29 2.83 -2.31
CA TYR A 11 -11.62 2.27 -2.45
C TYR A 11 -12.48 2.95 -1.37
N PRO A 12 -13.12 4.10 -1.65
CA PRO A 12 -14.16 4.60 -0.79
C PRO A 12 -15.29 3.56 -0.78
N ALA A 13 -15.56 3.02 0.40
CA ALA A 13 -16.24 1.76 0.58
C ALA A 13 -17.56 1.73 -0.19
N GLY A 14 -17.71 0.73 -1.07
CA GLY A 14 -18.94 0.45 -1.78
C GLY A 14 -19.27 1.43 -2.90
N GLN A 15 -18.30 2.15 -3.44
CA GLN A 15 -18.42 3.04 -4.60
C GLN A 15 -18.57 2.23 -5.91
N LYS A 16 -19.60 1.40 -6.03
CA LYS A 16 -19.93 0.60 -7.23
C LYS A 16 -18.74 -0.27 -7.66
N GLN A 17 -18.07 -0.89 -6.69
CA GLN A 17 -16.83 -1.66 -6.80
C GLN A 17 -15.65 -0.79 -7.26
N GLU A 18 -14.44 -1.24 -6.95
CA GLU A 18 -13.21 -0.58 -7.34
C GLU A 18 -12.66 -1.28 -8.59
N GLN A 19 -11.81 -0.60 -9.36
CA GLN A 19 -11.16 -1.17 -10.51
C GLN A 19 -9.69 -0.77 -10.53
N LEU A 20 -8.83 -1.68 -10.99
CA LEU A 20 -7.39 -1.51 -11.01
C LEU A 20 -6.87 -1.95 -12.37
N ALA A 21 -6.42 -1.00 -13.18
CA ALA A 21 -5.80 -1.29 -14.46
C ALA A 21 -4.49 -2.08 -14.25
N VAL A 22 -4.05 -2.75 -15.30
CA VAL A 22 -2.81 -3.51 -15.38
C VAL A 22 -2.24 -3.20 -16.76
N THR A 23 -0.97 -2.81 -16.83
CA THR A 23 -0.24 -2.50 -18.05
C THR A 23 1.19 -3.06 -17.93
N ASN A 24 2.00 -3.00 -18.98
CA ASN A 24 3.34 -3.62 -18.98
C ASN A 24 4.32 -2.79 -19.81
N ASN A 25 5.62 -3.08 -19.65
CA ASN A 25 6.70 -2.52 -20.45
C ASN A 25 7.04 -3.46 -21.59
N ASP A 26 7.26 -4.75 -21.30
CA ASP A 26 7.59 -5.73 -22.33
C ASP A 26 6.36 -6.06 -23.19
N GLU A 27 6.58 -6.44 -24.44
CA GLU A 27 5.59 -6.91 -25.39
C GLU A 27 5.95 -8.25 -26.02
N ASN A 28 7.14 -8.77 -25.72
CA ASN A 28 7.56 -10.06 -26.19
C ASN A 28 6.75 -11.14 -25.50
N SER A 29 6.93 -11.22 -24.19
CA SER A 29 6.40 -12.28 -23.36
C SER A 29 4.91 -12.08 -23.15
N THR A 30 4.21 -13.14 -22.75
CA THR A 30 2.89 -13.03 -22.13
C THR A 30 3.20 -12.74 -20.65
N TYR A 31 2.27 -12.15 -19.91
CA TYR A 31 2.39 -11.97 -18.46
C TYR A 31 1.14 -12.56 -17.82
N LEU A 32 1.24 -12.89 -16.55
CA LEU A 32 0.28 -13.64 -15.77
C LEU A 32 0.02 -12.82 -14.53
N ILE A 33 -1.18 -12.25 -14.36
CA ILE A 33 -1.56 -11.63 -13.10
C ILE A 33 -2.19 -12.73 -12.23
N GLN A 34 -1.84 -12.73 -10.95
CA GLN A 34 -2.57 -13.42 -9.90
C GLN A 34 -2.86 -12.34 -8.86
N SER A 35 -4.12 -12.01 -8.61
CA SER A 35 -4.50 -11.10 -7.54
C SER A 35 -4.76 -11.91 -6.27
N TRP A 36 -4.42 -11.31 -5.13
CA TRP A 36 -4.94 -11.66 -3.83
C TRP A 36 -4.97 -10.40 -2.96
N VAL A 37 -5.68 -10.48 -1.84
CA VAL A 37 -5.84 -9.39 -0.92
C VAL A 37 -5.40 -9.87 0.45
N GLU A 38 -4.61 -9.04 1.14
CA GLU A 38 -4.37 -9.21 2.55
C GLU A 38 -4.90 -7.98 3.26
N ASN A 39 -5.20 -8.11 4.54
CA ASN A 39 -5.48 -7.02 5.45
C ASN A 39 -4.20 -6.21 5.64
N ALA A 40 -4.30 -5.00 6.21
CA ALA A 40 -3.17 -4.12 6.53
C ALA A 40 -2.01 -4.84 7.22
N ASP A 41 -2.34 -5.90 7.96
CA ASP A 41 -1.42 -6.64 8.82
C ASP A 41 -0.61 -7.68 8.05
N GLY A 42 -0.89 -7.84 6.76
CA GLY A 42 -0.40 -8.95 5.95
C GLY A 42 -1.24 -10.22 6.12
N VAL A 43 -2.34 -10.16 6.87
CA VAL A 43 -3.22 -11.29 7.14
C VAL A 43 -4.04 -11.59 5.88
N LYS A 44 -4.06 -12.83 5.40
CA LYS A 44 -4.83 -13.25 4.23
C LYS A 44 -6.22 -13.51 4.78
N ASP A 45 -7.16 -12.61 4.53
CA ASP A 45 -8.54 -12.76 4.99
C ASP A 45 -9.44 -12.47 3.80
N GLY A 46 -10.18 -13.46 3.31
CA GLY A 46 -10.90 -13.45 2.02
C GLY A 46 -12.14 -12.54 1.98
N ARG A 47 -12.14 -11.50 2.82
CA ARG A 47 -13.10 -10.44 2.97
C ARG A 47 -13.22 -9.55 1.73
N PHE A 48 -12.27 -9.64 0.81
CA PHE A 48 -12.38 -9.07 -0.51
C PHE A 48 -12.20 -10.21 -1.50
N ILE A 49 -12.77 -10.02 -2.68
CA ILE A 49 -12.59 -10.87 -3.84
C ILE A 49 -12.22 -9.90 -4.97
N VAL A 50 -11.53 -10.43 -5.97
CA VAL A 50 -11.12 -9.70 -7.15
C VAL A 50 -11.49 -10.59 -8.33
N THR A 51 -11.97 -9.93 -9.37
CA THR A 51 -12.74 -10.45 -10.47
C THR A 51 -12.21 -9.74 -11.73
N PRO A 52 -11.43 -10.40 -12.60
CA PRO A 52 -10.97 -11.77 -12.47
C PRO A 52 -10.00 -11.94 -11.29
N PRO A 53 -9.91 -13.15 -10.71
CA PRO A 53 -8.95 -13.45 -9.66
C PRO A 53 -7.51 -13.55 -10.20
N LEU A 54 -7.37 -14.02 -11.44
CA LEU A 54 -6.11 -14.26 -12.12
C LEU A 54 -6.40 -14.24 -13.62
N PHE A 55 -5.38 -14.04 -14.45
CA PHE A 55 -5.49 -14.11 -15.91
C PHE A 55 -4.10 -14.11 -16.53
N ALA A 56 -3.99 -14.51 -17.79
CA ALA A 56 -2.86 -14.15 -18.61
C ALA A 56 -3.23 -12.90 -19.41
N MET A 57 -2.24 -12.18 -19.92
CA MET A 57 -2.41 -11.03 -20.79
C MET A 57 -1.27 -11.06 -21.79
N LYS A 58 -1.43 -10.31 -22.87
CA LYS A 58 -0.34 -9.92 -23.74
C LYS A 58 0.36 -8.78 -23.01
N GLY A 59 1.67 -8.71 -23.14
CA GLY A 59 2.53 -7.78 -22.40
C GLY A 59 2.03 -6.35 -22.57
N LYS A 60 2.35 -5.72 -23.71
CA LYS A 60 1.84 -4.39 -24.03
C LYS A 60 0.36 -4.52 -24.39
N LYS A 61 -0.49 -4.46 -23.38
CA LYS A 61 -1.95 -4.44 -23.44
C LYS A 61 -2.40 -3.78 -22.14
N GLU A 62 -3.71 -3.70 -21.94
CA GLU A 62 -4.30 -3.35 -20.66
C GLU A 62 -5.33 -4.42 -20.31
N ASN A 63 -5.46 -4.77 -19.02
CA ASN A 63 -6.45 -5.70 -18.52
C ASN A 63 -6.85 -5.35 -17.10
N THR A 64 -7.93 -4.59 -16.95
CA THR A 64 -8.36 -4.10 -15.64
C THR A 64 -8.96 -5.23 -14.81
N LEU A 65 -8.69 -5.19 -13.50
CA LEU A 65 -9.26 -6.00 -12.44
C LEU A 65 -10.46 -5.25 -11.87
N ARG A 66 -11.44 -5.95 -11.30
CA ARG A 66 -12.54 -5.36 -10.54
C ARG A 66 -12.46 -5.95 -9.14
N ILE A 67 -12.53 -5.12 -8.10
CA ILE A 67 -12.22 -5.43 -6.73
C ILE A 67 -13.48 -5.07 -5.95
N LEU A 68 -14.11 -6.04 -5.29
CA LEU A 68 -15.43 -5.83 -4.70
C LEU A 68 -15.45 -6.21 -3.22
N ASP A 69 -16.32 -5.53 -2.49
CA ASP A 69 -16.61 -5.80 -1.08
C ASP A 69 -17.26 -7.17 -1.02
N ALA A 70 -16.56 -8.12 -0.40
CA ALA A 70 -17.02 -9.47 -0.15
C ALA A 70 -17.15 -9.71 1.36
N THR A 71 -17.05 -8.67 2.19
CA THR A 71 -17.11 -8.77 3.63
C THR A 71 -18.47 -8.31 4.11
N ASN A 72 -18.80 -7.05 3.79
CA ASN A 72 -19.81 -6.22 4.42
C ASN A 72 -19.94 -6.44 5.92
N ASN A 73 -18.80 -6.52 6.64
CA ASN A 73 -18.75 -6.77 8.09
C ASN A 73 -19.19 -5.55 8.92
N GLN A 74 -19.99 -4.65 8.35
CA GLN A 74 -20.36 -3.33 8.89
C GLN A 74 -19.11 -2.62 9.43
N LEU A 75 -18.20 -2.36 8.50
CA LEU A 75 -16.86 -1.83 8.75
C LEU A 75 -16.92 -0.53 9.54
N PRO A 76 -15.85 -0.19 10.28
CA PRO A 76 -15.85 0.95 11.17
C PRO A 76 -15.97 2.24 10.37
N GLN A 77 -17.05 2.98 10.61
CA GLN A 77 -17.14 4.37 10.23
C GLN A 77 -16.25 5.22 11.17
N ASP A 78 -15.83 4.64 12.31
CA ASP A 78 -15.08 5.33 13.34
C ASP A 78 -13.58 5.41 13.07
N ARG A 79 -13.08 4.69 12.07
CA ARG A 79 -11.67 4.77 11.64
C ARG A 79 -11.58 4.64 10.12
N GLU A 80 -10.40 4.84 9.55
CA GLU A 80 -10.10 4.46 8.18
C GLU A 80 -9.90 2.94 8.14
N SER A 81 -9.38 2.34 7.06
CA SER A 81 -8.92 0.95 7.03
C SER A 81 -8.07 0.77 5.76
N LEU A 82 -7.20 -0.23 5.79
CA LEU A 82 -6.20 -0.51 4.77
C LEU A 82 -6.20 -2.01 4.52
N PHE A 83 -6.01 -2.39 3.27
CA PHE A 83 -5.72 -3.73 2.80
C PHE A 83 -4.48 -3.62 1.90
N TRP A 84 -3.91 -4.75 1.50
CA TRP A 84 -2.89 -4.87 0.48
C TRP A 84 -3.61 -5.51 -0.70
N MET A 85 -3.49 -4.90 -1.88
CA MET A 85 -3.96 -5.51 -3.12
C MET A 85 -2.68 -5.98 -3.78
N ASN A 86 -2.32 -7.20 -3.40
CA ASN A 86 -1.08 -7.85 -3.76
C ASN A 86 -1.34 -8.51 -5.10
N VAL A 87 -0.61 -8.06 -6.11
CA VAL A 87 -0.75 -8.58 -7.46
C VAL A 87 0.58 -9.21 -7.78
N LYS A 88 0.60 -10.54 -7.83
CA LYS A 88 1.73 -11.27 -8.39
C LYS A 88 1.63 -11.10 -9.89
N ALA A 89 2.72 -10.69 -10.52
CA ALA A 89 2.91 -10.76 -11.95
C ALA A 89 4.00 -11.79 -12.19
N ILE A 90 3.79 -12.73 -13.10
CA ILE A 90 4.79 -13.68 -13.52
C ILE A 90 4.91 -13.48 -15.04
N PRO A 91 6.11 -13.38 -15.62
CA PRO A 91 6.25 -13.51 -17.06
C PRO A 91 5.88 -14.95 -17.46
N SER A 92 4.95 -15.05 -18.40
CA SER A 92 4.55 -16.23 -19.15
C SER A 92 4.62 -17.50 -18.33
N MET A 93 3.77 -17.57 -17.30
CA MET A 93 3.81 -18.65 -16.33
C MET A 93 3.28 -19.92 -16.99
N ASP A 94 4.20 -20.70 -17.50
CA ASP A 94 4.05 -22.10 -17.85
C ASP A 94 3.68 -22.89 -16.59
N LYS A 95 3.23 -24.14 -16.79
CA LYS A 95 3.21 -25.21 -15.79
C LYS A 95 2.71 -24.72 -14.43
N SER A 96 1.44 -24.33 -14.41
CA SER A 96 0.77 -23.71 -13.30
C SER A 96 -0.72 -24.06 -13.34
N LYS A 97 -1.02 -25.36 -13.44
CA LYS A 97 -2.37 -25.86 -13.71
C LYS A 97 -2.74 -26.93 -12.67
N LEU A 98 -3.40 -26.49 -11.60
CA LEU A 98 -3.98 -27.27 -10.49
C LEU A 98 -3.05 -28.37 -9.99
N THR A 99 -2.32 -28.12 -8.90
CA THR A 99 -1.18 -28.92 -8.45
C THR A 99 -0.07 -28.80 -9.49
N GLU A 100 0.62 -27.66 -9.51
CA GLU A 100 1.83 -27.51 -10.31
C GLU A 100 2.72 -26.46 -9.66
N ASN A 101 4.03 -26.61 -9.84
CA ASN A 101 5.05 -26.02 -8.97
C ASN A 101 6.20 -25.44 -9.79
N THR A 102 5.91 -24.66 -10.83
CA THR A 102 6.90 -24.09 -11.76
C THR A 102 6.72 -22.56 -11.79
N LEU A 103 6.46 -21.96 -10.64
CA LEU A 103 6.72 -20.53 -10.46
C LEU A 103 8.24 -20.36 -10.46
N GLN A 104 8.83 -19.94 -11.59
CA GLN A 104 10.28 -19.81 -11.64
C GLN A 104 10.75 -18.54 -10.91
N LEU A 105 9.99 -17.45 -10.99
CA LEU A 105 10.22 -16.18 -10.31
C LEU A 105 8.93 -15.37 -10.39
N ALA A 106 8.49 -14.76 -9.29
CA ALA A 106 7.31 -13.91 -9.18
C ALA A 106 7.73 -12.45 -8.97
N ILE A 107 7.21 -11.54 -9.77
CA ILE A 107 7.29 -10.10 -9.59
C ILE A 107 5.99 -9.74 -8.86
N ILE A 108 5.99 -9.76 -7.53
CA ILE A 108 4.86 -9.21 -6.80
C ILE A 108 5.00 -7.71 -6.94
N SER A 109 4.04 -7.12 -7.65
CA SER A 109 4.06 -5.73 -8.07
C SER A 109 3.56 -4.83 -6.93
N ARG A 110 2.93 -5.41 -5.89
CA ARG A 110 2.71 -4.87 -4.55
C ARG A 110 1.97 -3.54 -4.59
N ILE A 111 0.68 -3.51 -4.22
CA ILE A 111 -0.04 -2.27 -4.10
C ILE A 111 -0.69 -2.31 -2.71
N LYS A 112 -1.03 -1.13 -2.19
CA LYS A 112 -1.62 -0.98 -0.87
C LYS A 112 -2.94 -0.26 -1.15
N LEU A 113 -4.03 -0.74 -0.56
CA LEU A 113 -5.39 -0.47 -0.97
C LEU A 113 -6.17 0.10 0.22
N TYR A 114 -6.43 1.40 0.19
CA TYR A 114 -6.99 2.18 1.27
C TYR A 114 -8.50 2.00 1.17
N TYR A 115 -9.09 1.14 2.00
CA TYR A 115 -10.47 0.68 1.90
C TYR A 115 -11.22 1.23 3.09
N ARG A 116 -12.06 2.25 2.90
CA ARG A 116 -12.71 2.89 4.04
C ARG A 116 -14.01 3.54 3.65
N PRO A 117 -15.02 3.62 4.54
CA PRO A 117 -16.22 4.41 4.30
C PRO A 117 -15.92 5.92 4.26
N ALA A 118 -14.70 6.32 4.66
CA ALA A 118 -14.05 7.61 4.45
C ALA A 118 -14.73 8.81 5.13
N LYS A 119 -15.83 8.61 5.85
CA LYS A 119 -16.71 9.70 6.29
C LYS A 119 -16.21 10.38 7.56
N LEU A 120 -15.04 9.98 8.07
CA LEU A 120 -14.29 10.69 9.10
C LEU A 120 -14.16 12.15 8.69
N ALA A 121 -14.88 13.04 9.38
CA ALA A 121 -14.87 14.47 9.13
C ALA A 121 -13.56 15.15 9.58
N LEU A 122 -12.70 14.44 10.33
CA LEU A 122 -11.33 14.85 10.57
C LEU A 122 -10.71 15.02 9.18
N PRO A 123 -10.11 16.17 8.87
CA PRO A 123 -9.46 16.37 7.59
C PRO A 123 -8.16 15.55 7.58
N PRO A 124 -7.78 14.91 6.47
CA PRO A 124 -6.50 14.20 6.39
C PRO A 124 -5.28 15.14 6.50
N ASP A 125 -5.51 16.47 6.48
CA ASP A 125 -4.54 17.50 6.84
C ASP A 125 -4.17 17.38 8.32
N GLN A 126 -5.15 17.09 9.18
CA GLN A 126 -4.96 16.87 10.62
C GLN A 126 -4.52 15.43 10.91
N ALA A 127 -4.71 14.48 9.98
CA ALA A 127 -4.22 13.12 10.17
C ALA A 127 -2.70 13.16 10.36
N ALA A 128 -2.01 13.98 9.55
CA ALA A 128 -0.59 14.21 9.72
C ALA A 128 -0.28 14.96 11.01
N GLU A 129 -1.15 15.88 11.44
CA GLU A 129 -0.93 16.68 12.64
C GLU A 129 -1.17 15.90 13.93
N LYS A 130 -1.45 14.61 13.82
CA LYS A 130 -1.46 13.67 14.93
C LYS A 130 -0.72 12.38 14.59
N LEU A 131 0.06 12.37 13.51
CA LEU A 131 0.96 11.28 13.15
C LEU A 131 2.20 11.40 14.04
N ARG A 132 2.13 10.84 15.25
CA ARG A 132 3.20 10.92 16.24
C ARG A 132 4.23 9.84 15.96
N PHE A 133 5.43 9.99 16.51
CA PHE A 133 6.53 9.05 16.27
C PHE A 133 7.18 8.81 17.63
N ARG A 134 8.01 7.79 17.75
CA ARG A 134 8.73 7.48 18.98
C ARG A 134 10.17 7.19 18.60
N ARG A 135 11.11 8.05 18.98
CA ARG A 135 12.51 7.85 18.64
C ARG A 135 13.07 6.89 19.68
N SER A 136 13.94 5.99 19.26
CA SER A 136 14.73 5.15 20.12
C SER A 136 16.15 5.12 19.57
N ALA A 137 17.11 4.71 20.39
CA ALA A 137 18.50 4.60 19.95
C ALA A 137 18.65 3.65 18.76
N ASN A 138 17.92 2.53 18.78
CA ASN A 138 17.91 1.51 17.73
C ASN A 138 17.17 1.98 16.48
N SER A 139 15.99 2.57 16.65
CA SER A 139 15.01 2.77 15.57
C SER A 139 14.04 3.90 15.91
N LEU A 140 13.49 4.55 14.88
CA LEU A 140 12.37 5.48 14.97
C LEU A 140 11.09 4.70 14.66
N THR A 141 10.10 4.77 15.55
CA THR A 141 8.84 4.05 15.41
C THR A 141 7.81 5.10 14.94
N LEU A 142 6.90 4.70 14.04
CA LEU A 142 5.67 5.40 13.71
C LEU A 142 4.62 4.84 14.65
N ILE A 143 3.74 5.66 15.20
CA ILE A 143 2.62 5.18 16.00
C ILE A 143 1.34 5.41 15.17
N ASN A 144 0.31 4.58 15.34
CA ASN A 144 -1.01 4.91 14.81
C ASN A 144 -2.18 4.43 15.68
N PRO A 145 -2.28 4.85 16.94
CA PRO A 145 -3.38 4.48 17.81
C PRO A 145 -4.66 5.28 17.49
N THR A 146 -4.63 6.10 16.44
CA THR A 146 -5.64 7.05 16.04
C THR A 146 -6.55 6.44 14.97
N PRO A 147 -7.77 6.98 14.77
CA PRO A 147 -8.69 6.50 13.76
C PRO A 147 -8.24 6.82 12.33
N TYR A 148 -7.18 7.60 12.12
CA TYR A 148 -6.71 8.06 10.83
C TYR A 148 -5.20 7.83 10.79
N TYR A 149 -4.64 7.49 9.62
CA TYR A 149 -3.23 7.29 9.36
C TYR A 149 -2.82 8.07 8.11
N LEU A 150 -1.52 8.16 7.81
CA LEU A 150 -1.06 8.66 6.51
C LEU A 150 0.34 8.12 6.21
N THR A 151 0.67 7.95 4.94
CA THR A 151 1.93 7.36 4.51
C THR A 151 3.06 8.37 4.69
N VAL A 152 4.23 7.88 5.09
CA VAL A 152 5.44 8.68 5.31
C VAL A 152 6.45 8.23 4.26
N THR A 153 7.07 9.14 3.52
CA THR A 153 8.02 8.77 2.49
C THR A 153 9.26 9.65 2.59
N GLU A 154 10.42 9.00 2.74
CA GLU A 154 11.73 9.62 2.69
C GLU A 154 11.81 10.62 3.84
N LEU A 155 11.73 10.07 5.04
CA LEU A 155 11.69 10.86 6.26
C LEU A 155 13.07 11.45 6.53
N ASN A 156 13.13 12.48 7.36
CA ASN A 156 14.35 13.16 7.74
C ASN A 156 14.28 13.37 9.22
N ALA A 157 15.28 12.90 9.95
CA ALA A 157 15.31 12.94 11.39
C ALA A 157 16.62 13.58 11.79
N GLY A 158 16.54 14.74 12.43
CA GLY A 158 17.70 15.55 12.70
C GLY A 158 18.36 16.00 11.42
N THR A 159 19.64 15.70 11.27
CA THR A 159 20.43 16.14 10.11
C THR A 159 20.52 15.02 9.07
N ARG A 160 19.70 13.98 9.23
CA ARG A 160 19.85 12.71 8.55
C ARG A 160 18.57 12.35 7.81
N VAL A 161 18.67 11.52 6.76
CA VAL A 161 17.55 10.95 6.01
C VAL A 161 17.24 9.57 6.58
N LEU A 162 15.99 9.12 6.43
CA LEU A 162 15.38 7.88 6.90
C LEU A 162 14.34 7.42 5.87
N GLU A 163 13.88 6.18 5.99
CA GLU A 163 13.04 5.47 5.05
C GLU A 163 11.59 5.93 4.99
N ASN A 164 10.93 5.47 3.92
CA ASN A 164 9.49 5.35 3.78
C ASN A 164 8.96 4.30 4.77
N ALA A 165 7.73 4.55 5.24
CA ALA A 165 6.86 3.56 5.84
C ALA A 165 5.42 3.89 5.42
N LEU A 166 4.69 2.87 4.98
CA LEU A 166 3.23 2.89 4.87
C LEU A 166 2.71 2.29 6.17
N VAL A 167 2.10 3.12 7.00
CA VAL A 167 1.75 2.79 8.37
C VAL A 167 0.41 2.03 8.35
N PRO A 168 0.30 0.85 8.98
CA PRO A 168 -0.97 0.15 9.17
C PRO A 168 -1.83 0.85 10.24
N PRO A 169 -3.14 0.56 10.34
CA PRO A 169 -3.96 1.12 11.41
C PRO A 169 -3.61 0.40 12.72
N MET A 170 -3.70 1.10 13.87
CA MET A 170 -3.36 0.60 15.21
C MET A 170 -2.17 -0.36 15.19
N GLY A 171 -1.05 0.13 14.68
CA GLY A 171 0.20 -0.61 14.60
C GLY A 171 1.35 0.35 14.79
N GLU A 172 2.46 -0.16 15.30
CA GLU A 172 3.62 0.62 15.70
C GLU A 172 4.73 0.19 14.75
N SER A 173 4.81 0.84 13.58
CA SER A 173 5.77 0.47 12.56
C SER A 173 7.13 1.06 12.94
N THR A 174 8.24 0.57 12.37
CA THR A 174 9.56 0.87 12.91
C THR A 174 10.59 0.88 11.80
N VAL A 175 11.38 1.95 11.70
CA VAL A 175 12.44 2.12 10.70
C VAL A 175 13.74 2.48 11.44
N LYS A 176 14.90 2.16 10.87
CA LYS A 176 16.17 2.13 11.62
C LYS A 176 16.65 3.55 11.94
N LEU A 177 17.40 3.73 13.02
CA LEU A 177 17.97 5.04 13.37
C LEU A 177 19.46 4.87 13.66
N PRO A 178 20.34 5.85 13.40
CA PRO A 178 21.77 5.75 13.68
C PRO A 178 22.08 6.30 15.08
N SER A 179 21.22 6.04 16.06
CA SER A 179 21.34 6.40 17.47
C SER A 179 21.52 7.89 17.81
N ASP A 180 21.38 8.80 16.84
CA ASP A 180 21.51 10.22 17.13
C ASP A 180 20.29 11.01 16.71
N ALA A 181 20.11 11.24 15.40
CA ALA A 181 18.99 11.93 14.77
C ALA A 181 18.42 13.07 15.62
N GLY A 182 18.88 14.31 15.39
CA GLY A 182 18.45 15.49 16.13
C GLY A 182 16.93 15.71 16.16
N SER A 183 16.51 16.70 16.95
CA SER A 183 15.17 16.83 17.48
C SER A 183 14.26 17.68 16.61
N ASN A 184 14.68 17.97 15.37
CA ASN A 184 13.83 18.50 14.31
C ASN A 184 13.64 17.39 13.29
N ILE A 185 12.41 16.91 13.15
CA ILE A 185 12.03 15.78 12.32
C ILE A 185 11.12 16.38 11.26
N THR A 186 11.27 15.93 10.02
CA THR A 186 10.54 16.43 8.86
C THR A 186 10.40 15.23 7.90
N TYR A 187 9.49 15.29 6.93
CA TYR A 187 9.29 14.20 5.97
C TYR A 187 8.43 14.67 4.80
N ARG A 188 8.38 13.90 3.72
CA ARG A 188 7.27 14.01 2.77
C ARG A 188 6.22 12.99 3.20
N THR A 189 5.00 13.19 2.74
CA THR A 189 3.92 12.22 2.82
C THR A 189 3.43 12.00 1.39
N ILE A 190 2.64 10.95 1.16
CA ILE A 190 1.89 10.82 -0.08
C ILE A 190 0.45 10.68 0.35
N ASN A 191 -0.37 11.61 -0.09
CA ASN A 191 -1.79 11.64 0.29
C ASN A 191 -2.54 10.53 -0.45
N ASP A 192 -3.82 10.37 -0.14
CA ASP A 192 -4.68 9.36 -0.77
C ASP A 192 -4.80 9.60 -2.27
N TYR A 193 -4.68 10.83 -2.75
CA TYR A 193 -4.80 11.08 -4.17
C TYR A 193 -3.49 10.82 -4.91
N GLY A 194 -2.48 10.37 -4.18
CA GLY A 194 -1.16 10.09 -4.72
C GLY A 194 -0.32 11.35 -4.79
N ALA A 195 -0.73 12.43 -4.12
CA ALA A 195 -0.02 13.69 -4.13
C ALA A 195 1.06 13.58 -3.07
N LEU A 196 2.32 13.45 -3.50
CA LEU A 196 3.48 13.58 -2.69
C LEU A 196 3.57 15.03 -2.27
N THR A 197 3.43 15.30 -0.98
CA THR A 197 3.37 16.62 -0.38
C THR A 197 4.76 17.28 -0.43
N PRO A 198 4.89 18.60 -0.18
CA PRO A 198 6.20 19.22 -0.04
C PRO A 198 6.91 18.66 1.19
N LYS A 199 8.21 18.93 1.32
CA LYS A 199 8.98 18.63 2.52
C LYS A 199 8.32 19.34 3.69
N MET A 200 7.60 18.63 4.54
CA MET A 200 6.83 19.18 5.65
C MET A 200 7.48 18.77 6.96
N THR A 201 7.13 19.45 8.05
CA THR A 201 7.68 19.15 9.35
C THR A 201 7.06 17.88 9.94
N GLY A 202 7.60 17.42 11.06
CA GLY A 202 7.23 16.16 11.68
C GLY A 202 6.97 16.31 13.17
N VAL A 203 6.38 15.26 13.75
CA VAL A 203 6.11 15.13 15.18
C VAL A 203 7.07 14.09 15.75
N MET A 204 7.44 14.24 17.02
CA MET A 204 7.98 13.19 17.87
C MET A 204 7.32 13.29 19.23
N GLU A 205 7.11 12.14 19.85
CA GLU A 205 6.58 11.90 21.19
C GLU A 205 5.50 12.88 21.64
N GLY A 1 8.84 -3.81 -13.40
CA GLY A 1 8.03 -4.77 -14.15
C GLY A 1 6.62 -4.28 -14.28
N VAL A 2 5.68 -5.03 -13.70
CA VAL A 2 4.26 -4.75 -13.78
C VAL A 2 3.96 -3.50 -12.94
N ALA A 3 3.71 -2.38 -13.63
CA ALA A 3 3.29 -1.12 -13.06
C ALA A 3 1.77 -1.13 -13.16
N LEU A 4 1.12 -1.41 -12.04
CA LEU A 4 -0.33 -1.33 -11.93
C LEU A 4 -0.71 0.15 -11.88
N GLY A 5 -1.99 0.47 -12.05
CA GLY A 5 -2.50 1.83 -12.22
C GLY A 5 -2.27 2.75 -11.01
N ALA A 6 -1.53 2.31 -10.00
CA ALA A 6 -0.85 3.10 -8.98
C ALA A 6 0.08 2.16 -8.23
N THR A 7 1.01 2.70 -7.44
CA THR A 7 1.84 1.92 -6.53
C THR A 7 1.11 1.66 -5.19
N ARG A 8 -0.03 2.30 -4.95
CA ARG A 8 -1.00 1.98 -3.90
C ARG A 8 -2.35 2.59 -4.24
N VAL A 9 -3.46 2.07 -3.71
CA VAL A 9 -4.79 2.35 -4.23
C VAL A 9 -5.74 2.59 -3.05
N ILE A 10 -6.27 3.80 -2.91
CA ILE A 10 -7.42 4.03 -2.06
C ILE A 10 -8.66 3.55 -2.83
N TYR A 11 -9.41 2.63 -2.23
CA TYR A 11 -10.79 2.37 -2.57
C TYR A 11 -11.59 3.31 -1.67
N PRO A 12 -12.13 4.45 -2.15
CA PRO A 12 -13.09 5.22 -1.39
C PRO A 12 -14.40 4.43 -1.29
N ALA A 13 -15.19 4.64 -0.22
CA ALA A 13 -16.56 4.11 -0.12
C ALA A 13 -17.33 4.36 -1.42
N GLY A 14 -18.16 3.39 -1.83
CA GLY A 14 -18.90 3.47 -3.09
C GLY A 14 -20.03 2.43 -3.22
N GLN A 15 -20.22 1.57 -2.22
CA GLN A 15 -21.21 0.49 -2.12
C GLN A 15 -21.40 -0.24 -3.46
N LYS A 16 -20.29 -0.54 -4.14
CA LYS A 16 -20.29 -1.09 -5.49
C LYS A 16 -18.93 -1.76 -5.70
N GLN A 17 -18.04 -1.12 -6.46
CA GLN A 17 -16.73 -1.60 -6.83
C GLN A 17 -15.89 -0.40 -7.24
N GLU A 18 -14.59 -0.57 -7.35
CA GLU A 18 -13.65 0.35 -7.97
C GLU A 18 -12.84 -0.42 -9.01
N GLN A 19 -11.84 0.21 -9.62
CA GLN A 19 -10.94 -0.40 -10.56
C GLN A 19 -9.49 -0.20 -10.16
N LEU A 20 -8.62 -1.04 -10.71
CA LEU A 20 -7.18 -0.89 -10.71
C LEU A 20 -6.68 -1.39 -12.05
N ALA A 21 -6.13 -0.51 -12.87
CA ALA A 21 -5.47 -0.90 -14.11
C ALA A 21 -4.25 -1.79 -13.82
N VAL A 22 -3.80 -2.56 -14.80
CA VAL A 22 -2.51 -3.24 -14.80
C VAL A 22 -1.81 -2.79 -16.07
N THR A 23 -0.50 -2.52 -16.02
CA THR A 23 0.33 -2.25 -17.18
C THR A 23 1.69 -2.90 -16.95
N ASN A 24 2.60 -2.87 -17.92
CA ASN A 24 3.97 -3.34 -17.74
C ASN A 24 4.96 -2.32 -18.30
N ASN A 25 6.25 -2.44 -17.96
CA ASN A 25 7.30 -1.63 -18.56
C ASN A 25 7.75 -2.24 -19.89
N ASP A 26 8.27 -3.47 -19.86
CA ASP A 26 8.60 -4.21 -21.07
C ASP A 26 7.32 -4.40 -21.87
N GLU A 27 7.44 -4.39 -23.19
CA GLU A 27 6.32 -4.55 -24.10
C GLU A 27 6.18 -5.98 -24.62
N ASN A 28 7.26 -6.75 -24.60
CA ASN A 28 7.35 -8.05 -25.25
C ASN A 28 6.51 -9.09 -24.51
N SER A 29 6.90 -9.36 -23.27
CA SER A 29 6.55 -10.58 -22.56
C SER A 29 5.05 -10.74 -22.28
N THR A 30 4.64 -11.97 -22.05
CA THR A 30 3.35 -12.35 -21.49
C THR A 30 3.52 -12.59 -19.98
N TYR A 31 2.45 -12.41 -19.21
CA TYR A 31 2.42 -12.52 -17.76
C TYR A 31 1.14 -13.22 -17.32
N LEU A 32 1.09 -13.65 -16.06
CA LEU A 32 -0.10 -14.11 -15.34
C LEU A 32 -0.24 -13.16 -14.14
N ILE A 33 -1.14 -12.17 -14.18
CA ILE A 33 -1.50 -11.40 -12.98
C ILE A 33 -2.38 -12.31 -12.13
N GLN A 34 -2.11 -12.37 -10.83
CA GLN A 34 -2.94 -13.02 -9.85
C GLN A 34 -3.01 -12.11 -8.63
N SER A 35 -4.15 -11.47 -8.44
CA SER A 35 -4.48 -10.67 -7.28
C SER A 35 -5.14 -11.55 -6.23
N TRP A 36 -4.98 -11.11 -4.99
CA TRP A 36 -5.77 -11.41 -3.81
C TRP A 36 -5.50 -10.24 -2.86
N VAL A 37 -6.39 -10.04 -1.90
CA VAL A 37 -6.34 -8.90 -1.00
C VAL A 37 -5.93 -9.42 0.37
N GLU A 38 -4.69 -9.14 0.76
CA GLU A 38 -4.22 -9.44 2.10
C GLU A 38 -4.84 -8.44 3.05
N ASN A 39 -5.19 -8.87 4.26
CA ASN A 39 -5.35 -7.99 5.41
C ASN A 39 -3.94 -7.45 5.73
N ALA A 40 -3.82 -6.38 6.50
CA ALA A 40 -2.57 -5.78 6.94
C ALA A 40 -1.61 -6.77 7.62
N ASP A 41 -2.06 -7.97 7.99
CA ASP A 41 -1.21 -9.00 8.57
C ASP A 41 -0.46 -9.83 7.53
N GLY A 42 -0.76 -9.63 6.24
CA GLY A 42 -0.39 -10.55 5.18
C GLY A 42 -1.28 -11.81 5.16
N VAL A 43 -2.37 -11.83 5.93
CA VAL A 43 -3.38 -12.89 5.84
C VAL A 43 -4.19 -12.65 4.56
N LYS A 44 -4.35 -13.66 3.70
CA LYS A 44 -5.27 -13.56 2.57
C LYS A 44 -6.63 -13.91 3.15
N ASP A 45 -7.52 -12.93 3.15
CA ASP A 45 -8.86 -13.00 3.73
C ASP A 45 -9.90 -12.74 2.62
N GLY A 46 -11.18 -12.84 2.94
CA GLY A 46 -12.30 -12.61 2.03
C GLY A 46 -12.94 -11.23 2.17
N ARG A 47 -12.28 -10.27 2.82
CA ARG A 47 -12.85 -8.94 3.04
C ARG A 47 -13.00 -8.17 1.73
N PHE A 48 -12.17 -8.43 0.72
CA PHE A 48 -12.30 -7.84 -0.60
C PHE A 48 -12.11 -8.97 -1.61
N ILE A 49 -12.84 -8.88 -2.71
CA ILE A 49 -12.79 -9.78 -3.85
C ILE A 49 -12.44 -8.92 -5.06
N VAL A 50 -11.92 -9.55 -6.11
CA VAL A 50 -11.39 -8.89 -7.29
C VAL A 50 -11.85 -9.69 -8.51
N THR A 51 -12.10 -9.02 -9.63
CA THR A 51 -12.67 -9.61 -10.82
C THR A 51 -11.99 -9.01 -12.08
N PRO A 52 -11.41 -9.82 -12.99
CA PRO A 52 -11.02 -11.21 -12.74
C PRO A 52 -9.93 -11.19 -11.66
N PRO A 53 -9.92 -12.12 -10.70
CA PRO A 53 -8.89 -12.14 -9.68
C PRO A 53 -7.54 -12.57 -10.27
N LEU A 54 -7.54 -13.40 -11.33
CA LEU A 54 -6.35 -13.82 -12.04
C LEU A 54 -6.63 -13.76 -13.53
N PHE A 55 -5.61 -13.43 -14.32
CA PHE A 55 -5.71 -13.36 -15.78
C PHE A 55 -4.33 -13.35 -16.39
N ALA A 56 -4.22 -13.82 -17.63
CA ALA A 56 -3.02 -13.60 -18.42
C ALA A 56 -2.97 -12.15 -18.90
N MET A 57 -1.78 -11.67 -19.22
CA MET A 57 -1.49 -10.30 -19.58
C MET A 57 -0.37 -10.26 -20.62
N LYS A 58 -0.06 -9.08 -21.15
CA LYS A 58 1.04 -8.84 -22.07
C LYS A 58 1.70 -7.52 -21.74
N GLY A 59 2.96 -7.33 -22.16
CA GLY A 59 3.77 -6.19 -21.84
C GLY A 59 3.13 -4.87 -22.24
N LYS A 60 3.00 -4.61 -23.55
CA LYS A 60 2.30 -3.42 -24.03
C LYS A 60 0.81 -3.74 -24.01
N LYS A 61 0.23 -3.83 -22.81
CA LYS A 61 -1.22 -3.98 -22.71
C LYS A 61 -1.71 -3.33 -21.42
N GLU A 62 -3.03 -3.27 -21.28
CA GLU A 62 -3.73 -2.88 -20.07
C GLU A 62 -4.83 -3.90 -19.87
N ASN A 63 -5.04 -4.36 -18.64
CA ASN A 63 -6.13 -5.25 -18.28
C ASN A 63 -6.53 -4.90 -16.87
N THR A 64 -7.61 -4.16 -16.74
CA THR A 64 -8.05 -3.66 -15.45
C THR A 64 -8.66 -4.78 -14.61
N LEU A 65 -8.40 -4.68 -13.32
CA LEU A 65 -9.01 -5.43 -12.23
C LEU A 65 -10.16 -4.57 -11.74
N ARG A 66 -11.28 -5.19 -11.37
CA ARG A 66 -12.39 -4.52 -10.70
C ARG A 66 -12.53 -5.15 -9.33
N ILE A 67 -12.16 -4.37 -8.32
CA ILE A 67 -12.07 -4.74 -6.92
C ILE A 67 -13.40 -4.33 -6.31
N LEU A 68 -14.03 -5.15 -5.45
CA LEU A 68 -15.35 -4.86 -4.91
C LEU A 68 -15.46 -5.13 -3.41
N ASP A 69 -16.45 -4.49 -2.79
CA ASP A 69 -16.73 -4.60 -1.37
C ASP A 69 -17.27 -5.99 -1.08
N ALA A 70 -16.58 -6.70 -0.21
CA ALA A 70 -16.93 -8.01 0.29
C ALA A 70 -16.78 -8.08 1.81
N THR A 71 -16.62 -6.92 2.49
CA THR A 71 -16.20 -6.86 3.89
C THR A 71 -17.25 -7.47 4.80
N ASN A 72 -18.52 -7.48 4.37
CA ASN A 72 -19.67 -8.14 4.99
C ASN A 72 -20.06 -7.60 6.36
N ASN A 73 -19.27 -6.67 6.91
CA ASN A 73 -19.47 -6.00 8.18
C ASN A 73 -19.63 -4.49 8.00
N GLN A 74 -19.86 -4.02 6.77
CA GLN A 74 -20.10 -2.62 6.43
C GLN A 74 -18.90 -1.70 6.71
N LEU A 75 -17.70 -2.26 6.94
CA LEU A 75 -16.55 -1.68 7.63
C LEU A 75 -16.94 -1.23 9.04
N PRO A 76 -15.98 -1.07 9.96
CA PRO A 76 -16.26 -0.31 11.16
C PRO A 76 -16.62 1.13 10.76
N GLN A 77 -17.33 1.84 11.64
CA GLN A 77 -17.54 3.27 11.50
C GLN A 77 -16.51 4.04 12.32
N ASP A 78 -15.76 3.36 13.20
CA ASP A 78 -14.85 4.02 14.14
C ASP A 78 -13.50 4.34 13.51
N ARG A 79 -13.19 3.71 12.39
CA ARG A 79 -11.84 3.58 11.84
C ARG A 79 -11.94 3.06 10.42
N GLU A 80 -10.80 3.01 9.75
CA GLU A 80 -10.65 2.66 8.35
C GLU A 80 -10.24 1.17 8.24
N SER A 81 -9.79 0.68 7.08
CA SER A 81 -9.24 -0.68 6.98
C SER A 81 -8.12 -0.77 5.93
N LEU A 82 -6.98 -1.34 6.33
CA LEU A 82 -5.77 -1.47 5.53
C LEU A 82 -5.68 -2.89 5.01
N PHE A 83 -5.24 -2.99 3.76
CA PHE A 83 -5.01 -4.21 3.03
C PHE A 83 -3.69 -4.09 2.26
N TRP A 84 -3.21 -5.19 1.72
CA TRP A 84 -2.26 -5.20 0.62
C TRP A 84 -2.97 -5.87 -0.54
N MET A 85 -2.47 -5.68 -1.76
CA MET A 85 -2.91 -6.42 -2.92
C MET A 85 -1.66 -7.01 -3.54
N ASN A 86 -1.36 -8.25 -3.16
CA ASN A 86 -0.12 -8.89 -3.54
C ASN A 86 -0.33 -9.47 -4.92
N VAL A 87 -0.20 -8.61 -5.93
CA VAL A 87 -0.47 -9.02 -7.29
C VAL A 87 0.80 -9.67 -7.77
N LYS A 88 0.81 -10.99 -7.73
CA LYS A 88 1.85 -11.84 -8.27
C LYS A 88 1.69 -11.78 -9.78
N ALA A 89 2.59 -11.12 -10.49
CA ALA A 89 2.66 -11.19 -11.94
C ALA A 89 3.72 -12.22 -12.29
N ILE A 90 3.33 -13.42 -12.69
CA ILE A 90 4.30 -14.47 -13.02
C ILE A 90 4.71 -14.19 -14.46
N PRO A 91 6.00 -14.07 -14.78
CA PRO A 91 6.41 -13.93 -16.16
C PRO A 91 6.16 -15.25 -16.88
N SER A 92 5.29 -15.22 -17.89
CA SER A 92 5.19 -16.24 -18.91
C SER A 92 5.77 -15.64 -20.18
N MET A 93 7.01 -15.13 -20.08
CA MET A 93 7.82 -14.95 -21.26
C MET A 93 8.29 -16.35 -21.69
N ASP A 94 8.77 -16.45 -22.92
CA ASP A 94 8.97 -17.68 -23.68
C ASP A 94 9.74 -18.72 -22.87
N LYS A 95 9.50 -20.00 -23.16
CA LYS A 95 10.26 -21.08 -22.53
C LYS A 95 11.74 -20.87 -22.87
N SER A 96 12.60 -20.95 -21.86
CA SER A 96 14.04 -20.87 -22.00
C SER A 96 14.43 -19.48 -22.52
N LYS A 97 13.98 -18.42 -21.84
CA LYS A 97 14.24 -17.03 -22.24
C LYS A 97 15.01 -16.38 -21.12
N LEU A 98 16.30 -16.72 -21.03
CA LEU A 98 17.24 -16.26 -20.03
C LEU A 98 16.66 -16.43 -18.62
N THR A 99 16.46 -17.72 -18.30
CA THR A 99 15.80 -18.33 -17.16
C THR A 99 14.48 -18.90 -17.69
N GLU A 100 14.32 -20.23 -17.61
CA GLU A 100 13.04 -20.85 -17.95
C GLU A 100 11.96 -20.29 -17.02
N ASN A 101 10.70 -20.30 -17.49
CA ASN A 101 9.60 -19.57 -16.89
C ASN A 101 8.54 -20.61 -16.57
N THR A 102 8.92 -21.59 -15.76
CA THR A 102 8.10 -22.72 -15.37
C THR A 102 8.34 -22.92 -13.86
N LEU A 103 8.32 -21.82 -13.10
CA LEU A 103 8.70 -21.75 -11.68
C LEU A 103 7.67 -20.89 -10.93
N GLN A 104 7.66 -20.95 -9.60
CA GLN A 104 6.90 -20.05 -8.73
C GLN A 104 7.38 -18.59 -8.81
N LEU A 105 8.63 -18.34 -9.22
CA LEU A 105 9.25 -17.02 -9.21
C LEU A 105 8.44 -16.04 -10.05
N ALA A 106 8.04 -14.92 -9.46
CA ALA A 106 7.14 -13.94 -10.05
C ALA A 106 7.57 -12.52 -9.66
N ILE A 107 7.02 -11.53 -10.35
CA ILE A 107 7.13 -10.12 -10.06
C ILE A 107 5.91 -9.80 -9.19
N ILE A 108 6.01 -10.01 -7.88
CA ILE A 108 4.93 -9.62 -6.98
C ILE A 108 5.04 -8.11 -6.80
N SER A 109 4.02 -7.37 -7.25
CA SER A 109 4.05 -5.91 -7.23
C SER A 109 3.62 -5.33 -5.87
N ARG A 110 3.03 -6.18 -5.02
CA ARG A 110 2.74 -5.94 -3.60
C ARG A 110 2.19 -4.54 -3.34
N ILE A 111 1.01 -4.25 -3.88
CA ILE A 111 0.35 -2.95 -3.74
C ILE A 111 -0.07 -2.79 -2.28
N LYS A 112 -0.26 -1.55 -1.82
CA LYS A 112 -0.97 -1.25 -0.58
C LYS A 112 -2.37 -0.78 -0.97
N LEU A 113 -3.39 -1.23 -0.26
CA LEU A 113 -4.76 -0.88 -0.57
C LEU A 113 -5.42 -0.39 0.71
N TYR A 114 -6.20 0.68 0.64
CA TYR A 114 -6.84 1.28 1.80
C TYR A 114 -8.32 1.38 1.45
N TYR A 115 -9.17 0.62 2.13
CA TYR A 115 -10.59 0.79 2.00
C TYR A 115 -10.97 1.94 2.93
N ARG A 116 -11.12 3.14 2.37
CA ARG A 116 -11.39 4.36 3.10
C ARG A 116 -12.91 4.61 3.09
N PRO A 117 -13.63 4.46 4.21
CA PRO A 117 -15.06 4.67 4.22
C PRO A 117 -15.44 6.16 4.18
N ALA A 118 -14.48 7.08 4.29
CA ALA A 118 -14.67 8.52 4.43
C ALA A 118 -15.75 8.84 5.46
N LYS A 119 -15.58 8.34 6.70
CA LYS A 119 -16.61 8.36 7.74
C LYS A 119 -16.14 9.01 9.03
N LEU A 120 -14.99 9.67 9.00
CA LEU A 120 -14.23 10.12 10.15
C LEU A 120 -14.08 11.64 10.00
N ALA A 121 -14.33 12.41 11.07
CA ALA A 121 -14.18 13.86 11.05
C ALA A 121 -12.72 14.29 10.90
N LEU A 122 -11.77 13.42 11.26
CA LEU A 122 -10.35 13.59 11.11
C LEU A 122 -10.08 13.84 9.61
N PRO A 123 -9.56 15.01 9.21
CA PRO A 123 -9.20 15.27 7.82
C PRO A 123 -7.75 14.83 7.54
N PRO A 124 -7.38 14.54 6.29
CA PRO A 124 -6.02 14.12 5.93
C PRO A 124 -4.95 15.19 6.16
N ASP A 125 -5.32 16.45 6.37
CA ASP A 125 -4.36 17.49 6.74
C ASP A 125 -3.87 17.19 8.15
N GLN A 126 -4.81 17.12 9.10
CA GLN A 126 -4.45 17.04 10.49
C GLN A 126 -4.13 15.62 10.91
N ALA A 127 -4.47 14.62 10.09
CA ALA A 127 -3.91 13.29 10.20
C ALA A 127 -2.38 13.37 10.19
N ALA A 128 -1.81 14.18 9.28
CA ALA A 128 -0.39 14.36 9.17
C ALA A 128 0.14 15.36 10.20
N GLU A 129 -0.64 16.37 10.58
CA GLU A 129 -0.18 17.37 11.55
C GLU A 129 -0.22 16.90 13.00
N LYS A 130 -0.60 15.64 13.24
CA LYS A 130 -0.56 15.02 14.56
C LYS A 130 0.12 13.65 14.53
N LEU A 131 0.78 13.36 13.41
CA LEU A 131 1.56 12.17 13.16
C LEU A 131 2.77 12.20 14.09
N ARG A 132 2.78 11.38 15.15
CA ARG A 132 3.73 11.48 16.26
C ARG A 132 4.80 10.40 16.14
N PHE A 133 5.89 10.52 16.90
CA PHE A 133 7.09 9.78 16.55
C PHE A 133 7.83 9.44 17.84
N ARG A 134 8.40 8.24 17.95
CA ARG A 134 9.35 7.88 19.01
C ARG A 134 10.66 7.52 18.37
N ARG A 135 11.54 8.51 18.19
CA ARG A 135 12.91 8.28 17.77
C ARG A 135 13.67 7.93 19.03
N SER A 136 14.41 6.84 19.04
CA SER A 136 15.27 6.41 20.10
C SER A 136 16.60 5.91 19.53
N ALA A 137 17.56 5.62 20.40
CA ALA A 137 18.92 5.31 20.01
C ALA A 137 19.04 4.03 19.17
N ASN A 138 18.05 3.12 19.20
CA ASN A 138 18.00 1.91 18.42
C ASN A 138 17.21 2.06 17.12
N SER A 139 16.07 2.74 17.12
CA SER A 139 15.18 2.82 15.97
C SER A 139 14.26 4.04 16.07
N LEU A 140 13.60 4.39 14.97
CA LEU A 140 12.48 5.30 14.93
C LEU A 140 11.22 4.45 14.95
N THR A 141 10.21 4.80 15.76
CA THR A 141 8.90 4.22 15.62
C THR A 141 7.97 5.34 15.13
N LEU A 142 7.15 4.99 14.13
CA LEU A 142 6.05 5.76 13.62
C LEU A 142 4.82 5.29 14.35
N ILE A 143 4.29 6.08 15.29
CA ILE A 143 3.03 5.74 15.95
C ILE A 143 1.89 6.17 15.01
N ASN A 144 0.77 5.47 15.04
CA ASN A 144 -0.46 5.84 14.35
C ASN A 144 -1.68 5.41 15.18
N PRO A 145 -2.03 6.15 16.24
CA PRO A 145 -3.20 5.87 17.07
C PRO A 145 -4.49 6.41 16.45
N THR A 146 -4.41 6.96 15.25
CA THR A 146 -5.51 7.54 14.51
C THR A 146 -6.42 6.45 13.92
N PRO A 147 -7.67 6.80 13.59
CA PRO A 147 -8.62 5.90 12.94
C PRO A 147 -8.35 5.72 11.43
N TYR A 148 -7.41 6.47 10.85
CA TYR A 148 -7.32 6.75 9.42
C TYR A 148 -5.85 6.70 8.97
N TYR A 149 -5.64 6.34 7.71
CA TYR A 149 -4.29 6.08 7.20
C TYR A 149 -3.59 7.35 6.74
N LEU A 150 -2.27 7.29 6.83
CA LEU A 150 -1.29 8.32 6.58
C LEU A 150 0.02 7.58 6.22
N THR A 151 0.24 7.35 4.93
CA THR A 151 1.44 6.68 4.40
C THR A 151 2.60 7.67 4.49
N VAL A 152 3.82 7.23 4.84
CA VAL A 152 4.99 8.08 5.00
C VAL A 152 6.15 7.48 4.22
N THR A 153 6.69 8.24 3.27
CA THR A 153 7.72 7.77 2.37
C THR A 153 8.78 8.86 2.23
N GLU A 154 10.07 8.48 2.31
CA GLU A 154 11.22 9.35 2.16
C GLU A 154 11.21 10.38 3.29
N LEU A 155 11.33 9.86 4.51
CA LEU A 155 11.41 10.63 5.74
C LEU A 155 12.86 11.06 5.96
N ASN A 156 13.09 12.16 6.67
CA ASN A 156 14.39 12.66 7.05
C ASN A 156 14.24 12.88 8.55
N ALA A 157 15.20 12.41 9.33
CA ALA A 157 15.19 12.61 10.77
C ALA A 157 16.57 13.11 11.14
N GLY A 158 16.64 14.38 11.53
CA GLY A 158 17.87 15.11 11.49
C GLY A 158 18.46 15.07 10.09
N THR A 159 19.77 14.83 10.02
CA THR A 159 20.55 14.92 8.80
C THR A 159 20.68 13.53 8.11
N ARG A 160 19.89 12.55 8.53
CA ARG A 160 19.91 11.20 7.97
C ARG A 160 18.52 10.86 7.43
N VAL A 161 18.45 10.38 6.20
CA VAL A 161 17.22 9.97 5.55
C VAL A 161 16.82 8.61 6.18
N LEU A 162 15.53 8.29 6.16
CA LEU A 162 14.95 7.03 6.61
C LEU A 162 14.25 6.35 5.45
N GLU A 163 14.12 5.03 5.55
CA GLU A 163 13.48 4.24 4.52
C GLU A 163 11.97 4.29 4.68
N ASN A 164 11.29 4.08 3.56
CA ASN A 164 9.87 4.25 3.38
C ASN A 164 9.08 3.29 4.26
N ALA A 165 7.92 3.73 4.70
CA ALA A 165 7.15 3.13 5.79
C ALA A 165 5.68 3.01 5.38
N LEU A 166 4.92 2.24 6.16
CA LEU A 166 3.48 2.24 6.06
C LEU A 166 2.87 2.39 7.46
N VAL A 167 1.56 2.48 7.47
CA VAL A 167 0.72 2.86 8.58
C VAL A 167 -0.25 1.73 8.90
N PRO A 168 0.10 0.80 9.80
CA PRO A 168 -0.90 -0.12 10.33
C PRO A 168 -1.93 0.67 11.15
N PRO A 169 -3.19 0.21 11.19
CA PRO A 169 -4.24 0.91 11.91
C PRO A 169 -3.98 0.86 13.42
N MET A 170 -4.18 1.99 14.10
CA MET A 170 -4.33 2.05 15.55
C MET A 170 -3.13 1.43 16.29
N GLY A 171 -1.92 1.56 15.73
CA GLY A 171 -0.74 0.80 16.10
C GLY A 171 0.54 1.57 15.75
N GLU A 172 1.64 0.87 15.44
CA GLU A 172 2.91 1.50 15.13
C GLU A 172 3.63 0.77 13.99
N SER A 173 4.63 1.42 13.40
CA SER A 173 5.70 0.80 12.63
C SER A 173 7.04 1.25 13.21
N THR A 174 8.11 0.65 12.71
CA THR A 174 9.47 0.94 13.14
C THR A 174 10.37 1.01 11.90
N VAL A 175 11.43 1.80 11.97
CA VAL A 175 12.55 1.78 11.02
C VAL A 175 13.87 1.91 11.78
N LYS A 176 14.95 1.38 11.20
CA LYS A 176 16.30 1.58 11.70
C LYS A 176 16.66 3.05 11.59
N LEU A 177 16.86 3.67 12.74
CA LEU A 177 17.46 5.00 12.86
C LEU A 177 18.97 4.80 12.82
N PRO A 178 19.80 5.83 12.59
CA PRO A 178 21.25 5.73 12.70
C PRO A 178 21.74 6.24 14.07
N SER A 179 20.95 6.09 15.13
CA SER A 179 21.36 6.32 16.53
C SER A 179 21.73 7.77 16.86
N ASP A 180 21.56 8.69 15.92
CA ASP A 180 21.98 10.09 16.01
C ASP A 180 20.76 10.98 15.89
N ALA A 181 20.20 11.06 14.67
CA ALA A 181 18.93 11.68 14.28
C ALA A 181 18.55 12.94 15.08
N GLY A 182 18.82 14.11 14.49
CA GLY A 182 18.47 15.40 15.07
C GLY A 182 16.99 15.62 15.37
N SER A 183 16.71 16.80 15.94
CA SER A 183 15.51 17.15 16.70
C SER A 183 14.44 17.81 15.82
N ASN A 184 14.60 17.71 14.50
CA ASN A 184 13.53 17.95 13.54
C ASN A 184 13.46 16.76 12.60
N ILE A 185 12.26 16.45 12.12
CA ILE A 185 11.97 15.44 11.14
C ILE A 185 11.19 16.15 10.04
N THR A 186 11.33 15.70 8.80
CA THR A 186 10.44 16.08 7.71
C THR A 186 10.13 14.82 6.92
N TYR A 187 9.04 14.80 6.15
CA TYR A 187 8.63 13.65 5.36
C TYR A 187 7.58 14.10 4.34
N ARG A 188 7.30 13.23 3.36
CA ARG A 188 6.15 13.36 2.47
C ARG A 188 5.24 12.16 2.68
N THR A 189 4.04 12.24 2.13
CA THR A 189 2.98 11.29 2.36
C THR A 189 2.29 11.01 1.03
N ILE A 190 1.47 9.97 0.92
CA ILE A 190 0.82 9.56 -0.35
C ILE A 190 -0.71 9.59 -0.19
N ASN A 191 -1.19 10.58 0.58
CA ASN A 191 -2.54 11.12 0.70
C ASN A 191 -3.68 10.08 0.78
N ASP A 192 -4.91 10.49 0.50
CA ASP A 192 -6.04 9.59 0.21
C ASP A 192 -6.33 9.44 -1.27
N TYR A 193 -5.65 10.24 -2.08
CA TYR A 193 -5.75 10.18 -3.52
C TYR A 193 -4.41 9.84 -4.16
N GLY A 194 -3.43 9.37 -3.38
CA GLY A 194 -2.15 8.98 -3.93
C GLY A 194 -1.42 10.18 -4.52
N ALA A 195 -1.63 11.38 -3.98
CA ALA A 195 -1.25 12.62 -4.65
C ALA A 195 -0.09 13.26 -3.91
N LEU A 196 1.05 12.55 -3.88
CA LEU A 196 2.13 12.72 -2.89
C LEU A 196 2.38 14.17 -2.50
N THR A 197 2.25 14.46 -1.21
CA THR A 197 2.29 15.82 -0.68
C THR A 197 3.67 16.45 -0.89
N PRO A 198 3.77 17.78 -0.80
CA PRO A 198 5.04 18.43 -0.54
C PRO A 198 5.55 18.00 0.84
N LYS A 199 6.85 18.24 1.08
CA LYS A 199 7.40 18.16 2.42
C LYS A 199 6.60 19.09 3.31
N MET A 200 6.01 18.58 4.39
CA MET A 200 5.22 19.39 5.32
C MET A 200 5.72 19.13 6.74
N THR A 201 6.99 19.49 6.97
CA THR A 201 7.79 19.13 8.13
C THR A 201 7.42 17.75 8.69
N GLY A 202 7.68 17.57 9.97
CA GLY A 202 7.19 16.46 10.72
C GLY A 202 7.07 16.78 12.19
N VAL A 203 6.17 16.05 12.83
CA VAL A 203 5.59 16.47 14.09
C VAL A 203 6.04 15.51 15.20
N MET A 204 7.34 15.56 15.46
CA MET A 204 7.97 14.53 16.27
C MET A 204 7.62 14.71 17.75
N GLU A 205 7.82 13.62 18.49
CA GLU A 205 7.98 13.59 19.94
C GLU A 205 6.82 14.24 20.68
N GLY A 1 8.88 -4.46 -15.47
CA GLY A 1 8.04 -4.23 -14.29
C GLY A 1 6.60 -3.94 -14.70
N VAL A 2 5.62 -4.59 -14.07
CA VAL A 2 4.20 -4.24 -14.24
C VAL A 2 4.00 -2.88 -13.59
N ALA A 3 3.24 -1.97 -14.21
CA ALA A 3 3.03 -0.65 -13.61
C ALA A 3 1.63 -0.49 -13.00
N LEU A 4 0.69 -1.36 -13.38
CA LEU A 4 -0.71 -1.34 -12.94
C LEU A 4 -1.38 0.02 -13.20
N GLY A 5 -2.71 0.07 -13.09
CA GLY A 5 -3.48 1.29 -13.35
C GLY A 5 -3.06 2.46 -12.47
N ALA A 6 -2.48 2.20 -11.30
CA ALA A 6 -1.87 3.20 -10.44
C ALA A 6 -0.85 2.50 -9.55
N THR A 7 0.02 3.28 -8.92
CA THR A 7 1.06 2.85 -7.97
C THR A 7 0.52 2.92 -6.54
N ARG A 8 -0.76 3.26 -6.36
CA ARG A 8 -1.50 3.34 -5.10
C ARG A 8 -2.98 3.26 -5.48
N VAL A 9 -3.85 2.61 -4.71
CA VAL A 9 -5.20 2.34 -5.16
C VAL A 9 -6.17 2.64 -4.00
N ILE A 10 -7.27 3.33 -4.28
CA ILE A 10 -8.13 3.93 -3.26
C ILE A 10 -9.56 3.54 -3.59
N TYR A 11 -10.26 3.03 -2.59
CA TYR A 11 -11.66 2.65 -2.62
C TYR A 11 -12.41 3.64 -1.71
N PRO A 12 -12.66 4.88 -2.16
CA PRO A 12 -13.37 5.87 -1.39
C PRO A 12 -14.86 5.49 -1.39
N ALA A 13 -15.30 4.81 -0.32
CA ALA A 13 -16.64 4.36 -0.02
C ALA A 13 -17.41 3.96 -1.29
N GLY A 14 -16.89 2.92 -1.97
CA GLY A 14 -17.22 2.67 -3.37
C GLY A 14 -18.69 2.32 -3.60
N GLN A 15 -19.30 1.59 -2.66
CA GLN A 15 -20.68 1.09 -2.68
C GLN A 15 -21.18 0.71 -4.09
N LYS A 16 -20.33 0.02 -4.86
CA LYS A 16 -20.55 -0.46 -6.22
C LYS A 16 -19.41 -1.43 -6.48
N GLN A 17 -18.31 -0.96 -7.06
CA GLN A 17 -17.06 -1.64 -7.30
C GLN A 17 -15.99 -0.56 -7.44
N GLU A 18 -14.73 -0.97 -7.38
CA GLU A 18 -13.58 -0.24 -7.91
C GLU A 18 -12.93 -1.19 -8.93
N GLN A 19 -12.04 -0.71 -9.78
CA GLN A 19 -11.36 -1.57 -10.72
C GLN A 19 -9.92 -1.08 -10.83
N LEU A 20 -8.95 -1.99 -10.98
CA LEU A 20 -7.53 -1.68 -11.11
C LEU A 20 -7.05 -2.23 -12.43
N ALA A 21 -6.67 -1.34 -13.35
CA ALA A 21 -6.07 -1.79 -14.60
C ALA A 21 -4.77 -2.54 -14.32
N VAL A 22 -4.33 -3.37 -15.26
CA VAL A 22 -3.01 -3.95 -15.29
C VAL A 22 -2.44 -3.54 -16.63
N THR A 23 -1.24 -3.00 -16.63
CA THR A 23 -0.48 -2.58 -17.79
C THR A 23 0.98 -2.91 -17.48
N ASN A 24 1.75 -3.32 -18.49
CA ASN A 24 3.14 -3.78 -18.29
C ASN A 24 4.15 -2.89 -19.01
N ASN A 25 5.43 -3.02 -18.64
CA ASN A 25 6.52 -2.29 -19.27
C ASN A 25 6.97 -3.04 -20.52
N ASP A 26 7.45 -4.25 -20.31
CA ASP A 26 7.89 -5.22 -21.22
C ASP A 26 6.72 -5.68 -22.09
N GLU A 27 7.02 -6.26 -23.24
CA GLU A 27 6.03 -6.66 -24.23
C GLU A 27 6.36 -7.97 -24.93
N ASN A 28 7.31 -8.75 -24.40
CA ASN A 28 7.57 -10.07 -24.95
C ASN A 28 6.75 -11.11 -24.20
N SER A 29 7.04 -11.29 -22.91
CA SER A 29 6.42 -12.37 -22.15
C SER A 29 4.93 -12.11 -21.94
N THR A 30 4.15 -13.18 -21.79
CA THR A 30 2.84 -13.14 -21.17
C THR A 30 3.09 -13.26 -19.67
N TYR A 31 2.41 -12.45 -18.86
CA TYR A 31 2.52 -12.47 -17.41
C TYR A 31 1.22 -12.98 -16.83
N LEU A 32 1.34 -13.57 -15.64
CA LEU A 32 0.28 -14.13 -14.84
C LEU A 32 0.08 -13.14 -13.71
N ILE A 33 -0.91 -12.25 -13.79
CA ILE A 33 -1.24 -11.42 -12.64
C ILE A 33 -1.97 -12.34 -11.66
N GLN A 34 -1.64 -12.21 -10.38
CA GLN A 34 -2.17 -13.00 -9.30
C GLN A 34 -2.40 -12.00 -8.17
N SER A 35 -3.64 -11.53 -8.03
CA SER A 35 -4.03 -10.55 -7.06
C SER A 35 -4.52 -11.23 -5.80
N TRP A 36 -4.29 -10.55 -4.69
CA TRP A 36 -5.01 -10.74 -3.45
C TRP A 36 -5.01 -9.41 -2.70
N VAL A 37 -5.87 -9.30 -1.70
CA VAL A 37 -6.00 -8.12 -0.88
C VAL A 37 -5.68 -8.55 0.54
N GLU A 38 -4.58 -8.05 1.10
CA GLU A 38 -4.09 -8.44 2.41
C GLU A 38 -4.63 -7.46 3.45
N ASN A 39 -4.97 -7.92 4.67
CA ASN A 39 -5.55 -7.06 5.70
C ASN A 39 -4.44 -6.40 6.52
N ALA A 40 -3.50 -5.75 5.83
CA ALA A 40 -2.27 -5.13 6.32
C ALA A 40 -1.30 -6.12 7.01
N ASP A 41 -1.72 -7.37 7.22
CA ASP A 41 -0.94 -8.39 7.93
C ASP A 41 -0.12 -9.25 6.97
N GLY A 42 -0.30 -9.07 5.67
CA GLY A 42 0.19 -10.01 4.67
C GLY A 42 -0.68 -11.26 4.57
N VAL A 43 -1.83 -11.30 5.26
CA VAL A 43 -2.82 -12.38 5.18
C VAL A 43 -3.95 -11.88 4.28
N LYS A 44 -4.37 -12.71 3.33
CA LYS A 44 -5.53 -12.44 2.49
C LYS A 44 -6.73 -12.88 3.31
N ASP A 45 -7.45 -11.91 3.88
CA ASP A 45 -8.80 -12.15 4.38
C ASP A 45 -9.75 -11.77 3.25
N GLY A 46 -10.66 -12.65 2.87
CA GLY A 46 -11.58 -12.54 1.73
C GLY A 46 -12.59 -11.40 1.78
N ARG A 47 -12.40 -10.38 2.64
CA ARG A 47 -13.23 -9.18 2.74
C ARG A 47 -13.23 -8.33 1.48
N PHE A 48 -12.32 -8.58 0.54
CA PHE A 48 -12.35 -7.99 -0.78
C PHE A 48 -12.35 -9.18 -1.72
N ILE A 49 -13.41 -9.33 -2.50
CA ILE A 49 -13.39 -10.21 -3.65
C ILE A 49 -12.77 -9.38 -4.77
N VAL A 50 -11.96 -10.03 -5.59
CA VAL A 50 -11.38 -9.49 -6.80
C VAL A 50 -11.66 -10.52 -7.88
N THR A 51 -11.78 -10.07 -9.13
CA THR A 51 -11.91 -10.95 -10.27
C THR A 51 -11.24 -10.32 -11.50
N PRO A 52 -10.65 -11.12 -12.41
CA PRO A 52 -10.22 -12.49 -12.16
C PRO A 52 -9.16 -12.44 -11.04
N PRO A 53 -9.18 -13.35 -10.05
CA PRO A 53 -8.22 -13.31 -8.96
C PRO A 53 -6.80 -13.61 -9.49
N LEU A 54 -6.70 -14.50 -10.47
CA LEU A 54 -5.53 -14.69 -11.30
C LEU A 54 -5.97 -14.70 -12.75
N PHE A 55 -5.10 -14.23 -13.64
CA PHE A 55 -5.26 -14.34 -15.09
C PHE A 55 -3.91 -14.19 -15.77
N ALA A 56 -3.79 -14.66 -17.02
CA ALA A 56 -2.67 -14.36 -17.89
C ALA A 56 -3.05 -13.25 -18.86
N MET A 57 -2.21 -12.23 -19.04
CA MET A 57 -2.32 -11.33 -20.19
C MET A 57 -0.91 -11.02 -20.72
N LYS A 58 -0.87 -10.50 -21.95
CA LYS A 58 0.35 -10.06 -22.59
C LYS A 58 0.77 -8.73 -21.96
N GLY A 59 2.07 -8.47 -21.98
CA GLY A 59 2.64 -7.27 -21.41
C GLY A 59 2.07 -6.04 -22.09
N LYS A 60 2.14 -5.97 -23.42
CA LYS A 60 1.52 -4.89 -24.18
C LYS A 60 0.04 -5.15 -24.34
N LYS A 61 -0.70 -5.08 -23.22
CA LYS A 61 -2.12 -4.87 -23.22
C LYS A 61 -2.54 -4.39 -21.83
N GLU A 62 -3.81 -4.04 -21.73
CA GLU A 62 -4.49 -3.84 -20.47
C GLU A 62 -5.21 -5.15 -20.10
N ASN A 63 -5.36 -5.46 -18.81
CA ASN A 63 -6.35 -6.42 -18.31
C ASN A 63 -6.81 -6.02 -16.92
N THR A 64 -7.96 -5.37 -16.81
CA THR A 64 -8.41 -4.80 -15.56
C THR A 64 -8.89 -5.91 -14.60
N LEU A 65 -8.62 -5.68 -13.32
CA LEU A 65 -9.13 -6.40 -12.18
C LEU A 65 -10.35 -5.63 -11.70
N ARG A 66 -11.44 -6.30 -11.33
CA ARG A 66 -12.59 -5.65 -10.70
C ARG A 66 -12.59 -6.08 -9.25
N ILE A 67 -12.78 -5.12 -8.36
CA ILE A 67 -12.47 -5.18 -6.95
C ILE A 67 -13.73 -4.72 -6.25
N LEU A 68 -14.33 -5.56 -5.40
CA LEU A 68 -15.62 -5.22 -4.81
C LEU A 68 -15.74 -5.73 -3.37
N ASP A 69 -16.70 -5.15 -2.64
CA ASP A 69 -16.86 -5.39 -1.22
C ASP A 69 -17.25 -6.84 -0.99
N ALA A 70 -16.66 -7.42 0.04
CA ALA A 70 -17.02 -8.72 0.57
C ALA A 70 -16.81 -8.75 2.08
N THR A 71 -16.72 -7.59 2.75
CA THR A 71 -16.41 -7.48 4.17
C THR A 71 -17.36 -8.31 5.03
N ASN A 72 -18.65 -8.36 4.64
CA ASN A 72 -19.77 -8.84 5.44
C ASN A 72 -19.80 -8.22 6.84
N ASN A 73 -19.20 -7.05 7.01
CA ASN A 73 -19.22 -6.26 8.23
C ASN A 73 -19.42 -4.77 7.94
N GLN A 74 -19.73 -4.42 6.68
CA GLN A 74 -20.03 -3.08 6.18
C GLN A 74 -19.02 -1.97 6.50
N LEU A 75 -17.84 -2.33 7.03
CA LEU A 75 -16.83 -1.51 7.71
C LEU A 75 -17.34 -0.83 8.99
N PRO A 76 -16.44 -0.55 9.95
CA PRO A 76 -16.77 0.24 11.13
C PRO A 76 -16.99 1.71 10.74
N GLN A 77 -17.54 2.47 11.68
CA GLN A 77 -17.55 3.91 11.69
C GLN A 77 -16.53 4.46 12.70
N ASP A 78 -16.02 3.60 13.60
CA ASP A 78 -15.23 4.01 14.76
C ASP A 78 -13.76 4.21 14.41
N ARG A 79 -13.35 3.68 13.25
CA ARG A 79 -12.07 3.87 12.58
C ARG A 79 -12.26 3.66 11.07
N GLU A 80 -11.21 3.90 10.30
CA GLU A 80 -11.13 3.60 8.87
C GLU A 80 -10.68 2.14 8.71
N SER A 81 -10.18 1.76 7.53
CA SER A 81 -9.49 0.50 7.30
C SER A 81 -8.33 0.73 6.33
N LEU A 82 -7.43 -0.25 6.26
CA LEU A 82 -6.29 -0.28 5.37
C LEU A 82 -6.09 -1.73 4.93
N PHE A 83 -5.82 -1.93 3.66
CA PHE A 83 -5.46 -3.20 3.07
C PHE A 83 -4.24 -2.98 2.17
N TRP A 84 -3.70 -4.05 1.61
CA TRP A 84 -2.68 -3.98 0.58
C TRP A 84 -3.22 -4.77 -0.60
N MET A 85 -3.42 -4.10 -1.74
CA MET A 85 -3.76 -4.76 -3.00
C MET A 85 -2.45 -5.30 -3.55
N ASN A 86 -2.11 -6.53 -3.17
CA ASN A 86 -0.89 -7.18 -3.57
C ASN A 86 -1.17 -7.85 -4.90
N VAL A 87 -0.39 -7.53 -5.93
CA VAL A 87 -0.41 -8.24 -7.19
C VAL A 87 0.99 -8.76 -7.41
N LYS A 88 1.16 -10.08 -7.32
CA LYS A 88 2.31 -10.75 -7.88
C LYS A 88 2.05 -10.88 -9.39
N ALA A 89 3.09 -10.73 -10.20
CA ALA A 89 3.04 -11.00 -11.62
C ALA A 89 4.18 -11.96 -11.95
N ILE A 90 3.85 -13.17 -12.39
CA ILE A 90 4.82 -14.22 -12.70
C ILE A 90 4.93 -14.31 -14.22
N PRO A 91 6.13 -14.33 -14.83
CA PRO A 91 6.25 -14.60 -16.25
C PRO A 91 5.75 -16.01 -16.57
N SER A 92 4.66 -16.08 -17.34
CA SER A 92 3.96 -17.27 -17.84
C SER A 92 3.98 -18.43 -16.85
N MET A 93 3.35 -18.24 -15.69
CA MET A 93 3.05 -19.31 -14.76
C MET A 93 1.89 -20.10 -15.35
N ASP A 94 2.18 -21.22 -16.02
CA ASP A 94 1.19 -22.25 -16.27
C ASP A 94 0.90 -22.97 -14.93
N LYS A 95 -0.21 -23.72 -14.92
CA LYS A 95 -0.87 -24.18 -13.69
C LYS A 95 -1.18 -23.02 -12.74
N SER A 96 -1.62 -23.36 -11.53
CA SER A 96 -1.58 -22.52 -10.35
C SER A 96 -1.36 -23.49 -9.20
N LYS A 97 -0.16 -24.09 -9.15
CA LYS A 97 0.25 -25.01 -8.11
C LYS A 97 1.50 -24.48 -7.44
N LEU A 98 2.66 -24.56 -8.11
CA LEU A 98 4.00 -24.41 -7.56
C LEU A 98 4.29 -25.47 -6.50
N THR A 99 5.40 -26.19 -6.68
CA THR A 99 5.91 -27.15 -5.71
C THR A 99 7.43 -27.18 -5.87
N GLU A 100 8.06 -26.05 -5.57
CA GLU A 100 9.51 -25.93 -5.46
C GLU A 100 9.78 -24.66 -4.64
N ASN A 101 11.04 -24.34 -4.39
CA ASN A 101 11.44 -23.06 -3.80
C ASN A 101 12.50 -22.39 -4.69
N THR A 102 12.40 -22.62 -6.00
CA THR A 102 13.49 -22.35 -6.94
C THR A 102 12.84 -21.57 -8.11
N LEU A 103 11.91 -20.65 -7.80
CA LEU A 103 11.24 -19.79 -8.76
C LEU A 103 11.31 -18.38 -8.22
N GLN A 104 12.39 -17.68 -8.54
CA GLN A 104 12.67 -16.37 -8.03
C GLN A 104 11.90 -15.29 -8.81
N LEU A 105 11.52 -15.58 -10.06
CA LEU A 105 10.83 -14.67 -10.97
C LEU A 105 9.44 -14.30 -10.44
N ALA A 106 9.35 -13.18 -9.73
CA ALA A 106 8.10 -12.61 -9.26
C ALA A 106 8.22 -11.09 -9.31
N ILE A 107 7.57 -10.49 -10.30
CA ILE A 107 7.44 -9.06 -10.45
C ILE A 107 6.24 -8.69 -9.57
N ILE A 108 6.47 -8.63 -8.26
CA ILE A 108 5.42 -8.24 -7.31
C ILE A 108 5.46 -6.73 -7.21
N SER A 109 4.33 -6.08 -7.47
CA SER A 109 4.24 -4.65 -7.34
C SER A 109 3.98 -4.36 -5.86
N ARG A 110 2.93 -4.96 -5.29
CA ARG A 110 2.49 -4.83 -3.89
C ARG A 110 2.16 -3.38 -3.53
N ILE A 111 0.88 -3.08 -3.33
CA ILE A 111 0.42 -1.70 -3.36
C ILE A 111 -0.39 -1.44 -2.08
N LYS A 112 -0.38 -0.19 -1.64
CA LYS A 112 -1.21 0.33 -0.56
C LYS A 112 -2.63 0.47 -1.08
N LEU A 113 -3.60 -0.22 -0.47
CA LEU A 113 -5.01 -0.03 -0.78
C LEU A 113 -5.72 0.61 0.38
N TYR A 114 -6.25 1.80 0.14
CA TYR A 114 -7.13 2.47 1.08
C TYR A 114 -8.53 1.92 0.85
N TYR A 115 -9.15 1.35 1.88
CA TYR A 115 -10.59 1.21 1.92
C TYR A 115 -11.04 2.35 2.81
N ARG A 116 -11.38 3.49 2.21
CA ARG A 116 -11.76 4.71 2.94
C ARG A 116 -13.27 4.81 2.88
N PRO A 117 -14.05 4.28 3.84
CA PRO A 117 -15.44 4.66 3.96
C PRO A 117 -15.57 6.14 4.37
N ALA A 118 -14.48 6.73 4.89
CA ALA A 118 -14.34 8.03 5.50
C ALA A 118 -15.57 8.38 6.34
N LYS A 119 -15.92 7.51 7.28
CA LYS A 119 -17.13 7.60 8.08
C LYS A 119 -16.90 8.35 9.40
N LEU A 120 -15.68 8.84 9.60
CA LEU A 120 -15.21 9.62 10.74
C LEU A 120 -15.30 11.10 10.45
N ALA A 121 -15.45 11.92 11.49
CA ALA A 121 -15.34 13.37 11.41
C ALA A 121 -13.88 13.86 11.48
N LEU A 122 -12.92 12.99 11.78
CA LEU A 122 -11.50 13.34 11.82
C LEU A 122 -11.08 13.74 10.40
N PRO A 123 -10.46 14.91 10.23
CA PRO A 123 -10.02 15.39 8.93
C PRO A 123 -8.67 14.75 8.53
N PRO A 124 -8.41 14.54 7.22
CA PRO A 124 -7.21 13.88 6.74
C PRO A 124 -5.94 14.74 6.90
N ASP A 125 -6.08 16.01 7.28
CA ASP A 125 -5.02 16.90 7.75
C ASP A 125 -4.48 16.32 9.04
N GLN A 126 -5.32 16.30 10.09
CA GLN A 126 -4.82 16.06 11.42
C GLN A 126 -4.69 14.56 11.70
N ALA A 127 -5.03 13.75 10.70
CA ALA A 127 -4.60 12.37 10.54
C ALA A 127 -3.08 12.28 10.52
N ALA A 128 -2.42 13.12 9.71
CA ALA A 128 -0.97 13.13 9.62
C ALA A 128 -0.38 13.79 10.86
N GLU A 129 -1.04 14.81 11.38
CA GLU A 129 -0.57 15.60 12.52
C GLU A 129 -1.00 14.96 13.83
N LYS A 130 -1.19 13.65 13.80
CA LYS A 130 -1.18 12.81 15.00
C LYS A 130 -0.38 11.52 14.81
N LEU A 131 0.31 11.32 13.68
CA LEU A 131 1.25 10.22 13.55
C LEU A 131 2.46 10.62 14.39
N ARG A 132 2.48 10.18 15.64
CA ARG A 132 3.55 10.48 16.59
C ARG A 132 4.67 9.49 16.34
N PHE A 133 5.91 9.89 16.64
CA PHE A 133 7.08 9.06 16.36
C PHE A 133 7.74 8.75 17.69
N ARG A 134 8.61 7.74 17.76
CA ARG A 134 9.47 7.55 18.92
C ARG A 134 10.84 7.11 18.47
N ARG A 135 11.87 7.88 18.79
CA ARG A 135 13.25 7.55 18.48
C ARG A 135 13.79 6.61 19.55
N SER A 136 14.61 5.68 19.12
CA SER A 136 15.48 4.86 19.92
C SER A 136 16.82 4.80 19.20
N ALA A 137 17.89 4.45 19.91
CA ALA A 137 19.20 4.21 19.32
C ALA A 137 19.19 3.03 18.34
N ASN A 138 18.19 2.16 18.42
CA ASN A 138 17.96 1.06 17.49
C ASN A 138 17.22 1.52 16.24
N SER A 139 16.08 2.18 16.42
CA SER A 139 15.09 2.41 15.37
C SER A 139 14.10 3.50 15.81
N LEU A 140 13.39 4.05 14.85
CA LEU A 140 12.40 5.09 14.96
C LEU A 140 11.07 4.43 14.64
N THR A 141 10.15 4.45 15.59
CA THR A 141 8.85 3.87 15.40
C THR A 141 7.91 4.96 14.85
N LEU A 142 7.05 4.56 13.91
CA LEU A 142 5.81 5.21 13.52
C LEU A 142 4.76 4.72 14.50
N ILE A 143 3.92 5.60 15.04
CA ILE A 143 2.78 5.21 15.85
C ILE A 143 1.53 5.57 15.08
N ASN A 144 0.63 4.60 14.96
CA ASN A 144 -0.72 4.87 14.51
C ASN A 144 -1.74 3.94 15.18
N PRO A 145 -1.97 4.06 16.50
CA PRO A 145 -3.06 3.37 17.18
C PRO A 145 -4.44 3.97 16.83
N THR A 146 -4.42 4.97 15.96
CA THR A 146 -5.45 5.92 15.62
C THR A 146 -6.41 5.37 14.55
N PRO A 147 -7.52 6.08 14.30
CA PRO A 147 -8.52 5.62 13.36
C PRO A 147 -8.13 5.87 11.89
N TYR A 148 -7.00 6.53 11.58
CA TYR A 148 -6.77 7.07 10.24
C TYR A 148 -5.30 6.98 9.85
N TYR A 149 -5.06 6.75 8.55
CA TYR A 149 -3.80 6.22 8.04
C TYR A 149 -3.31 7.09 6.88
N LEU A 150 -2.00 7.28 6.80
CA LEU A 150 -1.26 8.10 5.85
C LEU A 150 0.13 7.50 5.68
N THR A 151 0.58 7.28 4.44
CA THR A 151 1.92 6.78 4.15
C THR A 151 2.91 7.94 4.40
N VAL A 152 4.14 7.64 4.83
CA VAL A 152 5.16 8.64 5.15
C VAL A 152 6.36 8.39 4.23
N THR A 153 6.83 9.44 3.57
CA THR A 153 7.68 9.35 2.40
C THR A 153 8.77 10.41 2.47
N GLU A 154 10.02 10.01 2.27
CA GLU A 154 11.22 10.85 2.28
C GLU A 154 11.36 11.44 3.68
N LEU A 155 11.55 10.56 4.67
CA LEU A 155 11.58 11.00 6.05
C LEU A 155 12.98 11.54 6.31
N ASN A 156 13.11 12.63 7.07
CA ASN A 156 14.37 13.07 7.62
C ASN A 156 14.21 13.06 9.12
N ALA A 157 15.24 12.61 9.83
CA ALA A 157 15.31 12.61 11.26
C ALA A 157 16.68 13.14 11.61
N GLY A 158 16.70 14.39 12.08
CA GLY A 158 17.88 15.24 12.07
C GLY A 158 18.62 15.16 10.75
N THR A 159 19.88 14.75 10.81
CA THR A 159 20.85 14.90 9.73
C THR A 159 20.88 13.64 8.83
N ARG A 160 19.89 12.77 8.99
CA ARG A 160 19.82 11.53 8.24
C ARG A 160 18.47 11.40 7.55
N VAL A 161 18.47 10.82 6.35
CA VAL A 161 17.25 10.39 5.69
C VAL A 161 16.88 9.06 6.34
N LEU A 162 15.58 8.78 6.39
CA LEU A 162 15.00 7.51 6.79
C LEU A 162 14.04 7.06 5.69
N GLU A 163 13.67 5.79 5.77
CA GLU A 163 13.01 5.07 4.68
C GLU A 163 11.58 5.57 4.50
N ASN A 164 10.99 5.29 3.32
CA ASN A 164 9.55 5.32 3.19
C ASN A 164 9.00 4.26 4.14
N ALA A 165 7.88 4.56 4.77
CA ALA A 165 7.17 3.63 5.62
C ALA A 165 5.68 3.69 5.30
N LEU A 166 5.01 2.54 5.42
CA LEU A 166 3.56 2.47 5.41
C LEU A 166 3.13 2.23 6.85
N VAL A 167 1.99 2.78 7.21
CA VAL A 167 1.36 2.76 8.50
C VAL A 167 0.54 1.46 8.65
N PRO A 168 0.55 0.80 9.82
CA PRO A 168 -0.38 -0.27 10.13
C PRO A 168 -1.72 0.28 10.66
N PRO A 169 -2.83 -0.43 10.48
CA PRO A 169 -4.11 -0.02 11.02
C PRO A 169 -4.15 -0.26 12.52
N MET A 170 -4.27 0.79 13.33
CA MET A 170 -4.27 0.74 14.79
C MET A 170 -3.05 -0.01 15.31
N GLY A 171 -1.84 0.37 14.88
CA GLY A 171 -0.61 -0.33 15.22
C GLY A 171 0.59 0.59 15.34
N GLU A 172 1.77 -0.01 15.34
CA GLU A 172 3.08 0.60 15.44
C GLU A 172 3.97 -0.13 14.42
N SER A 173 4.79 0.62 13.68
CA SER A 173 5.81 0.09 12.79
C SER A 173 7.12 0.83 13.00
N THR A 174 8.18 0.42 12.31
CA THR A 174 9.55 0.74 12.69
C THR A 174 10.42 0.93 11.45
N VAL A 175 11.41 1.83 11.52
CA VAL A 175 12.51 1.98 10.55
C VAL A 175 13.81 2.24 11.32
N LYS A 176 14.98 1.92 10.77
CA LYS A 176 16.27 2.10 11.47
C LYS A 176 16.56 3.57 11.71
N LEU A 177 17.23 3.86 12.82
CA LEU A 177 17.49 5.20 13.32
C LEU A 177 18.98 5.25 13.70
N PRO A 178 19.82 6.04 13.01
CA PRO A 178 21.24 6.13 13.31
C PRO A 178 21.45 6.97 14.58
N SER A 179 22.58 6.85 15.25
CA SER A 179 22.71 7.22 16.66
C SER A 179 22.74 8.74 16.92
N ASP A 180 22.57 9.56 15.89
CA ASP A 180 22.51 11.00 15.97
C ASP A 180 21.05 11.44 15.89
N ALA A 181 20.45 11.41 14.68
CA ALA A 181 19.06 11.65 14.33
C ALA A 181 18.38 12.70 15.24
N GLY A 182 18.66 13.97 15.00
CA GLY A 182 18.18 15.05 15.85
C GLY A 182 16.65 15.15 15.90
N SER A 183 16.15 16.01 16.78
CA SER A 183 14.76 15.96 17.25
C SER A 183 13.86 16.88 16.42
N ASN A 184 14.36 17.34 15.28
CA ASN A 184 13.57 17.89 14.18
C ASN A 184 13.38 16.74 13.20
N ILE A 185 12.19 16.15 13.20
CA ILE A 185 11.78 15.08 12.30
C ILE A 185 10.83 15.73 11.29
N THR A 186 10.92 15.33 10.03
CA THR A 186 10.07 15.86 8.97
C THR A 186 9.88 14.78 7.91
N TYR A 187 8.92 14.95 7.03
CA TYR A 187 8.61 13.98 5.98
C TYR A 187 7.62 14.60 5.00
N ARG A 188 7.45 13.98 3.82
CA ARG A 188 6.26 14.19 3.02
C ARG A 188 5.28 13.07 3.35
N THR A 189 4.06 13.15 2.87
CA THR A 189 3.13 12.04 2.80
C THR A 189 2.63 12.01 1.34
N ILE A 190 1.99 10.91 0.94
CA ILE A 190 1.40 10.79 -0.40
C ILE A 190 -0.10 10.84 -0.24
N ASN A 191 -0.70 11.91 -0.77
CA ASN A 191 -2.12 12.26 -0.71
C ASN A 191 -2.90 11.32 -1.63
N ASP A 192 -4.23 11.41 -1.64
CA ASP A 192 -5.08 10.47 -2.38
C ASP A 192 -4.71 10.40 -3.86
N TYR A 193 -4.54 11.54 -4.54
CA TYR A 193 -4.35 11.57 -5.98
C TYR A 193 -2.88 11.39 -6.33
N GLY A 194 -2.05 11.11 -5.33
CA GLY A 194 -0.61 10.94 -5.47
C GLY A 194 0.14 12.28 -5.46
N ALA A 195 -0.57 13.38 -5.20
CA ALA A 195 -0.07 14.73 -5.27
C ALA A 195 0.63 15.05 -3.95
N LEU A 196 1.75 14.38 -3.72
CA LEU A 196 2.58 14.38 -2.53
C LEU A 196 2.71 15.79 -1.91
N THR A 197 2.63 15.83 -0.58
CA THR A 197 2.57 17.06 0.20
C THR A 197 3.90 17.82 0.14
N PRO A 198 3.97 19.05 0.66
CA PRO A 198 5.25 19.65 1.05
C PRO A 198 5.95 18.75 2.08
N LYS A 199 7.23 19.05 2.34
CA LYS A 199 7.92 18.53 3.51
C LYS A 199 7.23 19.12 4.73
N MET A 200 6.37 18.33 5.36
CA MET A 200 5.71 18.67 6.59
C MET A 200 6.66 18.33 7.74
N THR A 201 6.62 19.11 8.80
CA THR A 201 7.29 18.81 10.04
C THR A 201 6.65 17.58 10.70
N GLY A 202 7.32 17.07 11.72
CA GLY A 202 6.95 15.88 12.43
C GLY A 202 6.90 16.10 13.92
N VAL A 203 6.44 15.09 14.64
CA VAL A 203 6.36 15.10 16.09
C VAL A 203 6.81 13.73 16.57
N MET A 204 7.96 13.68 17.24
CA MET A 204 8.38 12.54 18.03
C MET A 204 8.23 12.91 19.50
N GLU A 205 8.32 11.90 20.38
CA GLU A 205 8.66 12.10 21.79
C GLU A 205 7.50 12.73 22.56
N GLY A 1 7.13 -5.03 -10.31
CA GLY A 1 7.83 -5.80 -11.34
C GLY A 1 7.21 -5.50 -12.68
N VAL A 2 6.14 -6.24 -13.01
CA VAL A 2 5.04 -5.66 -13.77
C VAL A 2 4.68 -4.33 -13.11
N ALA A 3 4.35 -3.32 -13.91
CA ALA A 3 4.07 -1.97 -13.48
C ALA A 3 2.56 -1.86 -13.30
N LEU A 4 2.05 -2.13 -12.10
CA LEU A 4 0.62 -2.00 -11.86
C LEU A 4 0.30 -0.51 -11.81
N GLY A 5 -0.96 -0.15 -11.99
CA GLY A 5 -1.41 1.22 -12.19
C GLY A 5 -0.99 2.17 -11.09
N ALA A 6 -0.67 1.64 -9.91
CA ALA A 6 -0.12 2.39 -8.81
C ALA A 6 0.66 1.43 -7.92
N THR A 7 1.46 1.96 -7.01
CA THR A 7 1.97 1.19 -5.86
C THR A 7 0.95 1.22 -4.71
N ARG A 8 -0.16 1.98 -4.80
CA ARG A 8 -1.21 2.00 -3.78
C ARG A 8 -2.56 2.34 -4.39
N VAL A 9 -3.63 1.78 -3.83
CA VAL A 9 -4.98 1.93 -4.35
C VAL A 9 -5.86 2.22 -3.14
N ILE A 10 -6.12 3.50 -2.87
CA ILE A 10 -7.03 3.90 -1.80
C ILE A 10 -8.43 3.61 -2.33
N TYR A 11 -9.35 3.29 -1.42
CA TYR A 11 -10.75 3.03 -1.71
C TYR A 11 -11.55 4.03 -0.85
N PRO A 12 -11.65 5.32 -1.27
CA PRO A 12 -12.23 6.39 -0.49
C PRO A 12 -13.75 6.33 -0.55
N ALA A 13 -14.34 5.59 0.40
CA ALA A 13 -15.75 5.18 0.46
C ALA A 13 -16.26 4.92 -0.96
N GLY A 14 -15.67 3.90 -1.61
CA GLY A 14 -15.72 3.75 -3.06
C GLY A 14 -17.15 3.70 -3.60
N GLN A 15 -18.02 2.98 -2.89
CA GLN A 15 -19.45 2.80 -3.11
C GLN A 15 -19.82 2.74 -4.61
N LYS A 16 -19.01 1.98 -5.35
CA LYS A 16 -19.17 1.54 -6.73
C LYS A 16 -18.22 0.35 -6.80
N GLN A 17 -16.96 0.61 -7.15
CA GLN A 17 -15.83 -0.28 -7.24
C GLN A 17 -14.66 0.62 -7.63
N GLU A 18 -13.45 0.26 -7.23
CA GLU A 18 -12.23 0.90 -7.67
C GLU A 18 -11.68 0.10 -8.85
N GLN A 19 -10.66 0.64 -9.51
CA GLN A 19 -10.02 -0.01 -10.62
C GLN A 19 -8.52 0.24 -10.59
N LEU A 20 -7.74 -0.76 -10.97
CA LEU A 20 -6.29 -0.80 -10.84
C LEU A 20 -5.72 -1.31 -12.14
N ALA A 21 -4.98 -0.48 -12.86
CA ALA A 21 -4.38 -0.91 -14.11
C ALA A 21 -3.36 -2.02 -13.85
N VAL A 22 -3.03 -2.76 -14.90
CA VAL A 22 -1.85 -3.59 -15.02
C VAL A 22 -1.23 -3.14 -16.33
N THR A 23 0.06 -2.85 -16.32
CA THR A 23 0.86 -2.33 -17.43
C THR A 23 2.26 -2.94 -17.25
N ASN A 24 3.15 -2.90 -18.25
CA ASN A 24 4.51 -3.39 -18.09
C ASN A 24 5.49 -2.56 -18.91
N ASN A 25 6.78 -2.73 -18.63
CA ASN A 25 7.85 -2.18 -19.42
C ASN A 25 8.15 -3.11 -20.59
N ASP A 26 8.40 -4.40 -20.32
CA ASP A 26 8.67 -5.37 -21.37
C ASP A 26 7.39 -5.74 -22.12
N GLU A 27 7.52 -6.00 -23.41
CA GLU A 27 6.49 -6.42 -24.32
C GLU A 27 6.60 -7.88 -24.73
N ASN A 28 7.76 -8.51 -24.50
CA ASN A 28 8.01 -9.85 -24.99
C ASN A 28 7.21 -10.85 -24.19
N SER A 29 7.52 -10.93 -22.90
CA SER A 29 6.82 -11.82 -22.00
C SER A 29 5.39 -11.35 -21.78
N THR A 30 4.54 -12.33 -21.57
CA THR A 30 3.14 -12.29 -21.23
C THR A 30 3.13 -12.83 -19.81
N TYR A 31 2.22 -12.32 -18.97
CA TYR A 31 2.19 -12.69 -17.57
C TYR A 31 0.79 -13.14 -17.21
N LEU A 32 0.72 -13.99 -16.20
CA LEU A 32 -0.48 -14.39 -15.50
C LEU A 32 -0.54 -13.48 -14.29
N ILE A 33 -1.36 -12.43 -14.30
CA ILE A 33 -1.65 -11.67 -13.10
C ILE A 33 -2.61 -12.53 -12.28
N GLN A 34 -2.22 -12.78 -11.04
CA GLN A 34 -2.96 -13.54 -10.07
C GLN A 34 -3.12 -12.58 -8.89
N SER A 35 -4.21 -11.81 -8.89
CA SER A 35 -4.50 -10.83 -7.84
C SER A 35 -5.01 -11.59 -6.62
N TRP A 36 -4.61 -11.16 -5.42
CA TRP A 36 -5.33 -11.53 -4.22
C TRP A 36 -5.23 -10.43 -3.14
N VAL A 37 -6.22 -10.36 -2.27
CA VAL A 37 -6.37 -9.33 -1.25
C VAL A 37 -6.21 -9.96 0.13
N GLU A 38 -5.47 -9.31 1.01
CA GLU A 38 -5.23 -9.77 2.37
C GLU A 38 -5.53 -8.59 3.29
N ASN A 39 -6.02 -8.83 4.50
CA ASN A 39 -6.08 -7.84 5.56
C ASN A 39 -4.66 -7.42 5.94
N ALA A 40 -4.51 -6.32 6.69
CA ALA A 40 -3.26 -5.79 7.22
C ALA A 40 -2.36 -6.86 7.85
N ASP A 41 -2.99 -7.89 8.39
CA ASP A 41 -2.37 -8.98 9.15
C ASP A 41 -1.80 -10.07 8.26
N GLY A 42 -2.00 -9.93 6.94
CA GLY A 42 -1.78 -11.01 5.99
C GLY A 42 -2.88 -12.07 6.09
N VAL A 43 -4.01 -11.79 6.75
CA VAL A 43 -5.14 -12.72 6.76
C VAL A 43 -5.80 -12.65 5.38
N LYS A 44 -5.99 -13.80 4.74
CA LYS A 44 -6.81 -13.91 3.54
C LYS A 44 -8.23 -14.03 4.04
N ASP A 45 -9.05 -13.05 3.71
CA ASP A 45 -10.51 -13.13 3.84
C ASP A 45 -11.06 -12.36 2.65
N GLY A 46 -12.07 -12.90 1.96
CA GLY A 46 -12.67 -12.31 0.76
C GLY A 46 -13.50 -11.05 1.03
N ARG A 47 -13.09 -10.24 2.00
CA ARG A 47 -13.65 -8.94 2.36
C ARG A 47 -13.55 -7.94 1.20
N PHE A 48 -12.70 -8.21 0.23
CA PHE A 48 -12.70 -7.59 -1.07
C PHE A 48 -12.72 -8.72 -2.07
N ILE A 49 -13.32 -8.46 -3.22
CA ILE A 49 -13.34 -9.36 -4.36
C ILE A 49 -12.86 -8.55 -5.57
N VAL A 50 -12.29 -9.24 -6.55
CA VAL A 50 -11.65 -8.66 -7.72
C VAL A 50 -12.20 -9.37 -8.94
N THR A 51 -12.22 -8.69 -10.08
CA THR A 51 -12.41 -9.34 -11.37
C THR A 51 -11.62 -8.58 -12.45
N PRO A 52 -11.09 -9.26 -13.49
CA PRO A 52 -10.80 -10.68 -13.53
C PRO A 52 -9.75 -11.03 -12.46
N PRO A 53 -10.01 -11.94 -11.51
CA PRO A 53 -9.12 -12.14 -10.36
C PRO A 53 -7.80 -12.81 -10.77
N LEU A 54 -7.86 -13.73 -11.75
CA LEU A 54 -6.71 -14.26 -12.45
C LEU A 54 -6.90 -13.86 -13.92
N PHE A 55 -5.83 -13.47 -14.62
CA PHE A 55 -5.85 -13.40 -16.08
C PHE A 55 -4.44 -13.48 -16.64
N ALA A 56 -4.31 -13.94 -17.88
CA ALA A 56 -3.11 -13.78 -18.68
C ALA A 56 -3.27 -12.55 -19.56
N MET A 57 -2.27 -11.66 -19.63
CA MET A 57 -2.19 -10.65 -20.67
C MET A 57 -0.72 -10.40 -21.04
N LYS A 58 -0.52 -9.77 -22.18
CA LYS A 58 0.79 -9.39 -22.70
C LYS A 58 1.29 -8.21 -21.88
N GLY A 59 2.60 -8.11 -21.65
CA GLY A 59 3.17 -7.11 -20.76
C GLY A 59 2.79 -5.69 -21.17
N LYS A 60 3.27 -5.24 -22.33
CA LYS A 60 3.04 -3.89 -22.85
C LYS A 60 1.64 -3.84 -23.43
N LYS A 61 0.66 -3.76 -22.53
CA LYS A 61 -0.77 -3.63 -22.75
C LYS A 61 -1.31 -2.91 -21.52
N GLU A 62 -2.62 -2.77 -21.40
CA GLU A 62 -3.30 -2.49 -20.15
C GLU A 62 -4.25 -3.67 -19.92
N ASN A 63 -4.45 -4.10 -18.67
CA ASN A 63 -5.56 -4.96 -18.31
C ASN A 63 -5.99 -4.62 -16.89
N THR A 64 -6.98 -3.75 -16.75
CA THR A 64 -7.36 -3.22 -15.46
C THR A 64 -8.11 -4.31 -14.67
N LEU A 65 -7.89 -4.33 -13.36
CA LEU A 65 -8.62 -5.11 -12.37
C LEU A 65 -9.73 -4.21 -11.85
N ARG A 66 -10.96 -4.72 -11.71
CA ARG A 66 -12.04 -4.08 -10.98
C ARG A 66 -11.98 -4.67 -9.58
N ILE A 67 -11.96 -3.82 -8.56
CA ILE A 67 -11.78 -4.16 -7.16
C ILE A 67 -13.03 -3.64 -6.48
N LEU A 68 -13.82 -4.50 -5.83
CA LEU A 68 -15.05 -4.07 -5.17
C LEU A 68 -15.07 -4.46 -3.70
N ASP A 69 -15.68 -3.56 -2.92
CA ASP A 69 -16.07 -3.75 -1.53
C ASP A 69 -16.98 -4.96 -1.45
N ALA A 70 -16.56 -5.91 -0.63
CA ALA A 70 -17.26 -7.13 -0.30
C ALA A 70 -17.28 -7.32 1.22
N THR A 71 -17.12 -6.23 1.98
CA THR A 71 -16.93 -6.21 3.42
C THR A 71 -18.25 -6.62 4.11
N ASN A 72 -19.12 -5.67 4.43
CA ASN A 72 -20.42 -5.81 5.08
C ASN A 72 -20.38 -6.69 6.34
N ASN A 73 -19.19 -6.79 6.96
CA ASN A 73 -18.84 -7.72 8.04
C ASN A 73 -18.94 -7.02 9.40
N GLN A 74 -19.97 -6.20 9.56
CA GLN A 74 -20.17 -5.26 10.66
C GLN A 74 -18.93 -4.42 10.97
N LEU A 75 -18.22 -3.95 9.93
CA LEU A 75 -17.03 -3.12 10.06
C LEU A 75 -17.32 -1.98 11.05
N PRO A 76 -16.46 -1.75 12.05
CA PRO A 76 -16.69 -0.75 13.08
C PRO A 76 -16.62 0.66 12.49
N GLN A 77 -17.41 1.56 13.07
CA GLN A 77 -17.44 2.96 12.68
C GLN A 77 -16.27 3.74 13.31
N ASP A 78 -15.72 3.28 14.44
CA ASP A 78 -14.82 4.10 15.26
C ASP A 78 -13.38 4.08 14.75
N ARG A 79 -13.04 3.11 13.90
CA ARG A 79 -11.70 2.90 13.37
C ARG A 79 -11.77 1.97 12.18
N GLU A 80 -10.78 2.06 11.30
CA GLU A 80 -10.91 1.56 9.94
C GLU A 80 -10.18 0.22 9.77
N SER A 81 -9.99 -0.20 8.52
CA SER A 81 -9.22 -1.37 8.13
C SER A 81 -8.14 -0.97 7.12
N LEU A 82 -7.18 -1.86 6.88
CA LEU A 82 -6.16 -1.75 5.85
C LEU A 82 -6.13 -3.13 5.19
N PHE A 83 -5.88 -3.17 3.89
CA PHE A 83 -5.64 -4.38 3.15
C PHE A 83 -4.32 -4.25 2.38
N TRP A 84 -3.79 -5.40 1.96
CA TRP A 84 -2.75 -5.54 0.98
C TRP A 84 -3.44 -6.09 -0.26
N MET A 85 -2.83 -5.85 -1.42
CA MET A 85 -3.22 -6.46 -2.68
C MET A 85 -1.94 -6.98 -3.28
N ASN A 86 -1.66 -8.27 -3.11
CA ASN A 86 -0.53 -8.90 -3.76
C ASN A 86 -0.96 -9.29 -5.16
N VAL A 87 -0.03 -9.23 -6.10
CA VAL A 87 -0.28 -9.69 -7.44
C VAL A 87 0.93 -10.52 -7.85
N LYS A 88 0.77 -11.83 -7.89
CA LYS A 88 1.77 -12.71 -8.49
C LYS A 88 1.66 -12.52 -10.00
N ALA A 89 2.73 -12.10 -10.67
CA ALA A 89 2.80 -12.05 -12.13
C ALA A 89 3.70 -13.19 -12.59
N ILE A 90 3.14 -14.35 -12.94
CA ILE A 90 3.90 -15.51 -13.36
C ILE A 90 4.22 -15.34 -14.85
N PRO A 91 5.48 -15.50 -15.31
CA PRO A 91 5.80 -15.39 -16.73
C PRO A 91 5.23 -16.59 -17.48
N SER A 92 4.32 -16.33 -18.41
CA SER A 92 3.63 -17.31 -19.22
C SER A 92 3.67 -16.81 -20.66
N MET A 93 4.85 -16.89 -21.27
CA MET A 93 5.09 -16.62 -22.68
C MET A 93 5.74 -17.87 -23.26
N ASP A 94 4.91 -18.78 -23.74
CA ASP A 94 5.34 -20.03 -24.32
C ASP A 94 6.18 -19.74 -25.56
N LYS A 95 7.14 -20.62 -25.84
CA LYS A 95 8.12 -20.46 -26.91
C LYS A 95 8.72 -19.03 -26.90
N SER A 96 9.16 -18.55 -25.74
CA SER A 96 10.04 -17.40 -25.60
C SER A 96 10.95 -17.71 -24.43
N LYS A 97 11.91 -18.57 -24.72
CA LYS A 97 13.11 -18.77 -23.91
C LYS A 97 14.33 -18.35 -24.74
N LEU A 98 14.55 -19.03 -25.88
CA LEU A 98 15.74 -18.92 -26.72
C LEU A 98 17.00 -18.94 -25.85
N THR A 99 17.21 -20.08 -25.18
CA THR A 99 18.31 -20.40 -24.27
C THR A 99 18.77 -19.16 -23.48
N GLU A 100 17.86 -18.65 -22.65
CA GLU A 100 18.06 -17.49 -21.82
C GLU A 100 17.32 -17.78 -20.50
N ASN A 101 17.78 -17.18 -19.41
CA ASN A 101 17.45 -17.66 -18.07
C ASN A 101 17.40 -16.55 -17.02
N THR A 102 17.17 -15.31 -17.47
CA THR A 102 17.43 -14.11 -16.67
C THR A 102 16.13 -13.28 -16.57
N LEU A 103 14.99 -13.98 -16.53
CA LEU A 103 13.66 -13.46 -16.23
C LEU A 103 13.46 -13.71 -14.74
N GLN A 104 13.02 -12.71 -13.98
CA GLN A 104 13.01 -12.80 -12.52
C GLN A 104 12.08 -13.90 -11.97
N LEU A 105 11.06 -14.29 -12.74
CA LEU A 105 10.04 -15.30 -12.49
C LEU A 105 9.16 -15.03 -11.26
N ALA A 106 7.94 -15.59 -11.30
CA ALA A 106 6.89 -15.50 -10.28
C ALA A 106 6.94 -14.14 -9.59
N ILE A 107 6.70 -13.07 -10.37
CA ILE A 107 7.08 -11.72 -10.06
C ILE A 107 5.97 -11.20 -9.18
N ILE A 108 6.08 -11.49 -7.88
CA ILE A 108 5.12 -11.04 -6.89
C ILE A 108 5.36 -9.56 -6.71
N SER A 109 4.38 -8.76 -7.09
CA SER A 109 4.31 -7.35 -6.79
C SER A 109 3.29 -7.19 -5.66
N ARG A 110 3.19 -5.96 -5.18
CA ARG A 110 2.40 -5.64 -4.01
C ARG A 110 1.85 -4.23 -4.13
N ILE A 111 0.70 -4.03 -3.50
CA ILE A 111 0.03 -2.77 -3.33
C ILE A 111 -0.44 -2.71 -1.87
N LYS A 112 -0.71 -1.51 -1.40
CA LYS A 112 -1.35 -1.24 -0.12
C LYS A 112 -2.73 -0.68 -0.48
N LEU A 113 -3.81 -1.34 -0.03
CA LEU A 113 -5.18 -0.99 -0.35
C LEU A 113 -5.82 -0.40 0.90
N TYR A 114 -6.06 0.90 0.88
CA TYR A 114 -6.55 1.63 2.04
C TYR A 114 -8.07 1.68 1.94
N TYR A 115 -8.74 0.73 2.60
CA TYR A 115 -10.19 0.77 2.69
C TYR A 115 -10.54 1.88 3.67
N ARG A 116 -11.04 3.01 3.18
CA ARG A 116 -11.49 4.11 4.02
C ARG A 116 -12.90 4.50 3.64
N PRO A 117 -13.94 3.82 4.16
CA PRO A 117 -15.31 4.33 4.17
C PRO A 117 -15.45 5.68 4.91
N ALA A 118 -14.39 6.19 5.52
CA ALA A 118 -14.16 7.59 5.88
C ALA A 118 -15.26 8.24 6.72
N LYS A 119 -15.86 7.52 7.66
CA LYS A 119 -16.82 8.10 8.61
C LYS A 119 -16.11 8.72 9.83
N LEU A 120 -14.78 8.87 9.75
CA LEU A 120 -13.89 9.32 10.80
C LEU A 120 -13.62 10.82 10.62
N ALA A 121 -14.18 11.64 11.50
CA ALA A 121 -14.00 13.09 11.57
C ALA A 121 -12.63 13.50 12.13
N LEU A 122 -11.67 12.57 12.22
CA LEU A 122 -10.28 12.87 12.45
C LEU A 122 -9.84 13.75 11.27
N PRO A 123 -9.21 14.91 11.52
CA PRO A 123 -8.84 15.88 10.50
C PRO A 123 -7.69 15.35 9.62
N PRO A 124 -7.90 15.07 8.32
CA PRO A 124 -7.01 14.24 7.53
C PRO A 124 -5.68 14.93 7.19
N ASP A 125 -5.67 16.26 7.06
CA ASP A 125 -4.44 17.03 6.82
C ASP A 125 -3.64 17.18 8.11
N GLN A 126 -4.34 17.23 9.25
CA GLN A 126 -3.72 17.28 10.56
C GLN A 126 -3.34 15.88 11.04
N ALA A 127 -3.70 14.81 10.31
CA ALA A 127 -3.46 13.44 10.74
C ALA A 127 -1.97 13.21 11.03
N ALA A 128 -1.11 13.65 10.11
CA ALA A 128 0.34 13.55 10.26
C ALA A 128 0.90 14.53 11.29
N GLU A 129 0.05 15.43 11.79
CA GLU A 129 0.34 16.43 12.80
C GLU A 129 -0.39 16.07 14.10
N LYS A 130 -0.98 14.87 14.18
CA LYS A 130 -1.52 14.26 15.39
C LYS A 130 -1.17 12.76 15.48
N LEU A 131 -0.11 12.34 14.80
CA LEU A 131 0.57 11.10 15.16
C LEU A 131 1.79 11.48 15.99
N ARG A 132 2.23 10.55 16.82
CA ARG A 132 3.44 10.65 17.63
C ARG A 132 4.47 9.79 16.93
N PHE A 133 5.77 10.02 17.15
CA PHE A 133 6.84 9.13 16.68
C PHE A 133 7.82 8.97 17.85
N ARG A 134 8.62 7.91 17.82
CA ARG A 134 9.65 7.65 18.82
C ARG A 134 10.89 7.27 18.05
N ARG A 135 11.87 8.16 17.95
CA ARG A 135 13.17 7.78 17.43
C ARG A 135 13.97 7.20 18.60
N SER A 136 14.83 6.23 18.31
CA SER A 136 15.95 5.87 19.13
C SER A 136 17.14 5.70 18.20
N ALA A 137 18.34 5.59 18.77
CA ALA A 137 19.61 5.67 18.07
C ALA A 137 19.89 4.51 17.10
N ASN A 138 18.95 3.57 16.94
CA ASN A 138 19.01 2.47 15.99
C ASN A 138 17.77 2.39 15.10
N SER A 139 16.65 3.01 15.46
CA SER A 139 15.40 2.86 14.73
C SER A 139 14.48 4.05 14.97
N LEU A 140 13.90 4.63 13.92
CA LEU A 140 12.71 5.48 14.06
C LEU A 140 11.53 4.52 14.15
N THR A 141 10.67 4.67 15.15
CA THR A 141 9.49 3.85 15.28
C THR A 141 8.37 4.84 14.94
N LEU A 142 7.55 4.48 13.96
CA LEU A 142 6.35 5.21 13.64
C LEU A 142 5.25 4.64 14.53
N ILE A 143 4.38 5.48 15.07
CA ILE A 143 3.35 5.12 16.03
C ILE A 143 2.04 5.62 15.40
N ASN A 144 1.09 4.72 15.18
CA ASN A 144 -0.19 5.08 14.57
C ASN A 144 -1.35 4.34 15.26
N PRO A 145 -1.65 4.66 16.53
CA PRO A 145 -2.78 4.10 17.27
C PRO A 145 -4.13 4.72 16.87
N THR A 146 -4.10 5.61 15.89
CA THR A 146 -5.21 6.43 15.47
C THR A 146 -6.23 5.55 14.72
N PRO A 147 -7.49 6.00 14.63
CA PRO A 147 -8.53 5.24 13.95
C PRO A 147 -8.36 5.27 12.43
N TYR A 148 -7.52 6.17 11.95
CA TYR A 148 -7.28 6.57 10.58
C TYR A 148 -5.74 6.71 10.46
N TYR A 149 -5.22 6.75 9.23
CA TYR A 149 -3.79 6.67 8.98
C TYR A 149 -3.38 7.64 7.88
N LEU A 150 -2.07 7.78 7.71
CA LEU A 150 -1.42 8.61 6.71
C LEU A 150 -0.10 7.91 6.40
N THR A 151 0.09 7.46 5.17
CA THR A 151 1.35 6.82 4.81
C THR A 151 2.40 7.92 4.67
N VAL A 152 3.64 7.62 5.07
CA VAL A 152 4.72 8.58 5.24
C VAL A 152 5.84 8.13 4.30
N THR A 153 6.29 9.01 3.41
CA THR A 153 7.15 8.63 2.30
C THR A 153 8.30 9.62 2.18
N GLU A 154 9.54 9.11 2.24
CA GLU A 154 10.76 9.92 2.15
C GLU A 154 10.77 10.85 3.36
N LEU A 155 10.87 10.26 4.55
CA LEU A 155 10.91 11.00 5.79
C LEU A 155 12.28 11.67 5.93
N ASN A 156 12.38 12.72 6.75
CA ASN A 156 13.60 13.45 7.00
C ASN A 156 13.60 13.66 8.51
N ALA A 157 14.68 13.24 9.17
CA ALA A 157 14.84 13.29 10.61
C ALA A 157 16.19 13.89 10.93
N GLY A 158 16.18 14.97 11.70
CA GLY A 158 17.26 15.91 11.80
C GLY A 158 17.71 16.33 10.41
N THR A 159 18.99 16.12 10.13
CA THR A 159 19.63 16.43 8.86
C THR A 159 19.84 15.14 8.03
N ARG A 160 19.21 14.02 8.39
CA ARG A 160 19.26 12.76 7.63
C ARG A 160 17.94 12.51 6.91
N VAL A 161 17.97 11.95 5.70
CA VAL A 161 16.81 11.31 5.05
C VAL A 161 16.58 9.95 5.70
N LEU A 162 15.35 9.46 5.61
CA LEU A 162 14.88 8.12 5.95
C LEU A 162 14.16 7.48 4.75
N GLU A 163 13.94 6.18 4.81
CA GLU A 163 13.20 5.40 3.82
C GLU A 163 11.70 5.76 3.85
N ASN A 164 10.96 5.34 2.82
CA ASN A 164 9.51 5.17 2.85
C ASN A 164 9.10 4.33 4.06
N ALA A 165 7.86 4.52 4.54
CA ALA A 165 7.27 3.79 5.65
C ALA A 165 5.78 3.52 5.36
N LEU A 166 5.16 2.63 6.13
CA LEU A 166 3.72 2.39 6.16
C LEU A 166 3.20 2.47 7.60
N VAL A 167 1.88 2.59 7.74
CA VAL A 167 1.14 2.80 8.96
C VAL A 167 0.17 1.61 9.12
N PRO A 168 0.43 0.62 10.00
CA PRO A 168 -0.52 -0.44 10.26
C PRO A 168 -1.73 0.16 11.01
N PRO A 169 -2.91 -0.48 10.92
CA PRO A 169 -4.09 -0.01 11.61
C PRO A 169 -3.93 -0.20 13.11
N MET A 170 -3.88 0.91 13.83
CA MET A 170 -3.73 0.95 15.28
C MET A 170 -2.50 0.13 15.72
N GLY A 171 -1.33 0.49 15.20
CA GLY A 171 -0.08 -0.22 15.48
C GLY A 171 1.14 0.67 15.23
N GLU A 172 2.33 0.08 15.30
CA GLU A 172 3.60 0.77 15.11
C GLU A 172 4.32 0.14 13.92
N SER A 173 5.14 0.94 13.23
CA SER A 173 6.13 0.47 12.26
C SER A 173 7.52 0.84 12.75
N THR A 174 8.54 0.33 12.07
CA THR A 174 9.91 0.69 12.37
C THR A 174 10.66 0.90 11.06
N VAL A 175 11.58 1.85 11.06
CA VAL A 175 12.55 2.15 10.02
C VAL A 175 13.88 2.43 10.72
N LYS A 176 14.99 2.46 9.98
CA LYS A 176 16.30 2.81 10.54
C LYS A 176 16.30 4.17 11.22
N LEU A 177 17.36 4.44 11.98
CA LEU A 177 17.76 5.78 12.41
C LEU A 177 19.28 5.77 12.34
N PRO A 178 19.96 6.88 12.01
CA PRO A 178 21.36 7.02 12.38
C PRO A 178 21.43 7.10 13.90
N SER A 179 22.61 7.03 14.49
CA SER A 179 22.77 7.23 15.93
C SER A 179 22.78 8.72 16.28
N ASP A 180 22.09 9.58 15.51
CA ASP A 180 22.25 11.02 15.61
C ASP A 180 20.88 11.72 15.59
N ALA A 181 20.27 11.82 14.40
CA ALA A 181 18.94 12.38 14.10
C ALA A 181 18.54 13.56 15.00
N GLY A 182 18.73 14.81 14.54
CA GLY A 182 18.21 15.95 15.27
C GLY A 182 16.68 15.93 15.38
N SER A 183 16.15 16.86 16.17
CA SER A 183 14.77 16.81 16.64
C SER A 183 13.80 17.61 15.76
N ASN A 184 14.24 18.00 14.58
CA ASN A 184 13.37 18.40 13.47
C ASN A 184 13.01 17.13 12.72
N ILE A 185 11.73 16.78 12.58
CA ILE A 185 11.28 15.73 11.69
C ILE A 185 10.30 16.38 10.73
N THR A 186 10.36 15.95 9.48
CA THR A 186 9.51 16.41 8.39
C THR A 186 9.35 15.23 7.44
N TYR A 187 8.38 15.24 6.55
CA TYR A 187 8.11 14.11 5.66
C TYR A 187 7.13 14.50 4.58
N ARG A 188 7.09 13.79 3.44
CA ARG A 188 5.90 13.82 2.59
C ARG A 188 4.97 12.72 3.10
N THR A 189 3.70 12.83 2.79
CA THR A 189 2.71 11.80 3.06
C THR A 189 1.93 11.55 1.77
N ILE A 190 1.17 10.46 1.72
CA ILE A 190 0.25 10.21 0.62
C ILE A 190 -1.12 10.74 1.08
N ASN A 191 -1.82 11.46 0.20
CA ASN A 191 -3.21 11.85 0.31
C ASN A 191 -4.09 10.63 0.04
N ASP A 192 -5.41 10.79 0.14
CA ASP A 192 -6.37 9.71 -0.13
C ASP A 192 -6.68 9.52 -1.61
N TYR A 193 -6.16 10.42 -2.42
CA TYR A 193 -6.24 10.33 -3.87
C TYR A 193 -4.98 9.74 -4.50
N GLY A 194 -4.01 9.30 -3.69
CA GLY A 194 -2.72 8.79 -4.18
C GLY A 194 -1.77 9.90 -4.63
N ALA A 195 -2.14 11.16 -4.34
CA ALA A 195 -1.26 12.29 -4.53
C ALA A 195 -0.35 12.36 -3.30
N LEU A 196 0.75 13.10 -3.42
CA LEU A 196 1.84 13.20 -2.53
C LEU A 196 1.83 14.62 -1.99
N THR A 197 1.67 14.78 -0.68
CA THR A 197 1.65 16.06 0.00
C THR A 197 3.01 16.75 -0.11
N PRO A 198 3.15 18.05 0.21
CA PRO A 198 4.46 18.65 0.39
C PRO A 198 5.25 17.96 1.51
N LYS A 199 6.54 18.28 1.62
CA LYS A 199 7.39 17.95 2.75
C LYS A 199 6.87 18.76 3.93
N MET A 200 5.88 18.25 4.63
CA MET A 200 5.24 18.93 5.73
C MET A 200 6.11 18.66 6.95
N THR A 201 6.08 19.59 7.90
CA THR A 201 6.77 19.39 9.15
C THR A 201 6.08 18.31 9.97
N GLY A 202 6.78 17.79 10.96
CA GLY A 202 6.43 16.53 11.56
C GLY A 202 6.64 16.46 13.05
N VAL A 203 6.22 15.34 13.63
CA VAL A 203 5.98 15.21 15.06
C VAL A 203 6.71 13.99 15.59
N MET A 204 7.48 14.16 16.66
CA MET A 204 7.99 13.13 17.53
C MET A 204 7.72 13.56 18.97
N GLU A 205 7.63 12.57 19.85
CA GLU A 205 7.46 12.71 21.30
C GLU A 205 6.34 13.68 21.67
N GLY A 1 9.01 -7.19 -13.23
CA GLY A 1 8.46 -6.19 -12.30
C GLY A 1 6.95 -6.14 -12.33
N VAL A 2 6.33 -5.85 -13.48
CA VAL A 2 5.03 -5.15 -13.53
C VAL A 2 5.22 -3.74 -12.92
N ALA A 3 4.27 -2.83 -13.11
CA ALA A 3 4.20 -1.61 -12.28
C ALA A 3 2.82 -1.39 -11.67
N LEU A 4 1.81 -2.15 -12.13
CA LEU A 4 0.41 -1.98 -11.81
C LEU A 4 -0.08 -0.59 -12.28
N GLY A 5 -1.41 -0.41 -12.29
CA GLY A 5 -2.03 0.82 -12.77
C GLY A 5 -1.58 2.04 -11.99
N ALA A 6 -1.33 1.86 -10.71
CA ALA A 6 -0.72 2.79 -9.78
C ALA A 6 -0.05 1.92 -8.72
N THR A 7 0.82 2.49 -7.89
CA THR A 7 1.47 1.73 -6.83
C THR A 7 0.55 1.64 -5.59
N ARG A 8 -0.58 2.35 -5.59
CA ARG A 8 -1.59 2.26 -4.54
C ARG A 8 -2.94 2.72 -5.04
N VAL A 9 -4.02 2.37 -4.34
CA VAL A 9 -5.40 2.62 -4.72
C VAL A 9 -6.21 2.91 -3.45
N ILE A 10 -7.33 3.61 -3.57
CA ILE A 10 -8.31 3.82 -2.51
C ILE A 10 -9.62 3.22 -2.98
N TYR A 11 -10.38 2.67 -2.05
CA TYR A 11 -11.68 2.08 -2.28
C TYR A 11 -12.68 2.78 -1.36
N PRO A 12 -13.49 3.73 -1.85
CA PRO A 12 -14.63 4.24 -1.11
C PRO A 12 -15.67 3.11 -0.92
N ALA A 13 -16.32 3.07 0.24
CA ALA A 13 -17.28 2.03 0.59
C ALA A 13 -18.43 1.98 -0.42
N GLY A 14 -18.52 0.88 -1.17
CA GLY A 14 -19.62 0.64 -2.08
C GLY A 14 -19.62 1.56 -3.30
N GLN A 15 -18.45 1.94 -3.82
CA GLN A 15 -18.24 2.81 -4.99
C GLN A 15 -18.64 2.11 -6.33
N LYS A 16 -19.79 1.43 -6.38
CA LYS A 16 -20.40 0.82 -7.57
C LYS A 16 -19.48 -0.16 -8.32
N GLN A 17 -18.57 -0.83 -7.61
CA GLN A 17 -17.41 -1.57 -8.14
C GLN A 17 -16.39 -0.55 -8.65
N GLU A 18 -15.13 -0.74 -8.31
CA GLU A 18 -14.05 0.17 -8.65
C GLU A 18 -12.99 -0.63 -9.40
N GLN A 19 -12.05 0.06 -10.03
CA GLN A 19 -11.17 -0.49 -11.02
C GLN A 19 -9.74 -0.02 -10.84
N LEU A 20 -8.82 -0.89 -11.22
CA LEU A 20 -7.38 -0.72 -11.09
C LEU A 20 -6.77 -1.20 -12.39
N ALA A 21 -6.03 -0.35 -13.09
CA ALA A 21 -5.26 -0.81 -14.25
C ALA A 21 -4.14 -1.76 -13.82
N VAL A 22 -3.55 -2.46 -14.78
CA VAL A 22 -2.23 -3.05 -14.64
C VAL A 22 -1.44 -2.45 -15.79
N THR A 23 -0.14 -2.21 -15.60
CA THR A 23 0.78 -1.93 -16.70
C THR A 23 2.00 -2.83 -16.49
N ASN A 24 2.80 -3.05 -17.55
CA ASN A 24 4.09 -3.75 -17.47
C ASN A 24 5.17 -3.03 -18.25
N ASN A 25 6.43 -3.22 -17.85
CA ASN A 25 7.57 -2.54 -18.44
C ASN A 25 8.04 -3.25 -19.71
N ASP A 26 8.21 -4.57 -19.65
CA ASP A 26 8.52 -5.38 -20.82
C ASP A 26 7.30 -5.42 -21.74
N GLU A 27 7.55 -5.52 -23.04
CA GLU A 27 6.55 -5.46 -24.10
C GLU A 27 6.38 -6.78 -24.84
N ASN A 28 7.00 -7.84 -24.34
CA ASN A 28 7.20 -9.10 -25.03
C ASN A 28 6.36 -10.20 -24.40
N SER A 29 6.67 -10.51 -23.15
CA SER A 29 6.11 -11.64 -22.41
C SER A 29 4.61 -11.49 -22.17
N THR A 30 4.00 -12.60 -21.78
CA THR A 30 2.68 -12.66 -21.19
C THR A 30 2.91 -12.94 -19.71
N TYR A 31 2.17 -12.26 -18.85
CA TYR A 31 2.20 -12.44 -17.41
C TYR A 31 0.85 -13.01 -17.00
N LEU A 32 0.83 -13.73 -15.88
CA LEU A 32 -0.35 -14.22 -15.20
C LEU A 32 -0.43 -13.32 -13.96
N ILE A 33 -1.30 -12.29 -13.97
CA ILE A 33 -1.62 -11.53 -12.76
C ILE A 33 -2.56 -12.40 -11.94
N GLN A 34 -2.39 -12.39 -10.63
CA GLN A 34 -3.17 -13.14 -9.67
C GLN A 34 -3.36 -12.19 -8.48
N SER A 35 -4.38 -11.33 -8.56
CA SER A 35 -4.74 -10.37 -7.53
C SER A 35 -5.46 -11.11 -6.41
N TRP A 36 -5.27 -10.58 -5.20
CA TRP A 36 -5.92 -11.00 -3.99
C TRP A 36 -5.86 -9.85 -3.00
N VAL A 37 -6.65 -9.93 -1.93
CA VAL A 37 -6.75 -8.86 -0.94
C VAL A 37 -6.49 -9.45 0.42
N GLU A 38 -5.45 -8.95 1.06
CA GLU A 38 -5.02 -9.42 2.35
C GLU A 38 -4.83 -8.19 3.23
N ASN A 39 -4.90 -8.43 4.54
CA ASN A 39 -4.44 -7.54 5.58
C ASN A 39 -2.98 -7.20 5.29
N ALA A 40 -2.50 -6.07 5.81
CA ALA A 40 -1.13 -5.62 5.66
C ALA A 40 -0.11 -6.68 6.07
N ASP A 41 -0.50 -7.61 6.94
CA ASP A 41 0.37 -8.66 7.49
C ASP A 41 0.47 -9.85 6.55
N GLY A 42 -0.29 -9.85 5.45
CA GLY A 42 -0.42 -10.97 4.52
C GLY A 42 -1.46 -11.99 5.00
N VAL A 43 -2.31 -11.65 5.96
CA VAL A 43 -3.44 -12.52 6.33
C VAL A 43 -4.60 -12.24 5.38
N LYS A 44 -5.33 -13.23 4.88
CA LYS A 44 -6.53 -12.96 4.09
C LYS A 44 -7.62 -12.73 5.10
N ASP A 45 -7.97 -11.48 5.30
CA ASP A 45 -9.25 -11.13 5.86
C ASP A 45 -9.65 -9.83 5.17
N GLY A 46 -9.61 -9.86 3.84
CA GLY A 46 -9.99 -8.73 3.00
C GLY A 46 -11.48 -8.60 2.91
N ARG A 47 -12.10 -9.76 2.77
CA ARG A 47 -13.47 -10.00 2.33
C ARG A 47 -13.84 -9.17 1.10
N PHE A 48 -12.84 -8.70 0.37
CA PHE A 48 -13.01 -8.17 -0.97
C PHE A 48 -13.05 -9.38 -1.90
N ILE A 49 -13.63 -9.22 -3.08
CA ILE A 49 -13.37 -10.08 -4.22
C ILE A 49 -12.89 -9.18 -5.36
N VAL A 50 -12.23 -9.78 -6.33
CA VAL A 50 -11.71 -9.12 -7.52
C VAL A 50 -12.11 -10.03 -8.68
N THR A 51 -12.38 -9.43 -9.83
CA THR A 51 -12.75 -10.16 -11.03
C THR A 51 -12.09 -9.46 -12.23
N PRO A 52 -11.50 -10.22 -13.18
CA PRO A 52 -11.05 -11.59 -12.98
C PRO A 52 -10.01 -11.57 -11.85
N PRO A 53 -10.05 -12.50 -10.89
CA PRO A 53 -9.12 -12.49 -9.77
C PRO A 53 -7.70 -12.73 -10.27
N LEU A 54 -7.57 -13.66 -11.21
CA LEU A 54 -6.36 -13.93 -11.95
C LEU A 54 -6.70 -13.86 -13.43
N PHE A 55 -5.75 -13.46 -14.25
CA PHE A 55 -5.84 -13.49 -15.70
C PHE A 55 -4.44 -13.48 -16.27
N ALA A 56 -4.27 -13.99 -17.49
CA ALA A 56 -3.10 -13.69 -18.28
C ALA A 56 -3.29 -12.31 -18.95
N MET A 57 -2.21 -11.58 -19.14
CA MET A 57 -2.12 -10.28 -19.79
C MET A 57 -0.83 -10.28 -20.62
N LYS A 58 -0.69 -9.35 -21.56
CA LYS A 58 0.49 -9.20 -22.41
C LYS A 58 1.27 -7.98 -21.91
N GLY A 59 2.58 -7.94 -22.14
CA GLY A 59 3.51 -6.94 -21.64
C GLY A 59 3.01 -5.50 -21.78
N LYS A 60 3.29 -4.86 -22.92
CA LYS A 60 2.89 -3.47 -23.14
C LYS A 60 1.41 -3.48 -23.49
N LYS A 61 0.58 -3.57 -22.46
CA LYS A 61 -0.86 -3.51 -22.51
C LYS A 61 -1.31 -2.93 -21.18
N GLU A 62 -2.60 -2.74 -21.05
CA GLU A 62 -3.29 -2.54 -19.79
C GLU A 62 -4.38 -3.60 -19.71
N ASN A 63 -4.49 -4.28 -18.58
CA ASN A 63 -5.58 -5.19 -18.29
C ASN A 63 -6.13 -4.79 -16.94
N THR A 64 -7.17 -3.96 -16.97
CA THR A 64 -7.72 -3.39 -15.76
C THR A 64 -8.58 -4.45 -15.06
N LEU A 65 -8.54 -4.45 -13.72
CA LEU A 65 -9.28 -5.32 -12.82
C LEU A 65 -10.60 -4.64 -12.47
N ARG A 66 -11.54 -5.39 -11.90
CA ARG A 66 -12.68 -4.87 -11.17
C ARG A 66 -12.60 -5.41 -9.76
N ILE A 67 -12.59 -4.53 -8.78
CA ILE A 67 -12.48 -4.82 -7.37
C ILE A 67 -13.85 -4.46 -6.81
N LEU A 68 -14.47 -5.36 -6.05
CA LEU A 68 -15.86 -5.19 -5.61
C LEU A 68 -16.03 -5.65 -4.18
N ASP A 69 -16.99 -5.02 -3.48
CA ASP A 69 -17.27 -5.35 -2.10
C ASP A 69 -17.85 -6.75 -2.01
N ALA A 70 -17.35 -7.55 -1.07
CA ALA A 70 -17.97 -8.79 -0.65
C ALA A 70 -17.97 -8.92 0.88
N THR A 71 -17.69 -7.83 1.61
CA THR A 71 -17.77 -7.80 3.06
C THR A 71 -19.26 -7.94 3.41
N ASN A 72 -20.03 -6.89 3.12
CA ASN A 72 -21.45 -6.77 3.39
C ASN A 72 -21.73 -7.05 4.87
N ASN A 73 -20.81 -6.61 5.73
CA ASN A 73 -20.73 -6.94 7.13
C ASN A 73 -20.32 -5.73 7.98
N GLN A 74 -21.16 -4.69 7.98
CA GLN A 74 -21.18 -3.66 9.02
C GLN A 74 -19.80 -3.11 9.38
N LEU A 75 -18.99 -2.75 8.38
CA LEU A 75 -17.59 -2.36 8.60
C LEU A 75 -17.55 -1.15 9.55
N PRO A 76 -16.84 -1.24 10.69
CA PRO A 76 -16.95 -0.27 11.78
C PRO A 76 -16.46 1.11 11.34
N GLN A 77 -17.39 2.05 11.21
CA GLN A 77 -17.17 3.38 10.66
C GLN A 77 -16.40 4.27 11.65
N ASP A 78 -16.08 3.74 12.82
CA ASP A 78 -15.30 4.37 13.87
C ASP A 78 -13.79 4.22 13.60
N ARG A 79 -13.41 3.37 12.65
CA ARG A 79 -12.04 3.16 12.21
C ARG A 79 -11.99 2.91 10.71
N GLU A 80 -10.80 2.79 10.15
CA GLU A 80 -10.61 2.55 8.73
C GLU A 80 -10.21 1.06 8.54
N SER A 81 -9.73 0.69 7.35
CA SER A 81 -9.34 -0.67 6.99
C SER A 81 -8.23 -0.56 5.94
N LEU A 82 -7.01 -0.94 6.32
CA LEU A 82 -5.90 -1.06 5.40
C LEU A 82 -5.84 -2.50 4.90
N PHE A 83 -5.69 -2.67 3.59
CA PHE A 83 -5.31 -3.92 2.98
C PHE A 83 -4.08 -3.69 2.11
N TRP A 84 -3.35 -4.76 1.83
CA TRP A 84 -2.36 -4.80 0.78
C TRP A 84 -3.00 -5.71 -0.27
N MET A 85 -3.37 -5.12 -1.40
CA MET A 85 -3.87 -5.88 -2.54
C MET A 85 -2.62 -6.55 -3.13
N ASN A 86 -2.40 -7.80 -2.77
CA ASN A 86 -1.19 -8.52 -3.16
C ASN A 86 -1.46 -9.06 -4.56
N VAL A 87 -0.48 -8.94 -5.45
CA VAL A 87 -0.60 -9.35 -6.84
C VAL A 87 0.63 -10.19 -7.16
N LYS A 88 0.46 -11.51 -7.14
CA LYS A 88 1.48 -12.41 -7.67
C LYS A 88 1.38 -12.26 -9.19
N ALA A 89 2.44 -11.81 -9.84
CA ALA A 89 2.55 -11.70 -11.28
C ALA A 89 3.61 -12.69 -11.74
N ILE A 90 3.23 -13.74 -12.48
CA ILE A 90 4.15 -14.71 -13.03
C ILE A 90 4.40 -14.35 -14.50
N PRO A 91 5.57 -13.84 -14.91
CA PRO A 91 5.96 -13.84 -16.31
C PRO A 91 6.08 -15.29 -16.78
N SER A 92 5.13 -15.74 -17.59
CA SER A 92 5.06 -17.06 -18.21
C SER A 92 3.95 -16.99 -19.24
N MET A 93 4.32 -16.96 -20.51
CA MET A 93 3.36 -17.19 -21.59
C MET A 93 3.05 -18.69 -21.63
N ASP A 94 2.22 -19.18 -20.72
CA ASP A 94 1.71 -20.53 -20.78
C ASP A 94 0.51 -20.50 -21.75
N LYS A 95 0.16 -21.68 -22.27
CA LYS A 95 -1.12 -22.08 -22.89
C LYS A 95 -1.00 -23.57 -23.27
N SER A 96 -0.24 -24.33 -22.46
CA SER A 96 0.18 -25.70 -22.72
C SER A 96 1.08 -25.67 -23.97
N LYS A 97 2.11 -24.81 -23.95
CA LYS A 97 2.91 -24.52 -25.15
C LYS A 97 4.28 -25.17 -25.00
N LEU A 98 4.28 -26.48 -24.70
CA LEU A 98 5.37 -27.24 -24.09
C LEU A 98 6.12 -26.33 -23.10
N THR A 99 5.39 -25.92 -22.07
CA THR A 99 5.78 -24.94 -21.09
C THR A 99 4.66 -25.09 -20.05
N GLU A 100 5.02 -25.68 -18.92
CA GLU A 100 4.10 -26.02 -17.85
C GLU A 100 3.69 -24.78 -17.07
N ASN A 101 2.59 -24.88 -16.30
CA ASN A 101 2.04 -23.81 -15.48
C ASN A 101 2.72 -23.73 -14.10
N THR A 102 3.94 -24.23 -13.99
CA THR A 102 4.61 -24.52 -12.71
C THR A 102 5.95 -23.78 -12.68
N LEU A 103 6.03 -22.58 -13.28
CA LEU A 103 7.07 -21.62 -12.94
C LEU A 103 6.79 -21.17 -11.51
N GLN A 104 7.61 -21.60 -10.56
CA GLN A 104 7.47 -21.14 -9.18
C GLN A 104 7.92 -19.69 -9.02
N LEU A 105 8.94 -19.27 -9.75
CA LEU A 105 9.46 -17.90 -9.73
C LEU A 105 8.36 -16.95 -10.16
N ALA A 106 7.92 -16.11 -9.23
CA ALA A 106 6.84 -15.17 -9.39
C ALA A 106 7.29 -13.84 -8.81
N ILE A 107 6.55 -12.77 -9.12
CA ILE A 107 6.83 -11.42 -8.72
C ILE A 107 5.59 -10.97 -7.93
N ILE A 108 5.63 -11.08 -6.60
CA ILE A 108 4.59 -10.51 -5.76
C ILE A 108 4.81 -9.01 -5.78
N SER A 109 4.02 -8.34 -6.61
CA SER A 109 3.80 -6.92 -6.43
C SER A 109 2.70 -6.81 -5.38
N ARG A 110 2.43 -5.60 -4.97
CA ARG A 110 1.36 -5.27 -4.04
C ARG A 110 0.88 -3.87 -4.38
N ILE A 111 -0.28 -3.52 -3.83
CA ILE A 111 -0.80 -2.18 -3.91
C ILE A 111 -1.28 -1.87 -2.51
N LYS A 112 -0.98 -0.67 -2.04
CA LYS A 112 -1.49 -0.20 -0.76
C LYS A 112 -2.95 0.15 -1.02
N LEU A 113 -3.91 -0.55 -0.40
CA LEU A 113 -5.33 -0.40 -0.67
C LEU A 113 -6.01 0.09 0.61
N TYR A 114 -6.53 1.32 0.58
CA TYR A 114 -7.43 1.79 1.63
C TYR A 114 -8.83 1.30 1.30
N TYR A 115 -9.63 0.92 2.31
CA TYR A 115 -11.06 0.71 2.19
C TYR A 115 -11.71 1.53 3.29
N ARG A 116 -12.51 2.55 2.95
CA ARG A 116 -13.20 3.32 3.99
C ARG A 116 -14.56 3.86 3.55
N PRO A 117 -15.52 3.99 4.48
CA PRO A 117 -16.75 4.76 4.27
C PRO A 117 -16.52 6.26 4.17
N ALA A 118 -15.26 6.70 4.32
CA ALA A 118 -14.76 8.05 4.15
C ALA A 118 -15.58 9.07 4.97
N LYS A 119 -16.01 8.67 6.17
CA LYS A 119 -16.89 9.46 7.02
C LYS A 119 -16.24 9.82 8.35
N LEU A 120 -14.98 9.45 8.55
CA LEU A 120 -14.18 9.85 9.69
C LEU A 120 -14.01 11.36 9.62
N ALA A 121 -14.69 12.07 10.53
CA ALA A 121 -14.57 13.51 10.73
C ALA A 121 -13.34 13.84 11.59
N LEU A 122 -12.39 12.92 11.70
CA LEU A 122 -11.03 13.20 12.09
C LEU A 122 -10.51 14.14 11.00
N PRO A 123 -10.02 15.35 11.33
CA PRO A 123 -9.49 16.26 10.34
C PRO A 123 -8.22 15.62 9.75
N PRO A 124 -8.20 15.26 8.47
CA PRO A 124 -7.13 14.45 7.89
C PRO A 124 -5.80 15.20 7.86
N ASP A 125 -5.81 16.53 8.02
CA ASP A 125 -4.59 17.32 8.13
C ASP A 125 -3.81 16.93 9.39
N GLN A 126 -4.54 16.66 10.47
CA GLN A 126 -3.95 16.30 11.75
C GLN A 126 -3.63 14.81 11.81
N ALA A 127 -3.98 14.01 10.80
CA ALA A 127 -3.66 12.58 10.76
C ALA A 127 -2.16 12.38 10.96
N ALA A 128 -1.33 13.17 10.28
CA ALA A 128 0.12 13.12 10.45
C ALA A 128 0.56 13.85 11.72
N GLU A 129 -0.13 14.92 12.13
CA GLU A 129 0.18 15.68 13.34
C GLU A 129 -0.20 14.93 14.63
N LYS A 130 -0.68 13.70 14.50
CA LYS A 130 -0.89 12.75 15.59
C LYS A 130 -0.26 11.39 15.25
N LEU A 131 0.48 11.28 14.15
CA LEU A 131 1.45 10.22 13.96
C LEU A 131 2.63 10.64 14.83
N ARG A 132 2.77 10.03 16.01
CA ARG A 132 3.88 10.35 16.89
C ARG A 132 5.02 9.51 16.38
N PHE A 133 6.18 10.14 16.18
CA PHE A 133 7.36 9.38 15.85
C PHE A 133 8.04 9.16 17.19
N ARG A 134 8.47 7.94 17.46
CA ARG A 134 9.27 7.64 18.63
C ARG A 134 10.71 7.59 18.17
N ARG A 135 11.52 8.56 18.57
CA ARG A 135 12.96 8.47 18.42
C ARG A 135 13.53 7.68 19.60
N SER A 136 14.64 7.02 19.35
CA SER A 136 15.48 6.35 20.31
C SER A 136 16.93 6.70 19.94
N ALA A 137 17.90 6.25 20.74
CA ALA A 137 19.29 6.25 20.29
C ALA A 137 19.62 5.06 19.39
N ASN A 138 18.71 4.09 19.27
CA ASN A 138 18.86 2.90 18.44
C ASN A 138 18.11 3.05 17.11
N SER A 139 16.84 3.47 17.12
CA SER A 139 15.94 3.36 15.98
C SER A 139 14.82 4.38 16.08
N LEU A 140 14.08 4.58 14.99
CA LEU A 140 12.88 5.41 14.92
C LEU A 140 11.68 4.50 14.75
N THR A 141 10.51 4.91 15.23
CA THR A 141 9.26 4.23 14.96
C THR A 141 8.22 5.27 14.53
N LEU A 142 7.37 4.89 13.59
CA LEU A 142 6.07 5.47 13.28
C LEU A 142 5.12 4.79 14.25
N ILE A 143 4.35 5.54 15.02
CA ILE A 143 3.27 4.97 15.80
C ILE A 143 1.98 5.30 15.05
N ASN A 144 1.09 4.32 14.90
CA ASN A 144 -0.19 4.59 14.26
C ASN A 144 -1.38 3.80 14.82
N PRO A 145 -1.68 3.91 16.13
CA PRO A 145 -2.84 3.27 16.75
C PRO A 145 -4.17 3.99 16.45
N THR A 146 -4.15 5.00 15.60
CA THR A 146 -5.27 5.87 15.31
C THR A 146 -6.30 5.19 14.39
N PRO A 147 -7.55 5.70 14.36
CA PRO A 147 -8.63 5.08 13.60
C PRO A 147 -8.55 5.36 12.11
N TYR A 148 -7.62 6.20 11.67
CA TYR A 148 -7.40 6.60 10.28
C TYR A 148 -5.88 6.55 10.13
N TYR A 149 -5.39 6.07 8.98
CA TYR A 149 -3.95 5.98 8.73
C TYR A 149 -3.57 6.97 7.63
N LEU A 150 -2.28 7.27 7.50
CA LEU A 150 -1.69 8.18 6.52
C LEU A 150 -0.31 7.64 6.17
N THR A 151 0.06 7.57 4.90
CA THR A 151 1.33 6.95 4.52
C THR A 151 2.43 8.00 4.64
N VAL A 152 3.66 7.61 4.96
CA VAL A 152 4.78 8.52 5.14
C VAL A 152 5.81 8.18 4.07
N THR A 153 6.17 9.15 3.24
CA THR A 153 6.96 8.92 2.05
C THR A 153 8.16 9.86 2.11
N GLU A 154 9.36 9.29 2.03
CA GLU A 154 10.62 10.02 1.98
C GLU A 154 10.76 10.81 3.29
N LEU A 155 10.87 10.03 4.37
CA LEU A 155 10.98 10.54 5.73
C LEU A 155 12.42 11.02 5.89
N ASN A 156 12.66 12.12 6.61
CA ASN A 156 13.97 12.66 6.91
C ASN A 156 13.99 12.94 8.40
N ALA A 157 14.94 12.38 9.13
CA ALA A 157 14.93 12.42 10.58
C ALA A 157 16.23 13.01 11.07
N GLY A 158 16.14 14.11 11.82
CA GLY A 158 17.30 14.89 12.15
C GLY A 158 17.96 15.38 10.89
N THR A 159 19.28 15.20 10.82
CA THR A 159 20.10 15.58 9.67
C THR A 159 20.29 14.40 8.71
N ARG A 160 19.50 13.32 8.88
CA ARG A 160 19.65 12.08 8.14
C ARG A 160 18.45 11.82 7.23
N VAL A 161 18.67 11.21 6.08
CA VAL A 161 17.61 10.73 5.20
C VAL A 161 17.11 9.39 5.75
N LEU A 162 15.86 9.02 5.49
CA LEU A 162 15.24 7.79 5.96
C LEU A 162 14.35 7.18 4.88
N GLU A 163 13.95 5.94 5.08
CA GLU A 163 13.12 5.16 4.17
C GLU A 163 11.71 5.72 3.99
N ASN A 164 11.08 5.33 2.89
CA ASN A 164 9.66 5.33 2.67
C ASN A 164 9.05 4.19 3.47
N ALA A 165 7.95 4.49 4.14
CA ALA A 165 7.40 3.68 5.23
C ALA A 165 5.88 3.54 5.08
N LEU A 166 5.28 2.62 5.81
CA LEU A 166 3.83 2.41 5.78
C LEU A 166 3.29 2.26 7.19
N VAL A 167 1.98 2.41 7.31
CA VAL A 167 1.24 2.52 8.54
C VAL A 167 0.41 1.25 8.73
N PRO A 168 0.90 0.21 9.43
CA PRO A 168 0.13 -1.00 9.65
C PRO A 168 -1.11 -0.73 10.52
N PRO A 169 -2.12 -1.60 10.49
CA PRO A 169 -3.42 -1.33 11.11
C PRO A 169 -3.27 -1.30 12.63
N MET A 170 -3.63 -0.15 13.22
CA MET A 170 -3.42 0.20 14.62
C MET A 170 -1.96 -0.08 15.06
N GLY A 171 -0.98 0.08 14.16
CA GLY A 171 0.31 -0.58 14.31
C GLY A 171 1.49 0.36 14.40
N GLU A 172 2.56 -0.18 14.97
CA GLU A 172 3.89 0.41 14.97
C GLU A 172 4.60 0.04 13.67
N SER A 173 5.42 0.92 13.10
CA SER A 173 6.23 0.65 11.94
C SER A 173 7.62 1.23 12.21
N THR A 174 8.64 0.39 12.32
CA THR A 174 9.96 0.82 12.79
C THR A 174 10.89 0.97 11.59
N VAL A 175 11.89 1.85 11.71
CA VAL A 175 12.99 2.02 10.77
C VAL A 175 14.27 2.32 11.57
N LYS A 176 15.44 2.06 11.01
CA LYS A 176 16.71 2.31 11.67
C LYS A 176 17.01 3.81 11.67
N LEU A 177 17.83 4.26 12.61
CA LEU A 177 18.20 5.67 12.80
C LEU A 177 19.74 5.75 12.78
N PRO A 178 20.40 6.88 12.53
CA PRO A 178 21.87 6.98 12.54
C PRO A 178 22.42 7.01 13.98
N SER A 179 21.64 6.53 14.93
CA SER A 179 21.84 6.67 16.36
C SER A 179 22.00 8.13 16.80
N ASP A 180 21.47 9.08 16.02
CA ASP A 180 21.72 10.51 16.20
C ASP A 180 20.41 11.27 16.16
N ALA A 181 19.85 11.43 14.95
CA ALA A 181 18.62 12.12 14.58
C ALA A 181 18.30 13.34 15.44
N GLY A 182 18.71 14.53 14.97
CA GLY A 182 18.35 15.80 15.61
C GLY A 182 16.84 16.02 15.69
N SER A 183 16.44 17.09 16.37
CA SER A 183 15.10 17.26 16.92
C SER A 183 14.16 18.01 15.99
N ASN A 184 14.57 18.16 14.73
CA ASN A 184 13.70 18.46 13.61
C ASN A 184 13.59 17.17 12.80
N ILE A 185 12.42 16.53 12.83
CA ILE A 185 12.07 15.45 11.93
C ILE A 185 11.25 16.11 10.83
N THR A 186 11.25 15.55 9.63
CA THR A 186 10.42 16.00 8.54
C THR A 186 9.97 14.80 7.73
N TYR A 187 8.91 14.94 6.93
CA TYR A 187 8.52 13.91 5.98
C TYR A 187 7.62 14.53 4.92
N ARG A 188 7.40 13.79 3.84
CA ARG A 188 6.29 14.00 2.93
C ARG A 188 5.30 12.87 3.20
N THR A 189 4.12 12.94 2.63
CA THR A 189 3.12 11.90 2.63
C THR A 189 2.52 11.92 1.21
N ILE A 190 2.07 10.78 0.68
CA ILE A 190 1.18 10.78 -0.47
C ILE A 190 -0.21 10.91 0.10
N ASN A 191 -0.89 12.04 -0.11
CA ASN A 191 -2.33 12.11 0.09
C ASN A 191 -3.04 11.40 -1.04
N ASP A 192 -4.34 11.20 -0.85
CA ASP A 192 -5.16 10.19 -1.54
C ASP A 192 -5.07 10.26 -3.06
N TYR A 193 -5.13 11.45 -3.66
CA TYR A 193 -5.22 11.54 -5.12
C TYR A 193 -3.83 11.44 -5.75
N GLY A 194 -2.81 11.24 -4.91
CA GLY A 194 -1.41 11.19 -5.25
C GLY A 194 -0.71 12.51 -4.93
N ALA A 195 -1.31 13.36 -4.07
CA ALA A 195 -0.80 14.69 -3.81
C ALA A 195 0.31 14.56 -2.76
N LEU A 196 1.54 14.46 -3.25
CA LEU A 196 2.76 14.41 -2.45
C LEU A 196 2.86 15.72 -1.68
N THR A 197 2.66 15.70 -0.37
CA THR A 197 2.75 16.88 0.46
C THR A 197 4.20 17.39 0.42
N PRO A 198 4.49 18.59 -0.10
CA PRO A 198 5.86 19.11 -0.09
C PRO A 198 6.33 19.16 1.38
N LYS A 199 7.61 18.87 1.60
CA LYS A 199 8.22 18.66 2.92
C LYS A 199 7.69 19.68 3.92
N MET A 200 6.96 19.22 4.94
CA MET A 200 6.21 20.09 5.84
C MET A 200 6.37 19.59 7.27
N THR A 201 7.62 19.65 7.74
CA THR A 201 8.10 19.20 9.03
C THR A 201 7.57 17.84 9.46
N GLY A 202 7.80 17.47 10.73
CA GLY A 202 7.26 16.28 11.32
C GLY A 202 7.09 16.45 12.82
N VAL A 203 6.29 15.57 13.41
CA VAL A 203 6.12 15.42 14.85
C VAL A 203 7.20 14.47 15.36
N MET A 204 7.78 14.73 16.53
CA MET A 204 8.61 13.78 17.25
C MET A 204 8.32 13.85 18.74
N GLU A 205 8.44 12.69 19.39
CA GLU A 205 8.08 12.43 20.78
C GLU A 205 6.61 12.80 21.02
N GLY A 1 9.31 -2.92 -13.44
CA GLY A 1 8.22 -3.84 -13.05
C GLY A 1 6.96 -3.60 -13.85
N VAL A 2 5.90 -4.35 -13.52
CA VAL A 2 4.54 -4.13 -14.03
C VAL A 2 4.10 -2.74 -13.57
N ALA A 3 3.56 -1.97 -14.51
CA ALA A 3 2.98 -0.67 -14.22
C ALA A 3 1.50 -0.91 -14.01
N LEU A 4 1.04 -0.78 -12.76
CA LEU A 4 -0.37 -0.92 -12.41
C LEU A 4 -1.09 0.40 -12.73
N GLY A 5 -2.42 0.37 -12.74
CA GLY A 5 -3.25 1.48 -13.20
C GLY A 5 -3.21 2.71 -12.29
N ALA A 6 -2.60 2.59 -11.11
CA ALA A 6 -2.10 3.64 -10.25
C ALA A 6 -1.14 2.95 -9.28
N THR A 7 -0.33 3.72 -8.56
CA THR A 7 0.55 3.24 -7.51
C THR A 7 -0.23 3.14 -6.17
N ARG A 8 -1.53 3.45 -6.19
CA ARG A 8 -2.41 3.40 -5.02
C ARG A 8 -3.85 3.22 -5.49
N VAL A 9 -4.69 2.64 -4.64
CA VAL A 9 -6.06 2.26 -4.97
C VAL A 9 -6.84 2.57 -3.69
N ILE A 10 -7.78 3.51 -3.72
CA ILE A 10 -8.46 3.98 -2.51
C ILE A 10 -9.92 3.65 -2.67
N TYR A 11 -10.48 3.10 -1.60
CA TYR A 11 -11.79 2.51 -1.59
C TYR A 11 -12.67 3.30 -0.64
N PRO A 12 -13.34 4.36 -1.10
CA PRO A 12 -14.47 4.89 -0.36
C PRO A 12 -15.50 3.77 -0.19
N ALA A 13 -16.07 3.68 1.00
CA ALA A 13 -17.03 2.68 1.46
C ALA A 13 -17.99 2.16 0.38
N GLY A 14 -17.82 0.90 -0.05
CA GLY A 14 -18.68 0.21 -1.01
C GLY A 14 -18.47 0.73 -2.43
N GLN A 15 -18.79 2.00 -2.64
CA GLN A 15 -18.75 2.74 -3.90
C GLN A 15 -19.36 1.95 -5.07
N LYS A 16 -19.24 2.49 -6.29
CA LYS A 16 -19.68 1.82 -7.49
C LYS A 16 -18.60 0.81 -7.93
N GLN A 17 -18.03 0.04 -6.97
CA GLN A 17 -16.80 -0.75 -7.10
C GLN A 17 -15.60 0.17 -7.40
N GLU A 18 -14.38 -0.35 -7.26
CA GLU A 18 -13.17 0.23 -7.83
C GLU A 18 -12.65 -0.79 -8.83
N GLN A 19 -11.79 -0.37 -9.74
CA GLN A 19 -11.19 -1.22 -10.73
C GLN A 19 -9.83 -0.66 -11.10
N LEU A 20 -8.88 -1.54 -11.34
CA LEU A 20 -7.46 -1.21 -11.35
C LEU A 20 -6.86 -1.82 -12.60
N ALA A 21 -6.29 -0.99 -13.47
CA ALA A 21 -5.64 -1.49 -14.68
C ALA A 21 -4.33 -2.20 -14.32
N VAL A 22 -3.80 -2.97 -15.27
CA VAL A 22 -2.51 -3.65 -15.19
C VAL A 22 -1.90 -3.50 -16.57
N THR A 23 -0.66 -3.03 -16.66
CA THR A 23 0.14 -3.09 -17.88
C THR A 23 1.47 -3.78 -17.56
N ASN A 24 1.90 -4.66 -18.44
CA ASN A 24 3.24 -5.24 -18.37
C ASN A 24 4.25 -4.31 -19.01
N ASN A 25 5.54 -4.56 -18.75
CA ASN A 25 6.60 -3.69 -19.21
C ASN A 25 6.97 -4.03 -20.65
N ASP A 26 7.19 -5.31 -20.95
CA ASP A 26 7.54 -5.76 -22.29
C ASP A 26 6.32 -6.32 -23.01
N GLU A 27 6.35 -6.27 -24.34
CA GLU A 27 5.31 -6.79 -25.22
C GLU A 27 5.51 -8.24 -25.61
N ASN A 28 6.70 -8.81 -25.40
CA ASN A 28 7.00 -10.18 -25.82
C ASN A 28 6.37 -11.22 -24.92
N SER A 29 6.83 -11.24 -23.67
CA SER A 29 6.53 -12.31 -22.73
C SER A 29 5.06 -12.31 -22.31
N THR A 30 4.58 -13.46 -21.85
CA THR A 30 3.34 -13.56 -21.09
C THR A 30 3.69 -13.38 -19.60
N TYR A 31 2.80 -12.72 -18.86
CA TYR A 31 2.91 -12.56 -17.41
C TYR A 31 1.57 -12.90 -16.79
N LEU A 32 1.61 -13.34 -15.54
CA LEU A 32 0.43 -13.65 -14.75
C LEU A 32 0.40 -12.72 -13.56
N ILE A 33 -0.56 -11.79 -13.54
CA ILE A 33 -0.87 -11.09 -12.28
C ILE A 33 -1.69 -12.07 -11.45
N GLN A 34 -1.10 -12.59 -10.38
CA GLN A 34 -1.89 -13.16 -9.30
C GLN A 34 -2.15 -11.96 -8.36
N SER A 35 -3.36 -11.39 -8.39
CA SER A 35 -3.82 -10.46 -7.36
C SER A 35 -4.49 -11.26 -6.26
N TRP A 36 -4.51 -10.68 -5.07
CA TRP A 36 -5.22 -11.05 -3.86
C TRP A 36 -5.28 -9.80 -3.00
N VAL A 37 -6.10 -9.79 -1.96
CA VAL A 37 -6.22 -8.63 -1.09
C VAL A 37 -5.97 -9.04 0.36
N GLU A 38 -4.79 -8.71 0.90
CA GLU A 38 -4.42 -9.05 2.28
C GLU A 38 -5.10 -8.09 3.25
N ASN A 39 -5.56 -8.57 4.40
CA ASN A 39 -6.29 -7.78 5.39
C ASN A 39 -5.36 -7.00 6.33
N ALA A 40 -4.43 -6.23 5.76
CA ALA A 40 -3.30 -5.59 6.43
C ALA A 40 -2.43 -6.52 7.28
N ASP A 41 -2.76 -7.80 7.38
CA ASP A 41 -2.14 -8.76 8.30
C ASP A 41 -1.25 -9.76 7.56
N GLY A 42 -1.23 -9.69 6.23
CA GLY A 42 -0.60 -10.70 5.38
C GLY A 42 -1.45 -11.96 5.26
N VAL A 43 -2.74 -11.92 5.61
CA VAL A 43 -3.70 -12.99 5.41
C VAL A 43 -4.67 -12.59 4.31
N LYS A 44 -5.02 -13.57 3.47
CA LYS A 44 -5.99 -13.37 2.42
C LYS A 44 -7.34 -13.56 3.09
N ASP A 45 -8.04 -12.47 3.35
CA ASP A 45 -9.36 -12.48 3.98
C ASP A 45 -10.42 -12.34 2.89
N GLY A 46 -11.67 -12.68 3.19
CA GLY A 46 -12.77 -12.65 2.22
C GLY A 46 -13.36 -11.26 2.00
N ARG A 47 -12.80 -10.23 2.63
CA ARG A 47 -13.36 -8.88 2.68
C ARG A 47 -13.41 -8.23 1.30
N PHE A 48 -12.62 -8.72 0.36
CA PHE A 48 -12.53 -8.17 -0.97
C PHE A 48 -12.55 -9.38 -1.89
N ILE A 49 -13.50 -9.41 -2.83
CA ILE A 49 -13.41 -10.30 -3.97
C ILE A 49 -12.93 -9.44 -5.13
N VAL A 50 -12.19 -10.07 -6.04
CA VAL A 50 -11.51 -9.46 -7.16
C VAL A 50 -11.72 -10.44 -8.30
N THR A 51 -11.98 -9.88 -9.46
CA THR A 51 -12.42 -10.54 -10.66
C THR A 51 -11.76 -9.81 -11.83
N PRO A 52 -10.97 -10.47 -12.68
CA PRO A 52 -10.30 -11.74 -12.38
C PRO A 52 -9.30 -11.55 -11.22
N PRO A 53 -9.15 -12.50 -10.29
CA PRO A 53 -8.11 -12.44 -9.27
C PRO A 53 -6.76 -12.84 -9.85
N LEU A 54 -6.71 -13.92 -10.65
CA LEU A 54 -5.55 -14.37 -11.37
C LEU A 54 -5.89 -14.43 -12.84
N PHE A 55 -4.91 -14.17 -13.70
CA PHE A 55 -5.13 -13.92 -15.11
C PHE A 55 -3.78 -13.68 -15.75
N ALA A 56 -3.42 -14.58 -16.63
CA ALA A 56 -2.26 -14.37 -17.44
C ALA A 56 -2.69 -13.52 -18.63
N MET A 57 -1.81 -12.66 -19.10
CA MET A 57 -2.02 -11.85 -20.29
C MET A 57 -0.68 -11.81 -21.01
N LYS A 58 -0.72 -11.42 -22.29
CA LYS A 58 0.44 -11.45 -23.15
C LYS A 58 0.83 -10.05 -23.50
N GLY A 59 2.12 -9.81 -23.36
CA GLY A 59 2.78 -8.55 -23.55
C GLY A 59 2.16 -7.43 -22.75
N LYS A 60 2.54 -6.21 -23.12
CA LYS A 60 1.96 -4.96 -22.66
C LYS A 60 0.57 -4.84 -23.30
N LYS A 61 -0.38 -5.57 -22.71
CA LYS A 61 -1.80 -5.30 -22.84
C LYS A 61 -2.22 -4.53 -21.60
N GLU A 62 -3.45 -4.07 -21.58
CA GLU A 62 -4.12 -3.73 -20.34
C GLU A 62 -4.88 -4.99 -19.91
N ASN A 63 -5.06 -5.20 -18.60
CA ASN A 63 -5.94 -6.26 -18.11
C ASN A 63 -6.50 -5.86 -16.76
N THR A 64 -7.56 -5.07 -16.75
CA THR A 64 -8.08 -4.45 -15.54
C THR A 64 -8.81 -5.47 -14.67
N LEU A 65 -8.67 -5.33 -13.35
CA LEU A 65 -9.41 -6.09 -12.34
C LEU A 65 -10.56 -5.23 -11.86
N ARG A 66 -11.73 -5.81 -11.59
CA ARG A 66 -12.72 -5.17 -10.73
C ARG A 66 -12.44 -5.66 -9.31
N ILE A 67 -12.54 -4.76 -8.34
CA ILE A 67 -12.31 -5.01 -6.94
C ILE A 67 -13.60 -4.54 -6.25
N LEU A 68 -14.40 -5.49 -5.75
CA LEU A 68 -15.71 -5.20 -5.18
C LEU A 68 -15.68 -5.46 -3.68
N ASP A 69 -16.47 -4.68 -2.94
CA ASP A 69 -16.58 -4.81 -1.49
C ASP A 69 -17.25 -6.13 -1.16
N ALA A 70 -16.67 -6.87 -0.22
CA ALA A 70 -17.24 -8.10 0.33
C ALA A 70 -16.96 -8.19 1.84
N THR A 71 -16.76 -7.05 2.50
CA THR A 71 -16.42 -6.97 3.92
C THR A 71 -17.45 -7.73 4.77
N ASN A 72 -18.72 -7.71 4.36
CA ASN A 72 -19.87 -8.38 4.96
C ASN A 72 -20.08 -8.06 6.45
N ASN A 73 -19.39 -7.04 6.95
CA ASN A 73 -19.42 -6.51 8.30
C ASN A 73 -19.54 -4.98 8.27
N GLN A 74 -20.00 -4.42 7.14
CA GLN A 74 -20.23 -3.01 6.80
C GLN A 74 -19.06 -2.05 7.11
N LEU A 75 -17.87 -2.56 7.40
CA LEU A 75 -16.74 -1.88 8.05
C LEU A 75 -17.09 -1.21 9.39
N PRO A 76 -16.08 -0.94 10.23
CA PRO A 76 -16.28 -0.26 11.52
C PRO A 76 -16.87 1.14 11.32
N GLN A 77 -17.57 1.63 12.33
CA GLN A 77 -18.01 3.01 12.41
C GLN A 77 -16.83 3.91 12.76
N ASP A 78 -15.98 3.47 13.68
CA ASP A 78 -15.10 4.35 14.44
C ASP A 78 -13.65 4.33 13.99
N ARG A 79 -13.27 3.52 13.00
CA ARG A 79 -11.90 3.39 12.51
C ARG A 79 -11.90 3.13 11.00
N GLU A 80 -10.79 3.50 10.34
CA GLU A 80 -10.56 3.27 8.92
C GLU A 80 -10.18 1.80 8.70
N SER A 81 -9.66 1.43 7.52
CA SER A 81 -9.09 0.12 7.26
C SER A 81 -7.96 0.24 6.22
N LEU A 82 -7.11 -0.78 6.18
CA LEU A 82 -5.97 -0.88 5.28
C LEU A 82 -5.99 -2.28 4.68
N PHE A 83 -5.58 -2.41 3.43
CA PHE A 83 -5.39 -3.68 2.77
C PHE A 83 -4.12 -3.59 1.91
N TRP A 84 -3.63 -4.73 1.44
CA TRP A 84 -2.57 -4.79 0.46
C TRP A 84 -3.12 -5.53 -0.74
N MET A 85 -2.57 -5.25 -1.92
CA MET A 85 -2.64 -6.16 -3.06
C MET A 85 -1.20 -6.30 -3.52
N ASN A 86 -0.59 -7.40 -3.10
CA ASN A 86 0.79 -7.73 -3.36
C ASN A 86 0.78 -8.35 -4.73
N VAL A 87 0.80 -7.52 -5.77
CA VAL A 87 0.34 -7.99 -7.07
C VAL A 87 1.52 -8.71 -7.69
N LYS A 88 1.48 -10.04 -7.63
CA LYS A 88 2.57 -10.93 -7.95
C LYS A 88 2.53 -11.11 -9.47
N ALA A 89 3.29 -10.31 -10.20
CA ALA A 89 3.43 -10.46 -11.63
C ALA A 89 4.47 -11.54 -11.89
N ILE A 90 4.02 -12.74 -12.24
CA ILE A 90 4.85 -13.90 -12.49
C ILE A 90 5.25 -13.79 -13.96
N PRO A 91 6.53 -13.82 -14.35
CA PRO A 91 6.90 -13.94 -15.75
C PRO A 91 6.51 -15.34 -16.22
N SER A 92 5.34 -15.47 -16.85
CA SER A 92 4.74 -16.73 -17.17
C SER A 92 5.13 -17.03 -18.61
N MET A 93 6.40 -17.35 -18.81
CA MET A 93 6.98 -17.39 -20.14
C MET A 93 6.44 -18.63 -20.84
N ASP A 94 6.28 -18.51 -22.16
CA ASP A 94 5.99 -19.62 -23.05
C ASP A 94 7.25 -20.47 -23.11
N LYS A 95 7.10 -21.78 -23.16
CA LYS A 95 8.15 -22.78 -22.91
C LYS A 95 8.43 -22.79 -21.41
N SER A 96 7.81 -23.73 -20.70
CA SER A 96 7.96 -23.98 -19.29
C SER A 96 7.88 -25.50 -19.13
N LYS A 97 8.83 -26.18 -19.77
CA LYS A 97 9.07 -27.60 -19.55
C LYS A 97 9.76 -27.73 -18.19
N LEU A 98 9.83 -28.95 -17.66
CA LEU A 98 10.08 -29.29 -16.26
C LEU A 98 8.97 -28.72 -15.37
N THR A 99 8.72 -29.32 -14.22
CA THR A 99 7.61 -28.93 -13.37
C THR A 99 8.04 -29.14 -11.92
N GLU A 100 9.04 -28.39 -11.49
CA GLU A 100 9.37 -28.26 -10.09
C GLU A 100 8.24 -27.48 -9.42
N ASN A 101 7.99 -27.76 -8.15
CA ASN A 101 7.00 -27.05 -7.35
C ASN A 101 7.59 -25.77 -6.73
N THR A 102 8.65 -25.26 -7.34
CA THR A 102 9.58 -24.34 -6.70
C THR A 102 9.75 -23.13 -7.64
N LEU A 103 8.66 -22.74 -8.32
CA LEU A 103 8.61 -21.54 -9.12
C LEU A 103 8.47 -20.37 -8.15
N GLN A 104 9.57 -19.66 -7.93
CA GLN A 104 9.73 -18.54 -7.04
C GLN A 104 9.86 -17.21 -7.82
N LEU A 105 10.28 -17.27 -9.09
CA LEU A 105 10.37 -16.14 -10.02
C LEU A 105 9.04 -15.40 -10.07
N ALA A 106 9.01 -14.16 -9.59
CA ALA A 106 7.92 -13.19 -9.71
C ALA A 106 8.46 -11.78 -9.49
N ILE A 107 7.66 -10.79 -9.84
CA ILE A 107 7.88 -9.36 -9.68
C ILE A 107 6.66 -8.86 -8.90
N ILE A 108 6.75 -8.81 -7.57
CA ILE A 108 5.61 -8.46 -6.74
C ILE A 108 5.57 -6.95 -6.53
N SER A 109 4.53 -6.33 -7.07
CA SER A 109 4.48 -4.89 -7.28
C SER A 109 4.03 -4.15 -6.00
N ARG A 110 3.49 -4.88 -5.01
CA ARG A 110 3.22 -4.41 -3.65
C ARG A 110 2.52 -3.04 -3.64
N ILE A 111 1.26 -3.01 -4.05
CA ILE A 111 0.46 -1.81 -3.96
C ILE A 111 -0.07 -1.74 -2.52
N LYS A 112 -0.59 -0.59 -2.11
CA LYS A 112 -1.38 -0.43 -0.90
C LYS A 112 -2.80 -0.05 -1.32
N LEU A 113 -3.81 -0.71 -0.72
CA LEU A 113 -5.22 -0.39 -0.95
C LEU A 113 -5.75 0.22 0.34
N TYR A 114 -6.29 1.42 0.24
CA TYR A 114 -6.69 2.22 1.39
C TYR A 114 -8.20 2.13 1.48
N TYR A 115 -8.74 1.21 2.30
CA TYR A 115 -10.18 1.05 2.40
C TYR A 115 -10.70 2.06 3.43
N ARG A 116 -11.24 3.17 2.93
CA ARG A 116 -11.65 4.32 3.70
C ARG A 116 -13.17 4.22 3.88
N PRO A 117 -13.69 3.79 5.05
CA PRO A 117 -15.11 3.84 5.33
C PRO A 117 -15.67 5.28 5.38
N ALA A 118 -14.82 6.31 5.22
CA ALA A 118 -15.18 7.72 5.08
C ALA A 118 -16.04 8.25 6.24
N LYS A 119 -15.91 7.64 7.42
CA LYS A 119 -16.83 7.81 8.54
C LYS A 119 -16.28 8.69 9.66
N LEU A 120 -15.10 9.27 9.48
CA LEU A 120 -14.34 9.93 10.52
C LEU A 120 -14.21 11.40 10.15
N ALA A 121 -14.60 12.28 11.08
CA ALA A 121 -14.49 13.72 10.88
C ALA A 121 -13.02 14.14 10.73
N LEU A 122 -12.10 13.46 11.43
CA LEU A 122 -10.68 13.71 11.46
C LEU A 122 -10.16 13.59 10.02
N PRO A 123 -9.65 14.66 9.40
CA PRO A 123 -9.04 14.58 8.08
C PRO A 123 -7.60 14.05 8.16
N PRO A 124 -7.03 13.56 7.04
CA PRO A 124 -5.63 13.14 7.01
C PRO A 124 -4.67 14.29 7.33
N ASP A 125 -5.13 15.54 7.15
CA ASP A 125 -4.34 16.75 7.34
C ASP A 125 -3.98 16.91 8.82
N GLN A 126 -4.94 16.61 9.70
CA GLN A 126 -4.76 16.53 11.14
C GLN A 126 -4.21 15.17 11.56
N ALA A 127 -4.32 14.12 10.73
CA ALA A 127 -3.83 12.80 11.08
C ALA A 127 -2.30 12.79 11.17
N ALA A 128 -1.60 13.47 10.24
CA ALA A 128 -0.15 13.39 10.18
C ALA A 128 0.49 14.05 11.40
N GLU A 129 -0.12 15.12 11.88
CA GLU A 129 0.36 15.82 13.05
C GLU A 129 -0.11 15.18 14.36
N LYS A 130 -0.76 14.01 14.28
CA LYS A 130 -0.96 13.15 15.45
C LYS A 130 -0.32 11.77 15.27
N LEU A 131 0.27 11.48 14.11
CA LEU A 131 1.19 10.38 13.93
C LEU A 131 2.41 10.72 14.79
N ARG A 132 2.48 10.19 16.01
CA ARG A 132 3.60 10.51 16.89
C ARG A 132 4.73 9.57 16.50
N PHE A 133 5.91 10.12 16.31
CA PHE A 133 7.08 9.32 16.03
C PHE A 133 7.63 8.92 17.40
N ARG A 134 7.97 7.64 17.57
CA ARG A 134 8.70 7.16 18.74
C ARG A 134 10.09 6.78 18.27
N ARG A 135 11.12 7.19 19.01
CA ARG A 135 12.50 7.01 18.60
C ARG A 135 13.27 6.15 19.58
N SER A 136 14.21 5.38 19.03
CA SER A 136 15.21 4.56 19.70
C SER A 136 16.51 4.79 18.96
N ALA A 137 17.64 4.55 19.62
CA ALA A 137 18.98 4.80 19.07
C ALA A 137 19.36 3.89 17.91
N ASN A 138 18.45 3.00 17.50
CA ASN A 138 18.58 1.97 16.51
C ASN A 138 17.36 1.86 15.58
N SER A 139 16.23 2.49 15.91
CA SER A 139 15.03 2.42 15.08
C SER A 139 14.08 3.56 15.43
N LEU A 140 13.37 4.06 14.43
CA LEU A 140 12.34 5.08 14.54
C LEU A 140 11.03 4.42 14.15
N THR A 141 9.95 4.68 14.88
CA THR A 141 8.68 4.03 14.63
C THR A 141 7.66 5.12 14.32
N LEU A 142 6.78 4.80 13.38
CA LEU A 142 5.56 5.50 13.06
C LEU A 142 4.51 4.89 13.99
N ILE A 143 3.87 5.68 14.85
CA ILE A 143 2.80 5.18 15.72
C ILE A 143 1.48 5.64 15.11
N ASN A 144 0.48 4.76 15.06
CA ASN A 144 -0.89 5.12 14.72
C ASN A 144 -1.88 4.24 15.50
N PRO A 145 -2.03 4.42 16.83
CA PRO A 145 -3.11 3.81 17.60
C PRO A 145 -4.47 4.47 17.32
N THR A 146 -4.44 5.51 16.51
CA THR A 146 -5.55 6.33 16.08
C THR A 146 -6.40 5.59 15.04
N PRO A 147 -7.58 6.12 14.68
CA PRO A 147 -8.47 5.42 13.76
C PRO A 147 -8.05 5.53 12.29
N TYR A 148 -7.17 6.46 11.93
CA TYR A 148 -6.96 6.98 10.57
C TYR A 148 -5.46 7.11 10.34
N TYR A 149 -4.98 6.68 9.19
CA TYR A 149 -3.56 6.59 8.87
C TYR A 149 -3.22 7.31 7.57
N LEU A 150 -1.92 7.51 7.35
CA LEU A 150 -1.38 8.32 6.28
C LEU A 150 0.02 7.83 5.98
N THR A 151 0.36 7.65 4.70
CA THR A 151 1.66 7.14 4.30
C THR A 151 2.69 8.27 4.48
N VAL A 152 3.88 7.94 4.97
CA VAL A 152 4.95 8.89 5.22
C VAL A 152 6.01 8.64 4.15
N THR A 153 6.51 9.71 3.53
CA THR A 153 7.29 9.61 2.31
C THR A 153 8.45 10.58 2.40
N GLU A 154 9.67 10.06 2.25
CA GLU A 154 10.90 10.84 2.21
C GLU A 154 11.06 11.52 3.57
N LEU A 155 11.20 10.70 4.60
CA LEU A 155 11.37 11.20 5.96
C LEU A 155 12.80 11.71 6.13
N ASN A 156 13.03 12.60 7.08
CA ASN A 156 14.32 13.04 7.57
C ASN A 156 14.15 13.02 9.07
N ALA A 157 15.15 12.50 9.75
CA ALA A 157 15.15 12.44 11.19
C ALA A 157 16.50 12.94 11.66
N GLY A 158 16.48 14.18 12.16
CA GLY A 158 17.68 14.92 12.40
C GLY A 158 18.47 15.13 11.13
N THR A 159 19.73 14.70 11.13
CA THR A 159 20.65 14.90 10.03
C THR A 159 20.66 13.70 9.07
N ARG A 160 19.67 12.79 9.20
CA ARG A 160 19.63 11.54 8.46
C ARG A 160 18.38 11.45 7.60
N VAL A 161 18.52 11.23 6.29
CA VAL A 161 17.39 10.96 5.41
C VAL A 161 16.92 9.53 5.69
N LEU A 162 15.62 9.29 5.53
CA LEU A 162 14.93 8.02 5.63
C LEU A 162 14.02 7.84 4.43
N GLU A 163 13.57 6.60 4.27
CA GLU A 163 12.71 6.14 3.19
C GLU A 163 11.23 6.39 3.48
N ASN A 164 10.40 6.24 2.44
CA ASN A 164 8.98 5.99 2.58
C ASN A 164 8.74 4.79 3.50
N ALA A 165 7.64 4.85 4.26
CA ALA A 165 7.06 3.71 4.95
C ALA A 165 5.54 3.87 4.97
N LEU A 166 4.82 2.76 5.01
CA LEU A 166 3.39 2.77 5.36
C LEU A 166 3.25 2.51 6.85
N VAL A 167 2.05 2.71 7.36
CA VAL A 167 1.67 2.59 8.76
C VAL A 167 0.36 1.77 8.83
N PRO A 168 0.20 0.82 9.77
CA PRO A 168 -1.00 -0.03 9.84
C PRO A 168 -2.15 0.67 10.59
N PRO A 169 -3.34 0.03 10.64
CA PRO A 169 -4.35 0.37 11.64
C PRO A 169 -3.81 0.11 13.05
N MET A 170 -4.31 0.92 14.00
CA MET A 170 -4.15 0.85 15.45
C MET A 170 -2.77 0.37 15.97
N GLY A 171 -1.69 0.69 15.27
CA GLY A 171 -0.43 0.01 15.43
C GLY A 171 0.73 0.77 14.81
N GLU A 172 1.83 0.07 14.57
CA GLU A 172 3.14 0.66 14.40
C GLU A 172 3.81 0.16 13.11
N SER A 173 4.69 0.98 12.55
CA SER A 173 5.71 0.59 11.58
C SER A 173 7.05 1.14 12.04
N THR A 174 8.15 0.73 11.39
CA THR A 174 9.50 1.01 11.84
C THR A 174 10.41 1.31 10.65
N VAL A 175 11.38 2.19 10.81
CA VAL A 175 12.49 2.43 9.90
C VAL A 175 13.78 2.51 10.73
N LYS A 176 14.93 2.44 10.06
CA LYS A 176 16.23 2.51 10.73
C LYS A 176 16.40 3.89 11.35
N LEU A 177 17.19 4.01 12.43
CA LEU A 177 17.51 5.28 13.06
C LEU A 177 18.91 5.13 13.67
N PRO A 178 19.89 5.99 13.35
CA PRO A 178 21.23 5.88 13.89
C PRO A 178 21.25 6.38 15.34
N SER A 179 22.37 6.22 16.04
CA SER A 179 22.57 6.65 17.42
C SER A 179 22.74 8.17 17.53
N ASP A 180 22.22 8.95 16.56
CA ASP A 180 22.46 10.38 16.48
C ASP A 180 21.14 11.11 16.31
N ALA A 181 20.57 11.10 15.10
CA ALA A 181 19.23 11.58 14.73
C ALA A 181 18.76 12.78 15.55
N GLY A 182 19.14 13.99 15.14
CA GLY A 182 18.74 15.25 15.74
C GLY A 182 17.24 15.41 15.92
N SER A 183 16.87 16.45 16.65
CA SER A 183 15.58 16.56 17.32
C SER A 183 14.55 17.31 16.47
N ASN A 184 14.86 17.51 15.19
CA ASN A 184 13.91 17.99 14.18
C ASN A 184 13.63 16.85 13.21
N ILE A 185 12.43 16.28 13.26
CA ILE A 185 11.97 15.23 12.38
C ILE A 185 11.06 15.93 11.38
N THR A 186 11.23 15.68 10.08
CA THR A 186 10.43 16.31 9.04
C THR A 186 10.26 15.32 7.89
N TYR A 187 9.18 15.41 7.13
CA TYR A 187 8.85 14.39 6.13
C TYR A 187 7.85 14.97 5.14
N ARG A 188 7.65 14.30 4.00
CA ARG A 188 6.48 14.53 3.15
C ARG A 188 5.47 13.43 3.45
N THR A 189 4.27 13.53 2.90
CA THR A 189 3.25 12.51 2.94
C THR A 189 2.69 12.36 1.52
N ILE A 190 1.98 11.27 1.25
CA ILE A 190 1.19 11.12 0.03
C ILE A 190 -0.26 11.34 0.44
N ASN A 191 -0.95 12.26 -0.26
CA ASN A 191 -2.39 12.42 -0.14
C ASN A 191 -3.12 11.28 -0.86
N ASP A 192 -4.44 11.26 -0.75
CA ASP A 192 -5.28 10.27 -1.45
C ASP A 192 -5.04 10.30 -2.95
N TYR A 193 -4.68 11.44 -3.54
CA TYR A 193 -4.59 11.54 -4.97
C TYR A 193 -3.24 11.02 -5.48
N GLY A 194 -2.40 10.52 -4.57
CA GLY A 194 -1.03 10.16 -4.86
C GLY A 194 -0.17 11.41 -5.08
N ALA A 195 -0.68 12.60 -4.73
CA ALA A 195 0.06 13.84 -4.82
C ALA A 195 0.88 13.94 -3.53
N LEU A 196 2.12 14.38 -3.69
CA LEU A 196 3.11 14.45 -2.64
C LEU A 196 3.02 15.82 -1.98
N THR A 197 2.83 15.86 -0.67
CA THR A 197 2.74 17.11 0.08
C THR A 197 4.13 17.75 0.20
N PRO A 198 4.22 19.01 0.67
CA PRO A 198 5.50 19.61 0.99
C PRO A 198 6.22 18.83 2.09
N LYS A 199 7.51 19.10 2.25
CA LYS A 199 8.21 18.75 3.47
C LYS A 199 7.53 19.53 4.59
N MET A 200 7.00 18.84 5.60
CA MET A 200 6.35 19.40 6.77
C MET A 200 7.11 18.92 8.00
N THR A 201 7.10 19.70 9.07
CA THR A 201 7.72 19.26 10.30
C THR A 201 6.87 18.17 10.92
N GLY A 202 7.54 17.38 11.73
CA GLY A 202 7.01 16.16 12.28
C GLY A 202 6.78 16.30 13.78
N VAL A 203 6.17 15.29 14.39
CA VAL A 203 5.76 15.31 15.78
C VAL A 203 6.32 14.06 16.45
N MET A 204 7.25 14.21 17.39
CA MET A 204 7.85 13.11 18.11
C MET A 204 7.69 13.34 19.61
N GLU A 205 7.64 12.23 20.36
CA GLU A 205 7.64 12.18 21.82
C GLU A 205 6.45 12.87 22.49
N GLY A 1 8.96 -4.58 -14.85
CA GLY A 1 7.62 -5.04 -15.28
C GLY A 1 6.59 -4.70 -14.21
N VAL A 2 5.31 -4.71 -14.60
CA VAL A 2 4.09 -4.46 -13.84
C VAL A 2 4.27 -3.42 -12.73
N ALA A 3 3.84 -2.19 -13.04
CA ALA A 3 3.92 -1.09 -12.10
C ALA A 3 2.61 -0.95 -11.34
N LEU A 4 1.54 -1.60 -11.84
CA LEU A 4 0.15 -1.45 -11.47
C LEU A 4 -0.26 0.03 -11.58
N GLY A 5 -1.56 0.30 -11.55
CA GLY A 5 -2.07 1.64 -11.84
C GLY A 5 -1.53 2.69 -10.87
N ALA A 6 -1.11 2.27 -9.67
CA ALA A 6 -0.66 3.10 -8.58
C ALA A 6 0.12 2.20 -7.61
N THR A 7 0.85 2.79 -6.66
CA THR A 7 1.42 2.02 -5.55
C THR A 7 0.39 1.83 -4.41
N ARG A 8 -0.78 2.48 -4.47
CA ARG A 8 -1.89 2.19 -3.57
C ARG A 8 -3.22 2.51 -4.25
N VAL A 9 -4.32 1.99 -3.71
CA VAL A 9 -5.67 2.24 -4.20
C VAL A 9 -6.53 2.48 -2.96
N ILE A 10 -7.36 3.52 -2.98
CA ILE A 10 -8.19 3.93 -1.85
C ILE A 10 -9.63 3.73 -2.28
N TYR A 11 -10.12 2.51 -2.04
CA TYR A 11 -11.47 2.07 -2.37
C TYR A 11 -12.45 2.90 -1.52
N PRO A 12 -13.27 3.79 -2.10
CA PRO A 12 -14.40 4.41 -1.41
C PRO A 12 -15.49 3.35 -1.25
N ALA A 13 -15.76 2.95 0.00
CA ALA A 13 -16.62 1.82 0.30
C ALA A 13 -18.04 2.05 -0.25
N GLY A 14 -18.62 1.03 -0.86
CA GLY A 14 -20.00 1.06 -1.34
C GLY A 14 -20.22 1.94 -2.57
N GLN A 15 -19.18 2.56 -3.12
CA GLN A 15 -19.23 3.45 -4.29
C GLN A 15 -19.34 2.64 -5.60
N LYS A 16 -20.19 1.61 -5.62
CA LYS A 16 -20.44 0.72 -6.76
C LYS A 16 -19.18 -0.04 -7.22
N GLN A 17 -18.40 -0.57 -6.27
CA GLN A 17 -17.17 -1.33 -6.53
C GLN A 17 -16.10 -0.37 -7.05
N GLU A 18 -14.84 -0.81 -7.08
CA GLU A 18 -13.74 -0.02 -7.61
C GLU A 18 -12.87 -0.89 -8.50
N GLN A 19 -11.86 -0.27 -9.11
CA GLN A 19 -11.07 -0.86 -10.15
C GLN A 19 -9.63 -0.39 -10.04
N LEU A 20 -8.72 -1.14 -10.65
CA LEU A 20 -7.28 -0.91 -10.58
C LEU A 20 -6.72 -1.33 -11.91
N ALA A 21 -6.12 -0.38 -12.64
CA ALA A 21 -5.38 -0.75 -13.85
C ALA A 21 -4.21 -1.64 -13.47
N VAL A 22 -3.88 -2.59 -14.34
CA VAL A 22 -2.58 -3.22 -14.37
C VAL A 22 -1.91 -2.58 -15.58
N THR A 23 -0.66 -2.16 -15.41
CA THR A 23 0.11 -1.38 -16.36
C THR A 23 1.52 -1.94 -16.31
N ASN A 24 2.19 -2.04 -17.45
CA ASN A 24 3.44 -2.79 -17.59
C ASN A 24 4.42 -2.10 -18.52
N ASN A 25 5.71 -2.23 -18.20
CA ASN A 25 6.81 -1.77 -19.00
C ASN A 25 7.19 -2.80 -20.07
N ASP A 26 7.35 -4.06 -19.68
CA ASP A 26 7.75 -5.09 -20.64
C ASP A 26 6.63 -5.29 -21.65
N GLU A 27 7.01 -5.51 -22.89
CA GLU A 27 6.17 -5.51 -24.06
C GLU A 27 6.27 -6.83 -24.82
N ASN A 28 6.84 -7.86 -24.18
CA ASN A 28 7.41 -9.03 -24.82
C ASN A 28 6.74 -10.29 -24.31
N SER A 29 6.89 -10.53 -23.02
CA SER A 29 6.35 -11.67 -22.29
C SER A 29 4.82 -11.66 -22.36
N THR A 30 4.19 -12.84 -22.25
CA THR A 30 2.75 -12.93 -22.04
C THR A 30 2.54 -12.96 -20.53
N TYR A 31 2.31 -11.80 -19.90
CA TYR A 31 2.29 -11.71 -18.44
C TYR A 31 1.03 -12.35 -17.89
N LEU A 32 1.17 -12.79 -16.65
CA LEU A 32 0.23 -13.60 -15.90
C LEU A 32 -0.04 -12.82 -14.62
N ILE A 33 -1.12 -12.06 -14.55
CA ILE A 33 -1.52 -11.43 -13.29
C ILE A 33 -2.25 -12.49 -12.47
N GLN A 34 -1.98 -12.49 -11.17
CA GLN A 34 -2.66 -13.31 -10.19
C GLN A 34 -2.91 -12.40 -8.98
N SER A 35 -4.07 -11.78 -8.91
CA SER A 35 -4.43 -10.91 -7.81
C SER A 35 -4.72 -11.75 -6.56
N TRP A 36 -4.50 -11.16 -5.39
CA TRP A 36 -4.93 -11.67 -4.11
C TRP A 36 -5.01 -10.50 -3.13
N VAL A 37 -5.71 -10.70 -2.01
CA VAL A 37 -5.89 -9.70 -0.97
C VAL A 37 -5.48 -10.31 0.36
N GLU A 38 -4.76 -9.53 1.16
CA GLU A 38 -4.40 -9.85 2.52
C GLU A 38 -4.87 -8.67 3.38
N ASN A 39 -5.20 -8.93 4.63
CA ASN A 39 -5.59 -7.99 5.67
C ASN A 39 -4.40 -7.10 6.02
N ALA A 40 -4.63 -6.01 6.77
CA ALA A 40 -3.56 -5.17 7.32
C ALA A 40 -2.50 -5.99 8.06
N ASP A 41 -2.88 -7.14 8.62
CA ASP A 41 -2.04 -8.03 9.42
C ASP A 41 -1.20 -8.98 8.56
N GLY A 42 -1.44 -8.98 7.25
CA GLY A 42 -0.95 -10.01 6.34
C GLY A 42 -1.77 -11.30 6.39
N VAL A 43 -2.89 -11.33 7.13
CA VAL A 43 -3.79 -12.49 7.16
C VAL A 43 -4.55 -12.49 5.84
N LYS A 44 -4.61 -13.62 5.13
CA LYS A 44 -5.52 -13.72 3.99
C LYS A 44 -6.90 -14.10 4.54
N ASP A 45 -7.90 -13.26 4.26
CA ASP A 45 -9.31 -13.57 4.48
C ASP A 45 -10.12 -13.02 3.30
N GLY A 46 -11.18 -13.72 2.87
CA GLY A 46 -12.06 -13.33 1.79
C GLY A 46 -12.99 -12.15 2.10
N ARG A 47 -12.56 -11.16 2.89
CA ARG A 47 -13.28 -9.89 3.07
C ARG A 47 -13.26 -9.02 1.82
N PHE A 48 -12.43 -9.32 0.83
CA PHE A 48 -12.43 -8.69 -0.47
C PHE A 48 -12.45 -9.81 -1.49
N ILE A 49 -13.04 -9.55 -2.65
CA ILE A 49 -13.02 -10.43 -3.80
C ILE A 49 -12.66 -9.56 -5.02
N VAL A 50 -12.12 -10.18 -6.08
CA VAL A 50 -11.58 -9.49 -7.25
C VAL A 50 -12.01 -10.28 -8.50
N THR A 51 -12.11 -9.60 -9.64
CA THR A 51 -12.26 -10.23 -10.94
C THR A 51 -11.50 -9.42 -12.00
N PRO A 52 -10.98 -10.04 -13.08
CA PRO A 52 -10.69 -11.46 -13.15
C PRO A 52 -9.61 -11.76 -12.11
N PRO A 53 -9.76 -12.79 -11.26
CA PRO A 53 -8.87 -12.98 -10.12
C PRO A 53 -7.45 -13.35 -10.57
N LEU A 54 -7.31 -13.99 -11.73
CA LEU A 54 -6.09 -14.21 -12.46
C LEU A 54 -6.38 -14.13 -13.94
N PHE A 55 -5.40 -13.82 -14.76
CA PHE A 55 -5.49 -13.86 -16.22
C PHE A 55 -4.08 -13.84 -16.81
N ALA A 56 -3.97 -14.17 -18.10
CA ALA A 56 -2.78 -13.88 -18.90
C ALA A 56 -3.17 -12.88 -19.99
N MET A 57 -2.27 -11.97 -20.35
CA MET A 57 -2.38 -11.10 -21.52
C MET A 57 -0.97 -10.86 -22.07
N LYS A 58 -0.83 -10.10 -23.17
CA LYS A 58 0.46 -9.66 -23.64
C LYS A 58 1.00 -8.55 -22.73
N GLY A 59 2.32 -8.42 -22.72
CA GLY A 59 3.07 -7.61 -21.78
C GLY A 59 2.57 -6.18 -21.69
N LYS A 60 2.76 -5.39 -22.75
CA LYS A 60 2.45 -3.97 -22.73
C LYS A 60 0.99 -3.83 -23.07
N LYS A 61 0.14 -3.69 -22.05
CA LYS A 61 -1.28 -3.53 -22.16
C LYS A 61 -1.73 -2.75 -20.93
N GLU A 62 -3.03 -2.46 -20.86
CA GLU A 62 -3.71 -2.13 -19.63
C GLU A 62 -4.75 -3.20 -19.42
N ASN A 63 -4.76 -3.81 -18.22
CA ASN A 63 -5.61 -4.94 -17.89
C ASN A 63 -6.25 -4.72 -16.54
N THR A 64 -7.33 -3.95 -16.53
CA THR A 64 -7.89 -3.46 -15.28
C THR A 64 -8.63 -4.59 -14.56
N LEU A 65 -8.53 -4.57 -13.23
CA LEU A 65 -9.19 -5.45 -12.29
C LEU A 65 -10.43 -4.71 -11.78
N ARG A 66 -11.46 -5.42 -11.36
CA ARG A 66 -12.53 -4.90 -10.51
C ARG A 66 -12.33 -5.56 -9.16
N ILE A 67 -12.29 -4.77 -8.11
CA ILE A 67 -12.15 -5.18 -6.74
C ILE A 67 -13.49 -4.80 -6.11
N LEU A 68 -14.08 -5.69 -5.32
CA LEU A 68 -15.42 -5.51 -4.80
C LEU A 68 -15.54 -6.09 -3.39
N ASP A 69 -16.56 -5.63 -2.66
CA ASP A 69 -16.75 -5.97 -1.26
C ASP A 69 -17.01 -7.47 -1.07
N ALA A 70 -16.53 -8.01 0.05
CA ALA A 70 -17.02 -9.27 0.60
C ALA A 70 -16.92 -9.28 2.15
N THR A 71 -16.88 -8.13 2.82
CA THR A 71 -16.55 -8.01 4.25
C THR A 71 -17.50 -8.79 5.17
N ASN A 72 -18.79 -8.77 4.87
CA ASN A 72 -19.92 -9.17 5.71
C ASN A 72 -20.04 -8.37 7.01
N ASN A 73 -19.12 -7.45 7.30
CA ASN A 73 -18.95 -6.81 8.61
C ASN A 73 -19.31 -5.32 8.60
N GLN A 74 -20.15 -4.87 7.66
CA GLN A 74 -20.63 -3.50 7.44
C GLN A 74 -19.55 -2.38 7.37
N LEU A 75 -18.27 -2.73 7.43
CA LEU A 75 -17.10 -1.89 7.70
C LEU A 75 -17.18 -1.11 9.03
N PRO A 76 -16.03 -0.75 9.62
CA PRO A 76 -15.98 -0.10 10.93
C PRO A 76 -16.45 1.36 10.85
N GLN A 77 -16.76 1.93 12.00
CA GLN A 77 -17.46 3.20 12.15
C GLN A 77 -16.74 4.20 13.05
N ASP A 78 -15.89 3.76 13.98
CA ASP A 78 -15.02 4.63 14.80
C ASP A 78 -13.55 4.49 14.40
N ARG A 79 -13.26 3.66 13.40
CA ARG A 79 -11.95 3.34 12.86
C ARG A 79 -12.19 2.94 11.41
N GLU A 80 -11.14 2.86 10.59
CA GLU A 80 -11.28 2.56 9.16
C GLU A 80 -10.60 1.23 8.83
N SER A 81 -10.39 0.90 7.55
CA SER A 81 -9.87 -0.41 7.15
C SER A 81 -8.73 -0.27 6.14
N LEU A 82 -7.75 -1.17 6.25
CA LEU A 82 -6.62 -1.34 5.35
C LEU A 82 -6.53 -2.82 5.00
N PHE A 83 -6.18 -3.10 3.75
CA PHE A 83 -5.80 -4.37 3.19
C PHE A 83 -4.52 -4.14 2.37
N TRP A 84 -3.92 -5.22 1.87
CA TRP A 84 -2.81 -5.23 0.96
C TRP A 84 -3.30 -6.01 -0.27
N MET A 85 -2.74 -5.70 -1.42
CA MET A 85 -3.17 -6.19 -2.74
C MET A 85 -1.95 -6.82 -3.38
N ASN A 86 -1.73 -8.10 -3.07
CA ASN A 86 -0.61 -8.88 -3.49
C ASN A 86 -0.94 -9.41 -4.89
N VAL A 87 -0.32 -8.83 -5.93
CA VAL A 87 -0.55 -9.20 -7.31
C VAL A 87 0.76 -9.80 -7.81
N LYS A 88 0.76 -11.11 -8.05
CA LYS A 88 1.85 -11.74 -8.78
C LYS A 88 1.68 -11.37 -10.24
N ALA A 89 2.79 -11.18 -10.93
CA ALA A 89 2.90 -10.83 -12.32
C ALA A 89 4.08 -11.62 -12.88
N ILE A 90 3.82 -12.81 -13.43
CA ILE A 90 4.87 -13.67 -13.96
C ILE A 90 5.01 -13.33 -15.44
N PRO A 91 6.23 -13.07 -15.96
CA PRO A 91 6.46 -12.98 -17.39
C PRO A 91 6.34 -14.37 -18.01
N SER A 92 5.15 -14.70 -18.48
CA SER A 92 4.75 -15.98 -19.05
C SER A 92 5.12 -17.16 -18.15
N MET A 93 4.15 -17.59 -17.33
CA MET A 93 4.36 -18.71 -16.43
C MET A 93 4.36 -20.03 -17.21
N ASP A 94 5.49 -20.37 -17.81
CA ASP A 94 5.82 -21.68 -18.37
C ASP A 94 5.69 -22.80 -17.33
N LYS A 95 5.68 -24.06 -17.81
CA LYS A 95 5.55 -25.30 -17.02
C LYS A 95 4.17 -25.43 -16.37
N SER A 96 3.96 -26.55 -15.67
CA SER A 96 2.90 -26.82 -14.69
C SER A 96 3.25 -28.11 -13.95
N LYS A 97 4.44 -28.18 -13.33
CA LYS A 97 4.78 -29.35 -12.50
C LYS A 97 3.99 -29.28 -11.19
N LEU A 98 3.96 -28.09 -10.59
CA LEU A 98 3.19 -27.67 -9.43
C LEU A 98 3.16 -28.73 -8.33
N THR A 99 4.35 -29.02 -7.82
CA THR A 99 4.56 -29.72 -6.57
C THR A 99 5.82 -29.06 -6.02
N GLU A 100 5.68 -27.77 -5.67
CA GLU A 100 6.74 -26.84 -5.37
C GLU A 100 7.72 -26.71 -6.56
N ASN A 101 8.78 -25.92 -6.38
CA ASN A 101 9.85 -25.62 -7.34
C ASN A 101 9.32 -25.50 -8.77
N THR A 102 8.33 -24.62 -8.95
CA THR A 102 7.61 -24.39 -10.20
C THR A 102 7.48 -22.86 -10.37
N LEU A 103 8.55 -22.11 -10.08
CA LEU A 103 8.61 -20.66 -10.21
C LEU A 103 9.95 -20.29 -10.83
N GLN A 104 10.02 -20.03 -12.15
CA GLN A 104 11.27 -19.61 -12.76
C GLN A 104 11.65 -18.19 -12.33
N LEU A 105 10.64 -17.32 -12.18
CA LEU A 105 10.70 -15.91 -11.83
C LEU A 105 9.28 -15.47 -11.50
N ALA A 106 9.11 -14.35 -10.79
CA ALA A 106 7.87 -13.58 -10.77
C ALA A 106 8.19 -12.17 -10.31
N ILE A 107 7.48 -11.18 -10.85
CA ILE A 107 7.35 -9.87 -10.27
C ILE A 107 6.14 -10.01 -9.37
N ILE A 108 6.37 -10.26 -8.09
CA ILE A 108 5.33 -9.98 -7.10
C ILE A 108 5.30 -8.46 -6.97
N SER A 109 4.11 -7.86 -7.10
CA SER A 109 3.88 -6.48 -6.75
C SER A 109 2.86 -6.51 -5.62
N ARG A 110 2.60 -5.35 -5.05
CA ARG A 110 2.02 -5.22 -3.71
C ARG A 110 1.50 -3.80 -3.52
N ILE A 111 0.24 -3.58 -3.87
CA ILE A 111 -0.40 -2.29 -3.63
C ILE A 111 -0.81 -2.32 -2.15
N LYS A 112 -0.94 -1.14 -1.53
CA LYS A 112 -1.63 -1.04 -0.25
C LYS A 112 -3.05 -0.60 -0.62
N LEU A 113 -4.07 -1.27 -0.10
CA LEU A 113 -5.46 -1.00 -0.46
C LEU A 113 -6.17 -0.47 0.77
N TYR A 114 -6.40 0.84 0.78
CA TYR A 114 -7.11 1.50 1.87
C TYR A 114 -8.59 1.33 1.53
N TYR A 115 -9.40 0.94 2.51
CA TYR A 115 -10.81 0.67 2.31
C TYR A 115 -11.56 1.70 3.15
N ARG A 116 -12.03 2.77 2.49
CA ARG A 116 -12.48 3.98 3.14
C ARG A 116 -14.00 4.13 2.99
N PRO A 117 -14.82 3.68 3.95
CA PRO A 117 -16.21 4.14 4.09
C PRO A 117 -16.32 5.64 4.39
N ALA A 118 -15.18 6.31 4.59
CA ALA A 118 -15.03 7.71 4.94
C ALA A 118 -15.93 8.05 6.12
N LYS A 119 -15.88 7.19 7.15
CA LYS A 119 -16.79 7.29 8.30
C LYS A 119 -16.11 7.99 9.48
N LEU A 120 -14.89 8.45 9.27
CA LEU A 120 -14.11 9.34 10.12
C LEU A 120 -14.31 10.76 9.64
N ALA A 121 -14.26 11.70 10.56
CA ALA A 121 -14.50 13.12 10.31
C ALA A 121 -13.19 13.92 10.23
N LEU A 122 -12.08 13.37 10.74
CA LEU A 122 -10.80 14.04 10.84
C LEU A 122 -10.36 14.49 9.43
N PRO A 123 -9.92 15.74 9.26
CA PRO A 123 -9.48 16.26 7.98
C PRO A 123 -8.18 15.57 7.55
N PRO A 124 -8.03 15.18 6.26
CA PRO A 124 -6.87 14.43 5.78
C PRO A 124 -5.58 15.24 5.85
N ASP A 125 -5.67 16.56 6.04
CA ASP A 125 -4.56 17.49 6.22
C ASP A 125 -3.82 17.14 7.50
N GLN A 126 -4.57 16.93 8.58
CA GLN A 126 -4.00 16.79 9.90
C GLN A 126 -3.53 15.35 10.11
N ALA A 127 -3.86 14.42 9.20
CA ALA A 127 -3.43 13.03 9.31
C ALA A 127 -1.91 12.96 9.45
N ALA A 128 -1.16 13.67 8.59
CA ALA A 128 0.29 13.69 8.66
C ALA A 128 0.80 14.43 9.89
N GLU A 129 0.10 15.49 10.29
CA GLU A 129 0.43 16.30 11.45
C GLU A 129 -0.12 15.70 12.76
N LYS A 130 -0.59 14.45 12.72
CA LYS A 130 -0.91 13.69 13.92
C LYS A 130 -0.37 12.26 13.87
N LEU A 131 0.38 11.93 12.81
CA LEU A 131 1.23 10.76 12.81
C LEU A 131 2.40 11.15 13.70
N ARG A 132 2.38 10.73 14.96
CA ARG A 132 3.45 11.08 15.89
C ARG A 132 4.59 10.08 15.69
N PHE A 133 5.76 10.38 16.22
CA PHE A 133 6.95 9.59 16.02
C PHE A 133 7.63 9.38 17.37
N ARG A 134 8.14 8.18 17.62
CA ARG A 134 9.10 7.96 18.69
C ARG A 134 10.42 7.68 18.01
N ARG A 135 11.35 8.63 18.06
CA ARG A 135 12.73 8.33 17.72
C ARG A 135 13.35 7.77 19.00
N SER A 136 14.05 6.65 18.92
CA SER A 136 14.92 6.12 19.95
C SER A 136 16.27 5.81 19.31
N ALA A 137 17.29 5.50 20.09
CA ALA A 137 18.69 5.55 19.64
C ALA A 137 19.08 4.53 18.55
N ASN A 138 18.16 3.65 18.18
CA ASN A 138 18.35 2.47 17.35
C ASN A 138 17.21 2.34 16.33
N SER A 139 16.02 2.83 16.65
CA SER A 139 14.82 2.65 15.85
C SER A 139 13.99 3.94 15.88
N LEU A 140 13.64 4.44 14.70
CA LEU A 140 12.66 5.49 14.51
C LEU A 140 11.33 4.79 14.25
N THR A 141 10.29 5.15 15.00
CA THR A 141 9.04 4.44 14.98
C THR A 141 7.95 5.45 14.60
N LEU A 142 7.15 5.08 13.63
CA LEU A 142 5.95 5.74 13.13
C LEU A 142 4.83 5.29 14.07
N ILE A 143 3.99 6.20 14.57
CA ILE A 143 3.02 5.91 15.62
C ILE A 143 1.66 6.37 15.11
N ASN A 144 0.73 5.43 14.93
CA ASN A 144 -0.66 5.73 14.55
C ASN A 144 -1.57 4.87 15.41
N PRO A 145 -1.78 5.22 16.69
CA PRO A 145 -2.73 4.56 17.57
C PRO A 145 -4.16 5.08 17.32
N THR A 146 -4.37 5.73 16.18
CA THR A 146 -5.54 6.49 15.76
C THR A 146 -6.30 5.73 14.66
N PRO A 147 -7.48 6.24 14.26
CA PRO A 147 -8.28 5.59 13.23
C PRO A 147 -7.90 5.94 11.79
N TYR A 148 -7.09 6.99 11.56
CA TYR A 148 -6.86 7.60 10.25
C TYR A 148 -5.35 7.68 10.02
N TYR A 149 -4.89 7.33 8.82
CA TYR A 149 -3.50 7.13 8.50
C TYR A 149 -3.23 7.58 7.05
N LEU A 150 -1.96 7.73 6.70
CA LEU A 150 -1.47 8.35 5.47
C LEU A 150 -0.08 7.83 5.14
N THR A 151 0.25 7.70 3.86
CA THR A 151 1.49 7.08 3.39
C THR A 151 2.67 8.06 3.62
N VAL A 152 3.83 7.59 4.11
CA VAL A 152 4.96 8.45 4.48
C VAL A 152 6.19 8.05 3.68
N THR A 153 6.71 8.99 2.88
CA THR A 153 7.66 8.69 1.82
C THR A 153 8.67 9.82 1.72
N GLU A 154 9.96 9.50 1.82
CA GLU A 154 11.05 10.44 1.99
C GLU A 154 10.88 11.15 3.33
N LEU A 155 10.95 10.34 4.40
CA LEU A 155 11.01 10.87 5.76
C LEU A 155 12.41 11.45 5.99
N ASN A 156 12.55 12.42 6.90
CA ASN A 156 13.82 13.01 7.29
C ASN A 156 13.79 13.19 8.80
N ALA A 157 14.81 12.70 9.49
CA ALA A 157 14.87 12.67 10.93
C ALA A 157 16.27 13.06 11.38
N GLY A 158 16.36 14.16 12.11
CA GLY A 158 17.61 14.79 12.42
C GLY A 158 18.36 15.11 11.14
N THR A 159 19.60 14.68 11.05
CA THR A 159 20.43 14.91 9.88
C THR A 159 20.35 13.74 8.90
N ARG A 160 19.38 12.84 9.09
CA ARG A 160 19.24 11.63 8.29
C ARG A 160 18.04 11.72 7.34
N VAL A 161 18.13 11.10 6.17
CA VAL A 161 17.00 10.71 5.35
C VAL A 161 16.54 9.35 5.88
N LEU A 162 15.28 8.98 5.72
CA LEU A 162 14.78 7.65 6.10
C LEU A 162 14.03 7.00 4.96
N GLU A 163 13.83 5.70 5.11
CA GLU A 163 13.26 4.81 4.10
C GLU A 163 11.78 5.12 3.89
N ASN A 164 11.25 4.78 2.72
CA ASN A 164 9.83 4.77 2.45
C ASN A 164 9.15 3.74 3.36
N ALA A 165 7.93 4.05 3.79
CA ALA A 165 7.21 3.31 4.83
C ALA A 165 5.69 3.38 4.62
N LEU A 166 4.95 2.52 5.33
CA LEU A 166 3.49 2.53 5.40
C LEU A 166 3.06 2.30 6.85
N VAL A 167 1.92 2.87 7.20
CA VAL A 167 1.27 2.86 8.50
C VAL A 167 0.02 1.96 8.48
N PRO A 168 -0.05 0.88 9.29
CA PRO A 168 -1.32 0.21 9.54
C PRO A 168 -2.24 1.03 10.48
N PRO A 169 -3.56 0.81 10.43
CA PRO A 169 -4.50 1.38 11.40
C PRO A 169 -4.22 0.86 12.81
N MET A 170 -4.31 1.75 13.81
CA MET A 170 -4.04 1.48 15.22
C MET A 170 -2.84 0.54 15.40
N GLY A 171 -1.66 1.01 15.03
CA GLY A 171 -0.42 0.28 15.21
C GLY A 171 0.78 1.21 15.17
N GLU A 172 1.98 0.65 15.07
CA GLU A 172 3.21 1.40 14.83
C GLU A 172 4.01 0.68 13.73
N SER A 173 4.84 1.38 12.98
CA SER A 173 5.81 0.83 12.04
C SER A 173 7.18 1.34 12.44
N THR A 174 8.27 0.70 12.00
CA THR A 174 9.58 1.03 12.49
C THR A 174 10.60 0.99 11.34
N VAL A 175 11.59 1.86 11.40
CA VAL A 175 12.75 1.89 10.52
C VAL A 175 13.99 2.19 11.38
N LYS A 176 15.19 1.96 10.85
CA LYS A 176 16.43 2.10 11.61
C LYS A 176 16.68 3.57 11.94
N LEU A 177 17.44 3.86 12.99
CA LEU A 177 17.89 5.22 13.32
C LEU A 177 19.43 5.16 13.44
N PRO A 178 20.20 6.14 12.96
CA PRO A 178 21.66 6.02 12.81
C PRO A 178 22.41 6.31 14.12
N SER A 179 21.77 6.08 15.27
CA SER A 179 22.19 6.52 16.59
C SER A 179 22.66 7.98 16.65
N ASP A 180 22.07 8.87 15.86
CA ASP A 180 22.10 10.30 16.12
C ASP A 180 20.67 10.82 16.14
N ALA A 181 20.07 10.98 14.95
CA ALA A 181 18.81 11.66 14.70
C ALA A 181 18.58 12.85 15.64
N GLY A 182 18.98 14.04 15.20
CA GLY A 182 18.58 15.28 15.87
C GLY A 182 17.06 15.40 16.00
N SER A 183 16.60 16.40 16.76
CA SER A 183 15.24 16.43 17.26
C SER A 183 14.29 17.21 16.34
N ASN A 184 14.73 17.49 15.11
CA ASN A 184 13.86 17.89 14.01
C ASN A 184 13.38 16.64 13.28
N ILE A 185 12.09 16.51 13.01
CA ILE A 185 11.55 15.52 12.11
C ILE A 185 10.70 16.23 11.06
N THR A 186 10.70 15.68 9.85
CA THR A 186 9.98 16.18 8.69
C THR A 186 9.72 14.98 7.77
N TYR A 187 8.81 15.10 6.81
CA TYR A 187 8.54 14.03 5.85
C TYR A 187 7.83 14.61 4.63
N ARG A 188 7.78 13.82 3.55
CA ARG A 188 6.80 14.00 2.49
C ARG A 188 5.85 12.81 2.57
N THR A 189 4.71 12.93 1.90
CA THR A 189 3.59 11.99 1.94
C THR A 189 3.00 12.03 0.53
N ILE A 190 2.52 10.92 -0.02
CA ILE A 190 2.04 10.91 -1.42
C ILE A 190 0.55 11.32 -1.47
N ASN A 191 0.16 12.24 -0.56
CA ASN A 191 -1.22 12.48 -0.12
C ASN A 191 -1.87 11.12 0.11
N ASP A 192 -3.18 11.04 -0.11
CA ASP A 192 -3.90 9.81 -0.39
C ASP A 192 -3.93 9.56 -1.89
N TYR A 193 -3.80 10.63 -2.69
CA TYR A 193 -4.20 10.62 -4.08
C TYR A 193 -3.07 10.15 -4.99
N GLY A 194 -1.89 9.94 -4.41
CA GLY A 194 -0.69 9.65 -5.14
C GLY A 194 -0.08 10.94 -5.67
N ALA A 195 -0.15 12.04 -4.90
CA ALA A 195 0.60 13.25 -5.27
C ALA A 195 1.53 13.62 -4.12
N LEU A 196 2.83 13.85 -4.36
CA LEU A 196 3.76 14.08 -3.25
C LEU A 196 3.59 15.50 -2.69
N THR A 197 3.65 15.64 -1.37
CA THR A 197 3.63 16.90 -0.63
C THR A 197 5.05 17.50 -0.56
N PRO A 198 5.23 18.74 -0.06
CA PRO A 198 6.54 19.27 0.28
C PRO A 198 7.15 18.53 1.49
N LYS A 199 8.42 18.80 1.78
CA LYS A 199 9.09 18.43 3.03
C LYS A 199 8.49 19.27 4.16
N MET A 200 7.32 18.87 4.63
CA MET A 200 6.64 19.51 5.73
C MET A 200 7.22 18.96 7.02
N THR A 201 7.14 19.74 8.09
CA THR A 201 7.64 19.30 9.36
C THR A 201 6.79 18.17 9.90
N GLY A 202 7.33 17.50 10.91
CA GLY A 202 6.79 16.30 11.50
C GLY A 202 6.65 16.46 13.00
N VAL A 203 6.02 15.47 13.64
CA VAL A 203 5.70 15.55 15.05
C VAL A 203 6.26 14.33 15.76
N MET A 204 7.17 14.51 16.71
CA MET A 204 7.68 13.42 17.55
C MET A 204 7.35 13.76 19.00
N GLU A 205 7.48 12.77 19.87
CA GLU A 205 7.64 12.95 21.31
C GLU A 205 8.31 11.70 21.84
N GLY A 1 7.56 -4.49 -13.73
CA GLY A 1 7.43 -5.93 -13.52
C GLY A 1 5.96 -6.26 -13.52
N VAL A 2 5.39 -6.44 -14.71
CA VAL A 2 4.05 -5.99 -15.04
C VAL A 2 3.94 -4.47 -14.79
N ALA A 3 2.89 -3.85 -15.33
CA ALA A 3 2.49 -2.49 -15.02
C ALA A 3 0.99 -2.53 -14.75
N LEU A 4 0.48 -1.62 -13.93
CA LEU A 4 -0.93 -1.62 -13.53
C LEU A 4 -1.48 -0.21 -13.74
N GLY A 5 -2.80 -0.09 -13.70
CA GLY A 5 -3.54 1.12 -14.01
C GLY A 5 -3.18 2.33 -13.16
N ALA A 6 -2.42 2.15 -12.08
CA ALA A 6 -1.96 3.20 -11.21
C ALA A 6 -0.79 2.67 -10.40
N THR A 7 -0.04 3.56 -9.74
CA THR A 7 1.02 3.15 -8.83
C THR A 7 0.43 2.85 -7.44
N ARG A 8 -0.80 3.28 -7.15
CA ARG A 8 -1.54 3.03 -5.92
C ARG A 8 -3.03 3.18 -6.23
N VAL A 9 -3.90 2.49 -5.50
CA VAL A 9 -5.29 2.24 -5.91
C VAL A 9 -6.18 2.60 -4.73
N ILE A 10 -7.32 3.26 -4.95
CA ILE A 10 -8.03 4.04 -3.95
C ILE A 10 -9.53 3.83 -4.15
N TYR A 11 -10.09 2.94 -3.34
CA TYR A 11 -11.48 2.55 -3.32
C TYR A 11 -12.13 3.29 -2.15
N PRO A 12 -12.87 4.40 -2.36
CA PRO A 12 -13.65 4.99 -1.28
C PRO A 12 -14.77 4.03 -0.87
N ALA A 13 -15.32 4.17 0.34
CA ALA A 13 -16.56 3.51 0.70
C ALA A 13 -17.73 4.11 -0.10
N GLY A 14 -17.85 3.59 -1.31
CA GLY A 14 -18.95 3.60 -2.22
C GLY A 14 -19.20 2.12 -2.40
N GLN A 15 -20.31 1.66 -1.85
CA GLN A 15 -20.76 0.26 -1.76
C GLN A 15 -21.04 -0.40 -3.12
N LYS A 16 -20.17 -0.21 -4.11
CA LYS A 16 -20.33 -0.73 -5.47
C LYS A 16 -19.05 -1.39 -5.95
N GLN A 17 -17.97 -0.64 -6.17
CA GLN A 17 -16.71 -1.16 -6.73
C GLN A 17 -15.66 -0.06 -6.95
N GLU A 18 -14.40 -0.48 -7.14
CA GLU A 18 -13.31 0.25 -7.77
C GLU A 18 -12.68 -0.70 -8.79
N GLN A 19 -11.57 -0.30 -9.42
CA GLN A 19 -10.94 -1.03 -10.51
C GLN A 19 -9.42 -0.84 -10.52
N LEU A 20 -8.72 -1.69 -11.26
CA LEU A 20 -7.29 -1.55 -11.53
C LEU A 20 -7.02 -2.11 -12.92
N ALA A 21 -6.47 -1.31 -13.83
CA ALA A 21 -6.00 -1.84 -15.12
C ALA A 21 -4.72 -2.67 -14.93
N VAL A 22 -4.34 -3.45 -15.93
CA VAL A 22 -3.05 -4.14 -16.02
C VAL A 22 -2.51 -3.81 -17.41
N THR A 23 -1.19 -3.75 -17.57
CA THR A 23 -0.43 -3.73 -18.81
C THR A 23 0.87 -4.52 -18.56
N ASN A 24 1.71 -4.72 -19.57
CA ASN A 24 3.09 -5.17 -19.33
C ASN A 24 4.07 -4.13 -19.88
N ASN A 25 5.34 -4.19 -19.47
CA ASN A 25 6.38 -3.30 -19.95
C ASN A 25 6.97 -3.84 -21.25
N ASP A 26 7.39 -5.10 -21.21
CA ASP A 26 7.66 -5.92 -22.39
C ASP A 26 6.35 -6.23 -23.12
N GLU A 27 6.43 -6.65 -24.38
CA GLU A 27 5.31 -6.88 -25.27
C GLU A 27 5.02 -8.37 -25.53
N ASN A 28 5.94 -9.26 -25.16
CA ASN A 28 5.97 -10.62 -25.65
C ASN A 28 5.20 -11.59 -24.77
N SER A 29 5.78 -11.93 -23.61
CA SER A 29 5.43 -13.12 -22.87
C SER A 29 4.02 -13.05 -22.30
N THR A 30 3.46 -14.21 -21.95
CA THR A 30 2.19 -14.31 -21.25
C THR A 30 2.47 -14.16 -19.76
N TYR A 31 1.67 -13.35 -19.07
CA TYR A 31 1.60 -13.34 -17.62
C TYR A 31 0.25 -13.89 -17.22
N LEU A 32 0.18 -14.46 -16.02
CA LEU A 32 -1.00 -14.83 -15.27
C LEU A 32 -1.06 -13.74 -14.22
N ILE A 33 -1.93 -12.75 -14.34
CA ILE A 33 -2.20 -11.86 -13.19
C ILE A 33 -3.08 -12.69 -12.27
N GLN A 34 -2.62 -12.85 -11.02
CA GLN A 34 -3.38 -13.42 -9.96
C GLN A 34 -3.47 -12.35 -8.88
N SER A 35 -4.56 -11.58 -8.91
CA SER A 35 -4.84 -10.67 -7.83
C SER A 35 -5.05 -11.48 -6.56
N TRP A 36 -4.69 -10.86 -5.46
CA TRP A 36 -5.16 -11.18 -4.13
C TRP A 36 -5.02 -9.93 -3.27
N VAL A 37 -5.67 -9.96 -2.11
CA VAL A 37 -5.76 -8.84 -1.20
C VAL A 37 -5.17 -9.27 0.12
N GLU A 38 -4.17 -8.54 0.57
CA GLU A 38 -3.44 -8.82 1.78
C GLU A 38 -3.38 -7.54 2.61
N ASN A 39 -3.02 -7.64 3.87
CA ASN A 39 -2.96 -6.56 4.85
C ASN A 39 -1.59 -5.89 4.81
N ALA A 40 -1.43 -4.84 5.61
CA ALA A 40 -0.19 -4.11 5.78
C ALA A 40 1.03 -4.97 6.16
N ASP A 41 0.85 -6.25 6.47
CA ASP A 41 1.93 -7.21 6.74
C ASP A 41 2.13 -8.21 5.60
N GLY A 42 1.31 -8.12 4.56
CA GLY A 42 1.21 -9.18 3.58
C GLY A 42 0.51 -10.42 4.13
N VAL A 43 -0.15 -10.39 5.29
CA VAL A 43 -1.05 -11.49 5.67
C VAL A 43 -2.32 -11.36 4.83
N LYS A 44 -3.04 -12.45 4.59
CA LYS A 44 -4.36 -12.34 3.97
C LYS A 44 -5.37 -12.03 5.08
N ASP A 45 -5.78 -10.78 5.11
CA ASP A 45 -7.02 -10.32 5.73
C ASP A 45 -7.96 -10.04 4.57
N GLY A 46 -8.12 -11.06 3.72
CA GLY A 46 -8.59 -10.99 2.34
C GLY A 46 -10.04 -11.38 2.19
N ARG A 47 -10.90 -10.76 2.99
CA ARG A 47 -12.33 -10.73 2.78
C ARG A 47 -12.79 -9.96 1.56
N PHE A 48 -11.94 -9.16 0.93
CA PHE A 48 -12.17 -8.65 -0.42
C PHE A 48 -12.16 -9.79 -1.43
N ILE A 49 -12.69 -9.54 -2.63
CA ILE A 49 -12.62 -10.38 -3.80
C ILE A 49 -12.40 -9.41 -4.94
N VAL A 50 -11.26 -9.49 -5.61
CA VAL A 50 -11.09 -8.85 -6.89
C VAL A 50 -11.67 -9.83 -7.93
N THR A 51 -12.32 -9.28 -8.94
CA THR A 51 -13.08 -10.00 -9.94
C THR A 51 -12.66 -9.46 -11.34
N PRO A 52 -12.26 -10.31 -12.29
CA PRO A 52 -11.84 -11.70 -12.09
C PRO A 52 -10.60 -11.74 -11.18
N PRO A 53 -10.47 -12.75 -10.31
CA PRO A 53 -9.31 -12.87 -9.43
C PRO A 53 -8.05 -13.21 -10.22
N LEU A 54 -8.17 -14.03 -11.27
CA LEU A 54 -7.06 -14.54 -12.03
C LEU A 54 -7.40 -14.60 -13.52
N PHE A 55 -6.40 -14.35 -14.37
CA PHE A 55 -6.46 -14.49 -15.81
C PHE A 55 -5.05 -14.51 -16.36
N ALA A 56 -4.85 -15.18 -17.50
CA ALA A 56 -3.70 -14.92 -18.32
C ALA A 56 -3.93 -13.65 -19.14
N MET A 57 -2.85 -13.00 -19.53
CA MET A 57 -2.77 -11.84 -20.39
C MET A 57 -1.48 -11.99 -21.19
N LYS A 58 -1.35 -11.25 -22.29
CA LYS A 58 -0.13 -11.17 -23.09
C LYS A 58 0.56 -9.85 -22.79
N GLY A 59 1.87 -9.75 -23.04
CA GLY A 59 2.65 -8.56 -22.81
C GLY A 59 1.97 -7.32 -23.40
N LYS A 60 1.84 -7.25 -24.73
CA LYS A 60 1.12 -6.17 -25.39
C LYS A 60 -0.40 -6.36 -25.23
N LYS A 61 -0.91 -6.20 -24.02
CA LYS A 61 -2.35 -6.18 -23.76
C LYS A 61 -2.63 -5.25 -22.58
N GLU A 62 -3.91 -5.06 -22.28
CA GLU A 62 -4.42 -4.45 -21.07
C GLU A 62 -5.57 -5.32 -20.59
N ASN A 63 -5.67 -5.61 -19.28
CA ASN A 63 -6.69 -6.48 -18.73
C ASN A 63 -7.10 -6.03 -17.33
N THR A 64 -8.11 -5.17 -17.25
CA THR A 64 -8.56 -4.53 -16.03
C THR A 64 -9.30 -5.51 -15.13
N LEU A 65 -9.21 -5.30 -13.82
CA LEU A 65 -9.93 -6.00 -12.77
C LEU A 65 -10.87 -5.00 -12.10
N ARG A 66 -11.87 -5.51 -11.37
CA ARG A 66 -12.68 -4.71 -10.45
C ARG A 66 -12.49 -5.26 -9.06
N ILE A 67 -12.54 -4.39 -8.06
CA ILE A 67 -12.34 -4.65 -6.65
C ILE A 67 -13.70 -4.29 -6.03
N LEU A 68 -14.33 -5.19 -5.26
CA LEU A 68 -15.68 -4.97 -4.72
C LEU A 68 -15.79 -5.30 -3.23
N ASP A 69 -16.85 -4.84 -2.56
CA ASP A 69 -17.16 -5.22 -1.18
C ASP A 69 -17.67 -6.66 -1.16
N ALA A 70 -16.72 -7.60 -1.06
CA ALA A 70 -16.97 -8.95 -0.60
C ALA A 70 -16.95 -9.06 0.92
N THR A 71 -16.30 -8.09 1.57
CA THR A 71 -16.09 -7.97 3.00
C THR A 71 -17.41 -8.02 3.78
N ASN A 72 -18.48 -7.50 3.19
CA ASN A 72 -19.81 -7.28 3.74
C ASN A 72 -19.78 -6.90 5.23
N ASN A 73 -19.00 -5.87 5.52
CA ASN A 73 -18.76 -5.35 6.85
C ASN A 73 -18.96 -3.84 6.91
N GLN A 74 -19.49 -3.24 5.83
CA GLN A 74 -19.64 -1.82 5.52
C GLN A 74 -18.39 -0.97 5.83
N LEU A 75 -17.21 -1.59 5.97
CA LEU A 75 -15.99 -1.09 6.60
C LEU A 75 -16.22 -0.62 8.04
N PRO A 76 -15.16 -0.43 8.85
CA PRO A 76 -15.27 0.33 10.08
C PRO A 76 -15.77 1.74 9.77
N GLN A 77 -16.55 2.32 10.68
CA GLN A 77 -17.02 3.69 10.65
C GLN A 77 -16.18 4.55 11.61
N ASP A 78 -15.24 3.95 12.34
CA ASP A 78 -14.46 4.55 13.41
C ASP A 78 -12.96 4.65 13.08
N ARG A 79 -12.48 3.96 12.05
CA ARG A 79 -11.12 4.03 11.51
C ARG A 79 -11.13 3.69 10.03
N GLU A 80 -10.00 3.88 9.36
CA GLU A 80 -9.87 3.54 7.95
C GLU A 80 -9.61 2.03 7.79
N SER A 81 -9.20 1.58 6.61
CA SER A 81 -8.74 0.24 6.32
C SER A 81 -7.55 0.37 5.35
N LEU A 82 -6.79 -0.71 5.22
CA LEU A 82 -5.58 -0.76 4.41
C LEU A 82 -5.41 -2.17 3.94
N PHE A 83 -5.31 -2.33 2.62
CA PHE A 83 -4.91 -3.56 2.00
C PHE A 83 -3.74 -3.25 1.07
N TRP A 84 -2.98 -4.26 0.70
CA TRP A 84 -2.13 -4.27 -0.46
C TRP A 84 -2.78 -5.21 -1.45
N MET A 85 -2.97 -4.69 -2.66
CA MET A 85 -3.33 -5.45 -3.84
C MET A 85 -2.06 -6.18 -4.27
N ASN A 86 -1.81 -7.32 -3.64
CA ASN A 86 -0.62 -8.13 -3.86
C ASN A 86 -0.90 -9.00 -5.07
N VAL A 87 -0.68 -8.42 -6.26
CA VAL A 87 -0.93 -9.08 -7.51
C VAL A 87 0.31 -9.91 -7.80
N LYS A 88 0.20 -11.23 -7.73
CA LYS A 88 1.27 -12.12 -8.16
C LYS A 88 1.10 -12.25 -9.68
N ALA A 89 2.02 -11.68 -10.45
CA ALA A 89 2.05 -11.85 -11.89
C ALA A 89 3.02 -12.98 -12.21
N ILE A 90 2.53 -14.18 -12.53
CA ILE A 90 3.37 -15.33 -12.82
C ILE A 90 3.61 -15.34 -14.33
N PRO A 91 4.83 -15.53 -14.84
CA PRO A 91 5.08 -15.70 -16.27
C PRO A 91 4.57 -17.07 -16.77
N SER A 92 3.26 -17.12 -17.03
CA SER A 92 2.46 -18.27 -17.47
C SER A 92 2.76 -19.55 -16.67
N MET A 93 2.08 -19.74 -15.54
CA MET A 93 2.38 -20.86 -14.65
C MET A 93 1.88 -22.17 -15.27
N ASP A 94 2.52 -23.28 -14.93
CA ASP A 94 2.11 -24.63 -15.30
C ASP A 94 0.80 -24.98 -14.57
N LYS A 95 0.16 -26.05 -15.03
CA LYS A 95 -0.99 -26.73 -14.40
C LYS A 95 -2.17 -25.79 -14.14
N SER A 96 -3.23 -26.32 -13.52
CA SER A 96 -4.32 -25.54 -12.95
C SER A 96 -4.95 -26.40 -11.84
N LYS A 97 -4.12 -26.86 -10.90
CA LYS A 97 -4.48 -27.73 -9.79
C LYS A 97 -3.61 -27.38 -8.59
N LEU A 98 -4.16 -27.48 -7.38
CA LEU A 98 -3.61 -26.97 -6.13
C LEU A 98 -3.47 -25.44 -6.16
N THR A 99 -3.26 -24.86 -5.00
CA THR A 99 -3.19 -23.43 -4.73
C THR A 99 -2.21 -23.34 -3.57
N GLU A 100 -0.94 -23.13 -3.92
CA GLU A 100 0.25 -23.37 -3.10
C GLU A 100 1.16 -22.15 -3.17
N ASN A 101 2.12 -22.05 -2.25
CA ASN A 101 2.92 -20.82 -2.05
C ASN A 101 4.42 -21.11 -1.95
N THR A 102 4.96 -21.94 -2.85
CA THR A 102 6.38 -22.05 -3.11
C THR A 102 6.57 -21.97 -4.63
N LEU A 103 5.90 -20.98 -5.22
CA LEU A 103 6.09 -20.60 -6.62
C LEU A 103 7.46 -19.94 -6.70
N GLN A 104 8.39 -20.51 -7.45
CA GLN A 104 9.76 -20.04 -7.43
C GLN A 104 9.90 -18.64 -8.04
N LEU A 105 9.12 -18.34 -9.09
CA LEU A 105 9.30 -17.16 -9.92
C LEU A 105 7.96 -16.53 -10.29
N ALA A 106 7.60 -15.45 -9.61
CA ALA A 106 6.56 -14.54 -10.05
C ALA A 106 6.92 -13.11 -9.65
N ILE A 107 6.32 -12.14 -10.32
CA ILE A 107 6.53 -10.74 -10.11
C ILE A 107 5.34 -10.29 -9.27
N ILE A 108 5.54 -10.34 -7.96
CA ILE A 108 4.58 -9.85 -6.98
C ILE A 108 4.64 -8.31 -7.04
N SER A 109 3.66 -7.72 -7.72
CA SER A 109 3.70 -6.31 -8.12
C SER A 109 3.24 -5.37 -6.99
N ARG A 110 2.60 -5.92 -5.96
CA ARG A 110 2.42 -5.34 -4.62
C ARG A 110 2.04 -3.86 -4.65
N ILE A 111 0.76 -3.56 -4.83
CA ILE A 111 0.28 -2.18 -4.91
C ILE A 111 -0.30 -1.84 -3.54
N LYS A 112 -0.01 -0.64 -3.03
CA LYS A 112 -0.63 -0.11 -1.82
C LYS A 112 -2.05 0.28 -2.24
N LEU A 113 -3.08 -0.40 -1.69
CA LEU A 113 -4.47 -0.06 -1.92
C LEU A 113 -5.00 0.75 -0.74
N TYR A 114 -6.05 1.52 -0.96
CA TYR A 114 -6.65 2.44 -0.01
C TYR A 114 -8.14 2.15 -0.04
N TYR A 115 -8.62 1.18 0.75
CA TYR A 115 -10.06 1.00 0.92
C TYR A 115 -10.46 1.97 2.04
N ARG A 116 -10.94 3.17 1.68
CA ARG A 116 -11.09 4.30 2.59
C ARG A 116 -12.56 4.45 2.96
N PRO A 117 -13.02 4.00 4.14
CA PRO A 117 -14.35 4.36 4.61
C PRO A 117 -14.58 5.85 4.77
N ALA A 118 -13.51 6.64 4.89
CA ALA A 118 -13.48 8.09 4.73
C ALA A 118 -14.65 8.77 5.47
N LYS A 119 -14.88 8.40 6.73
CA LYS A 119 -16.02 8.87 7.53
C LYS A 119 -15.55 9.69 8.72
N LEU A 120 -14.26 9.98 8.81
CA LEU A 120 -13.55 10.36 10.01
C LEU A 120 -13.37 11.87 10.00
N ALA A 121 -13.96 12.56 10.98
CA ALA A 121 -13.86 14.01 11.10
C ALA A 121 -12.44 14.48 11.46
N LEU A 122 -11.54 13.57 11.85
CA LEU A 122 -10.13 13.85 12.13
C LEU A 122 -9.57 14.48 10.84
N PRO A 123 -8.87 15.61 10.94
CA PRO A 123 -8.45 16.41 9.79
C PRO A 123 -7.27 15.76 9.05
N PRO A 124 -7.41 15.40 7.76
CA PRO A 124 -6.37 14.70 7.02
C PRO A 124 -5.03 15.44 6.92
N ASP A 125 -5.02 16.78 7.07
CA ASP A 125 -3.80 17.59 7.11
C ASP A 125 -3.02 17.33 8.38
N GLN A 126 -3.73 17.41 9.52
CA GLN A 126 -3.14 17.30 10.84
C GLN A 126 -2.98 15.83 11.24
N ALA A 127 -3.50 14.90 10.44
CA ALA A 127 -3.35 13.46 10.66
C ALA A 127 -1.89 13.09 10.79
N ALA A 128 -1.04 13.58 9.87
CA ALA A 128 0.39 13.32 9.92
C ALA A 128 1.03 13.98 11.13
N GLU A 129 0.55 15.16 11.50
CA GLU A 129 0.99 15.93 12.65
C GLU A 129 0.40 15.41 13.97
N LYS A 130 -0.24 14.24 13.98
CA LYS A 130 -0.53 13.50 15.20
C LYS A 130 -0.20 12.00 15.04
N LEU A 131 0.44 11.62 13.93
CA LEU A 131 1.19 10.37 13.84
C LEU A 131 2.37 10.59 14.78
N ARG A 132 2.41 9.89 15.92
CA ARG A 132 3.46 10.12 16.90
C ARG A 132 4.68 9.32 16.49
N PHE A 133 5.83 9.62 17.09
CA PHE A 133 7.06 8.91 16.82
C PHE A 133 7.71 8.67 18.17
N ARG A 134 8.18 7.45 18.41
CA ARG A 134 9.05 7.16 19.54
C ARG A 134 10.42 6.93 18.94
N ARG A 135 11.38 7.78 19.27
CA ARG A 135 12.77 7.48 18.97
C ARG A 135 13.34 6.65 20.12
N SER A 136 14.35 5.86 19.85
CA SER A 136 15.31 5.33 20.78
C SER A 136 16.67 5.46 20.11
N ALA A 137 17.76 5.36 20.85
CA ALA A 137 19.12 5.21 20.31
C ALA A 137 19.28 3.78 19.77
N ASN A 138 18.35 3.31 18.93
CA ASN A 138 18.27 1.96 18.37
C ASN A 138 17.39 1.94 17.12
N SER A 139 16.28 2.66 17.14
CA SER A 139 15.26 2.64 16.09
C SER A 139 14.41 3.90 16.22
N LEU A 140 13.80 4.35 15.14
CA LEU A 140 12.64 5.23 15.21
C LEU A 140 11.42 4.34 15.07
N THR A 141 10.30 4.68 15.70
CA THR A 141 9.08 3.89 15.61
C THR A 141 7.96 4.86 15.22
N LEU A 142 7.13 4.43 14.26
CA LEU A 142 5.91 5.11 13.85
C LEU A 142 4.84 4.68 14.81
N ILE A 143 3.95 5.58 15.18
CA ILE A 143 2.86 5.35 16.10
C ILE A 143 1.62 5.96 15.43
N ASN A 144 0.80 5.10 14.81
CA ASN A 144 -0.43 5.49 14.14
C ASN A 144 -1.62 4.74 14.75
N PRO A 145 -1.95 4.95 16.03
CA PRO A 145 -3.18 4.42 16.62
C PRO A 145 -4.39 5.29 16.23
N THR A 146 -4.12 6.30 15.42
CA THR A 146 -5.03 7.30 14.91
C THR A 146 -5.90 6.62 13.85
N PRO A 147 -7.19 6.97 13.76
CA PRO A 147 -8.12 6.28 12.89
C PRO A 147 -7.85 6.56 11.42
N TYR A 148 -7.27 7.71 11.09
CA TYR A 148 -6.81 8.04 9.75
C TYR A 148 -5.46 7.35 9.55
N TYR A 149 -5.20 6.87 8.33
CA TYR A 149 -3.94 6.26 7.94
C TYR A 149 -3.31 7.16 6.89
N LEU A 150 -2.02 7.47 7.02
CA LEU A 150 -1.27 8.24 6.02
C LEU A 150 0.11 7.61 5.78
N THR A 151 0.55 7.52 4.53
CA THR A 151 1.89 7.02 4.19
C THR A 151 2.90 8.12 4.52
N VAL A 152 4.09 7.75 5.01
CA VAL A 152 5.13 8.68 5.44
C VAL A 152 6.29 8.53 4.46
N THR A 153 6.74 9.65 3.90
CA THR A 153 7.69 9.65 2.80
C THR A 153 8.73 10.73 3.06
N GLU A 154 10.02 10.35 3.09
CA GLU A 154 11.13 11.28 3.32
C GLU A 154 11.00 11.87 4.72
N LEU A 155 11.07 11.00 5.73
CA LEU A 155 11.14 11.40 7.12
C LEU A 155 12.58 11.82 7.39
N ASN A 156 12.77 12.90 8.12
CA ASN A 156 14.08 13.50 8.34
C ASN A 156 14.12 13.86 9.81
N ALA A 157 15.13 13.37 10.52
CA ALA A 157 15.09 13.25 11.97
C ALA A 157 16.41 13.73 12.56
N GLY A 158 16.36 14.88 13.25
CA GLY A 158 17.52 15.57 13.72
C GLY A 158 18.40 15.96 12.55
N THR A 159 19.61 15.42 12.52
CA THR A 159 20.60 15.66 11.49
C THR A 159 20.93 14.34 10.77
N ARG A 160 19.96 13.42 10.69
CA ARG A 160 20.06 12.23 9.86
C ARG A 160 18.81 12.08 8.99
N VAL A 161 18.98 11.73 7.71
CA VAL A 161 17.88 11.43 6.80
C VAL A 161 17.31 10.05 7.18
N LEU A 162 16.04 9.80 6.89
CA LEU A 162 15.32 8.57 7.20
C LEU A 162 14.47 8.13 6.01
N GLU A 163 14.01 6.89 6.07
CA GLU A 163 13.34 6.13 5.03
C GLU A 163 11.87 6.52 4.83
N ASN A 164 11.29 6.07 3.71
CA ASN A 164 9.86 5.90 3.50
C ASN A 164 9.37 4.85 4.50
N ALA A 165 8.12 4.97 4.94
CA ALA A 165 7.45 3.95 5.72
C ALA A 165 5.95 4.00 5.45
N LEU A 166 5.30 2.85 5.45
CA LEU A 166 3.85 2.80 5.43
C LEU A 166 3.33 2.73 6.86
N VAL A 167 2.10 3.17 7.02
CA VAL A 167 1.32 3.21 8.23
C VAL A 167 0.65 1.85 8.44
N PRO A 168 0.76 1.25 9.62
CA PRO A 168 -0.07 0.10 9.99
C PRO A 168 -1.48 0.54 10.40
N PRO A 169 -2.50 -0.33 10.27
CA PRO A 169 -3.84 -0.03 10.75
C PRO A 169 -3.85 -0.02 12.28
N MET A 170 -4.03 1.16 12.89
CA MET A 170 -4.08 1.38 14.33
C MET A 170 -2.88 0.71 15.02
N GLY A 171 -1.67 0.92 14.50
CA GLY A 171 -0.52 0.10 14.85
C GLY A 171 0.75 0.91 15.04
N GLU A 172 1.84 0.19 15.32
CA GLU A 172 3.18 0.70 15.46
C GLU A 172 4.02 0.11 14.34
N SER A 173 5.03 0.85 13.88
CA SER A 173 6.03 0.36 12.94
C SER A 173 7.41 0.76 13.44
N THR A 174 8.45 0.27 12.79
CA THR A 174 9.81 0.60 13.14
C THR A 174 10.56 0.96 11.85
N VAL A 175 11.55 1.85 11.98
CA VAL A 175 12.54 2.23 10.99
C VAL A 175 13.87 2.42 11.74
N LYS A 176 14.98 2.50 11.01
CA LYS A 176 16.29 2.74 11.60
C LYS A 176 16.39 4.09 12.32
N LEU A 177 17.43 4.24 13.13
CA LEU A 177 17.90 5.49 13.72
C LEU A 177 19.43 5.49 13.71
N PRO A 178 20.15 6.64 13.72
CA PRO A 178 21.56 6.67 14.04
C PRO A 178 21.71 6.59 15.57
N SER A 179 22.83 7.03 16.11
CA SER A 179 23.05 7.23 17.53
C SER A 179 22.92 8.73 17.87
N ASP A 180 22.00 9.46 17.19
CA ASP A 180 21.76 10.89 17.39
C ASP A 180 20.27 11.18 17.51
N ALA A 181 19.57 11.16 16.37
CA ALA A 181 18.21 11.66 16.17
C ALA A 181 17.90 12.88 17.02
N GLY A 182 18.33 14.05 16.57
CA GLY A 182 17.92 15.32 17.18
C GLY A 182 16.41 15.49 17.24
N SER A 183 15.99 16.48 18.00
CA SER A 183 14.66 16.61 18.58
C SER A 183 13.72 17.45 17.70
N ASN A 184 14.13 17.69 16.46
CA ASN A 184 13.27 18.17 15.39
C ASN A 184 13.13 17.06 14.36
N ILE A 185 11.92 16.52 14.22
CA ILE A 185 11.57 15.57 13.19
C ILE A 185 10.66 16.31 12.23
N THR A 186 10.78 16.01 10.94
CA THR A 186 9.89 16.51 9.91
C THR A 186 9.69 15.35 8.91
N TYR A 187 8.66 15.44 8.08
CA TYR A 187 8.35 14.42 7.09
C TYR A 187 7.49 15.01 5.98
N ARG A 188 7.38 14.29 4.87
CA ARG A 188 6.28 14.47 3.93
C ARG A 188 5.42 13.20 4.04
N THR A 189 4.30 13.22 3.35
CA THR A 189 3.35 12.15 3.16
C THR A 189 2.93 12.22 1.70
N ILE A 190 2.28 11.19 1.16
CA ILE A 190 1.69 11.26 -0.19
C ILE A 190 0.19 11.08 -0.02
N ASN A 191 -0.57 12.13 -0.30
CA ASN A 191 -2.03 12.09 -0.21
C ASN A 191 -2.55 11.28 -1.38
N ASP A 192 -3.83 10.91 -1.32
CA ASP A 192 -4.48 9.94 -2.20
C ASP A 192 -4.35 10.30 -3.68
N TYR A 193 -4.33 11.57 -4.02
CA TYR A 193 -4.31 12.04 -5.40
C TYR A 193 -2.88 12.01 -5.96
N GLY A 194 -1.93 11.53 -5.16
CA GLY A 194 -0.52 11.48 -5.48
C GLY A 194 0.16 12.81 -5.19
N ALA A 195 -0.45 13.65 -4.34
CA ALA A 195 0.12 14.91 -3.92
C ALA A 195 1.07 14.60 -2.77
N LEU A 196 2.38 14.61 -3.04
CA LEU A 196 3.38 14.70 -1.99
C LEU A 196 3.07 15.97 -1.20
N THR A 197 3.01 15.90 0.12
CA THR A 197 2.78 17.06 0.95
C THR A 197 4.07 17.90 1.02
N PRO A 198 4.00 19.17 1.46
CA PRO A 198 5.22 19.93 1.74
C PRO A 198 6.00 19.24 2.86
N LYS A 199 7.28 19.61 3.02
CA LYS A 199 8.00 19.31 4.25
C LYS A 199 7.14 19.88 5.38
N MET A 200 6.71 19.05 6.32
CA MET A 200 5.88 19.45 7.42
C MET A 200 6.53 18.92 8.68
N THR A 201 6.38 19.66 9.78
CA THR A 201 7.00 19.29 11.01
C THR A 201 6.36 18.02 11.56
N GLY A 202 7.07 17.38 12.49
CA GLY A 202 6.73 16.07 12.96
C GLY A 202 6.49 16.06 14.45
N VAL A 203 5.99 14.93 14.97
CA VAL A 203 5.63 14.79 16.37
C VAL A 203 6.33 13.55 16.93
N MET A 204 7.58 13.72 17.37
CA MET A 204 8.14 12.75 18.31
C MET A 204 7.48 13.01 19.67
N GLU A 205 7.64 12.07 20.59
CA GLU A 205 7.41 12.28 21.99
C GLU A 205 8.53 13.14 22.58
N GLY A 1 9.08 -8.13 -13.00
CA GLY A 1 8.12 -8.56 -14.03
C GLY A 1 7.05 -7.51 -14.23
N VAL A 2 5.85 -7.75 -13.68
CA VAL A 2 4.76 -6.79 -13.73
C VAL A 2 5.12 -5.59 -12.88
N ALA A 3 4.70 -4.38 -13.29
CA ALA A 3 4.98 -3.15 -12.57
C ALA A 3 3.75 -2.59 -11.85
N LEU A 4 2.54 -3.05 -12.23
CA LEU A 4 1.27 -2.57 -11.69
C LEU A 4 1.11 -1.05 -11.86
N GLY A 5 -0.10 -0.54 -11.65
CA GLY A 5 -0.36 0.90 -11.67
C GLY A 5 0.38 1.66 -10.56
N ALA A 6 0.80 0.99 -9.47
CA ALA A 6 1.38 1.64 -8.30
C ALA A 6 2.04 0.57 -7.42
N THR A 7 2.84 0.99 -6.45
CA THR A 7 3.20 0.12 -5.33
C THR A 7 2.13 0.15 -4.23
N ARG A 8 1.20 1.10 -4.26
CA ARG A 8 0.06 1.10 -3.35
C ARG A 8 -1.11 1.95 -3.85
N VAL A 9 -2.31 1.64 -3.33
CA VAL A 9 -3.62 2.09 -3.77
C VAL A 9 -4.47 2.32 -2.50
N ILE A 10 -5.61 2.99 -2.64
CA ILE A 10 -6.55 3.32 -1.58
C ILE A 10 -7.91 2.91 -2.14
N TYR A 11 -8.72 2.23 -1.34
CA TYR A 11 -10.10 1.92 -1.68
C TYR A 11 -10.95 2.81 -0.78
N PRO A 12 -11.41 3.98 -1.26
CA PRO A 12 -12.42 4.75 -0.57
C PRO A 12 -13.69 3.90 -0.46
N ALA A 13 -13.98 3.40 0.74
CA ALA A 13 -15.11 2.52 0.95
C ALA A 13 -16.39 3.26 0.62
N GLY A 14 -17.30 2.54 -0.01
CA GLY A 14 -18.55 3.00 -0.55
C GLY A 14 -18.42 4.08 -1.62
N GLN A 15 -17.20 4.35 -2.09
CA GLN A 15 -17.11 4.99 -3.39
C GLN A 15 -17.69 3.92 -4.35
N LYS A 16 -18.06 4.32 -5.56
CA LYS A 16 -18.92 3.52 -6.43
C LYS A 16 -18.06 2.49 -7.14
N GLN A 17 -17.42 1.61 -6.37
CA GLN A 17 -16.35 0.70 -6.81
C GLN A 17 -15.04 1.47 -7.09
N GLU A 18 -13.92 0.75 -7.23
CA GLU A 18 -12.59 1.32 -7.45
C GLU A 18 -11.88 0.57 -8.59
N GLN A 19 -10.78 1.11 -9.13
CA GLN A 19 -10.01 0.44 -10.15
C GLN A 19 -8.51 0.68 -10.01
N LEU A 20 -7.70 -0.12 -10.69
CA LEU A 20 -6.24 -0.16 -10.59
C LEU A 20 -5.68 -0.59 -11.93
N ALA A 21 -4.86 0.25 -12.56
CA ALA A 21 -4.16 -0.14 -13.78
C ALA A 21 -3.19 -1.29 -13.49
N VAL A 22 -2.85 -2.05 -14.52
CA VAL A 22 -1.71 -2.96 -14.54
C VAL A 22 -0.84 -2.45 -15.68
N THR A 23 0.48 -2.45 -15.50
CA THR A 23 1.45 -2.32 -16.59
C THR A 23 2.52 -3.40 -16.34
N ASN A 24 3.33 -3.71 -17.35
CA ASN A 24 4.40 -4.70 -17.25
C ASN A 24 5.73 -4.05 -17.61
N ASN A 25 6.85 -4.62 -17.20
CA ASN A 25 8.17 -4.12 -17.56
C ASN A 25 8.58 -4.65 -18.94
N ASP A 26 8.63 -5.98 -19.05
CA ASP A 26 8.86 -6.74 -20.28
C ASP A 26 7.76 -6.46 -21.32
N GLU A 27 8.05 -6.73 -22.60
CA GLU A 27 7.14 -6.52 -23.72
C GLU A 27 7.09 -7.71 -24.67
N ASN A 28 7.26 -8.91 -24.12
CA ASN A 28 7.48 -10.14 -24.87
C ASN A 28 6.46 -11.19 -24.47
N SER A 29 6.53 -11.64 -23.23
CA SER A 29 5.62 -12.63 -22.68
C SER A 29 4.19 -12.07 -22.61
N THR A 30 3.21 -12.96 -22.47
CA THR A 30 1.83 -12.62 -22.16
C THR A 30 1.68 -12.91 -20.67
N TYR A 31 1.85 -11.91 -19.79
CA TYR A 31 1.83 -12.22 -18.36
C TYR A 31 0.39 -12.49 -17.95
N LEU A 32 0.24 -13.30 -16.90
CA LEU A 32 -1.01 -13.85 -16.43
C LEU A 32 -1.21 -13.19 -15.08
N ILE A 33 -2.01 -12.13 -15.02
CA ILE A 33 -2.37 -11.50 -13.76
C ILE A 33 -3.38 -12.42 -13.09
N GLN A 34 -3.27 -12.52 -11.78
CA GLN A 34 -4.20 -13.23 -10.93
C GLN A 34 -4.27 -12.44 -9.62
N SER A 35 -5.15 -11.45 -9.58
CA SER A 35 -5.40 -10.63 -8.41
C SER A 35 -6.09 -11.47 -7.34
N TRP A 36 -5.85 -11.07 -6.09
CA TRP A 36 -6.49 -11.56 -4.90
C TRP A 36 -6.28 -10.54 -3.78
N VAL A 37 -7.02 -10.69 -2.68
CA VAL A 37 -6.89 -9.84 -1.50
C VAL A 37 -6.33 -10.69 -0.37
N GLU A 38 -5.38 -10.13 0.35
CA GLU A 38 -4.96 -10.63 1.64
C GLU A 38 -5.21 -9.53 2.67
N ASN A 39 -5.31 -9.96 3.91
CA ASN A 39 -5.33 -9.16 5.12
C ASN A 39 -4.01 -8.40 5.25
N ALA A 40 -3.93 -7.42 6.15
CA ALA A 40 -2.69 -6.75 6.57
C ALA A 40 -1.59 -7.76 6.93
N ASP A 41 -2.00 -8.91 7.43
CA ASP A 41 -1.15 -9.93 8.03
C ASP A 41 -0.82 -11.02 7.01
N GLY A 42 -1.17 -10.79 5.75
CA GLY A 42 -0.91 -11.72 4.66
C GLY A 42 -1.91 -12.87 4.60
N VAL A 43 -2.93 -12.87 5.46
CA VAL A 43 -3.91 -13.95 5.53
C VAL A 43 -4.85 -13.85 4.31
N LYS A 44 -5.15 -14.96 3.65
CA LYS A 44 -6.18 -15.02 2.60
C LYS A 44 -7.49 -15.20 3.35
N ASP A 45 -8.22 -14.09 3.44
CA ASP A 45 -9.58 -13.92 3.91
C ASP A 45 -10.11 -12.79 3.04
N GLY A 46 -10.53 -13.13 1.82
CA GLY A 46 -10.70 -12.18 0.72
C GLY A 46 -11.63 -11.04 1.07
N ARG A 47 -12.89 -11.44 1.11
CA ARG A 47 -14.09 -10.62 1.28
C ARG A 47 -14.14 -9.44 0.31
N PHE A 48 -13.42 -9.53 -0.80
CA PHE A 48 -13.41 -8.55 -1.86
C PHE A 48 -13.37 -9.33 -3.15
N ILE A 49 -13.82 -8.69 -4.23
CA ILE A 49 -13.95 -9.29 -5.54
C ILE A 49 -13.27 -8.32 -6.52
N VAL A 50 -12.73 -8.85 -7.60
CA VAL A 50 -11.99 -8.07 -8.58
C VAL A 50 -12.44 -8.54 -9.96
N THR A 51 -12.45 -7.65 -10.93
CA THR A 51 -13.09 -7.88 -12.22
C THR A 51 -12.26 -7.22 -13.34
N PRO A 52 -11.77 -7.96 -14.35
CA PRO A 52 -11.57 -9.41 -14.32
C PRO A 52 -10.52 -9.73 -13.24
N PRO A 53 -10.73 -10.75 -12.37
CA PRO A 53 -9.82 -11.02 -11.28
C PRO A 53 -8.49 -11.58 -11.79
N LEU A 54 -8.54 -12.36 -12.86
CA LEU A 54 -7.39 -12.96 -13.49
C LEU A 54 -7.58 -12.90 -14.98
N PHE A 55 -6.48 -12.79 -15.71
CA PHE A 55 -6.45 -12.65 -17.16
C PHE A 55 -5.01 -12.78 -17.63
N ALA A 56 -4.80 -13.22 -18.86
CA ALA A 56 -3.54 -12.97 -19.55
C ALA A 56 -3.61 -11.57 -20.17
N MET A 57 -2.53 -10.81 -20.13
CA MET A 57 -2.36 -9.52 -20.79
C MET A 57 -1.05 -9.58 -21.56
N LYS A 58 -0.86 -8.68 -22.51
CA LYS A 58 0.42 -8.56 -23.21
C LYS A 58 1.40 -7.79 -22.34
N GLY A 59 2.70 -7.88 -22.64
CA GLY A 59 3.72 -7.15 -21.90
C GLY A 59 3.53 -5.64 -22.04
N LYS A 60 3.85 -5.07 -23.20
CA LYS A 60 3.59 -3.66 -23.47
C LYS A 60 2.08 -3.49 -23.57
N LYS A 61 1.37 -3.23 -22.48
CA LYS A 61 -0.08 -3.13 -22.47
C LYS A 61 -0.53 -2.48 -21.17
N GLU A 62 -1.83 -2.31 -21.03
CA GLU A 62 -2.49 -2.04 -19.77
C GLU A 62 -3.72 -2.95 -19.73
N ASN A 63 -4.17 -3.34 -18.54
CA ASN A 63 -5.48 -3.93 -18.33
C ASN A 63 -5.90 -3.58 -16.93
N THR A 64 -6.84 -2.65 -16.77
CA THR A 64 -7.19 -2.20 -15.45
C THR A 64 -8.01 -3.31 -14.78
N LEU A 65 -7.80 -3.48 -13.48
CA LEU A 65 -8.61 -4.29 -12.58
C LEU A 65 -9.67 -3.35 -12.04
N ARG A 66 -10.92 -3.80 -11.94
CA ARG A 66 -11.97 -3.08 -11.21
C ARG A 66 -12.21 -3.87 -9.95
N ILE A 67 -11.71 -3.35 -8.84
CA ILE A 67 -11.76 -3.92 -7.52
C ILE A 67 -13.09 -3.43 -6.95
N LEU A 68 -13.87 -4.29 -6.30
CA LEU A 68 -15.14 -3.87 -5.71
C LEU A 68 -15.40 -4.56 -4.38
N ASP A 69 -16.14 -3.85 -3.54
CA ASP A 69 -16.44 -4.18 -2.16
C ASP A 69 -17.30 -5.43 -2.07
N ALA A 70 -16.97 -6.35 -1.17
CA ALA A 70 -17.72 -7.57 -0.96
C ALA A 70 -17.73 -8.04 0.51
N THR A 71 -17.33 -7.20 1.46
CA THR A 71 -17.30 -7.49 2.88
C THR A 71 -18.75 -7.64 3.37
N ASN A 72 -19.51 -6.55 3.31
CA ASN A 72 -20.89 -6.38 3.76
C ASN A 72 -21.14 -7.05 5.13
N ASN A 73 -20.13 -7.01 6.01
CA ASN A 73 -20.05 -7.76 7.25
C ASN A 73 -20.14 -6.84 8.48
N GLN A 74 -20.76 -5.68 8.30
CA GLN A 74 -20.89 -4.59 9.25
C GLN A 74 -19.55 -4.35 9.93
N LEU A 75 -18.57 -3.87 9.15
CA LEU A 75 -17.22 -3.60 9.66
C LEU A 75 -17.32 -2.66 10.87
N PRO A 76 -16.36 -2.69 11.82
CA PRO A 76 -16.30 -1.65 12.82
C PRO A 76 -16.16 -0.30 12.13
N GLN A 77 -16.60 0.74 12.83
CA GLN A 77 -16.60 2.10 12.36
C GLN A 77 -15.86 3.03 13.33
N ASP A 78 -15.43 2.50 14.48
CA ASP A 78 -14.51 3.19 15.39
C ASP A 78 -13.05 2.99 14.95
N ARG A 79 -12.78 2.16 13.95
CA ARG A 79 -11.53 1.99 13.21
C ARG A 79 -11.79 1.07 12.03
N GLU A 80 -10.83 0.92 11.12
CA GLU A 80 -10.98 0.20 9.87
C GLU A 80 -10.12 -1.07 9.85
N SER A 81 -9.81 -1.62 8.67
CA SER A 81 -8.93 -2.76 8.49
C SER A 81 -8.14 -2.59 7.17
N LEU A 82 -6.83 -2.86 7.22
CA LEU A 82 -5.90 -2.76 6.10
C LEU A 82 -5.88 -4.09 5.34
N PHE A 83 -5.79 -4.02 4.00
CA PHE A 83 -5.60 -5.16 3.13
C PHE A 83 -4.35 -4.97 2.26
N TRP A 84 -3.88 -6.05 1.67
CA TRP A 84 -2.91 -6.04 0.59
C TRP A 84 -3.53 -6.77 -0.59
N MET A 85 -3.93 -5.98 -1.59
CA MET A 85 -4.37 -6.51 -2.85
C MET A 85 -3.11 -6.99 -3.56
N ASN A 86 -2.97 -8.30 -3.71
CA ASN A 86 -1.81 -8.98 -4.22
C ASN A 86 -2.14 -9.59 -5.57
N VAL A 87 -1.12 -9.77 -6.39
CA VAL A 87 -1.30 -10.04 -7.80
C VAL A 87 -0.22 -11.02 -8.20
N LYS A 88 -0.58 -12.27 -8.46
CA LYS A 88 0.32 -13.22 -9.07
C LYS A 88 0.44 -12.81 -10.52
N ALA A 89 1.66 -12.79 -11.06
CA ALA A 89 1.94 -12.41 -12.43
C ALA A 89 2.83 -13.49 -13.06
N ILE A 90 2.26 -14.43 -13.82
CA ILE A 90 3.03 -15.53 -14.38
C ILE A 90 3.35 -15.21 -15.86
N PRO A 91 4.62 -15.13 -16.29
CA PRO A 91 4.96 -14.87 -17.69
C PRO A 91 4.54 -16.06 -18.58
N SER A 92 3.42 -15.90 -19.31
CA SER A 92 2.76 -16.85 -20.21
C SER A 92 2.88 -18.29 -19.71
N MET A 93 1.98 -18.66 -18.81
CA MET A 93 2.03 -19.94 -18.12
C MET A 93 1.49 -21.06 -19.02
N ASP A 94 2.18 -21.30 -20.14
CA ASP A 94 2.10 -22.55 -20.87
C ASP A 94 3.12 -23.46 -20.23
N LYS A 95 2.62 -24.62 -19.78
CA LYS A 95 3.28 -25.53 -18.84
C LYS A 95 4.17 -24.83 -17.78
N SER A 96 5.02 -25.65 -17.19
CA SER A 96 6.07 -25.36 -16.24
C SER A 96 7.11 -26.40 -16.63
N LYS A 97 7.96 -26.06 -17.59
CA LYS A 97 9.05 -26.90 -18.10
C LYS A 97 10.15 -26.90 -17.02
N LEU A 98 11.19 -27.71 -17.25
CA LEU A 98 12.37 -27.97 -16.42
C LEU A 98 12.02 -29.00 -15.34
N THR A 99 13.02 -29.68 -14.80
CA THR A 99 12.96 -30.57 -13.66
C THR A 99 14.18 -30.21 -12.82
N GLU A 100 14.08 -29.09 -12.10
CA GLU A 100 15.13 -28.46 -11.30
C GLU A 100 14.44 -27.44 -10.40
N ASN A 101 15.10 -26.98 -9.34
CA ASN A 101 14.47 -26.30 -8.20
C ASN A 101 14.58 -24.77 -8.27
N THR A 102 14.72 -24.21 -9.46
CA THR A 102 14.96 -22.79 -9.67
C THR A 102 13.86 -22.25 -10.61
N LEU A 103 12.64 -22.79 -10.48
CA LEU A 103 11.50 -22.42 -11.29
C LEU A 103 10.34 -22.21 -10.32
N GLN A 104 10.39 -21.11 -9.56
CA GLN A 104 9.32 -20.79 -8.62
C GLN A 104 8.01 -20.53 -9.34
N LEU A 105 8.09 -19.92 -10.53
CA LEU A 105 6.98 -19.32 -11.29
C LEU A 105 6.15 -18.34 -10.46
N ALA A 106 5.30 -17.57 -11.15
CA ALA A 106 4.24 -16.76 -10.60
C ALA A 106 4.77 -15.65 -9.69
N ILE A 107 5.02 -14.48 -10.28
CA ILE A 107 5.70 -13.36 -9.66
C ILE A 107 4.60 -12.65 -8.89
N ILE A 108 4.45 -13.06 -7.65
CA ILE A 108 3.45 -12.48 -6.76
C ILE A 108 3.94 -11.10 -6.33
N SER A 109 3.32 -10.09 -6.92
CA SER A 109 3.45 -8.73 -6.48
C SER A 109 2.46 -8.54 -5.33
N ARG A 110 2.54 -7.37 -4.70
CA ARG A 110 1.61 -6.94 -3.67
C ARG A 110 1.39 -5.45 -3.80
N ILE A 111 0.26 -4.96 -3.32
CA ILE A 111 -0.07 -3.56 -3.28
C ILE A 111 -0.66 -3.38 -1.90
N LYS A 112 -0.25 -2.33 -1.20
CA LYS A 112 -0.92 -1.91 0.02
C LYS A 112 -2.23 -1.28 -0.43
N LEU A 113 -3.37 -1.75 0.06
CA LEU A 113 -4.68 -1.21 -0.25
C LEU A 113 -5.29 -0.66 1.04
N TYR A 114 -5.36 0.66 1.18
CA TYR A 114 -6.00 1.27 2.34
C TYR A 114 -7.49 1.31 2.06
N TYR A 115 -8.22 0.32 2.58
CA TYR A 115 -9.67 0.34 2.64
C TYR A 115 -10.05 1.31 3.76
N ARG A 116 -11.06 2.15 3.54
CA ARG A 116 -11.78 3.01 4.52
C ARG A 116 -12.66 3.99 3.77
N PRO A 117 -13.89 4.32 4.24
CA PRO A 117 -14.65 5.43 3.67
C PRO A 117 -14.03 6.77 4.07
N ALA A 118 -13.13 6.78 5.07
CA ALA A 118 -12.57 7.95 5.76
C ALA A 118 -13.65 8.81 6.42
N LYS A 119 -14.83 8.25 6.62
CA LYS A 119 -15.98 8.93 7.19
C LYS A 119 -15.94 8.94 8.72
N LEU A 120 -14.87 8.43 9.33
CA LEU A 120 -14.53 8.64 10.74
C LEU A 120 -14.64 10.12 11.08
N ALA A 121 -14.87 10.43 12.35
CA ALA A 121 -14.85 11.81 12.82
C ALA A 121 -13.41 12.37 12.89
N LEU A 122 -12.38 11.53 12.72
CA LEU A 122 -10.99 11.94 12.74
C LEU A 122 -10.76 12.64 11.39
N PRO A 123 -10.28 13.88 11.37
CA PRO A 123 -10.13 14.65 10.13
C PRO A 123 -8.90 14.15 9.36
N PRO A 124 -9.05 13.63 8.13
CA PRO A 124 -7.98 12.94 7.43
C PRO A 124 -6.78 13.82 7.07
N ASP A 125 -6.93 15.15 7.09
CA ASP A 125 -5.83 16.10 7.00
C ASP A 125 -5.03 16.05 8.30
N GLN A 126 -5.69 16.40 9.41
CA GLN A 126 -5.04 16.63 10.69
C GLN A 126 -4.82 15.34 11.48
N ALA A 127 -5.11 14.20 10.84
CA ALA A 127 -4.64 12.89 11.22
C ALA A 127 -3.12 12.95 11.32
N ALA A 128 -2.47 13.52 10.29
CA ALA A 128 -1.02 13.66 10.22
C ALA A 128 -0.49 14.52 11.35
N GLU A 129 -1.23 15.56 11.73
CA GLU A 129 -0.83 16.50 12.76
C GLU A 129 -0.97 15.95 14.19
N LYS A 130 -1.34 14.67 14.32
CA LYS A 130 -1.24 13.92 15.58
C LYS A 130 -0.45 12.62 15.44
N LEU A 131 0.31 12.45 14.34
CA LEU A 131 1.41 11.50 14.36
C LEU A 131 2.41 12.05 15.39
N ARG A 132 3.25 11.21 15.96
CA ARG A 132 4.30 11.60 16.89
C ARG A 132 5.50 10.76 16.56
N PHE A 133 6.66 11.39 16.54
CA PHE A 133 7.88 10.70 16.15
C PHE A 133 8.66 10.54 17.44
N ARG A 134 9.20 9.35 17.71
CA ARG A 134 9.93 9.07 18.94
C ARG A 134 11.36 8.79 18.54
N ARG A 135 12.26 9.77 18.72
CA ARG A 135 13.64 9.63 18.28
C ARG A 135 14.35 8.87 19.39
N SER A 136 15.21 7.94 19.01
CA SER A 136 16.18 7.29 19.86
C SER A 136 17.49 7.24 19.09
N ALA A 137 18.60 6.98 19.76
CA ALA A 137 19.92 7.00 19.11
C ALA A 137 20.12 5.89 18.07
N ASN A 138 19.16 4.97 17.91
CA ASN A 138 19.23 3.79 17.04
C ASN A 138 17.97 3.60 16.18
N SER A 139 16.82 4.09 16.63
CA SER A 139 15.54 3.83 16.01
C SER A 139 14.67 5.07 16.13
N LEU A 140 13.79 5.27 15.15
CA LEU A 140 12.80 6.34 15.11
C LEU A 140 11.46 5.67 15.00
N THR A 141 10.65 5.77 16.05
CA THR A 141 9.32 5.18 16.02
C THR A 141 8.39 6.24 15.42
N LEU A 142 7.32 5.76 14.79
CA LEU A 142 6.24 6.50 14.17
C LEU A 142 4.97 6.01 14.85
N ILE A 143 4.29 6.90 15.56
CA ILE A 143 3.10 6.51 16.30
C ILE A 143 1.90 6.73 15.39
N ASN A 144 1.03 5.73 15.24
CA ASN A 144 -0.22 5.83 14.49
C ASN A 144 -1.38 5.09 15.19
N PRO A 145 -1.57 5.25 16.51
CA PRO A 145 -2.54 4.50 17.30
C PRO A 145 -3.95 5.09 17.15
N THR A 146 -4.23 5.69 16.01
CA THR A 146 -5.49 6.29 15.61
C THR A 146 -6.32 5.25 14.84
N PRO A 147 -7.61 5.52 14.56
CA PRO A 147 -8.41 4.67 13.68
C PRO A 147 -8.01 4.77 12.20
N TYR A 148 -7.01 5.60 11.89
CA TYR A 148 -6.75 6.14 10.57
C TYR A 148 -5.26 6.11 10.32
N TYR A 149 -4.89 5.63 9.14
CA TYR A 149 -3.53 5.27 8.80
C TYR A 149 -2.71 6.45 8.30
N LEU A 150 -1.38 6.37 8.43
CA LEU A 150 -0.44 7.35 7.88
C LEU A 150 0.75 6.63 7.24
N THR A 151 0.67 6.33 5.95
CA THR A 151 1.87 5.90 5.23
C THR A 151 2.72 7.17 5.07
N VAL A 152 3.91 7.21 5.68
CA VAL A 152 4.82 8.35 5.64
C VAL A 152 5.87 8.05 4.58
N THR A 153 6.05 8.94 3.62
CA THR A 153 6.82 8.73 2.41
C THR A 153 7.92 9.78 2.35
N GLU A 154 9.17 9.34 2.25
CA GLU A 154 10.35 10.19 2.09
C GLU A 154 10.49 11.06 3.35
N LEU A 155 10.70 10.37 4.45
CA LEU A 155 10.93 10.94 5.75
C LEU A 155 12.32 11.54 5.79
N ASN A 156 12.50 12.65 6.51
CA ASN A 156 13.77 13.23 6.86
C ASN A 156 13.71 13.42 8.36
N ALA A 157 14.84 13.19 9.03
CA ALA A 157 14.94 13.40 10.46
C ALA A 157 16.35 13.88 10.74
N GLY A 158 16.46 15.02 11.40
CA GLY A 158 17.70 15.71 11.58
C GLY A 158 18.26 16.12 10.24
N THR A 159 19.54 15.85 10.03
CA THR A 159 20.19 16.21 8.78
C THR A 159 20.15 15.05 7.79
N ARG A 160 19.36 14.02 8.08
CA ARG A 160 19.37 12.77 7.32
C ARG A 160 18.06 12.56 6.59
N VAL A 161 18.07 11.61 5.66
CA VAL A 161 16.94 11.15 4.86
C VAL A 161 16.67 9.72 5.31
N LEU A 162 15.41 9.29 5.23
CA LEU A 162 14.90 8.03 5.76
C LEU A 162 13.90 7.41 4.79
N GLU A 163 13.59 6.14 5.04
CA GLU A 163 12.79 5.27 4.21
C GLU A 163 11.31 5.67 4.24
N ASN A 164 10.52 5.14 3.30
CA ASN A 164 9.08 5.06 3.46
C ASN A 164 8.79 4.14 4.64
N ALA A 165 7.85 4.58 5.47
CA ALA A 165 7.36 3.90 6.64
C ALA A 165 5.86 3.65 6.41
N LEU A 166 5.49 2.39 6.26
CA LEU A 166 4.10 1.96 6.21
C LEU A 166 3.68 1.55 7.63
N VAL A 167 2.38 1.50 7.90
CA VAL A 167 1.83 1.28 9.23
C VAL A 167 0.42 0.67 9.12
N PRO A 168 0.03 -0.27 10.00
CA PRO A 168 -1.32 -0.85 10.11
C PRO A 168 -2.30 0.11 10.81
N PRO A 169 -3.61 -0.21 10.89
CA PRO A 169 -4.57 0.60 11.62
C PRO A 169 -4.38 0.43 13.13
N MET A 170 -4.37 1.54 13.86
CA MET A 170 -4.14 1.62 15.29
C MET A 170 -2.84 0.87 15.64
N GLY A 171 -1.70 1.39 15.19
CA GLY A 171 -0.42 0.75 15.40
C GLY A 171 0.74 1.74 15.50
N GLU A 172 1.95 1.23 15.52
CA GLU A 172 3.19 2.00 15.48
C GLU A 172 4.10 1.35 14.44
N SER A 173 5.01 2.10 13.84
CA SER A 173 6.10 1.58 13.01
C SER A 173 7.42 2.11 13.53
N THR A 174 8.54 1.53 13.09
CA THR A 174 9.85 1.93 13.56
C THR A 174 10.82 1.76 12.41
N VAL A 175 11.63 2.79 12.16
CA VAL A 175 12.69 2.79 11.16
C VAL A 175 14.03 3.05 11.86
N LYS A 176 15.13 2.81 11.15
CA LYS A 176 16.48 3.12 11.62
C LYS A 176 16.56 4.59 12.02
N LEU A 177 17.37 4.91 13.03
CA LEU A 177 17.84 6.26 13.27
C LEU A 177 19.32 6.24 13.66
N PRO A 178 20.15 7.22 13.28
CA PRO A 178 21.53 7.32 13.73
C PRO A 178 21.61 8.04 15.08
N SER A 179 22.79 8.06 15.72
CA SER A 179 22.95 8.65 17.05
C SER A 179 22.94 10.20 17.02
N ASP A 180 22.72 10.83 15.87
CA ASP A 180 22.58 12.29 15.75
C ASP A 180 21.10 12.65 15.71
N ALA A 181 20.46 12.42 14.56
CA ALA A 181 19.10 12.77 14.22
C ALA A 181 18.64 14.07 14.88
N GLY A 182 19.01 15.20 14.29
CA GLY A 182 18.67 16.52 14.83
C GLY A 182 17.16 16.75 15.02
N SER A 183 16.80 17.92 15.54
CA SER A 183 15.53 18.19 16.20
C SER A 183 14.48 18.78 15.24
N ASN A 184 14.72 18.64 13.95
CA ASN A 184 13.74 18.89 12.89
C ASN A 184 13.42 17.62 12.11
N ILE A 185 12.14 17.30 11.94
CA ILE A 185 11.63 16.15 11.22
C ILE A 185 10.66 16.66 10.17
N THR A 186 10.66 16.11 8.96
CA THR A 186 9.74 16.51 7.88
C THR A 186 9.49 15.29 6.99
N TYR A 187 8.38 15.24 6.27
CA TYR A 187 7.98 14.07 5.49
C TYR A 187 6.86 14.41 4.54
N ARG A 188 6.59 13.52 3.58
CA ARG A 188 5.34 13.53 2.83
C ARG A 188 4.49 12.37 3.32
N THR A 189 3.24 12.30 2.92
CA THR A 189 2.30 11.26 3.28
C THR A 189 1.48 10.95 2.04
N ILE A 190 0.75 9.84 2.09
CA ILE A 190 -0.24 9.51 1.08
C ILE A 190 -1.61 9.87 1.68
N ASN A 191 -2.39 10.63 0.91
CA ASN A 191 -3.71 11.16 1.18
C ASN A 191 -4.74 10.05 0.90
N ASP A 192 -5.93 10.37 0.38
CA ASP A 192 -6.89 9.39 -0.18
C ASP A 192 -6.66 9.06 -1.65
N TYR A 193 -5.96 9.94 -2.36
CA TYR A 193 -5.95 9.88 -3.81
C TYR A 193 -4.63 9.35 -4.38
N GLY A 194 -3.57 9.32 -3.57
CA GLY A 194 -2.23 9.11 -4.11
C GLY A 194 -1.64 10.41 -4.68
N ALA A 195 -2.30 11.56 -4.45
CA ALA A 195 -1.84 12.89 -4.82
C ALA A 195 -0.90 13.35 -3.69
N LEU A 196 0.26 12.69 -3.61
CA LEU A 196 1.25 12.74 -2.53
C LEU A 196 1.51 14.18 -2.09
N THR A 197 1.47 14.37 -0.77
CA THR A 197 1.42 15.70 -0.14
C THR A 197 2.64 16.56 -0.48
N PRO A 198 2.62 17.87 -0.15
CA PRO A 198 3.85 18.67 -0.08
C PRO A 198 4.79 18.11 1.00
N LYS A 199 6.02 18.64 1.03
CA LYS A 199 6.97 18.39 2.10
C LYS A 199 6.44 19.05 3.37
N MET A 200 5.74 18.29 4.18
CA MET A 200 5.12 18.72 5.42
C MET A 200 6.21 18.65 6.49
N THR A 201 6.14 19.55 7.48
CA THR A 201 6.96 19.45 8.66
C THR A 201 6.48 18.30 9.54
N GLY A 202 7.12 18.11 10.70
CA GLY A 202 6.78 17.03 11.60
C GLY A 202 6.80 17.44 13.07
N VAL A 203 6.41 16.50 13.93
CA VAL A 203 6.29 16.69 15.37
C VAL A 203 6.96 15.49 16.07
N MET A 204 8.14 15.70 16.64
CA MET A 204 8.77 14.75 17.55
C MET A 204 8.28 15.04 18.97
N GLU A 205 8.42 14.08 19.88
CA GLU A 205 8.19 14.31 21.30
C GLU A 205 9.06 13.36 22.12
#